data_8W8D
#
_entry.id   8W8D
#
_cell.length_a   1.00
_cell.length_b   1.00
_cell.length_c   1.00
_cell.angle_alpha   90.00
_cell.angle_beta   90.00
_cell.angle_gamma   90.00
#
_symmetry.space_group_name_H-M   'P 1'
#
loop_
_entity.id
_entity.type
_entity.pdbx_description
1 polymer 'Transcription termination factor Rho'
2 polymer 'Protein rof'
3 water water
#
loop_
_entity_poly.entity_id
_entity_poly.type
_entity_poly.pdbx_seq_one_letter_code
_entity_poly.pdbx_strand_id
1 'polypeptide(L)'
;MNLTELKNTPVSELITLGENMGLENLARMRKQDIIFAILKQHAKSGEDIFGDGVLEILQDGFGFLRSADSSYLAGPDDIY
VSPSQIRRFNLRTGDTISGKIRPPKEGERYFALLKVNEVNFDKPENARNKILFENLTPLHANSRLRMERGNGSTEDLTAR
VLDLASPIGRGQRGLIVAPPKAGKTMLLQNIAQSIAYNHPDCVLMVLLIDERPEEVTEMQRLVKGEVVASTFDEPASRHV
QVAEMVIEKAKRLVEHKKDVIILLDSITRLARAYNTVVPASGKVLTGGVDANALHRPKRFFGAARNVEEGGSLTIIATAL
IDTGSKMDEVIYEEFKGTGNMELHLSRKIAEKRVFPAIDYNRSGTRKEELLTTQEELQKMWILRKIIHPMGEIDAMEFLI
NKLAMTKTNDDFFEMMKRS
;
A,B,C,D,E,F
2 'polypeptide(L)'
;MNDTYQPINCDDYDNLELACQHHLMLTLELKDGEKLQAKASDLVSRKNVEYLVVEAAGETRELRLDKITSFSHPEIGTVV
VSES
;
c,e,b,a,f,d
#
# COMPACT_ATOMS: atom_id res chain seq x y z
N MET A 1 57.50 -38.24 -18.56
CA MET A 1 56.71 -39.08 -17.68
C MET A 1 55.24 -38.66 -17.74
N ASN A 2 54.78 -38.00 -16.68
CA ASN A 2 53.44 -37.42 -16.62
C ASN A 2 53.54 -35.93 -16.35
N LEU A 3 52.64 -35.16 -16.97
CA LEU A 3 52.64 -33.72 -16.76
C LEU A 3 52.35 -33.37 -15.31
N THR A 4 51.38 -34.05 -14.70
CA THR A 4 51.07 -33.81 -13.29
C THR A 4 52.24 -34.19 -12.38
N GLU A 5 52.89 -35.32 -12.67
CA GLU A 5 54.05 -35.72 -11.87
C GLU A 5 55.18 -34.70 -11.99
N LEU A 6 55.44 -34.23 -13.20
CA LEU A 6 56.49 -33.22 -13.41
C LEU A 6 56.15 -31.93 -12.69
N LYS A 7 54.87 -31.50 -12.75
CA LYS A 7 54.46 -30.30 -12.03
C LYS A 7 54.45 -30.51 -10.52
N ASN A 8 54.47 -31.76 -10.06
CA ASN A 8 54.49 -32.06 -8.63
C ASN A 8 55.90 -32.19 -8.07
N THR A 9 56.95 -32.08 -8.93
CA THR A 9 58.32 -32.14 -8.45
C THR A 9 58.69 -30.87 -7.70
N PRO A 10 59.64 -30.95 -6.77
CA PRO A 10 60.07 -29.75 -6.05
C PRO A 10 60.74 -28.75 -6.98
N VAL A 11 60.70 -27.48 -6.57
CA VAL A 11 61.26 -26.40 -7.37
C VAL A 11 62.75 -26.59 -7.61
N SER A 12 63.51 -26.91 -6.55
CA SER A 12 64.95 -27.12 -6.71
C SER A 12 65.22 -28.38 -7.53
N GLU A 13 64.40 -29.42 -7.35
CA GLU A 13 64.60 -30.68 -8.06
C GLU A 13 64.53 -30.49 -9.57
N LEU A 14 63.77 -29.51 -10.04
CA LEU A 14 63.62 -29.29 -11.48
C LEU A 14 64.96 -28.97 -12.13
N ILE A 15 65.70 -28.03 -11.56
CA ILE A 15 66.98 -27.62 -12.15
C ILE A 15 68.00 -28.74 -12.04
N THR A 16 67.98 -29.51 -10.92
CA THR A 16 68.89 -30.64 -10.80
C THR A 16 68.61 -31.69 -11.86
N LEU A 17 67.33 -31.98 -12.11
CA LEU A 17 66.99 -32.90 -13.19
C LEU A 17 67.43 -32.37 -14.55
N GLY A 18 67.23 -31.06 -14.78
CA GLY A 18 67.65 -30.48 -16.04
C GLY A 18 69.14 -30.60 -16.28
N GLU A 19 69.95 -30.34 -15.25
CA GLU A 19 71.39 -30.51 -15.38
C GLU A 19 71.76 -31.98 -15.54
N ASN A 20 71.05 -32.88 -14.85
CA ASN A 20 71.36 -34.29 -14.94
C ASN A 20 71.11 -34.84 -16.33
N MET A 21 70.02 -34.44 -16.98
CA MET A 21 69.74 -34.89 -18.34
C MET A 21 70.53 -34.13 -19.39
N GLY A 22 71.42 -33.23 -18.98
CA GLY A 22 72.27 -32.52 -19.92
C GLY A 22 71.71 -31.25 -20.49
N LEU A 23 70.53 -30.82 -20.03
CA LEU A 23 69.95 -29.57 -20.52
C LEU A 23 70.71 -28.37 -19.98
N GLU A 24 70.61 -27.25 -20.70
CA GLU A 24 71.28 -26.03 -20.27
C GLU A 24 70.54 -25.41 -19.09
N ASN A 25 71.19 -24.42 -18.47
CA ASN A 25 70.61 -23.74 -17.30
C ASN A 25 69.34 -22.99 -17.67
N LEU A 26 68.20 -23.44 -17.15
CA LEU A 26 66.91 -22.83 -17.42
C LEU A 26 66.31 -22.15 -16.20
N ALA A 27 67.10 -21.90 -15.16
CA ALA A 27 66.57 -21.29 -13.94
C ALA A 27 66.15 -19.84 -14.17
N ARG A 28 66.66 -19.21 -15.23
CA ARG A 28 66.33 -17.80 -15.46
C ARG A 28 64.87 -17.62 -15.86
N MET A 29 64.38 -18.42 -16.79
CA MET A 29 63.01 -18.28 -17.26
C MET A 29 62.06 -19.09 -16.38
N ARG A 30 60.76 -18.90 -16.63
CA ARG A 30 59.72 -19.48 -15.79
C ARG A 30 59.70 -20.99 -15.92
N LYS A 31 59.00 -21.64 -14.97
CA LYS A 31 59.05 -23.09 -14.84
C LYS A 31 58.45 -23.78 -16.06
N GLN A 32 57.39 -23.20 -16.64
CA GLN A 32 56.71 -23.84 -17.75
C GLN A 32 57.65 -24.07 -18.92
N ASP A 33 58.52 -23.11 -19.22
CA ASP A 33 59.48 -23.31 -20.29
C ASP A 33 60.41 -24.49 -19.98
N ILE A 34 60.77 -24.68 -18.72
CA ILE A 34 61.57 -25.84 -18.35
C ILE A 34 60.80 -27.13 -18.59
N ILE A 35 59.50 -27.15 -18.26
CA ILE A 35 58.71 -28.36 -18.49
C ILE A 35 58.64 -28.67 -19.99
N PHE A 36 58.34 -27.66 -20.81
CA PHE A 36 58.29 -27.88 -22.25
C PHE A 36 59.65 -28.32 -22.80
N ALA A 37 60.74 -27.73 -22.31
CA ALA A 37 62.07 -28.10 -22.80
C ALA A 37 62.40 -29.54 -22.45
N ILE A 38 62.10 -29.95 -21.22
CA ILE A 38 62.40 -31.33 -20.81
C ILE A 38 61.47 -32.31 -21.53
N LEU A 39 60.27 -31.86 -21.90
CA LEU A 39 59.38 -32.74 -22.65
C LEU A 39 59.86 -32.93 -24.09
N LYS A 40 60.26 -31.86 -24.77
CA LYS A 40 60.81 -32.03 -26.11
C LYS A 40 62.12 -32.82 -26.07
N GLN A 41 62.93 -32.59 -25.03
CA GLN A 41 64.15 -33.39 -24.89
C GLN A 41 63.83 -34.86 -24.70
N HIS A 42 62.71 -35.17 -24.03
CA HIS A 42 62.29 -36.56 -23.82
C HIS A 42 61.57 -37.10 -25.05
N ALA A 43 62.26 -36.97 -26.20
CA ALA A 43 61.79 -37.53 -27.46
C ALA A 43 62.77 -38.57 -28.01
N LYS A 44 63.73 -39.01 -27.20
CA LYS A 44 64.73 -39.97 -27.64
C LYS A 44 64.27 -41.41 -27.49
N SER A 45 63.08 -41.64 -26.94
CA SER A 45 62.56 -43.00 -26.77
C SER A 45 61.05 -42.96 -26.83
N GLY A 46 60.46 -44.10 -27.18
CA GLY A 46 59.02 -44.21 -27.20
C GLY A 46 58.45 -44.68 -25.88
N GLU A 47 57.17 -44.38 -25.68
CA GLU A 47 56.43 -44.75 -24.47
C GLU A 47 57.14 -44.19 -23.23
N ASP A 48 57.30 -42.88 -23.21
CA ASP A 48 57.89 -42.19 -22.07
C ASP A 48 57.12 -40.97 -21.60
N ILE A 49 56.11 -40.52 -22.35
CA ILE A 49 55.35 -39.32 -22.02
C ILE A 49 53.88 -39.71 -21.92
N PHE A 50 53.24 -39.32 -20.82
CA PHE A 50 51.84 -39.63 -20.57
C PHE A 50 51.14 -38.39 -20.03
N GLY A 51 49.82 -38.37 -20.15
CA GLY A 51 49.05 -37.22 -19.69
C GLY A 51 47.69 -37.64 -19.18
N ASP A 52 47.07 -36.72 -18.43
CA ASP A 52 45.74 -36.93 -17.87
C ASP A 52 44.90 -35.69 -18.13
N GLY A 53 43.59 -35.88 -18.20
CA GLY A 53 42.73 -34.73 -18.41
C GLY A 53 41.26 -35.15 -18.49
N VAL A 54 40.41 -34.12 -18.47
CA VAL A 54 38.97 -34.26 -18.64
C VAL A 54 38.60 -33.57 -19.94
N LEU A 55 37.86 -34.27 -20.79
CA LEU A 55 37.58 -33.78 -22.14
C LEU A 55 36.58 -32.62 -22.09
N GLU A 56 36.81 -31.63 -22.94
CA GLU A 56 35.88 -30.53 -23.18
C GLU A 56 35.79 -30.31 -24.67
N ILE A 57 34.59 -30.44 -25.23
CA ILE A 57 34.37 -30.33 -26.66
C ILE A 57 33.84 -28.94 -26.98
N LEU A 58 34.49 -28.28 -27.93
CA LEU A 58 34.13 -26.92 -28.32
C LEU A 58 33.13 -26.96 -29.48
N GLN A 59 32.48 -25.82 -29.72
CA GLN A 59 31.51 -25.75 -30.82
C GLN A 59 32.16 -25.93 -32.19
N ASP A 60 33.48 -25.71 -32.29
CA ASP A 60 34.15 -25.86 -33.58
C ASP A 60 34.23 -27.32 -34.02
N GLY A 61 34.25 -28.25 -33.06
CA GLY A 61 34.31 -29.66 -33.39
C GLY A 61 35.38 -30.42 -32.65
N PHE A 62 36.53 -29.78 -32.43
CA PHE A 62 37.62 -30.39 -31.69
C PHE A 62 37.50 -30.06 -30.21
N GLY A 63 38.37 -30.66 -29.40
CA GLY A 63 38.29 -30.48 -27.96
C GLY A 63 39.65 -30.41 -27.30
N PHE A 64 39.63 -30.08 -26.02
CA PHE A 64 40.83 -29.97 -25.22
C PHE A 64 40.64 -30.72 -23.91
N LEU A 65 41.72 -31.33 -23.43
CA LEU A 65 41.72 -31.99 -22.13
C LEU A 65 42.18 -30.99 -21.06
N ARG A 66 41.27 -30.62 -20.17
CA ARG A 66 41.60 -29.71 -19.08
C ARG A 66 42.05 -30.48 -17.85
N SER A 67 42.68 -29.77 -16.93
CA SER A 67 43.22 -30.34 -15.70
C SER A 67 42.41 -29.85 -14.51
N ALA A 68 42.11 -30.77 -13.59
CA ALA A 68 41.31 -30.41 -12.42
C ALA A 68 42.11 -29.56 -11.43
N ASP A 69 43.43 -29.73 -11.39
CA ASP A 69 44.24 -29.01 -10.41
C ASP A 69 44.28 -27.51 -10.67
N SER A 70 43.98 -27.07 -11.89
CA SER A 70 43.95 -25.67 -12.23
C SER A 70 42.54 -25.10 -12.21
N SER A 71 41.59 -25.79 -11.57
CA SER A 71 40.20 -25.38 -11.50
C SER A 71 39.60 -25.24 -12.90
N TYR A 72 40.00 -26.14 -13.81
CA TYR A 72 39.50 -26.18 -15.18
C TYR A 72 39.69 -24.84 -15.89
N LEU A 73 40.86 -24.24 -15.69
CA LEU A 73 41.18 -22.97 -16.35
C LEU A 73 41.95 -23.25 -17.64
N ALA A 74 41.57 -22.57 -18.73
CA ALA A 74 42.23 -22.75 -20.00
C ALA A 74 43.70 -22.36 -19.91
N GLY A 75 44.56 -23.23 -20.45
CA GLY A 75 45.99 -23.00 -20.40
C GLY A 75 46.70 -23.49 -21.64
N PRO A 76 47.94 -23.04 -21.83
CA PRO A 76 48.70 -23.48 -23.01
C PRO A 76 49.07 -24.96 -22.99
N ASP A 77 49.03 -25.61 -21.82
CA ASP A 77 49.43 -27.00 -21.69
C ASP A 77 48.25 -27.96 -21.80
N ASP A 78 47.11 -27.49 -22.31
CA ASP A 78 45.98 -28.36 -22.54
C ASP A 78 46.22 -29.22 -23.78
N ILE A 79 45.77 -30.47 -23.72
CA ILE A 79 46.04 -31.44 -24.78
C ILE A 79 44.94 -31.37 -25.83
N TYR A 80 45.36 -31.22 -27.09
CA TYR A 80 44.43 -31.18 -28.21
C TYR A 80 43.84 -32.56 -28.48
N VAL A 81 42.59 -32.59 -28.93
CA VAL A 81 41.92 -33.82 -29.32
C VAL A 81 41.42 -33.64 -30.75
N SER A 82 41.80 -34.55 -31.64
CA SER A 82 41.32 -34.49 -33.01
C SER A 82 39.90 -35.05 -33.10
N PRO A 83 39.09 -34.57 -34.05
CA PRO A 83 37.72 -35.09 -34.17
C PRO A 83 37.66 -36.56 -34.51
N SER A 84 38.73 -37.14 -35.06
CA SER A 84 38.73 -38.56 -35.39
C SER A 84 38.57 -39.42 -34.14
N GLN A 85 39.26 -39.06 -33.06
CA GLN A 85 39.13 -39.81 -31.82
C GLN A 85 37.71 -39.74 -31.28
N ILE A 86 37.12 -38.54 -31.30
CA ILE A 86 35.76 -38.37 -30.79
C ILE A 86 34.77 -39.19 -31.62
N ARG A 87 34.93 -39.17 -32.95
CA ARG A 87 34.04 -39.96 -33.79
C ARG A 87 34.22 -41.45 -33.57
N ARG A 88 35.46 -41.90 -33.37
CA ARG A 88 35.70 -43.32 -33.16
C ARG A 88 35.14 -43.81 -31.84
N PHE A 89 35.30 -43.03 -30.77
CA PHE A 89 34.96 -43.48 -29.43
C PHE A 89 33.65 -42.90 -28.91
N ASN A 90 32.98 -42.05 -29.70
CA ASN A 90 31.73 -41.40 -29.30
C ASN A 90 31.87 -40.74 -27.93
N LEU A 91 32.97 -40.02 -27.75
CA LEU A 91 33.24 -39.37 -26.46
C LEU A 91 32.34 -38.16 -26.27
N ARG A 92 31.94 -37.93 -25.02
CA ARG A 92 31.21 -36.74 -24.63
C ARG A 92 32.04 -35.95 -23.63
N THR A 93 31.66 -34.69 -23.44
CA THR A 93 32.36 -33.84 -22.48
C THR A 93 32.18 -34.37 -21.06
N GLY A 94 33.18 -34.15 -20.22
CA GLY A 94 33.19 -34.63 -18.87
C GLY A 94 33.86 -35.97 -18.66
N ASP A 95 34.29 -36.63 -19.73
CA ASP A 95 35.00 -37.90 -19.61
C ASP A 95 36.45 -37.66 -19.22
N THR A 96 37.00 -38.55 -18.40
CA THR A 96 38.42 -38.52 -18.04
C THR A 96 39.18 -39.49 -18.94
N ILE A 97 40.24 -39.01 -19.57
CA ILE A 97 41.03 -39.80 -20.51
C ILE A 97 42.47 -39.85 -20.04
N SER A 98 43.03 -41.05 -19.97
CA SER A 98 44.43 -41.26 -19.63
C SER A 98 45.12 -41.96 -20.80
N GLY A 99 46.28 -41.44 -21.19
CA GLY A 99 47.02 -42.05 -22.28
C GLY A 99 48.26 -41.25 -22.60
N LYS A 100 49.00 -41.75 -23.59
CA LYS A 100 50.24 -41.12 -24.03
C LYS A 100 49.95 -39.96 -24.96
N ILE A 101 50.81 -38.95 -24.91
CA ILE A 101 50.68 -37.75 -25.73
C ILE A 101 51.96 -37.57 -26.54
N ARG A 102 51.93 -36.59 -27.44
CA ARG A 102 53.01 -36.33 -28.38
C ARG A 102 53.45 -34.89 -28.28
N PRO A 103 54.76 -34.62 -28.35
CA PRO A 103 55.22 -33.24 -28.39
C PRO A 103 54.73 -32.54 -29.64
N PRO A 104 54.47 -31.24 -29.58
CA PRO A 104 53.86 -30.55 -30.71
C PRO A 104 54.84 -30.31 -31.85
N LYS A 105 54.34 -30.45 -33.07
CA LYS A 105 55.11 -30.14 -34.26
C LYS A 105 54.99 -28.66 -34.59
N GLU A 106 55.75 -28.23 -35.60
CA GLU A 106 55.71 -26.83 -36.02
C GLU A 106 54.34 -26.48 -36.58
N GLY A 107 53.80 -25.35 -36.14
CA GLY A 107 52.47 -24.91 -36.51
C GLY A 107 51.42 -25.11 -35.44
N GLU A 108 51.70 -25.91 -34.43
CA GLU A 108 50.79 -26.15 -33.32
C GLU A 108 51.32 -25.49 -32.05
N ARG A 109 50.40 -25.23 -31.11
CA ARG A 109 50.74 -24.68 -29.82
C ARG A 109 50.44 -25.62 -28.66
N TYR A 110 49.79 -26.75 -28.91
CA TYR A 110 49.38 -27.67 -27.86
C TYR A 110 49.89 -29.08 -28.17
N PHE A 111 50.05 -29.87 -27.12
CA PHE A 111 50.45 -31.26 -27.29
C PHE A 111 49.30 -32.06 -27.91
N ALA A 112 49.68 -33.13 -28.62
CA ALA A 112 48.72 -33.99 -29.30
C ALA A 112 48.69 -35.36 -28.63
N LEU A 113 47.49 -35.87 -28.39
CA LEU A 113 47.33 -37.19 -27.79
C LEU A 113 47.76 -38.27 -28.78
N LEU A 114 48.55 -39.22 -28.30
CA LEU A 114 49.07 -40.28 -29.16
C LEU A 114 48.17 -41.50 -29.16
N LYS A 115 47.95 -42.10 -27.98
CA LYS A 115 47.02 -43.21 -27.83
C LYS A 115 46.24 -43.03 -26.54
N VAL A 116 44.98 -43.47 -26.55
CA VAL A 116 44.14 -43.45 -25.36
C VAL A 116 44.26 -44.78 -24.65
N ASN A 117 44.55 -44.74 -23.35
CA ASN A 117 44.72 -45.97 -22.57
C ASN A 117 43.45 -46.29 -21.80
N GLU A 118 42.98 -45.34 -20.98
CA GLU A 118 41.83 -45.55 -20.11
C GLU A 118 40.82 -44.43 -20.28
N VAL A 119 39.55 -44.80 -20.26
CA VAL A 119 38.43 -43.86 -20.29
C VAL A 119 37.52 -44.19 -19.11
N ASN A 120 37.29 -43.21 -18.24
CA ASN A 120 36.43 -43.37 -17.06
C ASN A 120 36.88 -44.55 -16.20
N PHE A 121 38.19 -44.64 -15.97
CA PHE A 121 38.81 -45.71 -15.15
C PHE A 121 38.34 -47.08 -15.65
N ASP A 122 38.03 -47.18 -16.95
CA ASP A 122 37.57 -48.45 -17.56
C ASP A 122 38.38 -48.71 -18.83
N LYS A 123 38.27 -49.91 -19.38
CA LYS A 123 39.03 -50.31 -20.61
C LYS A 123 38.56 -49.45 -21.79
N PRO A 124 39.45 -49.07 -22.74
CA PRO A 124 39.07 -48.26 -23.90
C PRO A 124 37.94 -48.90 -24.75
N GLU A 125 37.98 -50.23 -24.89
CA GLU A 125 36.95 -50.97 -25.67
C GLU A 125 35.61 -50.95 -24.92
N ASN A 126 35.65 -50.88 -23.59
CA ASN A 126 34.41 -50.83 -22.76
C ASN A 126 34.02 -49.37 -22.50
N ALA A 127 33.04 -49.16 -21.62
CA ALA A 127 32.51 -47.80 -21.27
C ALA A 127 32.07 -47.08 -22.55
N ARG A 128 31.34 -47.79 -23.42
CA ARG A 128 30.83 -47.23 -24.70
C ARG A 128 29.37 -47.68 -24.86
N ASN A 129 29.02 -48.80 -24.22
CA ASN A 129 27.64 -49.34 -24.26
C ASN A 129 26.84 -48.78 -23.08
N LYS A 130 27.53 -48.08 -22.17
CA LYS A 130 26.89 -47.47 -20.97
C LYS A 130 25.66 -46.66 -21.42
N ILE A 131 24.47 -47.02 -20.92
CA ILE A 131 23.20 -46.33 -21.27
C ILE A 131 23.28 -44.87 -20.82
N LEU A 132 22.72 -43.94 -21.61
CA LEU A 132 22.72 -42.49 -21.28
C LEU A 132 21.98 -42.22 -19.97
N PHE A 133 22.42 -41.19 -19.24
CA PHE A 133 21.86 -40.83 -17.91
C PHE A 133 20.44 -40.25 -18.01
N GLU A 134 19.82 -40.25 -19.19
CA GLU A 134 18.45 -39.69 -19.29
C GLU A 134 17.46 -40.83 -19.58
N ASN A 135 17.98 -42.05 -19.79
CA ASN A 135 17.13 -43.23 -20.08
C ASN A 135 17.01 -44.10 -18.81
N LEU A 136 17.27 -43.50 -17.64
CA LEU A 136 17.19 -44.22 -16.34
C LEU A 136 16.09 -43.57 -15.48
N THR A 137 15.32 -44.39 -14.75
CA THR A 137 14.18 -43.90 -13.92
C THR A 137 14.65 -43.45 -12.53
N PRO A 138 14.17 -42.30 -12.01
CA PRO A 138 14.53 -41.83 -10.67
C PRO A 138 13.62 -42.43 -9.59
N LEU A 139 14.03 -42.35 -8.31
CA LEU A 139 13.28 -42.90 -7.15
C LEU A 139 13.55 -42.04 -5.92
N HIS A 140 12.97 -42.40 -4.78
CA HIS A 140 13.15 -41.66 -3.50
C HIS A 140 14.41 -42.16 -2.79
N ALA A 141 14.90 -41.42 -1.79
CA ALA A 141 16.10 -41.87 -1.04
C ALA A 141 15.79 -43.20 -0.35
N ASN A 142 16.66 -44.20 -0.55
CA ASN A 142 16.46 -45.54 0.06
C ASN A 142 17.43 -45.72 1.24
N SER A 143 18.73 -45.82 0.94
CA SER A 143 19.78 -46.00 1.98
C SER A 143 19.99 -44.67 2.73
N ARG A 144 20.48 -44.74 3.96
CA ARG A 144 20.68 -43.52 4.79
C ARG A 144 22.18 -43.25 5.01
N LEU A 145 22.60 -42.00 4.84
CA LEU A 145 23.98 -41.59 5.05
C LEU A 145 24.11 -41.00 6.45
N ARG A 146 24.37 -41.88 7.42
CA ARG A 146 24.49 -41.45 8.81
C ARG A 146 25.74 -40.60 8.99
N MET A 147 25.59 -39.52 9.76
CA MET A 147 26.63 -38.52 9.92
C MET A 147 27.07 -38.30 11.36
N GLU A 148 26.28 -38.75 12.34
CA GLU A 148 26.66 -38.58 13.74
C GLU A 148 27.67 -39.67 14.12
N ARG A 149 27.25 -40.93 14.05
CA ARG A 149 28.11 -42.10 14.29
C ARG A 149 28.98 -41.94 15.53
N GLY A 150 28.43 -41.28 16.56
CA GLY A 150 29.06 -41.17 17.86
C GLY A 150 30.49 -40.71 18.04
N ASN A 151 30.88 -39.63 17.36
CA ASN A 151 32.23 -39.10 17.50
C ASN A 151 32.72 -38.90 18.93
N GLY A 152 32.01 -38.08 19.70
CA GLY A 152 32.33 -37.90 21.10
C GLY A 152 33.00 -36.58 21.44
N SER A 153 33.46 -35.85 20.43
CA SER A 153 34.14 -34.58 20.64
C SER A 153 33.11 -33.46 20.83
N THR A 154 33.62 -32.25 21.06
CA THR A 154 32.76 -31.07 21.20
C THR A 154 32.34 -30.49 19.86
N GLU A 155 32.96 -30.93 18.76
CA GLU A 155 32.58 -30.52 17.41
C GLU A 155 31.49 -31.41 16.84
N ASP A 156 31.14 -32.49 17.54
CA ASP A 156 30.14 -33.44 17.09
C ASP A 156 28.71 -33.00 17.40
N LEU A 157 28.53 -31.98 18.24
CA LEU A 157 27.19 -31.57 18.65
C LEU A 157 26.36 -31.08 17.47
N THR A 158 27.02 -30.50 16.46
CA THR A 158 26.30 -30.08 15.26
C THR A 158 25.70 -31.27 14.53
N ALA A 159 26.45 -32.38 14.46
CA ALA A 159 25.89 -33.59 13.85
C ALA A 159 24.75 -34.15 14.68
N ARG A 160 24.70 -33.83 15.97
CA ARG A 160 23.58 -34.23 16.81
C ARG A 160 22.33 -33.39 16.56
N VAL A 161 22.49 -32.09 16.34
CA VAL A 161 21.36 -31.19 16.14
C VAL A 161 20.88 -31.19 14.70
N LEU A 162 21.50 -31.99 13.84
CA LEU A 162 21.12 -32.08 12.44
C LEU A 162 20.66 -33.48 12.01
N ASP A 163 21.18 -34.53 12.63
CA ASP A 163 20.65 -35.87 12.38
C ASP A 163 19.30 -36.09 13.05
N LEU A 164 18.97 -35.29 14.07
CA LEU A 164 17.65 -35.35 14.69
C LEU A 164 16.64 -34.46 13.99
N ALA A 165 17.08 -33.56 13.10
CA ALA A 165 16.17 -32.65 12.41
C ALA A 165 15.84 -33.16 11.00
N SER A 166 16.85 -33.35 10.17
CA SER A 166 16.67 -33.70 8.76
C SER A 166 17.55 -34.89 8.39
N PRO A 167 17.00 -36.10 8.46
CA PRO A 167 17.75 -37.27 7.96
C PRO A 167 18.09 -37.13 6.49
N ILE A 168 19.26 -37.64 6.11
CA ILE A 168 19.79 -37.51 4.76
C ILE A 168 19.98 -38.90 4.17
N GLY A 169 19.47 -39.08 2.96
CA GLY A 169 19.67 -40.30 2.19
C GLY A 169 20.50 -40.05 0.95
N ARG A 170 20.63 -41.10 0.15
CA ARG A 170 21.39 -41.04 -1.09
C ARG A 170 20.48 -40.60 -2.23
N GLY A 171 20.62 -39.35 -2.66
CA GLY A 171 19.78 -38.79 -3.71
C GLY A 171 18.93 -37.61 -3.28
N GLN A 172 19.16 -37.05 -2.09
CA GLN A 172 18.33 -35.95 -1.60
C GLN A 172 18.64 -34.64 -2.31
N ARG A 173 17.67 -33.73 -2.27
CA ARG A 173 17.87 -32.34 -2.65
C ARG A 173 17.72 -31.50 -1.39
N GLY A 174 18.77 -30.75 -1.04
CA GLY A 174 18.79 -29.98 0.19
C GLY A 174 18.90 -28.49 -0.09
N LEU A 175 18.23 -27.70 0.74
CA LEU A 175 18.25 -26.24 0.67
C LEU A 175 18.47 -25.70 2.08
N ILE A 176 19.42 -24.79 2.22
CA ILE A 176 19.75 -24.15 3.49
C ILE A 176 19.50 -22.66 3.34
N VAL A 177 18.60 -22.13 4.15
CA VAL A 177 18.33 -20.69 4.17
C VAL A 177 19.17 -20.07 5.29
N ALA A 178 20.10 -19.19 4.91
CA ALA A 178 21.03 -18.64 5.87
C ALA A 178 21.10 -17.13 5.75
N PRO A 179 20.63 -16.38 6.74
CA PRO A 179 20.80 -14.93 6.73
C PRO A 179 22.25 -14.55 6.96
N PRO A 180 22.64 -13.32 6.62
CA PRO A 180 24.04 -12.93 6.82
C PRO A 180 24.45 -13.01 8.27
N LYS A 181 25.73 -13.36 8.49
CA LYS A 181 26.31 -13.53 9.82
C LYS A 181 25.55 -14.60 10.61
N ALA A 182 25.65 -15.83 10.09
CA ALA A 182 25.01 -16.98 10.72
C ALA A 182 25.91 -18.22 10.76
N GLY A 183 27.18 -18.10 10.37
CA GLY A 183 28.10 -19.22 10.44
C GLY A 183 27.78 -20.38 9.53
N LYS A 184 27.41 -20.09 8.27
CA LYS A 184 27.13 -21.16 7.32
C LYS A 184 28.40 -21.88 6.87
N THR A 185 29.53 -21.17 6.84
CA THR A 185 30.79 -21.80 6.45
C THR A 185 31.19 -22.88 7.45
N MET A 186 30.97 -22.63 8.75
CA MET A 186 31.26 -23.64 9.77
C MET A 186 30.42 -24.89 9.53
N LEU A 187 29.14 -24.71 9.24
CA LEU A 187 28.26 -25.85 8.99
C LEU A 187 28.68 -26.63 7.76
N LEU A 188 29.05 -25.92 6.68
CA LEU A 188 29.48 -26.60 5.47
C LEU A 188 30.76 -27.40 5.71
N GLN A 189 31.71 -26.82 6.44
CA GLN A 189 32.95 -27.54 6.74
C GLN A 189 32.67 -28.76 7.62
N ASN A 190 31.78 -28.62 8.60
CA ASN A 190 31.42 -29.77 9.43
C ASN A 190 30.77 -30.86 8.58
N ILE A 191 29.89 -30.47 7.65
CA ILE A 191 29.26 -31.43 6.76
C ILE A 191 30.32 -32.18 5.95
N ALA A 192 31.27 -31.44 5.37
CA ALA A 192 32.30 -32.06 4.55
C ALA A 192 33.15 -33.02 5.37
N GLN A 193 33.56 -32.59 6.57
CA GLN A 193 34.39 -33.46 7.41
C GLN A 193 33.63 -34.72 7.82
N SER A 194 32.35 -34.59 8.17
CA SER A 194 31.57 -35.76 8.56
C SER A 194 31.43 -36.74 7.40
N ILE A 195 31.14 -36.22 6.20
CA ILE A 195 31.00 -37.10 5.03
C ILE A 195 32.32 -37.79 4.73
N ALA A 196 33.43 -37.04 4.77
CA ALA A 196 34.73 -37.64 4.49
C ALA A 196 35.08 -38.71 5.51
N TYR A 197 34.80 -38.45 6.80
CA TYR A 197 35.11 -39.41 7.84
C TYR A 197 34.25 -40.67 7.73
N ASN A 198 32.98 -40.51 7.37
CA ASN A 198 32.04 -41.62 7.48
C ASN A 198 31.95 -42.47 6.21
N HIS A 199 31.94 -41.84 5.03
CA HIS A 199 31.71 -42.53 3.76
C HIS A 199 32.84 -42.20 2.79
N PRO A 200 33.98 -42.89 2.88
CA PRO A 200 35.05 -42.68 1.89
C PRO A 200 34.68 -43.11 0.49
N ASP A 201 33.68 -43.97 0.32
CA ASP A 201 33.33 -44.47 -1.00
C ASP A 201 32.72 -43.40 -1.88
N CYS A 202 32.08 -42.39 -1.28
CA CYS A 202 31.36 -41.39 -2.05
C CYS A 202 32.31 -40.32 -2.57
N VAL A 203 32.24 -40.06 -3.87
CA VAL A 203 33.04 -38.99 -4.47
C VAL A 203 32.48 -37.64 -4.03
N LEU A 204 33.35 -36.77 -3.53
CA LEU A 204 32.96 -35.49 -2.98
C LEU A 204 33.57 -34.37 -3.80
N MET A 205 32.73 -33.44 -4.25
CA MET A 205 33.16 -32.27 -5.01
C MET A 205 32.55 -31.02 -4.39
N VAL A 206 33.35 -29.96 -4.28
CA VAL A 206 32.92 -28.70 -3.69
C VAL A 206 32.99 -27.62 -4.75
N LEU A 207 31.90 -26.85 -4.89
CA LEU A 207 31.81 -25.76 -5.85
C LEU A 207 31.68 -24.44 -5.10
N LEU A 208 32.58 -23.50 -5.39
CA LEU A 208 32.56 -22.17 -4.81
C LEU A 208 32.40 -21.14 -5.92
N ILE A 209 31.46 -20.21 -5.74
CA ILE A 209 31.14 -19.20 -6.74
C ILE A 209 31.31 -17.83 -6.11
N ASP A 210 32.01 -16.94 -6.82
CA ASP A 210 32.18 -15.54 -6.40
C ASP A 210 32.81 -15.43 -5.02
N GLU A 211 33.86 -16.21 -4.76
CA GLU A 211 34.51 -16.23 -3.47
C GLU A 211 35.90 -15.60 -3.55
N ARG A 212 36.24 -14.83 -2.51
CA ARG A 212 37.56 -14.22 -2.43
C ARG A 212 38.62 -15.31 -2.21
N PRO A 213 39.84 -15.09 -2.71
CA PRO A 213 40.85 -16.16 -2.65
C PRO A 213 41.18 -16.67 -1.26
N GLU A 214 41.14 -15.81 -0.22
CA GLU A 214 41.61 -16.25 1.09
C GLU A 214 40.74 -17.37 1.67
N GLU A 215 39.41 -17.16 1.70
CA GLU A 215 38.54 -18.23 2.18
C GLU A 215 38.54 -19.43 1.25
N VAL A 216 38.80 -19.21 -0.04
CA VAL A 216 38.94 -20.33 -0.97
C VAL A 216 40.10 -21.22 -0.55
N THR A 217 41.26 -20.62 -0.29
CA THR A 217 42.42 -21.39 0.13
C THR A 217 42.19 -22.03 1.48
N GLU A 218 41.51 -21.32 2.39
CA GLU A 218 41.18 -21.91 3.68
C GLU A 218 40.31 -23.16 3.52
N MET A 219 39.29 -23.08 2.65
CA MET A 219 38.44 -24.24 2.40
C MET A 219 39.24 -25.38 1.78
N GLN A 220 40.12 -25.06 0.82
CA GLN A 220 40.94 -26.10 0.21
C GLN A 220 41.82 -26.80 1.23
N ARG A 221 42.38 -26.01 2.18
CA ARG A 221 43.18 -26.62 3.23
C ARG A 221 42.32 -27.48 4.16
N LEU A 222 41.10 -27.05 4.44
CA LEU A 222 40.24 -27.73 5.41
C LEU A 222 39.36 -28.81 4.80
N VAL A 223 39.41 -29.02 3.48
CA VAL A 223 38.58 -30.02 2.81
C VAL A 223 39.50 -31.03 2.14
N LYS A 224 39.25 -32.32 2.40
CA LYS A 224 40.05 -33.40 1.82
C LYS A 224 39.27 -33.99 0.65
N GLY A 225 39.43 -33.38 -0.52
CA GLY A 225 38.75 -33.84 -1.71
C GLY A 225 38.95 -32.86 -2.85
N GLU A 226 38.18 -33.09 -3.91
CA GLU A 226 38.23 -32.21 -5.08
C GLU A 226 37.51 -30.90 -4.75
N VAL A 227 38.22 -29.80 -4.84
CA VAL A 227 37.67 -28.47 -4.60
C VAL A 227 37.92 -27.63 -5.83
N VAL A 228 36.85 -27.23 -6.51
CA VAL A 228 36.92 -26.38 -7.69
C VAL A 228 36.20 -25.08 -7.37
N ALA A 229 36.87 -23.96 -7.61
CA ALA A 229 36.34 -22.65 -7.26
C ALA A 229 36.70 -21.65 -8.33
N SER A 230 35.93 -20.55 -8.36
CA SER A 230 36.18 -19.44 -9.26
C SER A 230 36.04 -18.15 -8.47
N THR A 231 37.06 -17.31 -8.51
CA THR A 231 37.06 -16.07 -7.74
C THR A 231 36.24 -14.99 -8.45
N PHE A 232 35.98 -13.91 -7.73
CA PHE A 232 35.16 -12.82 -8.26
C PHE A 232 35.86 -12.04 -9.35
N ASP A 233 37.16 -12.23 -9.56
CA ASP A 233 37.86 -11.50 -10.61
C ASP A 233 37.39 -11.94 -12.00
N GLU A 234 37.16 -13.23 -12.19
CA GLU A 234 36.75 -13.74 -13.47
C GLU A 234 35.30 -13.36 -13.78
N PRO A 235 34.94 -13.27 -15.07
CA PRO A 235 33.56 -12.93 -15.43
C PRO A 235 32.61 -14.11 -15.17
N ALA A 236 31.35 -13.88 -15.52
CA ALA A 236 30.32 -14.89 -15.28
C ALA A 236 30.53 -16.12 -16.16
N SER A 237 31.15 -15.93 -17.32
CA SER A 237 31.40 -17.06 -18.22
C SER A 237 32.26 -18.11 -17.56
N ARG A 238 33.24 -17.69 -16.76
CA ARG A 238 34.09 -18.65 -16.05
C ARG A 238 33.28 -19.46 -15.05
N HIS A 239 32.40 -18.81 -14.28
CA HIS A 239 31.56 -19.52 -13.34
C HIS A 239 30.65 -20.51 -14.06
N VAL A 240 30.06 -20.09 -15.18
CA VAL A 240 29.18 -20.97 -15.94
C VAL A 240 29.95 -22.19 -16.45
N GLN A 241 31.15 -21.97 -17.00
CA GLN A 241 31.95 -23.06 -17.52
C GLN A 241 32.32 -24.04 -16.41
N VAL A 242 32.71 -23.53 -15.24
CA VAL A 242 33.07 -24.40 -14.12
C VAL A 242 31.86 -25.23 -13.69
N ALA A 243 30.70 -24.58 -13.62
CA ALA A 243 29.49 -25.30 -13.21
C ALA A 243 29.14 -26.40 -14.21
N GLU A 244 29.21 -26.10 -15.51
CA GLU A 244 28.91 -27.12 -16.52
C GLU A 244 29.90 -28.28 -16.42
N MET A 245 31.19 -27.97 -16.24
CA MET A 245 32.17 -29.05 -16.11
C MET A 245 31.89 -29.91 -14.89
N VAL A 246 31.57 -29.29 -13.76
CA VAL A 246 31.31 -30.05 -12.54
C VAL A 246 30.09 -30.96 -12.73
N ILE A 247 29.02 -30.41 -13.29
CA ILE A 247 27.78 -31.20 -13.42
C ILE A 247 27.97 -32.32 -14.44
N GLU A 248 28.72 -32.06 -15.52
CA GLU A 248 28.96 -33.10 -16.51
C GLU A 248 29.84 -34.20 -15.94
N LYS A 249 30.86 -33.83 -15.14
CA LYS A 249 31.68 -34.82 -14.47
C LYS A 249 30.83 -35.68 -13.55
N ALA A 250 29.93 -35.06 -12.78
CA ALA A 250 29.06 -35.81 -11.89
C ALA A 250 28.17 -36.77 -12.66
N LYS A 251 27.61 -36.31 -13.78
CA LYS A 251 26.75 -37.18 -14.58
C LYS A 251 27.52 -38.36 -15.15
N ARG A 252 28.72 -38.13 -15.68
CA ARG A 252 29.51 -39.22 -16.23
C ARG A 252 29.90 -40.21 -15.13
N LEU A 253 30.23 -39.71 -13.94
CA LEU A 253 30.57 -40.61 -12.84
C LEU A 253 29.36 -41.43 -12.40
N VAL A 254 28.19 -40.80 -12.32
CA VAL A 254 26.98 -41.53 -11.92
C VAL A 254 26.61 -42.58 -12.95
N GLU A 255 26.89 -42.32 -14.23
CA GLU A 255 26.61 -43.31 -15.26
C GLU A 255 27.32 -44.64 -15.03
N HIS A 256 28.41 -44.65 -14.26
CA HIS A 256 29.18 -45.85 -13.99
C HIS A 256 28.86 -46.46 -12.62
N LYS A 257 27.61 -46.35 -12.17
CA LYS A 257 27.14 -46.97 -10.94
C LYS A 257 27.96 -46.52 -9.72
N LYS A 258 28.19 -45.21 -9.62
CA LYS A 258 28.87 -44.61 -8.49
C LYS A 258 27.91 -43.73 -7.70
N ASP A 259 28.32 -43.37 -6.49
CA ASP A 259 27.57 -42.48 -5.62
C ASP A 259 28.32 -41.16 -5.53
N VAL A 260 27.64 -40.06 -5.85
CA VAL A 260 28.29 -38.76 -5.98
C VAL A 260 27.57 -37.76 -5.08
N ILE A 261 28.35 -36.95 -4.37
CA ILE A 261 27.84 -35.89 -3.50
C ILE A 261 28.44 -34.57 -3.97
N ILE A 262 27.60 -33.55 -4.11
CA ILE A 262 28.03 -32.24 -4.57
C ILE A 262 27.58 -31.20 -3.54
N LEU A 263 28.48 -30.30 -3.18
CA LEU A 263 28.20 -29.20 -2.25
C LEU A 263 28.39 -27.90 -3.01
N LEU A 264 27.30 -27.17 -3.22
CA LEU A 264 27.34 -25.90 -3.95
C LEU A 264 27.19 -24.77 -2.94
N ASP A 265 28.06 -23.76 -3.06
CA ASP A 265 28.14 -22.72 -2.04
C ASP A 265 26.88 -21.86 -2.00
N SER A 266 26.41 -21.41 -3.17
CA SER A 266 25.25 -20.52 -3.21
C SER A 266 24.63 -20.58 -4.60
N ILE A 267 23.42 -21.12 -4.69
CA ILE A 267 22.71 -21.15 -5.96
C ILE A 267 22.34 -19.76 -6.43
N THR A 268 22.21 -18.80 -5.51
CA THR A 268 21.83 -17.43 -5.89
C THR A 268 22.89 -16.80 -6.79
N ARG A 269 24.17 -16.97 -6.46
CA ARG A 269 25.23 -16.40 -7.27
C ARG A 269 25.26 -17.02 -8.66
N LEU A 270 25.05 -18.34 -8.74
CA LEU A 270 25.00 -19.00 -10.04
C LEU A 270 23.81 -18.49 -10.87
N ALA A 271 22.68 -18.28 -10.22
CA ALA A 271 21.52 -17.73 -10.91
C ALA A 271 21.80 -16.32 -11.43
N ARG A 272 22.47 -15.50 -10.62
CA ARG A 272 22.83 -14.15 -11.06
C ARG A 272 23.78 -14.21 -12.25
N ALA A 273 24.76 -15.12 -12.21
CA ALA A 273 25.68 -15.26 -13.33
C ALA A 273 24.96 -15.69 -14.60
N TYR A 274 24.03 -16.65 -14.47
CA TYR A 274 23.26 -17.09 -15.64
C TYR A 274 22.39 -15.96 -16.18
N ASN A 275 21.82 -15.16 -15.29
CA ASN A 275 21.05 -13.99 -15.74
C ASN A 275 21.94 -13.01 -16.49
N THR A 276 23.17 -12.78 -15.99
CA THR A 276 24.07 -11.85 -16.65
C THR A 276 24.48 -12.36 -18.02
N VAL A 277 24.80 -13.66 -18.14
CA VAL A 277 25.28 -14.20 -19.41
C VAL A 277 24.15 -14.25 -20.44
N VAL A 278 22.98 -14.72 -20.04
CA VAL A 278 21.87 -14.89 -20.98
C VAL A 278 21.35 -13.51 -21.40
N PRO A 279 21.20 -13.25 -22.71
CA PRO A 279 20.72 -11.93 -23.14
C PRO A 279 19.20 -11.83 -23.09
N ALA A 280 18.67 -10.67 -23.48
CA ALA A 280 17.23 -10.45 -23.48
C ALA A 280 16.60 -10.93 -24.78
N VAL A 284 9.75 -8.44 -21.35
CA VAL A 284 9.20 -8.95 -20.10
C VAL A 284 10.25 -8.94 -19.00
N LEU A 285 9.99 -8.17 -17.94
CA LEU A 285 10.92 -8.05 -16.83
C LEU A 285 10.14 -8.12 -15.52
N THR A 286 10.57 -9.01 -14.62
CA THR A 286 9.97 -9.18 -13.30
C THR A 286 11.07 -9.05 -12.27
N GLY A 287 11.22 -7.85 -11.72
CA GLY A 287 12.24 -7.58 -10.73
C GLY A 287 13.64 -7.41 -11.26
N GLY A 288 13.81 -7.37 -12.58
CA GLY A 288 15.12 -7.21 -13.19
C GLY A 288 15.77 -8.49 -13.66
N VAL A 289 15.08 -9.62 -13.57
CA VAL A 289 15.62 -10.91 -13.97
C VAL A 289 14.74 -11.49 -15.06
N ASP A 290 15.36 -11.94 -16.15
CA ASP A 290 14.62 -12.54 -17.25
C ASP A 290 14.03 -13.88 -16.83
N ALA A 291 12.78 -14.12 -17.21
CA ALA A 291 12.12 -15.37 -16.84
C ALA A 291 12.75 -16.56 -17.55
N ASN A 292 13.14 -16.40 -18.81
CA ASN A 292 13.74 -17.50 -19.56
C ASN A 292 15.13 -17.84 -19.06
N ALA A 293 15.80 -16.93 -18.35
CA ALA A 293 17.17 -17.18 -17.90
C ALA A 293 17.19 -18.22 -16.77
N LEU A 294 16.09 -18.36 -16.04
CA LEU A 294 16.03 -19.28 -14.91
C LEU A 294 16.02 -20.74 -15.32
N HIS A 295 15.89 -21.04 -16.61
CA HIS A 295 15.82 -22.43 -17.05
C HIS A 295 17.11 -23.18 -16.75
N ARG A 296 18.26 -22.55 -16.99
CA ARG A 296 19.54 -23.23 -16.84
C ARG A 296 19.84 -23.65 -15.40
N PRO A 297 19.69 -22.80 -14.37
CA PRO A 297 19.99 -23.27 -13.01
C PRO A 297 19.12 -24.43 -12.57
N LYS A 298 17.83 -24.40 -12.88
CA LYS A 298 16.91 -25.43 -12.41
C LYS A 298 17.31 -26.81 -12.94
N ARG A 299 17.72 -26.88 -14.21
CA ARG A 299 18.25 -28.13 -14.75
C ARG A 299 19.32 -28.69 -13.84
N PHE A 300 20.27 -27.84 -13.41
CA PHE A 300 21.29 -28.27 -12.46
C PHE A 300 20.64 -28.86 -11.22
N PHE A 301 19.71 -28.12 -10.60
CA PHE A 301 19.08 -28.62 -9.39
C PHE A 301 18.19 -29.81 -9.67
N GLY A 302 17.81 -30.00 -10.95
CA GLY A 302 17.06 -31.17 -11.33
C GLY A 302 17.88 -32.41 -11.57
N ALA A 303 19.20 -32.32 -11.45
CA ALA A 303 20.05 -33.48 -11.72
C ALA A 303 19.99 -34.52 -10.62
N ALA A 304 19.69 -34.13 -9.39
CA ALA A 304 19.73 -35.06 -8.27
C ALA A 304 18.61 -36.09 -8.38
N ARG A 305 18.98 -37.36 -8.19
CA ARG A 305 18.04 -38.48 -8.27
C ARG A 305 18.77 -39.75 -7.83
N ASN A 306 18.00 -40.79 -7.56
CA ASN A 306 18.53 -42.10 -7.20
C ASN A 306 18.16 -43.07 -8.31
N VAL A 307 19.17 -43.60 -9.01
CA VAL A 307 18.94 -44.47 -10.15
C VAL A 307 18.47 -45.83 -9.67
N GLU A 308 17.45 -46.38 -10.34
CA GLU A 308 16.95 -47.70 -9.99
C GLU A 308 18.00 -48.78 -10.26
N GLU A 309 18.79 -48.62 -11.31
CA GLU A 309 19.80 -49.59 -11.70
C GLU A 309 21.13 -49.39 -10.93
N GLY A 310 21.09 -48.65 -9.82
CA GLY A 310 22.29 -48.43 -9.04
C GLY A 310 22.91 -47.07 -9.25
N GLY A 311 23.53 -46.53 -8.21
CA GLY A 311 24.13 -45.22 -8.26
C GLY A 311 23.18 -44.13 -7.81
N SER A 312 23.76 -42.98 -7.46
CA SER A 312 22.97 -41.86 -6.98
C SER A 312 23.80 -40.59 -7.06
N LEU A 313 23.11 -39.46 -7.18
CA LEU A 313 23.74 -38.15 -7.17
C LEU A 313 22.94 -37.24 -6.25
N THR A 314 23.59 -36.72 -5.22
CA THR A 314 22.94 -35.82 -4.27
C THR A 314 23.62 -34.46 -4.29
N ILE A 315 22.83 -33.42 -4.12
CA ILE A 315 23.29 -32.03 -4.19
C ILE A 315 22.80 -31.30 -2.96
N ILE A 316 23.70 -30.57 -2.30
CA ILE A 316 23.36 -29.72 -1.17
C ILE A 316 23.76 -28.30 -1.52
N ALA A 317 22.79 -27.39 -1.54
CA ALA A 317 23.01 -26.00 -1.92
C ALA A 317 22.49 -25.08 -0.83
N THR A 318 22.93 -23.82 -0.89
CA THR A 318 22.57 -22.80 0.09
C THR A 318 21.94 -21.62 -0.62
N ALA A 319 20.93 -21.03 0.01
CA ALA A 319 20.23 -19.86 -0.53
C ALA A 319 20.47 -18.67 0.39
N LEU A 320 20.85 -17.53 -0.19
CA LEU A 320 21.13 -16.32 0.55
C LEU A 320 19.86 -15.49 0.69
N ILE A 321 19.55 -15.05 1.90
CA ILE A 321 18.34 -14.32 2.19
C ILE A 321 18.68 -13.12 3.05
N ASP A 322 17.79 -12.11 3.04
CA ASP A 322 17.97 -10.87 3.78
C ASP A 322 19.30 -10.20 3.44
N THR A 323 19.64 -10.20 2.15
CA THR A 323 20.83 -9.53 1.65
C THR A 323 20.59 -8.04 1.38
N GLY A 324 19.36 -7.65 1.06
CA GLY A 324 19.04 -6.29 0.71
C GLY A 324 18.84 -6.02 -0.76
N SER A 325 18.91 -7.05 -1.61
CA SER A 325 18.65 -6.92 -3.03
C SER A 325 17.42 -7.76 -3.38
N LYS A 326 16.50 -7.17 -4.14
CA LYS A 326 15.25 -7.84 -4.46
C LYS A 326 15.47 -9.05 -5.36
N MET A 327 16.59 -9.10 -6.08
CA MET A 327 16.86 -10.22 -6.97
C MET A 327 16.98 -11.52 -6.19
N ASP A 328 17.67 -11.48 -5.05
CA ASP A 328 17.80 -12.68 -4.22
C ASP A 328 16.45 -13.14 -3.69
N GLU A 329 15.60 -12.19 -3.30
CA GLU A 329 14.26 -12.54 -2.84
C GLU A 329 13.45 -13.21 -3.93
N VAL A 330 13.53 -12.67 -5.17
CA VAL A 330 12.82 -13.29 -6.28
C VAL A 330 13.36 -14.70 -6.54
N ILE A 331 14.68 -14.85 -6.51
CA ILE A 331 15.28 -16.16 -6.76
C ILE A 331 14.84 -17.17 -5.71
N TYR A 332 14.82 -16.76 -4.44
CA TYR A 332 14.35 -17.65 -3.38
C TYR A 332 12.88 -17.99 -3.55
N GLU A 333 12.07 -17.01 -3.97
CA GLU A 333 10.65 -17.26 -4.18
C GLU A 333 10.43 -18.28 -5.29
N GLU A 334 11.20 -18.20 -6.38
CA GLU A 334 11.02 -19.13 -7.49
C GLU A 334 11.48 -20.54 -7.12
N PHE A 335 12.57 -20.67 -6.36
CA PHE A 335 13.11 -21.97 -6.03
C PHE A 335 12.41 -22.65 -4.86
N LYS A 336 11.47 -21.97 -4.20
CA LYS A 336 10.76 -22.58 -3.09
C LYS A 336 9.83 -23.68 -3.59
N GLY A 337 9.87 -24.82 -2.89
CA GLY A 337 9.07 -25.97 -3.26
C GLY A 337 9.77 -27.00 -4.11
N THR A 338 10.90 -26.66 -4.73
CA THR A 338 11.63 -27.61 -5.56
C THR A 338 12.42 -28.62 -4.72
N GLY A 339 12.84 -28.23 -3.52
CA GLY A 339 13.73 -29.05 -2.72
C GLY A 339 13.04 -30.23 -2.07
N ASN A 340 13.87 -31.11 -1.50
CA ASN A 340 13.41 -32.29 -0.78
C ASN A 340 13.75 -32.22 0.71
N MET A 341 14.49 -31.18 1.13
CA MET A 341 14.89 -31.01 2.52
C MET A 341 15.24 -29.55 2.75
N GLU A 342 14.84 -29.00 3.91
CA GLU A 342 15.06 -27.59 4.20
C GLU A 342 15.67 -27.42 5.58
N LEU A 343 16.63 -26.51 5.68
CA LEU A 343 17.21 -26.11 6.96
C LEU A 343 17.15 -24.60 7.08
N HIS A 344 16.43 -24.10 8.08
CA HIS A 344 16.29 -22.67 8.33
C HIS A 344 17.18 -22.27 9.50
N LEU A 345 17.92 -21.18 9.33
CA LEU A 345 18.81 -20.65 10.35
C LEU A 345 18.29 -19.30 10.83
N SER A 346 18.37 -19.08 12.15
CA SER A 346 17.81 -17.87 12.74
C SER A 346 18.90 -16.83 12.96
N ARG A 347 18.60 -15.58 12.57
CA ARG A 347 19.56 -14.48 12.74
C ARG A 347 19.76 -14.15 14.22
N LYS A 348 18.66 -14.00 14.97
CA LYS A 348 18.77 -13.58 16.36
C LYS A 348 19.51 -14.61 17.21
N ILE A 349 19.26 -15.90 16.96
CA ILE A 349 19.99 -16.94 17.67
C ILE A 349 21.48 -16.86 17.36
N ALA A 350 21.81 -16.62 16.09
CA ALA A 350 23.22 -16.51 15.71
C ALA A 350 23.89 -15.32 16.38
N GLU A 351 23.18 -14.19 16.51
CA GLU A 351 23.76 -13.01 17.15
C GLU A 351 24.05 -13.21 18.63
N LYS A 352 23.48 -14.26 19.25
CA LYS A 352 23.67 -14.51 20.68
C LYS A 352 24.71 -15.59 20.95
N ARG A 353 25.69 -15.74 20.06
CA ARG A 353 26.78 -16.71 20.19
C ARG A 353 26.28 -18.14 20.34
N VAL A 354 25.24 -18.52 19.60
CA VAL A 354 24.81 -19.91 19.50
C VAL A 354 25.10 -20.33 18.07
N PHE A 355 26.22 -21.03 17.87
CA PHE A 355 26.72 -21.34 16.53
C PHE A 355 25.76 -22.17 15.67
N PRO A 356 25.06 -23.20 16.18
CA PRO A 356 24.23 -23.99 15.25
C PRO A 356 23.08 -23.19 14.66
N ALA A 357 22.31 -22.50 15.49
CA ALA A 357 21.22 -21.62 15.05
C ALA A 357 20.26 -22.37 14.12
N ILE A 358 19.61 -23.38 14.68
CA ILE A 358 18.71 -24.26 13.93
C ILE A 358 17.30 -24.09 14.47
N ASP A 359 16.36 -23.79 13.57
CA ASP A 359 14.94 -23.73 13.92
C ASP A 359 14.38 -25.14 13.76
N TYR A 360 14.21 -25.84 14.89
CA TYR A 360 13.78 -27.23 14.84
C TYR A 360 12.37 -27.38 14.29
N ASN A 361 11.55 -26.33 14.40
CA ASN A 361 10.17 -26.41 13.93
C ASN A 361 10.05 -26.18 12.44
N ARG A 362 11.09 -25.67 11.79
CA ARG A 362 11.06 -25.37 10.36
C ARG A 362 11.93 -26.30 9.53
N SER A 363 12.31 -27.45 10.08
CA SER A 363 13.17 -28.41 9.38
C SER A 363 12.48 -29.75 9.27
N GLY A 364 12.76 -30.46 8.19
CA GLY A 364 12.17 -31.78 7.99
C GLY A 364 12.47 -32.28 6.59
N THR A 365 12.17 -33.55 6.38
CA THR A 365 12.36 -34.20 5.09
C THR A 365 11.08 -34.93 4.68
N ARG A 366 10.90 -35.08 3.37
CA ARG A 366 9.77 -35.83 2.84
C ARG A 366 10.10 -37.32 2.81
N LYS A 367 9.09 -38.14 3.10
CA LYS A 367 9.25 -39.60 3.13
C LYS A 367 10.35 -40.02 4.09
N GLU A 368 10.32 -39.44 5.30
CA GLU A 368 11.30 -39.80 6.32
C GLU A 368 11.13 -41.22 6.83
N GLU A 369 9.94 -41.81 6.66
CA GLU A 369 9.70 -43.15 7.17
C GLU A 369 10.55 -44.19 6.44
N LEU A 370 10.86 -43.94 5.16
CA LEU A 370 11.66 -44.85 4.38
C LEU A 370 13.14 -44.83 4.76
N LEU A 371 13.57 -43.81 5.50
CA LEU A 371 14.98 -43.66 5.87
C LEU A 371 15.26 -43.99 7.33
N THR A 372 14.24 -43.94 8.21
CA THR A 372 14.44 -44.18 9.63
C THR A 372 13.55 -45.33 10.08
N THR A 373 13.99 -45.99 11.15
CA THR A 373 13.24 -47.09 11.73
C THR A 373 12.07 -46.58 12.56
N GLN A 374 11.17 -47.50 12.92
CA GLN A 374 9.98 -47.12 13.66
C GLN A 374 10.32 -46.55 15.04
N GLU A 375 11.27 -47.16 15.75
CA GLU A 375 11.66 -46.64 17.06
C GLU A 375 12.22 -45.23 16.95
N GLU A 376 13.06 -44.99 15.94
CA GLU A 376 13.53 -43.63 15.68
C GLU A 376 12.37 -42.71 15.35
N LEU A 377 11.37 -43.22 14.64
CA LEU A 377 10.20 -42.40 14.31
C LEU A 377 9.47 -41.95 15.57
N GLN A 378 9.25 -42.87 16.51
CA GLN A 378 8.58 -42.50 17.76
C GLN A 378 9.45 -41.54 18.58
N LYS A 379 10.76 -41.76 18.60
CA LYS A 379 11.64 -40.85 19.34
C LYS A 379 11.58 -39.43 18.77
N MET A 380 11.68 -39.32 17.45
CA MET A 380 11.59 -38.02 16.80
C MET A 380 10.23 -37.37 17.01
N TRP A 381 9.17 -38.17 16.97
CA TRP A 381 7.82 -37.63 17.18
C TRP A 381 7.66 -37.07 18.58
N ILE A 382 8.14 -37.81 19.59
CA ILE A 382 8.05 -37.33 20.97
C ILE A 382 8.87 -36.06 21.14
N LEU A 383 10.08 -36.04 20.58
CA LEU A 383 10.93 -34.85 20.69
C LEU A 383 10.25 -33.64 20.03
N ARG A 384 9.66 -33.85 18.86
CA ARG A 384 8.98 -32.76 18.16
C ARG A 384 7.78 -32.26 18.95
N LYS A 385 7.02 -33.19 19.54
CA LYS A 385 5.87 -32.78 20.36
C LYS A 385 6.32 -31.96 21.55
N ILE A 386 7.43 -32.35 22.20
CA ILE A 386 7.92 -31.60 23.35
C ILE A 386 8.42 -30.23 22.93
N ILE A 387 9.18 -30.16 21.82
CA ILE A 387 9.79 -28.91 21.40
C ILE A 387 8.80 -27.93 20.78
N HIS A 388 7.69 -28.41 20.22
CA HIS A 388 6.75 -27.55 19.50
C HIS A 388 6.24 -26.37 20.31
N PRO A 389 5.74 -26.53 21.55
CA PRO A 389 5.19 -25.37 22.26
C PRO A 389 6.23 -24.32 22.63
N MET A 390 7.45 -24.73 22.98
CA MET A 390 8.43 -23.79 23.48
C MET A 390 9.09 -23.00 22.35
N GLY A 391 9.68 -21.87 22.72
CA GLY A 391 10.17 -20.93 21.73
C GLY A 391 11.44 -21.39 21.03
N GLU A 392 11.94 -20.50 20.16
CA GLU A 392 13.12 -20.82 19.37
C GLU A 392 14.35 -21.01 20.26
N ILE A 393 14.78 -19.94 20.94
CA ILE A 393 16.04 -19.97 21.66
C ILE A 393 15.96 -20.90 22.86
N ASP A 394 14.83 -20.88 23.57
CA ASP A 394 14.70 -21.71 24.76
C ASP A 394 14.73 -23.20 24.41
N ALA A 395 14.02 -23.60 23.35
CA ALA A 395 14.08 -25.00 22.93
C ALA A 395 15.45 -25.36 22.40
N MET A 396 16.10 -24.44 21.68
CA MET A 396 17.42 -24.74 21.15
C MET A 396 18.42 -24.98 22.28
N GLU A 397 18.41 -24.10 23.30
CA GLU A 397 19.34 -24.29 24.41
C GLU A 397 18.97 -25.49 25.26
N PHE A 398 17.67 -25.81 25.38
CA PHE A 398 17.27 -27.01 26.09
C PHE A 398 17.80 -28.26 25.39
N LEU A 399 17.71 -28.30 24.05
CA LEU A 399 18.26 -29.42 23.31
C LEU A 399 19.78 -29.49 23.45
N ILE A 400 20.46 -28.33 23.40
CA ILE A 400 21.91 -28.32 23.58
C ILE A 400 22.29 -28.89 24.94
N ASN A 401 21.60 -28.45 25.99
CA ASN A 401 21.90 -28.91 27.34
C ASN A 401 21.59 -30.38 27.53
N LYS A 402 20.51 -30.88 26.95
CA LYS A 402 20.16 -32.29 27.11
C LYS A 402 21.08 -33.19 26.29
N LEU A 403 21.55 -32.72 25.13
CA LEU A 403 22.41 -33.52 24.28
C LEU A 403 23.89 -33.44 24.65
N ALA A 404 24.24 -32.60 25.62
CA ALA A 404 25.64 -32.44 26.01
C ALA A 404 26.10 -33.46 27.05
N MET A 405 25.37 -34.55 27.29
CA MET A 405 25.74 -35.53 28.30
C MET A 405 26.01 -36.91 27.71
N THR A 406 25.27 -37.33 26.69
CA THR A 406 25.47 -38.63 26.06
C THR A 406 25.27 -38.47 24.55
N LYS A 407 25.38 -39.58 23.83
CA LYS A 407 25.28 -39.57 22.38
C LYS A 407 23.80 -39.56 21.96
N THR A 408 23.56 -39.65 20.65
CA THR A 408 22.20 -39.51 20.12
C THR A 408 21.32 -40.68 20.56
N ASN A 409 21.81 -41.91 20.40
CA ASN A 409 20.98 -43.08 20.73
C ASN A 409 20.72 -43.16 22.23
N ASP A 410 21.72 -42.82 23.05
CA ASP A 410 21.57 -42.86 24.50
C ASP A 410 20.66 -41.76 25.04
N ASP A 411 20.27 -40.80 24.20
CA ASP A 411 19.41 -39.71 24.66
C ASP A 411 18.02 -40.21 25.07
N PHE A 412 17.49 -41.20 24.35
CA PHE A 412 16.17 -41.73 24.66
C PHE A 412 16.15 -42.51 25.97
N PHE A 413 17.12 -43.40 26.16
CA PHE A 413 17.17 -44.20 27.39
C PHE A 413 17.25 -43.31 28.62
N GLU A 414 17.93 -42.16 28.50
CA GLU A 414 17.99 -41.22 29.62
C GLU A 414 16.67 -40.48 29.78
N MET A 415 15.99 -40.18 28.68
CA MET A 415 14.72 -39.47 28.78
C MET A 415 13.56 -40.40 29.12
N MET A 416 13.61 -41.65 28.66
CA MET A 416 12.52 -42.58 28.96
C MET A 416 12.47 -42.91 30.45
N LYS A 417 13.60 -42.84 31.14
CA LYS A 417 13.67 -43.02 32.58
C LYS A 417 13.05 -44.34 33.04
N MET B 1 6.21 -54.59 -36.28
CA MET B 1 6.04 -53.59 -37.33
C MET B 1 5.16 -52.44 -36.85
N ASN B 2 4.90 -52.41 -35.55
CA ASN B 2 4.01 -51.42 -34.96
C ASN B 2 4.81 -50.42 -34.12
N LEU B 3 4.42 -49.15 -34.20
CA LEU B 3 5.12 -48.10 -33.46
C LEU B 3 4.87 -48.24 -31.96
N THR B 4 3.66 -48.63 -31.57
CA THR B 4 3.33 -48.72 -30.15
C THR B 4 4.17 -49.79 -29.45
N GLU B 5 4.39 -50.93 -30.11
CA GLU B 5 5.22 -51.98 -29.54
C GLU B 5 6.65 -51.49 -29.34
N LEU B 6 7.19 -50.75 -30.32
CA LEU B 6 8.52 -50.17 -30.16
C LEU B 6 8.57 -49.17 -29.02
N LYS B 7 7.53 -48.34 -28.88
CA LYS B 7 7.49 -47.36 -27.80
C LYS B 7 7.43 -48.02 -26.43
N ASN B 8 6.66 -49.11 -26.30
CA ASN B 8 6.47 -49.75 -25.00
C ASN B 8 7.60 -50.71 -24.62
N THR B 9 8.52 -50.99 -25.54
CA THR B 9 9.62 -51.90 -25.26
C THR B 9 10.68 -51.22 -24.39
N PRO B 10 11.14 -51.88 -23.34
CA PRO B 10 12.27 -51.39 -22.56
C PRO B 10 13.48 -51.06 -23.41
N VAL B 11 14.31 -50.15 -22.89
CA VAL B 11 15.46 -49.67 -23.66
C VAL B 11 16.50 -50.78 -23.83
N SER B 12 16.68 -51.63 -22.82
CA SER B 12 17.68 -52.69 -22.91
C SER B 12 17.33 -53.69 -24.00
N GLU B 13 16.08 -54.15 -24.03
CA GLU B 13 15.64 -55.04 -25.09
C GLU B 13 15.69 -54.34 -26.44
N LEU B 14 15.45 -53.03 -26.45
CA LEU B 14 15.53 -52.26 -27.70
C LEU B 14 16.95 -52.29 -28.26
N ILE B 15 17.95 -52.05 -27.41
CA ILE B 15 19.34 -52.09 -27.87
C ILE B 15 19.74 -53.50 -28.25
N THR B 16 19.22 -54.51 -27.53
CA THR B 16 19.50 -55.89 -27.91
C THR B 16 18.97 -56.19 -29.31
N LEU B 17 17.75 -55.75 -29.60
CA LEU B 17 17.19 -55.93 -30.94
C LEU B 17 18.00 -55.17 -31.97
N GLY B 18 18.45 -53.96 -31.64
CA GLY B 18 19.27 -53.19 -32.57
C GLY B 18 20.57 -53.89 -32.90
N GLU B 19 21.23 -54.44 -31.88
CA GLU B 19 22.46 -55.18 -32.12
C GLU B 19 22.21 -56.45 -32.94
N ASN B 20 21.09 -57.12 -32.67
CA ASN B 20 20.74 -58.31 -33.45
C ASN B 20 20.54 -57.94 -34.92
N MET B 21 19.87 -56.81 -35.18
CA MET B 21 19.65 -56.37 -36.55
C MET B 21 20.92 -55.95 -37.26
N GLY B 22 22.03 -55.79 -36.54
CA GLY B 22 23.29 -55.45 -37.17
C GLY B 22 23.45 -53.98 -37.52
N LEU B 23 23.42 -53.12 -36.51
CA LEU B 23 23.61 -51.68 -36.68
C LEU B 23 24.81 -51.23 -35.85
N GLU B 24 25.06 -49.92 -35.88
CA GLU B 24 26.17 -49.35 -35.14
C GLU B 24 25.85 -49.33 -33.65
N ASN B 25 26.78 -48.80 -32.86
CA ASN B 25 26.58 -48.74 -31.41
C ASN B 25 25.52 -47.71 -31.05
N LEU B 26 24.47 -48.17 -30.39
CA LEU B 26 23.33 -47.33 -30.05
C LEU B 26 23.29 -46.96 -28.58
N ALA B 27 24.32 -47.28 -27.80
CA ALA B 27 24.29 -47.06 -26.36
C ALA B 27 24.24 -45.56 -26.05
N ARG B 28 25.10 -44.78 -26.67
CA ARG B 28 25.15 -43.33 -26.43
C ARG B 28 24.17 -42.62 -27.37
N MET B 29 22.88 -42.96 -27.20
CA MET B 29 21.83 -42.39 -28.02
C MET B 29 20.56 -42.29 -27.20
N ARG B 30 19.70 -41.35 -27.59
CA ARG B 30 18.38 -41.26 -26.98
C ARG B 30 17.47 -42.35 -27.54
N LYS B 31 16.39 -42.63 -26.79
CA LYS B 31 15.47 -43.67 -27.20
C LYS B 31 14.77 -43.31 -28.50
N GLN B 32 14.45 -42.02 -28.69
CA GLN B 32 13.80 -41.60 -29.92
C GLN B 32 14.69 -41.84 -31.13
N ASP B 33 15.98 -41.51 -31.02
CA ASP B 33 16.90 -41.74 -32.13
C ASP B 33 17.10 -43.22 -32.40
N ILE B 34 17.14 -44.04 -31.34
CA ILE B 34 17.26 -45.48 -31.52
C ILE B 34 16.06 -46.02 -32.29
N ILE B 35 14.85 -45.57 -31.91
CA ILE B 35 13.64 -45.99 -32.60
C ILE B 35 13.67 -45.54 -34.05
N PHE B 36 14.12 -44.30 -34.29
CA PHE B 36 14.22 -43.79 -35.66
C PHE B 36 15.16 -44.65 -36.50
N ALA B 37 16.34 -44.98 -35.96
CA ALA B 37 17.30 -45.79 -36.71
C ALA B 37 16.75 -47.18 -36.98
N ILE B 38 16.12 -47.80 -35.97
CA ILE B 38 15.56 -49.13 -36.16
C ILE B 38 14.47 -49.10 -37.23
N LEU B 39 13.60 -48.09 -37.18
CA LEU B 39 12.54 -47.98 -38.17
C LEU B 39 13.09 -47.79 -39.57
N LYS B 40 14.11 -46.94 -39.72
CA LYS B 40 14.70 -46.71 -41.03
C LYS B 40 15.34 -48.00 -41.57
N GLN B 41 16.08 -48.71 -40.73
CA GLN B 41 16.72 -49.95 -41.18
C GLN B 41 15.68 -50.99 -41.56
N HIS B 42 14.61 -51.13 -40.76
CA HIS B 42 13.57 -52.10 -41.08
C HIS B 42 12.82 -51.73 -42.35
N ALA B 43 12.51 -50.45 -42.55
CA ALA B 43 11.81 -50.00 -43.74
C ALA B 43 12.67 -50.05 -44.99
N LYS B 44 13.99 -50.07 -44.84
CA LYS B 44 14.86 -50.25 -46.00
C LYS B 44 14.66 -51.59 -46.69
N SER B 45 14.04 -52.55 -46.00
CA SER B 45 13.77 -53.87 -46.57
C SER B 45 12.42 -53.99 -47.25
N GLY B 46 11.62 -52.92 -47.24
CA GLY B 46 10.36 -52.91 -47.96
C GLY B 46 9.20 -53.59 -47.27
N GLU B 47 9.15 -53.58 -45.95
CA GLU B 47 8.03 -54.17 -45.22
C GLU B 47 7.05 -53.09 -44.76
N ASP B 48 5.89 -53.55 -44.28
CA ASP B 48 4.84 -52.64 -43.85
C ASP B 48 5.10 -52.12 -42.44
N ILE B 49 4.65 -50.90 -42.18
CA ILE B 49 4.75 -50.27 -40.87
C ILE B 49 3.39 -49.70 -40.48
N PHE B 50 3.08 -49.78 -39.19
CA PHE B 50 1.84 -49.24 -38.66
C PHE B 50 2.15 -48.28 -37.51
N GLY B 51 1.31 -47.27 -37.36
CA GLY B 51 1.50 -46.27 -36.32
C GLY B 51 0.27 -45.40 -36.10
N ASP B 52 0.19 -44.77 -34.94
CA ASP B 52 -0.93 -43.91 -34.59
C ASP B 52 -0.44 -42.76 -33.72
N GLY B 53 -1.38 -41.98 -33.21
CA GLY B 53 -1.05 -40.83 -32.38
C GLY B 53 -2.19 -39.84 -32.36
N VAL B 54 -1.95 -38.74 -31.67
CA VAL B 54 -2.90 -37.64 -31.56
C VAL B 54 -2.37 -36.48 -32.39
N LEU B 55 -3.25 -35.86 -33.17
CA LEU B 55 -2.83 -34.87 -34.15
C LEU B 55 -2.75 -33.47 -33.55
N GLU B 56 -1.65 -32.77 -33.83
CA GLU B 56 -1.48 -31.37 -33.50
C GLU B 56 -1.22 -30.61 -34.79
N ILE B 57 -1.99 -29.56 -35.04
CA ILE B 57 -1.89 -28.78 -36.26
C ILE B 57 -1.13 -27.50 -35.96
N LEU B 58 -0.06 -27.26 -36.73
CA LEU B 58 0.72 -26.04 -36.57
C LEU B 58 0.06 -24.90 -37.33
N GLN B 59 0.53 -23.67 -37.05
CA GLN B 59 -0.08 -22.49 -37.66
C GLN B 59 0.25 -22.39 -39.15
N ASP B 60 1.31 -23.04 -39.60
CA ASP B 60 1.68 -22.97 -41.01
C ASP B 60 0.76 -23.80 -41.89
N GLY B 61 0.07 -24.80 -41.33
CA GLY B 61 -0.91 -25.58 -42.07
C GLY B 61 -0.70 -27.08 -42.06
N PHE B 62 0.47 -27.55 -41.60
CA PHE B 62 0.73 -28.98 -41.51
C PHE B 62 0.69 -29.44 -40.06
N GLY B 63 0.56 -30.75 -39.88
CA GLY B 63 0.36 -31.33 -38.57
C GLY B 63 1.28 -32.50 -38.29
N PHE B 64 1.37 -32.84 -37.01
CA PHE B 64 2.20 -33.94 -36.53
C PHE B 64 1.40 -34.83 -35.60
N LEU B 65 1.62 -36.14 -35.72
CA LEU B 65 1.01 -37.11 -34.80
C LEU B 65 1.99 -37.36 -33.66
N ARG B 66 1.57 -37.04 -32.44
CA ARG B 66 2.38 -37.22 -31.24
C ARG B 66 1.89 -38.43 -30.45
N SER B 67 2.72 -38.87 -29.51
CA SER B 67 2.42 -40.03 -28.69
C SER B 67 2.24 -39.62 -27.23
N ALA B 68 1.47 -40.44 -26.50
CA ALA B 68 1.16 -40.10 -25.11
C ALA B 68 2.22 -40.63 -24.15
N ASP B 69 2.94 -41.69 -24.54
CA ASP B 69 3.97 -42.24 -23.66
C ASP B 69 5.12 -41.28 -23.43
N SER B 70 5.33 -40.32 -24.32
CA SER B 70 6.34 -39.29 -24.16
C SER B 70 5.76 -37.96 -23.70
N SER B 71 4.50 -37.96 -23.26
CA SER B 71 3.79 -36.74 -22.86
C SER B 71 3.75 -35.72 -24.00
N TYR B 72 3.54 -36.23 -25.22
CA TYR B 72 3.41 -35.39 -26.42
C TYR B 72 4.61 -34.45 -26.60
N LEU B 73 5.81 -34.98 -26.40
CA LEU B 73 7.02 -34.21 -26.63
C LEU B 73 7.45 -34.36 -28.08
N ALA B 74 7.83 -33.23 -28.70
CA ALA B 74 8.23 -33.26 -30.10
C ALA B 74 9.54 -34.02 -30.26
N GLY B 75 9.58 -34.92 -31.23
CA GLY B 75 10.75 -35.74 -31.46
C GLY B 75 10.90 -36.15 -32.91
N PRO B 76 12.05 -36.73 -33.25
CA PRO B 76 12.28 -37.15 -34.64
C PRO B 76 11.39 -38.29 -35.11
N ASP B 77 10.72 -38.97 -34.19
CA ASP B 77 9.88 -40.11 -34.54
C ASP B 77 8.42 -39.73 -34.78
N ASP B 78 8.09 -38.45 -34.83
CA ASP B 78 6.73 -38.02 -35.11
C ASP B 78 6.37 -38.27 -36.57
N ILE B 79 5.07 -38.30 -36.84
CA ILE B 79 4.54 -38.59 -38.16
C ILE B 79 3.96 -37.32 -38.77
N TYR B 80 4.39 -37.01 -39.98
CA TYR B 80 4.01 -35.79 -40.70
C TYR B 80 2.67 -35.98 -41.41
N VAL B 81 1.89 -34.90 -41.45
CA VAL B 81 0.59 -34.90 -42.13
C VAL B 81 0.54 -33.68 -43.06
N SER B 82 0.21 -33.91 -44.32
CA SER B 82 0.14 -32.83 -45.31
C SER B 82 -1.18 -32.07 -45.17
N PRO B 83 -1.20 -30.79 -45.57
CA PRO B 83 -2.45 -30.02 -45.49
C PRO B 83 -3.57 -30.58 -46.35
N SER B 84 -3.25 -31.26 -47.45
CA SER B 84 -4.29 -31.83 -48.30
C SER B 84 -5.07 -32.92 -47.58
N GLN B 85 -4.37 -33.76 -46.81
CA GLN B 85 -5.07 -34.77 -46.02
C GLN B 85 -5.95 -34.13 -44.96
N ILE B 86 -5.47 -33.05 -44.34
CA ILE B 86 -6.29 -32.31 -43.37
C ILE B 86 -7.55 -31.78 -44.05
N ARG B 87 -7.41 -31.28 -45.28
CA ARG B 87 -8.56 -30.77 -46.02
C ARG B 87 -9.54 -31.88 -46.37
N ARG B 88 -9.03 -33.06 -46.73
CA ARG B 88 -9.91 -34.15 -47.17
C ARG B 88 -10.87 -34.59 -46.07
N PHE B 89 -10.33 -34.92 -44.90
CA PHE B 89 -11.09 -35.61 -43.86
C PHE B 89 -11.69 -34.67 -42.83
N ASN B 90 -11.51 -33.35 -42.99
CA ASN B 90 -12.03 -32.37 -42.05
C ASN B 90 -11.49 -32.61 -40.64
N LEU B 91 -10.18 -32.78 -40.54
CA LEU B 91 -9.54 -33.07 -39.27
C LEU B 91 -9.27 -31.80 -38.47
N ARG B 92 -9.31 -31.94 -37.14
CA ARG B 92 -9.01 -30.86 -36.22
C ARG B 92 -8.02 -31.36 -35.18
N THR B 93 -7.53 -30.44 -34.36
CA THR B 93 -6.61 -30.78 -33.28
C THR B 93 -7.31 -31.65 -32.25
N GLY B 94 -6.63 -32.71 -31.80
CA GLY B 94 -7.16 -33.62 -30.81
C GLY B 94 -7.72 -34.91 -31.37
N ASP B 95 -7.73 -35.08 -32.69
CA ASP B 95 -8.22 -36.30 -33.31
C ASP B 95 -7.16 -37.38 -33.24
N THR B 96 -7.55 -38.59 -32.83
CA THR B 96 -6.65 -39.74 -32.81
C THR B 96 -6.79 -40.48 -34.12
N ILE B 97 -5.67 -40.70 -34.80
CA ILE B 97 -5.65 -41.25 -36.15
C ILE B 97 -4.83 -42.53 -36.14
N SER B 98 -5.41 -43.60 -36.67
CA SER B 98 -4.73 -44.87 -36.82
C SER B 98 -4.65 -45.24 -38.30
N GLY B 99 -3.44 -45.56 -38.75
CA GLY B 99 -3.22 -45.85 -40.15
C GLY B 99 -1.83 -46.40 -40.40
N LYS B 100 -1.38 -46.25 -41.65
CA LYS B 100 -0.12 -46.81 -42.13
C LYS B 100 0.80 -45.68 -42.57
N ILE B 101 2.11 -45.85 -42.32
CA ILE B 101 3.10 -44.82 -42.60
C ILE B 101 4.09 -45.33 -43.64
N ARG B 102 4.88 -44.41 -44.17
CA ARG B 102 5.85 -44.70 -45.21
C ARG B 102 7.19 -44.04 -44.91
N PRO B 103 8.28 -44.59 -45.43
CA PRO B 103 9.61 -43.99 -45.22
C PRO B 103 9.69 -42.59 -45.82
N PRO B 104 10.66 -41.78 -45.39
CA PRO B 104 10.81 -40.43 -45.97
C PRO B 104 11.65 -40.46 -47.23
N LYS B 105 11.26 -39.65 -48.21
CA LYS B 105 11.99 -39.58 -49.48
C LYS B 105 13.24 -38.73 -49.32
N GLU B 106 13.91 -38.48 -50.45
CA GLU B 106 15.13 -37.69 -50.44
C GLU B 106 14.81 -36.24 -50.14
N GLY B 107 15.56 -35.64 -49.22
CA GLY B 107 15.33 -34.28 -48.80
C GLY B 107 14.28 -34.11 -47.73
N GLU B 108 13.67 -35.20 -47.26
CA GLU B 108 12.64 -35.13 -46.23
C GLU B 108 13.23 -35.43 -44.85
N ARG B 109 12.44 -35.16 -43.82
CA ARG B 109 12.89 -35.32 -42.44
C ARG B 109 12.21 -36.48 -41.73
N TYR B 110 10.88 -36.53 -41.74
CA TYR B 110 10.12 -37.46 -40.90
C TYR B 110 9.40 -38.47 -41.77
N PHE B 111 8.94 -39.54 -41.12
CA PHE B 111 8.05 -40.49 -41.77
C PHE B 111 6.73 -39.81 -42.13
N ALA B 112 6.13 -40.22 -43.25
CA ALA B 112 4.89 -39.57 -43.67
C ALA B 112 3.72 -40.53 -43.72
N LEU B 113 2.51 -40.01 -43.64
CA LEU B 113 1.32 -40.85 -43.69
C LEU B 113 1.13 -41.46 -45.06
N LEU B 114 0.64 -42.69 -45.10
CA LEU B 114 0.39 -43.36 -46.37
C LEU B 114 -1.08 -43.68 -46.49
N LYS B 115 -1.71 -44.04 -45.38
CA LYS B 115 -3.12 -44.41 -45.40
C LYS B 115 -3.84 -44.08 -44.10
N VAL B 116 -5.14 -43.80 -44.18
CA VAL B 116 -5.94 -43.54 -42.99
C VAL B 116 -6.94 -44.68 -42.80
N ASN B 117 -6.91 -45.31 -41.63
CA ASN B 117 -7.78 -46.43 -41.33
C ASN B 117 -8.89 -46.08 -40.34
N GLU B 118 -8.56 -45.40 -39.25
CA GLU B 118 -9.54 -45.05 -38.23
C GLU B 118 -9.31 -43.64 -37.72
N VAL B 119 -10.41 -42.94 -37.48
CA VAL B 119 -10.40 -41.62 -36.84
C VAL B 119 -11.31 -41.70 -35.62
N ASN B 120 -10.75 -41.45 -34.44
CA ASN B 120 -11.47 -41.52 -33.17
C ASN B 120 -12.15 -42.87 -33.00
N PHE B 121 -11.42 -43.94 -33.33
CA PHE B 121 -11.88 -45.31 -33.19
C PHE B 121 -13.20 -45.53 -33.93
N ASP B 122 -13.27 -45.01 -35.15
CA ASP B 122 -14.49 -45.09 -35.96
C ASP B 122 -14.10 -45.03 -37.42
N LYS B 123 -15.11 -45.18 -38.28
CA LYS B 123 -14.88 -45.10 -39.72
C LYS B 123 -14.47 -43.69 -40.11
N PRO B 124 -13.56 -43.55 -41.09
CA PRO B 124 -13.16 -42.19 -41.51
C PRO B 124 -14.29 -41.38 -42.11
N GLU B 125 -15.31 -42.03 -42.65
CA GLU B 125 -16.46 -41.33 -43.23
C GLU B 125 -17.60 -41.12 -42.24
N ASN B 126 -17.43 -41.55 -40.99
CA ASN B 126 -18.43 -41.33 -39.95
C ASN B 126 -18.11 -40.14 -39.06
N ALA B 127 -17.00 -39.45 -39.29
CA ALA B 127 -16.62 -38.28 -38.49
C ALA B 127 -17.39 -37.07 -39.00
N ARG B 128 -18.68 -37.05 -38.65
CA ARG B 128 -19.60 -36.01 -39.11
C ARG B 128 -20.48 -35.59 -37.92
N ASN B 129 -19.85 -35.39 -36.77
CA ASN B 129 -20.54 -35.01 -35.54
C ASN B 129 -20.39 -33.52 -35.28
N LYS B 130 -21.34 -32.98 -34.53
CA LYS B 130 -21.33 -31.57 -34.17
C LYS B 130 -20.31 -31.30 -33.09
N ILE B 131 -19.71 -30.10 -33.14
CA ILE B 131 -18.66 -29.75 -32.19
C ILE B 131 -19.25 -29.57 -30.80
N LEU B 132 -18.36 -29.59 -29.80
CA LEU B 132 -18.80 -29.55 -28.40
C LEU B 132 -19.47 -28.23 -28.05
N PHE B 133 -19.11 -27.14 -28.73
CA PHE B 133 -19.59 -25.82 -28.36
C PHE B 133 -21.05 -25.59 -28.76
N GLU B 134 -21.70 -26.57 -29.37
CA GLU B 134 -23.09 -26.45 -29.79
C GLU B 134 -24.02 -27.35 -28.99
N THR B 137 -25.84 -28.44 -25.34
CA THR B 137 -26.44 -27.56 -24.30
C THR B 137 -26.07 -28.09 -22.91
N PRO B 138 -25.50 -27.25 -22.02
CA PRO B 138 -25.13 -27.69 -20.66
C PRO B 138 -26.35 -27.99 -19.78
N LEU B 139 -26.19 -28.87 -18.78
CA LEU B 139 -27.30 -29.23 -17.86
C LEU B 139 -26.72 -29.48 -16.46
N HIS B 140 -27.59 -29.68 -15.46
CA HIS B 140 -27.15 -29.99 -14.07
C HIS B 140 -26.73 -31.46 -14.00
N ALA B 141 -25.94 -31.83 -13.00
CA ALA B 141 -25.43 -33.22 -12.91
C ALA B 141 -26.41 -34.18 -12.20
N ASN B 142 -26.64 -35.33 -12.82
CA ASN B 142 -27.47 -36.44 -12.27
C ASN B 142 -26.71 -37.76 -12.49
N SER B 143 -27.11 -38.83 -11.78
CA SER B 143 -26.44 -40.17 -11.79
C SER B 143 -25.06 -40.37 -11.17
N ARG B 144 -24.90 -39.91 -9.92
CA ARG B 144 -23.62 -39.94 -9.17
C ARG B 144 -22.68 -41.16 -9.09
N LEU B 145 -21.38 -40.85 -9.08
CA LEU B 145 -20.26 -41.79 -8.93
C LEU B 145 -19.94 -42.09 -7.47
N ARG B 146 -20.24 -43.32 -7.05
CA ARG B 146 -20.02 -43.71 -5.66
C ARG B 146 -18.58 -44.18 -5.47
N MET B 147 -17.93 -43.68 -4.43
CA MET B 147 -16.57 -44.05 -4.09
C MET B 147 -16.47 -45.22 -3.13
N GLU B 148 -17.45 -45.37 -2.22
CA GLU B 148 -17.46 -46.50 -1.32
C GLU B 148 -17.59 -47.81 -2.09
N ARG B 149 -16.82 -48.81 -1.66
CA ARG B 149 -16.82 -50.17 -2.27
C ARG B 149 -16.97 -51.43 -1.41
N GLY B 150 -17.25 -51.25 -0.11
CA GLY B 150 -17.47 -52.39 0.79
C GLY B 150 -16.63 -53.32 1.66
N ASN B 151 -15.32 -53.24 1.59
CA ASN B 151 -14.40 -54.22 2.23
C ASN B 151 -14.07 -53.98 3.71
N GLY B 152 -14.31 -52.76 4.21
CA GLY B 152 -14.04 -52.42 5.61
C GLY B 152 -12.61 -52.50 6.12
N SER B 153 -11.64 -52.14 5.27
CA SER B 153 -10.21 -52.17 5.65
C SER B 153 -9.83 -50.70 5.85
N THR B 154 -8.52 -50.41 5.85
CA THR B 154 -7.89 -49.19 6.42
C THR B 154 -7.89 -48.01 5.45
N GLU B 155 -8.37 -48.24 4.23
CA GLU B 155 -8.43 -47.17 3.18
C GLU B 155 -9.82 -46.77 2.69
N ASP B 156 -10.79 -47.68 2.79
CA ASP B 156 -12.18 -47.40 2.35
C ASP B 156 -12.78 -46.42 3.34
N LEU B 157 -12.00 -46.05 4.37
CA LEU B 157 -12.47 -45.07 5.38
C LEU B 157 -12.50 -43.68 4.74
N THR B 158 -11.41 -43.28 4.09
CA THR B 158 -11.35 -41.96 3.41
C THR B 158 -12.43 -41.90 2.33
N ALA B 159 -12.60 -42.99 1.58
CA ALA B 159 -13.63 -43.04 0.54
C ALA B 159 -15.01 -42.86 1.14
N ARG B 160 -15.28 -43.50 2.29
CA ARG B 160 -16.60 -43.39 2.90
C ARG B 160 -16.81 -42.05 3.57
N VAL B 161 -15.77 -41.46 4.18
CA VAL B 161 -15.89 -40.12 4.71
C VAL B 161 -16.13 -39.09 3.61
N LEU B 162 -15.43 -39.22 2.47
CA LEU B 162 -15.61 -38.32 1.34
C LEU B 162 -16.98 -38.42 0.72
N ASP B 163 -17.63 -39.58 0.81
CA ASP B 163 -18.96 -39.78 0.25
C ASP B 163 -20.06 -39.15 1.10
N LEU B 164 -19.73 -38.71 2.31
CA LEU B 164 -20.71 -38.08 3.19
C LEU B 164 -20.64 -36.56 3.20
N ALA B 165 -19.53 -35.97 2.75
CA ALA B 165 -19.37 -34.53 2.77
C ALA B 165 -19.59 -33.89 1.40
N SER B 166 -19.27 -34.60 0.33
CA SER B 166 -19.41 -34.03 -1.01
C SER B 166 -19.61 -35.11 -2.06
N PRO B 167 -20.85 -35.47 -2.38
CA PRO B 167 -21.09 -36.42 -3.48
C PRO B 167 -20.61 -35.86 -4.80
N ILE B 168 -20.20 -36.76 -5.69
CA ILE B 168 -19.68 -36.42 -7.01
C ILE B 168 -20.54 -37.09 -8.07
N GLY B 169 -20.96 -36.31 -9.06
CA GLY B 169 -21.76 -36.82 -10.17
C GLY B 169 -21.05 -36.63 -11.50
N ARG B 170 -21.65 -37.19 -12.55
CA ARG B 170 -21.09 -37.10 -13.90
C ARG B 170 -21.27 -35.68 -14.43
N GLY B 171 -20.18 -34.93 -14.51
CA GLY B 171 -20.21 -33.58 -14.99
C GLY B 171 -19.96 -32.50 -13.95
N GLN B 172 -19.38 -32.84 -12.81
CA GLN B 172 -19.16 -31.88 -11.73
C GLN B 172 -17.98 -30.95 -12.03
N ARG B 173 -18.03 -29.77 -11.43
CA ARG B 173 -16.90 -28.85 -11.38
C ARG B 173 -16.47 -28.79 -9.91
N GLY B 174 -15.35 -29.42 -9.60
CA GLY B 174 -14.89 -29.56 -8.24
C GLY B 174 -13.58 -28.85 -7.98
N LEU B 175 -13.41 -28.40 -6.73
CA LEU B 175 -12.21 -27.71 -6.29
C LEU B 175 -11.82 -28.24 -4.92
N ILE B 176 -10.51 -28.47 -4.75
CA ILE B 176 -9.94 -28.91 -3.49
C ILE B 176 -8.99 -27.84 -3.01
N VAL B 177 -9.23 -27.32 -1.80
CA VAL B 177 -8.38 -26.31 -1.19
C VAL B 177 -7.51 -27.01 -0.16
N ALA B 178 -6.20 -27.00 -0.38
CA ALA B 178 -5.26 -27.79 0.42
C ALA B 178 -4.12 -26.92 0.91
N PRO B 179 -3.89 -26.83 2.23
CA PRO B 179 -2.69 -26.18 2.73
C PRO B 179 -1.49 -27.09 2.55
N PRO B 180 -0.27 -26.56 2.67
CA PRO B 180 0.92 -27.41 2.49
C PRO B 180 1.01 -28.49 3.56
N LYS B 181 1.58 -29.63 3.17
CA LYS B 181 1.75 -30.81 4.02
C LYS B 181 0.43 -31.17 4.73
N ALA B 182 -0.54 -31.55 3.90
CA ALA B 182 -1.86 -31.95 4.37
C ALA B 182 -2.32 -33.31 3.85
N GLY B 183 -1.61 -33.90 2.89
CA GLY B 183 -1.97 -35.21 2.40
C GLY B 183 -2.92 -35.24 1.23
N LYS B 184 -2.70 -34.39 0.22
CA LYS B 184 -3.60 -34.35 -0.93
C LYS B 184 -3.24 -35.38 -1.99
N THR B 185 -1.96 -35.77 -2.08
CA THR B 185 -1.56 -36.76 -3.07
C THR B 185 -2.21 -38.11 -2.79
N MET B 186 -2.24 -38.52 -1.51
CA MET B 186 -2.90 -39.77 -1.16
C MET B 186 -4.40 -39.70 -1.44
N LEU B 187 -5.02 -38.54 -1.22
CA LEU B 187 -6.43 -38.38 -1.53
C LEU B 187 -6.70 -38.54 -3.02
N LEU B 188 -5.84 -37.93 -3.85
CA LEU B 188 -5.98 -38.08 -5.29
C LEU B 188 -5.80 -39.53 -5.73
N GLN B 189 -4.80 -40.22 -5.15
CA GLN B 189 -4.59 -41.62 -5.48
C GLN B 189 -5.78 -42.49 -5.07
N ASN B 190 -6.35 -42.21 -3.90
CA ASN B 190 -7.53 -42.96 -3.46
C ASN B 190 -8.71 -42.73 -4.39
N ILE B 191 -8.92 -41.48 -4.81
CA ILE B 191 -10.01 -41.18 -5.74
C ILE B 191 -9.79 -41.92 -7.06
N ALA B 192 -8.55 -41.92 -7.55
CA ALA B 192 -8.24 -42.62 -8.80
C ALA B 192 -8.51 -44.12 -8.67
N GLN B 193 -8.09 -44.72 -7.55
CA GLN B 193 -8.36 -46.15 -7.34
C GLN B 193 -9.85 -46.43 -7.31
N SER B 194 -10.61 -45.61 -6.59
CA SER B 194 -12.05 -45.84 -6.47
C SER B 194 -12.72 -45.73 -7.84
N ILE B 195 -12.33 -44.72 -8.64
CA ILE B 195 -12.92 -44.55 -9.96
C ILE B 195 -12.57 -45.74 -10.85
N ALA B 196 -11.30 -46.17 -10.82
CA ALA B 196 -10.86 -47.26 -11.67
C ALA B 196 -11.47 -48.59 -11.26
N TYR B 197 -11.89 -48.74 -10.01
CA TYR B 197 -12.49 -50.00 -9.58
C TYR B 197 -14.00 -50.01 -9.81
N ASN B 198 -14.69 -48.94 -9.38
CA ASN B 198 -16.15 -48.95 -9.41
C ASN B 198 -16.73 -48.76 -10.80
N HIS B 199 -16.13 -47.89 -11.62
CA HIS B 199 -16.68 -47.51 -12.92
C HIS B 199 -15.63 -47.74 -14.01
N PRO B 200 -15.58 -48.94 -14.58
CA PRO B 200 -14.60 -49.23 -15.64
C PRO B 200 -15.00 -48.71 -17.01
N ASP B 201 -16.17 -48.08 -17.15
CA ASP B 201 -16.63 -47.56 -18.43
C ASP B 201 -16.24 -46.11 -18.66
N CYS B 202 -15.51 -45.49 -17.74
CA CYS B 202 -15.14 -44.08 -17.83
C CYS B 202 -13.67 -43.96 -18.20
N VAL B 203 -13.38 -42.99 -19.08
CA VAL B 203 -12.00 -42.72 -19.48
C VAL B 203 -11.38 -41.78 -18.45
N LEU B 204 -10.24 -42.17 -17.91
CA LEU B 204 -9.58 -41.42 -16.84
C LEU B 204 -8.26 -40.84 -17.33
N MET B 205 -8.05 -39.56 -17.03
CA MET B 205 -6.81 -38.86 -17.35
C MET B 205 -6.30 -38.13 -16.11
N VAL B 206 -4.99 -38.15 -15.92
CA VAL B 206 -4.33 -37.49 -14.80
C VAL B 206 -3.33 -36.50 -15.35
N LEU B 207 -3.36 -35.28 -14.85
CA LEU B 207 -2.52 -34.18 -15.34
C LEU B 207 -1.70 -33.60 -14.21
N LEU B 208 -0.39 -33.55 -14.40
CA LEU B 208 0.54 -32.94 -13.46
C LEU B 208 1.37 -31.88 -14.18
N ILE B 209 1.61 -30.75 -13.53
CA ILE B 209 2.15 -29.56 -14.17
C ILE B 209 3.62 -29.34 -13.83
N ASP B 210 3.92 -29.20 -12.55
CA ASP B 210 5.27 -28.85 -12.09
C ASP B 210 5.78 -29.87 -11.08
N GLU B 211 5.64 -31.15 -11.40
CA GLU B 211 5.93 -32.24 -10.49
C GLU B 211 7.38 -32.70 -10.62
N ARG B 212 7.89 -33.29 -9.53
CA ARG B 212 9.21 -33.87 -9.48
C ARG B 212 9.20 -35.25 -10.14
N PRO B 213 10.33 -35.68 -10.73
CA PRO B 213 10.33 -36.94 -11.49
C PRO B 213 9.97 -38.17 -10.68
N GLU B 214 10.36 -38.23 -9.40
CA GLU B 214 10.05 -39.39 -8.59
C GLU B 214 8.54 -39.55 -8.40
N GLU B 215 7.84 -38.45 -8.16
CA GLU B 215 6.39 -38.49 -8.06
C GLU B 215 5.77 -38.90 -9.39
N VAL B 216 6.35 -38.46 -10.51
CA VAL B 216 5.84 -38.87 -11.82
C VAL B 216 5.95 -40.37 -12.00
N THR B 217 7.10 -40.94 -11.63
CA THR B 217 7.28 -42.39 -11.74
C THR B 217 6.31 -43.13 -10.82
N GLU B 218 6.14 -42.63 -9.59
CA GLU B 218 5.21 -43.25 -8.65
C GLU B 218 3.79 -43.26 -9.21
N MET B 219 3.32 -42.11 -9.69
CA MET B 219 1.96 -42.03 -10.22
C MET B 219 1.79 -42.88 -11.47
N GLN B 220 2.81 -42.91 -12.33
CA GLN B 220 2.74 -43.73 -13.53
C GLN B 220 2.66 -45.21 -13.20
N ARG B 221 3.43 -45.65 -12.20
CA ARG B 221 3.38 -47.05 -11.79
C ARG B 221 2.11 -47.39 -11.03
N LEU B 222 1.46 -46.41 -10.41
CA LEU B 222 0.33 -46.66 -9.54
C LEU B 222 -1.01 -46.61 -10.26
N VAL B 223 -1.29 -45.52 -10.98
CA VAL B 223 -2.61 -45.29 -11.55
C VAL B 223 -2.81 -46.16 -12.79
N LYS B 224 -3.99 -46.78 -12.89
CA LYS B 224 -4.39 -47.54 -14.07
C LYS B 224 -5.15 -46.58 -14.99
N GLY B 225 -4.54 -46.23 -16.11
CA GLY B 225 -5.14 -45.30 -17.04
C GLY B 225 -4.13 -44.52 -17.85
N GLU B 226 -4.31 -43.20 -17.93
CA GLU B 226 -3.42 -42.32 -18.66
C GLU B 226 -2.82 -41.30 -17.70
N VAL B 227 -1.49 -41.19 -17.73
CA VAL B 227 -0.77 -40.21 -16.91
C VAL B 227 0.07 -39.35 -17.84
N VAL B 228 -0.16 -38.04 -17.81
CA VAL B 228 0.58 -37.07 -18.60
C VAL B 228 1.13 -36.01 -17.64
N ALA B 229 2.44 -35.78 -17.70
CA ALA B 229 3.10 -34.96 -16.69
C ALA B 229 4.14 -34.05 -17.33
N SER B 230 4.47 -32.99 -16.60
CA SER B 230 5.56 -32.08 -16.94
C SER B 230 6.34 -31.78 -15.68
N THR B 231 7.65 -31.58 -15.84
CA THR B 231 8.54 -31.33 -14.72
C THR B 231 8.95 -29.87 -14.67
N PHE B 232 9.55 -29.47 -13.55
CA PHE B 232 9.97 -28.09 -13.36
C PHE B 232 11.26 -27.74 -14.08
N ASP B 233 11.89 -28.71 -14.75
CA ASP B 233 13.09 -28.43 -15.52
C ASP B 233 12.79 -27.93 -16.93
N GLU B 234 11.49 -27.78 -17.28
CA GLU B 234 11.10 -27.45 -18.64
C GLU B 234 10.49 -26.05 -18.71
N PRO B 235 10.53 -25.43 -19.90
CA PRO B 235 9.88 -24.12 -20.08
C PRO B 235 8.38 -24.18 -19.81
N ALA B 236 7.77 -22.99 -19.74
CA ALA B 236 6.34 -22.91 -19.49
C ALA B 236 5.51 -23.26 -20.73
N SER B 237 6.06 -23.01 -21.92
CA SER B 237 5.36 -23.38 -23.14
C SER B 237 5.08 -24.87 -23.19
N ARG B 238 5.95 -25.68 -22.55
CA ARG B 238 5.70 -27.11 -22.45
C ARG B 238 4.43 -27.39 -21.65
N HIS B 239 4.27 -26.71 -20.50
CA HIS B 239 3.07 -26.88 -19.70
C HIS B 239 1.83 -26.46 -20.49
N VAL B 240 1.92 -25.33 -21.18
CA VAL B 240 0.78 -24.84 -21.97
C VAL B 240 0.41 -25.85 -23.04
N GLN B 241 1.41 -26.37 -23.77
CA GLN B 241 1.15 -27.35 -24.82
C GLN B 241 0.48 -28.60 -24.25
N VAL B 242 0.99 -29.10 -23.12
CA VAL B 242 0.42 -30.31 -22.54
C VAL B 242 -1.04 -30.09 -22.14
N ALA B 243 -1.32 -28.97 -21.48
CA ALA B 243 -2.68 -28.71 -21.04
C ALA B 243 -3.64 -28.59 -22.21
N GLU B 244 -3.24 -27.84 -23.26
CA GLU B 244 -4.12 -27.67 -24.40
C GLU B 244 -4.34 -28.99 -25.14
N MET B 245 -3.29 -29.81 -25.27
CA MET B 245 -3.45 -31.11 -25.91
C MET B 245 -4.45 -31.97 -25.15
N VAL B 246 -4.34 -31.99 -23.81
CA VAL B 246 -5.24 -32.80 -23.00
C VAL B 246 -6.68 -32.32 -23.16
N ILE B 247 -6.90 -31.00 -23.11
CA ILE B 247 -8.28 -30.51 -23.17
C ILE B 247 -8.88 -30.76 -24.55
N GLU B 248 -8.10 -30.62 -25.62
CA GLU B 248 -8.64 -30.86 -26.96
C GLU B 248 -8.97 -32.34 -27.14
N LYS B 249 -8.10 -33.24 -26.67
CA LYS B 249 -8.41 -34.66 -26.77
C LYS B 249 -9.67 -35.00 -25.98
N ALA B 250 -9.81 -34.41 -24.78
CA ALA B 250 -11.00 -34.67 -23.97
C ALA B 250 -12.27 -34.22 -24.70
N LYS B 251 -12.24 -33.03 -25.31
CA LYS B 251 -13.42 -32.56 -26.05
C LYS B 251 -13.74 -33.48 -27.23
N ARG B 252 -12.71 -33.91 -27.98
CA ARG B 252 -12.95 -34.82 -29.08
C ARG B 252 -13.56 -36.14 -28.61
N LEU B 253 -13.12 -36.64 -27.46
CA LEU B 253 -13.68 -37.89 -26.94
C LEU B 253 -15.13 -37.70 -26.50
N VAL B 254 -15.42 -36.59 -25.80
CA VAL B 254 -16.80 -36.32 -25.39
C VAL B 254 -17.72 -36.16 -26.59
N GLU B 255 -17.19 -35.72 -27.73
CA GLU B 255 -18.01 -35.56 -28.92
C GLU B 255 -18.68 -36.85 -29.37
N HIS B 256 -18.16 -38.01 -28.98
CA HIS B 256 -18.72 -39.30 -29.36
C HIS B 256 -19.57 -39.93 -28.26
N LYS B 257 -20.21 -39.11 -27.42
CA LYS B 257 -21.11 -39.58 -26.36
C LYS B 257 -20.38 -40.50 -25.37
N LYS B 258 -19.21 -40.07 -24.91
CA LYS B 258 -18.45 -40.78 -23.89
C LYS B 258 -18.41 -39.96 -22.61
N ASP B 259 -17.96 -40.61 -21.54
CA ASP B 259 -17.79 -39.97 -20.23
C ASP B 259 -16.31 -39.88 -19.92
N VAL B 260 -15.84 -38.65 -19.64
CA VAL B 260 -14.42 -38.39 -19.45
C VAL B 260 -14.20 -37.73 -18.10
N ILE B 261 -13.16 -38.17 -17.40
CA ILE B 261 -12.81 -37.68 -16.08
C ILE B 261 -11.37 -37.14 -16.13
N ILE B 262 -11.15 -35.95 -15.58
CA ILE B 262 -9.83 -35.33 -15.56
C ILE B 262 -9.50 -34.96 -14.11
N LEU B 263 -8.30 -35.35 -13.68
CA LEU B 263 -7.80 -35.04 -12.34
C LEU B 263 -6.61 -34.11 -12.50
N LEU B 264 -6.87 -32.80 -12.47
CA LEU B 264 -5.83 -31.79 -12.59
C LEU B 264 -5.23 -31.50 -11.22
N ASP B 265 -3.92 -31.25 -11.20
CA ASP B 265 -3.20 -30.90 -9.99
C ASP B 265 -2.57 -29.53 -10.17
N SER B 266 -2.75 -28.65 -9.16
CA SER B 266 -2.14 -27.34 -9.12
C SER B 266 -2.53 -26.48 -10.33
N ILE B 267 -3.82 -26.16 -10.38
CA ILE B 267 -4.33 -25.19 -11.35
C ILE B 267 -3.60 -23.85 -11.21
N THR B 268 -3.15 -23.53 -9.99
CA THR B 268 -2.41 -22.30 -9.77
C THR B 268 -1.09 -22.29 -10.55
N ARG B 269 -0.43 -23.44 -10.63
CA ARG B 269 0.80 -23.52 -11.40
C ARG B 269 0.54 -23.27 -12.89
N LEU B 270 -0.55 -23.82 -13.40
CA LEU B 270 -0.93 -23.56 -14.79
C LEU B 270 -1.22 -22.09 -15.01
N ALA B 271 -1.90 -21.45 -14.04
CA ALA B 271 -2.16 -20.02 -14.14
C ALA B 271 -0.86 -19.22 -14.15
N ARG B 272 0.10 -19.60 -13.31
CA ARG B 272 1.41 -18.93 -13.30
C ARG B 272 2.13 -19.11 -14.64
N ALA B 273 2.09 -20.31 -15.21
CA ALA B 273 2.71 -20.55 -16.50
C ALA B 273 2.07 -19.69 -17.59
N TYR B 274 0.74 -19.60 -17.58
CA TYR B 274 0.05 -18.76 -18.54
C TYR B 274 0.42 -17.29 -18.36
N ASN B 275 0.53 -16.84 -17.10
CA ASN B 275 0.94 -15.47 -16.85
C ASN B 275 2.34 -15.20 -17.37
N THR B 276 3.24 -16.17 -17.22
CA THR B 276 4.60 -16.00 -17.73
C THR B 276 4.62 -15.95 -19.26
N VAL B 277 3.90 -16.86 -19.91
CA VAL B 277 4.02 -16.99 -21.37
C VAL B 277 3.29 -15.87 -22.08
N VAL B 278 2.07 -15.55 -21.64
CA VAL B 278 1.20 -14.65 -22.40
C VAL B 278 1.81 -13.24 -22.42
N PRO B 279 1.92 -12.60 -23.59
CA PRO B 279 2.50 -11.25 -23.64
C PRO B 279 1.65 -10.24 -22.91
N ALA B 280 2.31 -9.21 -22.39
CA ALA B 280 1.64 -8.13 -21.68
C ALA B 280 1.33 -6.97 -22.61
N VAL B 284 -2.43 -3.43 -17.20
CA VAL B 284 -3.03 -3.36 -15.87
C VAL B 284 -2.54 -4.51 -15.01
N LEU B 285 -1.96 -4.17 -13.86
CA LEU B 285 -1.47 -5.16 -12.91
C LEU B 285 -2.29 -5.08 -11.62
N THR B 286 -2.59 -6.25 -11.05
CA THR B 286 -3.44 -6.34 -9.87
C THR B 286 -2.68 -6.84 -8.64
N GLY B 287 -1.35 -6.84 -8.69
CA GLY B 287 -0.56 -7.34 -7.58
C GLY B 287 0.52 -8.30 -8.00
N GLY B 288 0.76 -8.40 -9.30
CA GLY B 288 1.76 -9.31 -9.83
C GLY B 288 1.25 -10.14 -10.98
N VAL B 289 -0.06 -10.28 -11.09
CA VAL B 289 -0.70 -11.09 -12.12
C VAL B 289 -1.37 -10.16 -13.12
N ASP B 290 -1.09 -10.37 -14.40
CA ASP B 290 -1.79 -9.65 -15.46
C ASP B 290 -3.22 -10.17 -15.57
N ALA B 291 -4.16 -9.25 -15.83
CA ALA B 291 -5.57 -9.64 -15.94
C ALA B 291 -5.79 -10.54 -17.15
N ASN B 292 -5.31 -10.12 -18.32
CA ASN B 292 -5.50 -10.89 -19.54
C ASN B 292 -4.86 -12.27 -19.49
N ALA B 293 -3.93 -12.49 -18.56
CA ALA B 293 -3.30 -13.80 -18.43
C ALA B 293 -4.27 -14.83 -17.86
N LEU B 294 -5.35 -14.37 -17.20
CA LEU B 294 -6.27 -15.30 -16.55
C LEU B 294 -7.37 -15.80 -17.49
N HIS B 295 -7.38 -15.36 -18.74
CA HIS B 295 -8.45 -15.75 -19.66
C HIS B 295 -8.37 -17.23 -20.02
N ARG B 296 -7.19 -17.71 -20.36
CA ARG B 296 -7.02 -19.07 -20.86
C ARG B 296 -7.20 -20.15 -19.79
N PRO B 297 -6.72 -19.96 -18.55
CA PRO B 297 -7.01 -20.96 -17.52
C PRO B 297 -8.50 -21.17 -17.27
N LYS B 298 -9.26 -20.07 -17.11
CA LYS B 298 -10.70 -20.19 -16.83
C LYS B 298 -11.39 -21.04 -17.88
N ARG B 299 -11.08 -20.80 -19.17
CA ARG B 299 -11.65 -21.60 -20.24
C ARG B 299 -11.50 -23.10 -19.95
N PHE B 300 -10.27 -23.51 -19.60
CA PHE B 300 -10.04 -24.88 -19.17
C PHE B 300 -11.08 -25.31 -18.13
N PHE B 301 -11.12 -24.61 -17.00
CA PHE B 301 -12.04 -24.98 -15.93
C PHE B 301 -13.48 -24.87 -16.39
N GLY B 302 -13.76 -24.02 -17.37
CA GLY B 302 -15.10 -23.86 -17.86
C GLY B 302 -15.58 -24.92 -18.81
N ALA B 303 -14.72 -25.89 -19.17
CA ALA B 303 -15.13 -26.89 -20.14
C ALA B 303 -15.99 -27.99 -19.53
N ALA B 304 -16.06 -28.08 -18.20
CA ALA B 304 -16.79 -29.16 -17.56
C ALA B 304 -18.29 -28.93 -17.63
N ARG B 305 -19.03 -29.94 -18.06
CA ARG B 305 -20.48 -29.85 -18.19
C ARG B 305 -21.04 -31.26 -18.39
N ASN B 306 -22.36 -31.37 -18.26
CA ASN B 306 -23.10 -32.59 -18.58
C ASN B 306 -23.95 -32.31 -19.80
N VAL B 307 -23.84 -33.17 -20.81
CA VAL B 307 -24.43 -32.91 -22.11
C VAL B 307 -25.82 -33.56 -22.18
N GLU B 308 -26.80 -32.79 -22.65
CA GLU B 308 -28.14 -33.31 -22.83
C GLU B 308 -28.20 -34.37 -23.93
N GLU B 309 -27.42 -34.18 -25.00
CA GLU B 309 -27.40 -35.12 -26.12
C GLU B 309 -26.67 -36.42 -25.79
N GLY B 310 -25.96 -36.50 -24.67
CA GLY B 310 -25.25 -37.72 -24.33
C GLY B 310 -23.75 -37.45 -24.18
N GLY B 311 -23.22 -37.89 -23.05
CA GLY B 311 -21.82 -37.69 -22.72
C GLY B 311 -21.64 -36.71 -21.58
N SER B 312 -20.46 -36.78 -20.95
CA SER B 312 -20.15 -35.90 -19.84
C SER B 312 -18.65 -35.72 -19.73
N LEU B 313 -18.25 -34.55 -19.23
CA LEU B 313 -16.87 -34.25 -18.90
C LEU B 313 -16.83 -33.71 -17.48
N THR B 314 -16.04 -34.33 -16.62
CA THR B 314 -15.89 -33.87 -15.24
C THR B 314 -14.42 -33.60 -14.94
N ILE B 315 -14.17 -32.53 -14.19
CA ILE B 315 -12.83 -32.06 -13.88
C ILE B 315 -12.73 -31.81 -12.39
N ILE B 316 -11.72 -32.40 -11.74
CA ILE B 316 -11.44 -32.15 -10.33
C ILE B 316 -10.04 -31.56 -10.24
N ALA B 317 -9.91 -30.39 -9.61
CA ALA B 317 -8.65 -29.67 -9.54
C ALA B 317 -8.38 -29.22 -8.11
N THR B 318 -7.11 -28.98 -7.82
CA THR B 318 -6.65 -28.56 -6.51
C THR B 318 -6.05 -27.16 -6.57
N ALA B 319 -6.31 -26.36 -5.54
CA ALA B 319 -5.81 -25.00 -5.45
C ALA B 319 -4.91 -24.87 -4.22
N LEU B 320 -3.75 -24.26 -4.41
CA LEU B 320 -2.78 -24.12 -3.32
C LEU B 320 -3.06 -22.87 -2.49
N ILE B 321 -2.94 -23.01 -1.18
CA ILE B 321 -3.26 -21.93 -0.24
C ILE B 321 -2.20 -21.90 0.86
N ASP B 322 -2.00 -20.72 1.43
CA ASP B 322 -1.10 -20.52 2.57
C ASP B 322 0.34 -20.87 2.23
N THR B 323 0.78 -20.53 1.02
CA THR B 323 2.16 -20.77 0.61
C THR B 323 3.10 -19.61 0.90
N GLY B 324 2.58 -18.50 1.44
CA GLY B 324 3.42 -17.35 1.69
C GLY B 324 3.65 -16.46 0.48
N SER B 325 2.77 -16.51 -0.50
CA SER B 325 2.89 -15.70 -1.71
C SER B 325 1.59 -14.95 -1.96
N LYS B 326 1.70 -13.68 -2.36
CA LYS B 326 0.52 -12.88 -2.63
C LYS B 326 -0.14 -13.27 -3.94
N MET B 327 0.66 -13.63 -4.95
CA MET B 327 0.12 -13.97 -6.26
C MET B 327 -0.76 -15.20 -6.20
N ASP B 328 -0.36 -16.20 -5.41
CA ASP B 328 -1.20 -17.38 -5.23
C ASP B 328 -2.52 -17.02 -4.57
N GLU B 329 -2.49 -16.09 -3.61
CA GLU B 329 -3.72 -15.64 -2.98
C GLU B 329 -4.63 -14.94 -3.99
N VAL B 330 -4.06 -14.10 -4.85
CA VAL B 330 -4.87 -13.45 -5.88
C VAL B 330 -5.48 -14.48 -6.83
N ILE B 331 -4.69 -15.48 -7.23
CA ILE B 331 -5.19 -16.50 -8.14
C ILE B 331 -6.34 -17.27 -7.49
N TYR B 332 -6.21 -17.59 -6.19
CA TYR B 332 -7.30 -18.27 -5.49
C TYR B 332 -8.53 -17.38 -5.41
N GLU B 333 -8.33 -16.08 -5.17
CA GLU B 333 -9.47 -15.17 -5.09
C GLU B 333 -10.20 -15.07 -6.42
N GLU B 334 -9.47 -15.24 -7.53
CA GLU B 334 -10.09 -15.11 -8.85
C GLU B 334 -10.99 -16.30 -9.19
N PHE B 335 -10.73 -17.48 -8.64
CA PHE B 335 -11.48 -18.68 -8.97
C PHE B 335 -12.58 -19.02 -7.97
N LYS B 336 -12.91 -18.10 -7.06
CA LYS B 336 -13.93 -18.39 -6.06
C LYS B 336 -15.32 -18.21 -6.65
N GLY B 337 -16.16 -19.24 -6.50
CA GLY B 337 -17.52 -19.22 -6.99
C GLY B 337 -17.73 -19.88 -8.33
N THR B 338 -16.65 -20.25 -9.03
CA THR B 338 -16.79 -20.83 -10.35
C THR B 338 -17.26 -22.27 -10.29
N GLY B 339 -16.79 -23.05 -9.30
CA GLY B 339 -17.13 -24.45 -9.21
C GLY B 339 -18.40 -24.71 -8.41
N ASN B 340 -18.92 -25.93 -8.59
CA ASN B 340 -20.12 -26.36 -7.87
C ASN B 340 -19.85 -27.48 -6.89
N MET B 341 -18.58 -27.76 -6.56
CA MET B 341 -18.24 -28.71 -5.52
C MET B 341 -16.95 -28.26 -4.87
N GLU B 342 -16.88 -28.31 -3.54
CA GLU B 342 -15.73 -27.81 -2.80
C GLU B 342 -15.34 -28.77 -1.70
N LEU B 343 -14.04 -28.98 -1.52
CA LEU B 343 -13.50 -29.81 -0.45
C LEU B 343 -12.32 -29.10 0.20
N HIS B 344 -12.42 -28.83 1.49
CA HIS B 344 -11.41 -28.09 2.24
C HIS B 344 -10.58 -29.04 3.09
N LEU B 345 -9.29 -28.76 3.19
CA LEU B 345 -8.37 -29.50 4.04
C LEU B 345 -7.82 -28.58 5.12
N SER B 346 -7.43 -29.17 6.26
CA SER B 346 -7.00 -28.42 7.42
C SER B 346 -5.59 -28.86 7.84
N ARG B 347 -4.72 -27.87 8.05
CA ARG B 347 -3.37 -28.17 8.53
C ARG B 347 -3.39 -28.57 10.00
N LYS B 348 -4.32 -28.02 10.78
CA LYS B 348 -4.39 -28.31 12.21
C LYS B 348 -4.65 -29.79 12.45
N ILE B 349 -5.58 -30.38 11.68
CA ILE B 349 -5.87 -31.81 11.85
C ILE B 349 -4.68 -32.65 11.42
N ALA B 350 -3.97 -32.23 10.38
CA ALA B 350 -2.79 -32.97 9.95
C ALA B 350 -1.65 -32.85 10.94
N GLU B 351 -1.65 -31.81 11.77
CA GLU B 351 -0.64 -31.71 12.83
C GLU B 351 -0.80 -32.81 13.86
N LYS B 352 -2.04 -33.20 14.16
CA LYS B 352 -2.31 -34.27 15.10
C LYS B 352 -2.14 -35.65 14.46
N ARG B 353 -1.73 -35.70 13.19
CA ARG B 353 -1.37 -36.91 12.47
C ARG B 353 -2.59 -37.76 12.13
N VAL B 354 -3.79 -37.22 12.31
CA VAL B 354 -4.98 -37.87 11.76
C VAL B 354 -4.91 -37.80 10.24
N PHE B 355 -5.09 -38.96 9.58
CA PHE B 355 -4.79 -39.04 8.15
C PHE B 355 -5.74 -38.19 7.32
N PRO B 356 -7.07 -38.41 7.34
CA PRO B 356 -7.93 -37.55 6.53
C PRO B 356 -8.16 -36.20 7.21
N ALA B 357 -7.51 -35.17 6.69
CA ALA B 357 -7.63 -33.83 7.27
C ALA B 357 -8.74 -33.02 6.62
N ILE B 358 -9.94 -33.57 6.62
CA ILE B 358 -11.09 -32.95 5.97
C ILE B 358 -11.82 -32.05 6.98
N ASP B 359 -12.07 -30.81 6.59
CA ASP B 359 -12.88 -29.89 7.40
C ASP B 359 -14.33 -30.11 6.99
N TYR B 360 -15.06 -30.83 7.83
CA TYR B 360 -16.41 -31.26 7.48
C TYR B 360 -17.39 -30.09 7.42
N ASN B 361 -17.14 -29.03 8.19
CA ASN B 361 -18.11 -27.95 8.30
C ASN B 361 -18.11 -27.03 7.08
N ARG B 362 -17.05 -27.06 6.27
CA ARG B 362 -16.99 -26.20 5.09
C ARG B 362 -17.17 -26.96 3.78
N SER B 363 -17.23 -28.28 3.82
CA SER B 363 -17.34 -29.06 2.60
C SER B 363 -18.79 -29.32 2.25
N GLY B 364 -19.09 -29.19 0.96
CA GLY B 364 -20.43 -29.44 0.47
C GLY B 364 -20.50 -29.28 -1.04
N THR B 365 -21.57 -29.84 -1.60
CA THR B 365 -21.83 -29.76 -3.03
C THR B 365 -23.15 -29.04 -3.29
N ARG B 366 -23.23 -28.37 -4.43
CA ARG B 366 -24.44 -27.65 -4.79
C ARG B 366 -25.47 -28.58 -5.39
N LYS B 367 -26.72 -28.44 -4.94
CA LYS B 367 -27.87 -29.16 -5.49
C LYS B 367 -27.67 -30.67 -5.40
N GLU B 368 -27.38 -31.14 -4.18
CA GLU B 368 -27.24 -32.57 -3.93
C GLU B 368 -28.59 -33.30 -3.92
N GLU B 369 -29.69 -32.58 -4.03
CA GLU B 369 -31.01 -33.20 -4.07
C GLU B 369 -31.14 -34.19 -5.22
N LEU B 370 -30.54 -33.88 -6.37
CA LEU B 370 -30.67 -34.70 -7.56
C LEU B 370 -29.65 -35.82 -7.65
N LEU B 371 -28.79 -35.97 -6.64
CA LEU B 371 -27.78 -37.02 -6.63
C LEU B 371 -28.06 -38.14 -5.63
N THR B 372 -28.94 -37.91 -4.66
CA THR B 372 -29.21 -38.89 -3.61
C THR B 372 -30.70 -39.16 -3.53
N THR B 373 -31.06 -40.15 -2.71
CA THR B 373 -32.46 -40.48 -2.47
C THR B 373 -32.98 -39.70 -1.27
N GLN B 374 -34.31 -39.73 -1.11
CA GLN B 374 -34.95 -39.00 -0.02
C GLN B 374 -34.46 -39.49 1.34
N GLU B 375 -34.46 -40.81 1.55
CA GLU B 375 -34.01 -41.35 2.83
C GLU B 375 -32.54 -41.02 3.07
N GLU B 376 -31.70 -41.18 2.05
CA GLU B 376 -30.29 -40.84 2.19
C GLU B 376 -30.10 -39.38 2.54
N LEU B 377 -30.85 -38.48 1.87
CA LEU B 377 -30.73 -37.06 2.16
C LEU B 377 -31.15 -36.75 3.59
N GLN B 378 -32.23 -37.37 4.06
CA GLN B 378 -32.66 -37.14 5.44
C GLN B 378 -31.63 -37.64 6.45
N LYS B 379 -31.03 -38.80 6.18
CA LYS B 379 -30.02 -39.33 7.09
C LYS B 379 -28.78 -38.43 7.14
N MET B 380 -28.34 -37.95 5.98
CA MET B 380 -27.22 -37.01 5.96
C MET B 380 -27.56 -35.70 6.64
N TRP B 381 -28.81 -35.23 6.51
CA TRP B 381 -29.22 -34.02 7.22
C TRP B 381 -29.16 -34.23 8.73
N ILE B 382 -29.60 -35.39 9.20
CA ILE B 382 -29.52 -35.69 10.63
C ILE B 382 -28.07 -35.72 11.09
N LEU B 383 -27.20 -36.36 10.31
CA LEU B 383 -25.79 -36.41 10.66
C LEU B 383 -25.17 -35.02 10.72
N ARG B 384 -25.49 -34.16 9.74
CA ARG B 384 -24.96 -32.80 9.74
C ARG B 384 -25.47 -32.00 10.92
N LYS B 385 -26.75 -32.17 11.27
CA LYS B 385 -27.30 -31.47 12.43
C LYS B 385 -26.61 -31.92 13.71
N ILE B 386 -26.32 -33.21 13.83
CA ILE B 386 -25.65 -33.70 15.03
C ILE B 386 -24.20 -33.21 15.10
N ILE B 387 -23.51 -33.16 13.95
CA ILE B 387 -22.09 -32.85 13.97
C ILE B 387 -21.81 -31.35 14.06
N HIS B 388 -22.76 -30.51 13.66
CA HIS B 388 -22.54 -29.06 13.56
C HIS B 388 -21.97 -28.42 14.82
N PRO B 389 -22.48 -28.67 16.04
CA PRO B 389 -21.91 -27.98 17.21
C PRO B 389 -20.49 -28.39 17.53
N MET B 390 -20.00 -29.51 17.01
CA MET B 390 -18.69 -30.02 17.39
C MET B 390 -17.57 -29.10 16.88
N GLY B 391 -16.35 -29.40 17.34
CA GLY B 391 -15.18 -28.68 16.90
C GLY B 391 -14.56 -29.29 15.67
N GLU B 392 -13.51 -28.63 15.18
CA GLU B 392 -12.85 -29.06 13.95
C GLU B 392 -12.10 -30.38 14.17
N ILE B 393 -11.29 -30.45 15.22
CA ILE B 393 -10.50 -31.65 15.47
C ILE B 393 -11.38 -32.78 16.00
N ASP B 394 -12.31 -32.45 16.91
CA ASP B 394 -13.11 -33.49 17.56
C ASP B 394 -14.04 -34.20 16.58
N ALA B 395 -14.51 -33.47 15.55
CA ALA B 395 -15.48 -34.07 14.62
C ALA B 395 -14.87 -35.20 13.81
N MET B 396 -13.59 -35.10 13.47
CA MET B 396 -12.96 -36.15 12.69
C MET B 396 -12.73 -37.41 13.53
N GLU B 397 -12.29 -37.24 14.78
CA GLU B 397 -12.16 -38.38 15.68
C GLU B 397 -13.51 -39.02 15.99
N PHE B 398 -14.57 -38.22 16.12
CA PHE B 398 -15.90 -38.79 16.33
C PHE B 398 -16.33 -39.61 15.13
N LEU B 399 -16.08 -39.12 13.91
CA LEU B 399 -16.50 -39.83 12.72
C LEU B 399 -15.72 -41.12 12.53
N ILE B 400 -14.38 -41.03 12.59
CA ILE B 400 -13.54 -42.18 12.28
C ILE B 400 -13.83 -43.35 13.22
N ASN B 401 -14.11 -43.06 14.49
CA ASN B 401 -14.50 -44.11 15.41
C ASN B 401 -15.78 -44.80 14.95
N LYS B 402 -16.75 -44.03 14.46
CA LYS B 402 -18.03 -44.60 14.06
C LYS B 402 -17.93 -45.41 12.77
N LEU B 403 -17.22 -44.91 11.75
CA LEU B 403 -17.10 -45.67 10.51
C LEU B 403 -16.36 -46.99 10.69
N ALA B 404 -15.51 -47.11 11.71
CA ALA B 404 -14.71 -48.32 11.89
C ALA B 404 -15.52 -49.50 12.39
N MET B 405 -16.74 -49.24 12.87
CA MET B 405 -17.61 -50.28 13.49
C MET B 405 -18.29 -51.15 12.43
N THR B 406 -18.90 -50.55 11.40
CA THR B 406 -19.63 -51.35 10.37
C THR B 406 -18.76 -51.56 9.13
N LYS B 407 -19.32 -52.16 8.08
CA LYS B 407 -18.60 -52.45 6.81
C LYS B 407 -18.95 -51.39 5.75
N THR B 408 -20.23 -51.12 5.54
CA THR B 408 -20.68 -50.10 4.55
C THR B 408 -21.25 -48.89 5.30
N ASN B 409 -21.91 -47.96 4.59
CA ASN B 409 -22.49 -46.79 5.28
C ASN B 409 -24.00 -47.00 5.43
N ASP B 410 -24.58 -47.83 4.55
CA ASP B 410 -26.04 -48.11 4.58
C ASP B 410 -26.45 -48.62 5.97
N ASP B 411 -25.67 -49.56 6.52
CA ASP B 411 -25.96 -50.15 7.86
C ASP B 411 -25.33 -49.28 8.95
N PHE B 412 -24.53 -48.29 8.57
CA PHE B 412 -23.88 -47.37 9.56
C PHE B 412 -24.91 -46.40 10.12
N PHE B 413 -25.96 -46.12 9.33
CA PHE B 413 -27.04 -45.20 9.76
C PHE B 413 -28.03 -45.97 10.65
N GLU B 414 -28.13 -47.28 10.42
CA GLU B 414 -29.04 -48.17 11.21
C GLU B 414 -28.41 -48.46 12.58
N MET B 415 -27.09 -48.24 12.71
CA MET B 415 -26.38 -48.48 13.99
C MET B 415 -26.20 -47.15 14.74
N MET B 416 -27.09 -46.19 14.48
CA MET B 416 -27.04 -44.85 15.13
C MET B 416 -28.37 -44.59 15.83
N LYS B 417 -29.42 -45.31 15.44
CA LYS B 417 -30.77 -45.17 16.05
C LYS B 417 -31.02 -46.35 17.00
N MET C 1 -35.11 -17.24 -46.12
CA MET C 1 -36.45 -16.85 -45.72
C MET C 1 -36.40 -15.73 -44.69
N ASN C 2 -36.58 -16.09 -43.42
CA ASN C 2 -36.49 -15.13 -42.32
C ASN C 2 -35.24 -15.42 -41.50
N LEU C 3 -34.45 -14.38 -41.23
CA LEU C 3 -33.28 -14.55 -40.36
C LEU C 3 -33.68 -14.94 -38.95
N THR C 4 -34.76 -14.35 -38.43
CA THR C 4 -35.19 -14.63 -37.07
C THR C 4 -35.59 -16.09 -36.92
N GLU C 5 -36.33 -16.63 -37.90
CA GLU C 5 -36.70 -18.04 -37.84
C GLU C 5 -35.49 -18.95 -38.00
N LEU C 6 -34.50 -18.53 -38.80
CA LEU C 6 -33.28 -19.31 -38.95
C LEU C 6 -32.50 -19.38 -37.65
N LYS C 7 -32.42 -18.26 -36.92
CA LYS C 7 -31.68 -18.24 -35.67
C LYS C 7 -32.37 -19.06 -34.58
N ASN C 8 -33.68 -19.24 -34.67
CA ASN C 8 -34.46 -19.94 -33.66
C ASN C 8 -34.71 -21.40 -34.03
N THR C 9 -33.79 -22.03 -34.75
CA THR C 9 -33.93 -23.40 -35.16
C THR C 9 -32.79 -24.25 -34.59
N PRO C 10 -33.10 -25.43 -34.05
CA PRO C 10 -32.04 -26.31 -33.55
C PRO C 10 -31.07 -26.68 -34.66
N VAL C 11 -29.80 -26.87 -34.28
CA VAL C 11 -28.73 -27.07 -35.26
C VAL C 11 -28.93 -28.36 -36.03
N SER C 12 -29.55 -29.37 -35.42
CA SER C 12 -29.72 -30.65 -36.11
C SER C 12 -30.60 -30.50 -37.35
N GLU C 13 -31.72 -29.78 -37.22
CA GLU C 13 -32.56 -29.50 -38.38
C GLU C 13 -31.87 -28.52 -39.33
N LEU C 14 -31.07 -27.61 -38.79
CA LEU C 14 -30.35 -26.65 -39.62
C LEU C 14 -29.36 -27.34 -40.55
N ILE C 15 -28.76 -28.45 -40.10
CA ILE C 15 -27.82 -29.18 -40.93
C ILE C 15 -28.55 -29.86 -42.09
N THR C 16 -29.68 -30.51 -41.81
CA THR C 16 -30.42 -31.19 -42.86
C THR C 16 -31.08 -30.20 -43.81
N LEU C 17 -31.39 -28.99 -43.34
CA LEU C 17 -31.92 -27.97 -44.24
C LEU C 17 -30.89 -27.54 -45.27
N GLY C 18 -29.61 -27.49 -44.91
CA GLY C 18 -28.57 -27.11 -45.85
C GLY C 18 -28.06 -28.30 -46.66
N GLU C 19 -28.26 -29.51 -46.15
CA GLU C 19 -27.87 -30.69 -46.91
C GLU C 19 -28.77 -30.89 -48.12
N ASN C 20 -30.04 -30.52 -48.00
CA ASN C 20 -30.97 -30.64 -49.12
C ASN C 20 -30.74 -29.59 -50.19
N MET C 21 -29.92 -28.57 -49.91
CA MET C 21 -29.68 -27.47 -50.82
C MET C 21 -28.36 -27.62 -51.59
N GLY C 22 -27.76 -28.81 -51.55
CA GLY C 22 -26.52 -29.05 -52.26
C GLY C 22 -25.26 -28.64 -51.52
N LEU C 23 -25.36 -28.27 -50.24
CA LEU C 23 -24.20 -27.87 -49.46
C LEU C 23 -23.56 -29.09 -48.83
N GLU C 24 -22.22 -29.05 -48.71
CA GLU C 24 -21.47 -30.17 -48.19
C GLU C 24 -21.54 -30.18 -46.66
N ASN C 25 -20.68 -31.00 -46.05
CA ASN C 25 -20.70 -31.21 -44.61
C ASN C 25 -20.53 -29.92 -43.84
N LEU C 26 -21.60 -29.50 -43.15
CA LEU C 26 -21.58 -28.31 -42.31
C LEU C 26 -21.59 -28.66 -40.82
N ALA C 27 -21.40 -29.92 -40.48
CA ALA C 27 -21.57 -30.38 -39.10
C ALA C 27 -20.42 -29.98 -38.18
N ARG C 28 -19.29 -29.53 -38.72
CA ARG C 28 -18.11 -29.25 -37.91
C ARG C 28 -17.80 -27.77 -37.75
N MET C 29 -18.68 -26.89 -38.21
CA MET C 29 -18.52 -25.45 -38.05
C MET C 29 -19.50 -24.92 -37.01
N ARG C 30 -19.32 -23.66 -36.65
CA ARG C 30 -20.16 -23.03 -35.65
C ARG C 30 -21.52 -22.64 -36.24
N LYS C 31 -22.46 -22.30 -35.35
CA LYS C 31 -23.83 -22.05 -35.77
C LYS C 31 -23.93 -20.86 -36.72
N GLN C 32 -23.22 -19.78 -36.41
CA GLN C 32 -23.28 -18.59 -37.25
C GLN C 32 -22.65 -18.84 -38.61
N ASP C 33 -21.61 -19.68 -38.67
CA ASP C 33 -21.03 -20.05 -39.96
C ASP C 33 -22.05 -20.81 -40.81
N ILE C 34 -22.81 -21.70 -40.18
CA ILE C 34 -23.86 -22.43 -40.90
C ILE C 34 -24.92 -21.47 -41.41
N ILE C 35 -25.33 -20.51 -40.57
CA ILE C 35 -26.31 -19.51 -41.00
C ILE C 35 -25.78 -18.72 -42.19
N PHE C 36 -24.53 -18.29 -42.12
CA PHE C 36 -23.94 -17.51 -43.21
C PHE C 36 -23.88 -18.32 -44.50
N ALA C 37 -23.48 -19.60 -44.41
CA ALA C 37 -23.42 -20.43 -45.60
C ALA C 37 -24.80 -20.63 -46.22
N ILE C 38 -25.80 -20.89 -45.38
CA ILE C 38 -27.15 -21.09 -45.89
C ILE C 38 -27.67 -19.82 -46.56
N LEU C 39 -27.43 -18.65 -45.94
CA LEU C 39 -27.84 -17.39 -46.55
C LEU C 39 -27.12 -17.15 -47.87
N LYS C 40 -25.81 -17.44 -47.91
CA LYS C 40 -25.03 -17.19 -49.12
C LYS C 40 -25.48 -18.08 -50.26
N GLN C 41 -25.89 -19.32 -49.96
CA GLN C 41 -26.36 -20.20 -51.01
C GLN C 41 -27.72 -19.75 -51.54
N HIS C 42 -28.64 -19.39 -50.66
CA HIS C 42 -30.00 -19.00 -51.03
C HIS C 42 -30.04 -17.52 -51.45
N ALA C 43 -29.30 -17.21 -52.50
CA ALA C 43 -29.16 -15.85 -52.99
C ALA C 43 -29.60 -15.72 -54.45
N LYS C 44 -30.74 -16.30 -54.79
CA LYS C 44 -31.28 -16.23 -56.15
C LYS C 44 -32.56 -15.41 -56.25
N SER C 45 -33.46 -15.54 -55.28
CA SER C 45 -34.70 -14.78 -55.28
C SER C 45 -34.44 -13.34 -54.86
N GLY C 46 -34.92 -12.38 -55.66
CA GLY C 46 -34.72 -10.98 -55.38
C GLY C 46 -35.41 -10.45 -54.15
N GLU C 47 -36.34 -11.22 -53.58
CA GLU C 47 -37.05 -10.83 -52.36
C GLU C 47 -36.93 -11.93 -51.32
N ASP C 48 -37.73 -11.83 -50.25
CA ASP C 48 -37.87 -12.87 -49.24
C ASP C 48 -36.57 -13.11 -48.47
N ILE C 49 -35.81 -12.05 -48.22
CA ILE C 49 -34.68 -12.08 -47.29
C ILE C 49 -34.91 -10.93 -46.32
N PHE C 50 -35.50 -11.23 -45.17
CA PHE C 50 -35.91 -10.23 -44.20
C PHE C 50 -35.07 -10.35 -42.94
N GLY C 51 -34.76 -9.22 -42.32
CA GLY C 51 -33.92 -9.22 -41.13
C GLY C 51 -34.21 -8.05 -40.24
N ASP C 52 -33.92 -8.23 -38.96
CA ASP C 52 -34.11 -7.20 -37.95
C ASP C 52 -33.06 -7.36 -36.86
N GLY C 53 -32.86 -6.28 -36.10
CA GLY C 53 -31.89 -6.33 -35.02
C GLY C 53 -31.77 -5.01 -34.31
N VAL C 54 -30.93 -5.00 -33.27
CA VAL C 54 -30.67 -3.83 -32.45
C VAL C 54 -29.38 -3.18 -32.93
N LEU C 55 -29.39 -1.85 -33.04
CA LEU C 55 -28.28 -1.12 -33.62
C LEU C 55 -27.18 -0.84 -32.60
N GLU C 56 -25.93 -1.05 -33.02
CA GLU C 56 -24.75 -0.65 -32.25
C GLU C 56 -23.87 0.19 -33.17
N ILE C 57 -23.50 1.39 -32.72
CA ILE C 57 -22.73 2.31 -33.53
C ILE C 57 -21.28 2.30 -33.03
N LEU C 58 -20.34 2.02 -33.94
CA LEU C 58 -18.93 2.04 -33.59
C LEU C 58 -18.39 3.47 -33.69
N GLN C 59 -17.19 3.67 -33.13
CA GLN C 59 -16.62 5.00 -33.07
C GLN C 59 -16.14 5.50 -34.43
N ASP C 60 -16.01 4.62 -35.41
CA ASP C 60 -15.60 5.04 -36.75
C ASP C 60 -16.72 5.70 -37.54
N GLY C 61 -17.97 5.35 -37.25
CA GLY C 61 -19.12 5.97 -37.91
C GLY C 61 -20.14 5.00 -38.46
N PHE C 62 -19.75 3.77 -38.75
CA PHE C 62 -20.65 2.75 -39.28
C PHE C 62 -21.18 1.90 -38.14
N GLY C 63 -22.29 1.21 -38.40
CA GLY C 63 -23.01 0.47 -37.38
C GLY C 63 -23.29 -0.97 -37.78
N PHE C 64 -23.71 -1.74 -36.78
CA PHE C 64 -24.07 -3.13 -36.98
C PHE C 64 -25.40 -3.44 -36.31
N LEU C 65 -26.11 -4.41 -36.85
CA LEU C 65 -27.33 -4.92 -36.25
C LEU C 65 -27.03 -6.24 -35.56
N ARG C 66 -27.40 -6.34 -34.29
CA ARG C 66 -27.11 -7.50 -33.46
C ARG C 66 -28.40 -8.16 -32.98
N SER C 67 -28.28 -9.43 -32.61
CA SER C 67 -29.41 -10.27 -32.23
C SER C 67 -29.31 -10.65 -30.76
N ALA C 68 -30.46 -10.69 -30.09
CA ALA C 68 -30.52 -10.99 -28.67
C ALA C 68 -30.43 -12.48 -28.36
N ASP C 69 -30.61 -13.36 -29.34
CA ASP C 69 -30.53 -14.79 -29.11
C ASP C 69 -29.10 -15.28 -28.88
N SER C 70 -28.10 -14.51 -29.31
CA SER C 70 -26.71 -14.78 -28.98
C SER C 70 -26.17 -13.79 -27.95
N SER C 71 -27.05 -13.03 -27.32
CA SER C 71 -26.69 -11.99 -26.35
C SER C 71 -25.78 -10.94 -26.99
N TYR C 72 -26.16 -10.51 -28.19
CA TYR C 72 -25.48 -9.43 -28.91
C TYR C 72 -23.99 -9.71 -29.09
N LEU C 73 -23.65 -10.96 -29.43
CA LEU C 73 -22.29 -11.35 -29.69
C LEU C 73 -21.95 -11.09 -31.15
N ALA C 74 -20.84 -10.38 -31.38
CA ALA C 74 -20.41 -10.09 -32.74
C ALA C 74 -20.01 -11.36 -33.46
N GLY C 75 -20.36 -11.45 -34.73
CA GLY C 75 -20.11 -12.65 -35.51
C GLY C 75 -20.25 -12.43 -37.00
N PRO C 76 -20.21 -13.51 -37.77
CA PRO C 76 -20.22 -13.39 -39.23
C PRO C 76 -21.59 -13.11 -39.84
N ASP C 77 -22.66 -13.18 -39.06
CA ASP C 77 -24.01 -13.00 -39.60
C ASP C 77 -24.63 -11.66 -39.17
N ASP C 78 -23.80 -10.67 -38.88
CA ASP C 78 -24.32 -9.34 -38.56
C ASP C 78 -24.67 -8.58 -39.83
N ILE C 79 -25.41 -7.49 -39.65
CA ILE C 79 -25.91 -6.68 -40.75
C ILE C 79 -25.25 -5.31 -40.69
N TYR C 80 -24.63 -4.90 -41.79
CA TYR C 80 -23.87 -3.66 -41.86
C TYR C 80 -24.79 -2.48 -42.13
N VAL C 81 -24.52 -1.34 -41.47
CA VAL C 81 -25.28 -0.11 -41.66
C VAL C 81 -24.30 1.02 -41.93
N SER C 82 -24.51 1.73 -43.05
CA SER C 82 -23.63 2.78 -43.52
C SER C 82 -23.92 4.10 -42.79
N PRO C 83 -22.92 4.97 -42.68
CA PRO C 83 -23.16 6.28 -42.03
C PRO C 83 -24.21 7.12 -42.73
N SER C 84 -24.37 6.97 -44.05
CA SER C 84 -25.36 7.77 -44.77
C SER C 84 -26.78 7.47 -44.30
N GLN C 85 -27.09 6.19 -44.07
CA GLN C 85 -28.42 5.85 -43.55
C GLN C 85 -28.60 6.37 -42.13
N ILE C 86 -27.52 6.35 -41.33
CA ILE C 86 -27.60 6.88 -39.97
C ILE C 86 -27.94 8.37 -40.00
N ARG C 87 -27.29 9.12 -40.88
CA ARG C 87 -27.63 10.53 -41.04
C ARG C 87 -29.05 10.70 -41.60
N ARG C 88 -29.46 9.79 -42.48
CA ARG C 88 -30.77 9.90 -43.13
C ARG C 88 -31.90 9.77 -42.11
N PHE C 89 -31.84 8.74 -41.26
CA PHE C 89 -32.97 8.39 -40.41
C PHE C 89 -32.81 8.84 -38.97
N ASN C 90 -31.78 9.64 -38.65
CA ASN C 90 -31.52 10.09 -37.29
C ASN C 90 -31.41 8.91 -36.33
N LEU C 91 -30.60 7.93 -36.72
CA LEU C 91 -30.49 6.68 -35.98
C LEU C 91 -29.63 6.86 -34.74
N ARG C 92 -29.89 6.03 -33.74
CA ARG C 92 -29.17 6.08 -32.46
C ARG C 92 -28.98 4.68 -31.91
N THR C 93 -27.96 4.52 -31.07
CA THR C 93 -27.65 3.23 -30.48
C THR C 93 -28.80 2.76 -29.59
N GLY C 94 -29.19 1.50 -29.75
CA GLY C 94 -30.29 0.92 -29.01
C GLY C 94 -31.58 0.81 -29.78
N ASP C 95 -31.64 1.34 -30.99
CA ASP C 95 -32.87 1.31 -31.79
C ASP C 95 -33.03 -0.06 -32.45
N THR C 96 -34.25 -0.59 -32.40
CA THR C 96 -34.59 -1.82 -33.10
C THR C 96 -35.06 -1.49 -34.51
N ILE C 97 -34.48 -2.17 -35.49
CA ILE C 97 -34.70 -1.85 -36.90
C ILE C 97 -35.05 -3.14 -37.63
N SER C 98 -36.11 -3.10 -38.45
CA SER C 98 -36.52 -4.22 -39.28
C SER C 98 -36.53 -3.82 -40.75
N GLY C 99 -36.33 -4.80 -41.63
CA GLY C 99 -36.37 -4.50 -43.05
C GLY C 99 -35.81 -5.63 -43.90
N LYS C 100 -35.27 -5.25 -45.06
CA LYS C 100 -34.77 -6.18 -46.06
C LYS C 100 -33.27 -5.98 -46.24
N ILE C 101 -32.55 -7.08 -46.46
CA ILE C 101 -31.10 -7.05 -46.62
C ILE C 101 -30.73 -7.65 -47.96
N ARG C 102 -29.47 -7.45 -48.35
CA ARG C 102 -28.95 -7.88 -49.64
C ARG C 102 -27.59 -8.54 -49.45
N PRO C 103 -27.21 -9.44 -50.36
CA PRO C 103 -25.92 -10.13 -50.24
C PRO C 103 -24.76 -9.18 -50.48
N PRO C 104 -23.56 -9.52 -50.01
CA PRO C 104 -22.38 -8.67 -50.28
C PRO C 104 -21.93 -8.83 -51.72
N LYS C 105 -21.76 -7.70 -52.41
CA LYS C 105 -21.43 -7.72 -53.83
C LYS C 105 -20.08 -8.36 -54.11
N GLU C 106 -19.01 -7.69 -53.68
CA GLU C 106 -17.64 -8.18 -53.87
C GLU C 106 -16.70 -7.27 -53.08
N GLY C 107 -15.67 -7.87 -52.50
CA GLY C 107 -14.76 -7.12 -51.65
C GLY C 107 -15.32 -6.80 -50.28
N GLU C 108 -16.49 -7.32 -49.94
CA GLU C 108 -17.15 -7.08 -48.66
C GLU C 108 -17.31 -8.39 -47.92
N ARG C 109 -17.61 -8.30 -46.63
CA ARG C 109 -17.71 -9.47 -45.78
C ARG C 109 -19.07 -9.67 -45.13
N TYR C 110 -19.97 -8.69 -45.22
CA TYR C 110 -21.23 -8.72 -44.49
C TYR C 110 -22.40 -8.42 -45.40
N PHE C 111 -23.57 -8.92 -45.03
CA PHE C 111 -24.80 -8.49 -45.67
C PHE C 111 -25.11 -7.04 -45.29
N ALA C 112 -25.83 -6.36 -46.17
CA ALA C 112 -26.13 -4.94 -45.98
C ALA C 112 -27.63 -4.70 -46.06
N LEU C 113 -28.06 -3.58 -45.50
CA LEU C 113 -29.48 -3.25 -45.40
C LEU C 113 -29.96 -2.64 -46.72
N LEU C 114 -31.14 -3.05 -47.16
CA LEU C 114 -31.70 -2.58 -48.42
C LEU C 114 -32.82 -1.57 -48.22
N LYS C 115 -33.81 -1.89 -47.38
CA LYS C 115 -34.96 -1.02 -47.17
C LYS C 115 -35.40 -1.10 -45.73
N VAL C 116 -35.63 0.06 -45.11
CA VAL C 116 -36.08 0.13 -43.73
C VAL C 116 -37.61 0.04 -43.70
N ASN C 117 -38.13 -0.83 -42.85
CA ASN C 117 -39.58 -1.00 -42.71
C ASN C 117 -40.11 -0.45 -41.40
N GLU C 118 -39.49 -0.80 -40.27
CA GLU C 118 -39.93 -0.31 -38.96
C GLU C 118 -38.75 0.05 -38.10
N VAL C 119 -38.89 1.16 -37.38
CA VAL C 119 -37.94 1.59 -36.35
C VAL C 119 -38.71 1.66 -35.04
N ASN C 120 -38.26 0.89 -34.05
CA ASN C 120 -38.90 0.84 -32.73
C ASN C 120 -40.38 0.50 -32.82
N PHE C 121 -40.69 -0.49 -33.69
CA PHE C 121 -42.07 -0.97 -33.94
C PHE C 121 -42.98 0.21 -34.32
N ASP C 122 -42.44 1.17 -35.07
CA ASP C 122 -43.22 2.38 -35.48
C ASP C 122 -42.80 2.79 -36.90
N LYS C 123 -43.56 3.71 -37.51
CA LYS C 123 -43.24 4.19 -38.88
C LYS C 123 -41.97 5.05 -38.83
N PRO C 124 -41.02 4.91 -39.77
CA PRO C 124 -39.77 5.67 -39.76
C PRO C 124 -39.86 7.21 -39.61
N GLU C 125 -40.93 7.82 -40.14
CA GLU C 125 -41.10 9.30 -40.06
C GLU C 125 -41.83 9.70 -38.77
N ASN C 126 -42.20 8.72 -37.94
CA ASN C 126 -42.91 9.01 -36.66
C ASN C 126 -41.94 8.82 -35.49
N ALA C 127 -40.91 7.99 -35.69
CA ALA C 127 -39.92 7.70 -34.63
C ALA C 127 -38.68 8.58 -34.80
N ARG C 128 -38.86 9.81 -35.28
CA ARG C 128 -37.75 10.81 -35.34
C ARG C 128 -38.23 12.13 -34.73
N ASN C 129 -39.37 12.10 -34.05
CA ASN C 129 -39.95 13.32 -33.41
C ASN C 129 -40.20 13.06 -31.93
N LYS C 130 -39.45 12.13 -31.33
CA LYS C 130 -39.59 11.79 -29.89
C LYS C 130 -38.53 12.54 -29.09
N ILE C 131 -38.85 12.95 -27.86
CA ILE C 131 -37.92 13.70 -26.97
C ILE C 131 -36.97 12.71 -26.27
N LEU C 132 -35.73 13.14 -26.02
CA LEU C 132 -34.64 12.35 -25.39
C LEU C 132 -34.92 12.03 -23.92
N PHE C 133 -34.20 11.05 -23.35
CA PHE C 133 -34.34 10.61 -21.93
C PHE C 133 -33.83 11.49 -20.78
N GLU C 134 -32.83 12.34 -21.00
CA GLU C 134 -32.37 13.29 -19.96
C GLU C 134 -33.23 14.53 -20.24
N ASN C 135 -34.32 14.42 -21.01
CA ASN C 135 -35.13 15.63 -21.29
C ASN C 135 -36.47 15.54 -20.55
N LEU C 136 -36.73 14.42 -19.85
CA LEU C 136 -38.00 14.23 -19.11
C LEU C 136 -37.77 14.48 -17.61
N THR C 137 -38.85 14.68 -16.84
CA THR C 137 -38.73 14.96 -15.37
C THR C 137 -39.16 13.74 -14.56
N PRO C 138 -38.36 13.30 -13.55
CA PRO C 138 -38.70 12.14 -12.71
C PRO C 138 -39.65 12.43 -11.54
N LEU C 139 -40.44 11.42 -11.11
CA LEU C 139 -41.42 11.58 -10.01
C LEU C 139 -41.20 10.36 -9.10
N HIS C 140 -42.08 10.18 -8.11
CA HIS C 140 -41.98 9.03 -7.16
C HIS C 140 -42.74 7.83 -7.74
N ALA C 141 -42.91 6.77 -6.95
CA ALA C 141 -43.72 5.62 -7.42
C ALA C 141 -45.15 5.85 -6.92
N ASN C 142 -45.98 6.52 -7.73
CA ASN C 142 -47.39 6.83 -7.38
C ASN C 142 -48.29 5.76 -8.01
N SER C 143 -47.78 4.53 -8.09
CA SER C 143 -48.47 3.39 -8.74
C SER C 143 -48.12 2.12 -7.97
N ARG C 144 -48.53 0.93 -8.43
CA ARG C 144 -48.18 -0.25 -7.59
C ARG C 144 -48.12 -1.56 -8.39
N LEU C 145 -47.06 -2.34 -8.18
CA LEU C 145 -46.93 -3.66 -8.78
C LEU C 145 -47.17 -4.82 -7.82
N ARG C 146 -48.42 -5.27 -7.76
CA ARG C 146 -48.79 -6.32 -6.83
C ARG C 146 -48.19 -7.66 -7.25
N MET C 147 -47.73 -8.42 -6.26
CA MET C 147 -47.02 -9.68 -6.51
C MET C 147 -47.83 -10.91 -6.15
N GLU C 148 -48.64 -10.86 -5.10
CA GLU C 148 -49.32 -12.06 -4.63
C GLU C 148 -50.44 -12.47 -5.58
N ARG C 149 -50.55 -13.77 -5.83
CA ARG C 149 -51.59 -14.33 -6.67
C ARG C 149 -52.73 -14.87 -5.80
N GLY C 150 -53.75 -15.39 -6.46
CA GLY C 150 -54.96 -15.82 -5.77
C GLY C 150 -54.95 -17.25 -5.30
N ASN C 151 -54.39 -18.16 -6.09
CA ASN C 151 -54.40 -19.58 -5.75
C ASN C 151 -53.56 -19.84 -4.51
N GLY C 152 -54.05 -20.73 -3.65
CA GLY C 152 -53.32 -21.12 -2.46
C GLY C 152 -52.25 -22.14 -2.75
N SER C 153 -50.98 -21.72 -2.67
CA SER C 153 -49.87 -22.62 -2.96
C SER C 153 -48.74 -22.43 -1.95
N THR C 154 -47.65 -23.18 -2.13
CA THR C 154 -46.47 -23.01 -1.30
C THR C 154 -45.52 -21.95 -1.85
N GLU C 155 -45.40 -21.85 -3.17
CA GLU C 155 -44.61 -20.81 -3.80
C GLU C 155 -45.21 -19.42 -3.63
N ASP C 156 -46.47 -19.33 -3.23
CA ASP C 156 -47.11 -18.03 -3.01
C ASP C 156 -46.75 -17.41 -1.66
N LEU C 157 -46.21 -18.19 -0.72
CA LEU C 157 -45.85 -17.64 0.58
C LEU C 157 -44.74 -16.61 0.45
N THR C 158 -43.76 -16.87 -0.41
CA THR C 158 -42.68 -15.91 -0.63
C THR C 158 -43.21 -14.60 -1.19
N ALA C 159 -44.10 -14.68 -2.19
CA ALA C 159 -44.68 -13.48 -2.77
C ALA C 159 -45.50 -12.71 -1.73
N ARG C 160 -46.25 -13.44 -0.91
CA ARG C 160 -47.07 -12.78 0.12
C ARG C 160 -46.20 -12.09 1.16
N VAL C 161 -45.11 -12.73 1.59
CA VAL C 161 -44.19 -12.11 2.54
C VAL C 161 -43.55 -10.87 1.91
N LEU C 162 -43.16 -10.97 0.64
CA LEU C 162 -42.59 -9.82 -0.05
C LEU C 162 -43.59 -8.67 -0.12
N ASP C 163 -44.85 -8.97 -0.42
CA ASP C 163 -45.88 -7.94 -0.46
C ASP C 163 -46.10 -7.30 0.90
N LEU C 164 -46.05 -8.09 1.96
CA LEU C 164 -46.23 -7.55 3.31
C LEU C 164 -45.02 -6.74 3.79
N ALA C 165 -43.82 -7.07 3.33
CA ALA C 165 -42.59 -6.47 3.84
C ALA C 165 -42.19 -5.20 3.08
N SER C 166 -42.21 -5.24 1.75
CA SER C 166 -41.73 -4.12 0.93
C SER C 166 -42.56 -4.02 -0.35
N PRO C 167 -43.47 -3.07 -0.43
CA PRO C 167 -44.23 -2.87 -1.68
C PRO C 167 -43.33 -2.37 -2.80
N ILE C 168 -43.74 -2.66 -4.03
CA ILE C 168 -42.98 -2.31 -5.22
C ILE C 168 -43.90 -1.57 -6.18
N GLY C 169 -43.40 -0.45 -6.74
CA GLY C 169 -44.12 0.32 -7.71
C GLY C 169 -43.32 0.51 -8.99
N ARG C 170 -43.95 1.16 -9.96
CA ARG C 170 -43.32 1.44 -11.24
C ARG C 170 -42.38 2.63 -11.10
N GLY C 171 -41.10 2.42 -11.39
CA GLY C 171 -40.09 3.43 -11.18
C GLY C 171 -39.23 3.24 -9.95
N GLN C 172 -39.33 2.08 -9.28
CA GLN C 172 -38.56 1.85 -8.07
C GLN C 172 -37.09 1.61 -8.38
N ARG C 173 -36.26 1.80 -7.36
CA ARG C 173 -34.82 1.52 -7.39
C ARG C 173 -34.51 0.69 -6.16
N GLY C 174 -34.65 -0.63 -6.27
CA GLY C 174 -34.58 -1.51 -5.12
C GLY C 174 -33.25 -2.25 -5.05
N LEU C 175 -32.87 -2.63 -3.84
CA LEU C 175 -31.63 -3.36 -3.58
C LEU C 175 -31.90 -4.56 -2.69
N ILE C 176 -31.24 -5.67 -3.01
CA ILE C 176 -31.32 -6.91 -2.23
C ILE C 176 -29.93 -7.23 -1.71
N VAL C 177 -29.79 -7.33 -0.40
CA VAL C 177 -28.52 -7.63 0.25
C VAL C 177 -28.56 -9.10 0.64
N ALA C 178 -27.68 -9.90 0.06
CA ALA C 178 -27.74 -11.35 0.19
C ALA C 178 -26.40 -11.93 0.62
N PRO C 179 -26.36 -12.72 1.68
CA PRO C 179 -25.16 -13.50 1.99
C PRO C 179 -25.11 -14.76 1.12
N PRO C 180 -24.00 -15.48 1.13
CA PRO C 180 -23.91 -16.69 0.30
C PRO C 180 -24.89 -17.77 0.75
N LYS C 181 -25.33 -18.57 -0.22
CA LYS C 181 -26.28 -19.68 -0.04
C LYS C 181 -27.42 -19.33 0.92
N ALA C 182 -28.23 -18.36 0.49
CA ALA C 182 -29.41 -17.96 1.25
C ALA C 182 -30.68 -17.99 0.41
N GLY C 183 -30.64 -18.62 -0.76
CA GLY C 183 -31.83 -18.75 -1.58
C GLY C 183 -32.20 -17.52 -2.38
N LYS C 184 -31.25 -16.92 -3.09
CA LYS C 184 -31.52 -15.68 -3.82
C LYS C 184 -32.04 -15.96 -5.23
N THR C 185 -31.52 -17.01 -5.87
CA THR C 185 -31.97 -17.35 -7.23
C THR C 185 -33.45 -17.73 -7.23
N MET C 186 -33.89 -18.47 -6.21
CA MET C 186 -35.31 -18.80 -6.09
C MET C 186 -36.15 -17.55 -5.92
N LEU C 187 -35.64 -16.58 -5.15
CA LEU C 187 -36.35 -15.30 -4.99
C LEU C 187 -36.52 -14.60 -6.33
N LEU C 188 -35.44 -14.53 -7.12
CA LEU C 188 -35.51 -13.88 -8.42
C LEU C 188 -36.48 -14.61 -9.34
N GLN C 189 -36.46 -15.95 -9.34
CA GLN C 189 -37.36 -16.71 -10.19
C GLN C 189 -38.81 -16.49 -9.78
N ASN C 190 -39.08 -16.44 -8.46
CA ASN C 190 -40.43 -16.20 -7.99
C ASN C 190 -40.93 -14.83 -8.40
N ILE C 191 -40.07 -13.81 -8.28
CA ILE C 191 -40.46 -12.45 -8.68
C ILE C 191 -40.75 -12.41 -10.17
N ALA C 192 -39.90 -13.06 -10.98
CA ALA C 192 -40.14 -13.08 -12.42
C ALA C 192 -41.44 -13.76 -12.78
N GLN C 193 -41.74 -14.90 -12.14
CA GLN C 193 -42.99 -15.60 -12.40
C GLN C 193 -44.19 -14.74 -12.01
N SER C 194 -44.13 -14.09 -10.85
CA SER C 194 -45.24 -13.25 -10.41
C SER C 194 -45.47 -12.08 -11.36
N ILE C 195 -44.38 -11.45 -11.82
CA ILE C 195 -44.51 -10.34 -12.76
C ILE C 195 -45.10 -10.84 -14.08
N ALA C 196 -44.65 -12.01 -14.55
CA ALA C 196 -45.17 -12.55 -15.81
C ALA C 196 -46.66 -12.84 -15.71
N TYR C 197 -47.11 -13.41 -14.59
CA TYR C 197 -48.52 -13.77 -14.46
C TYR C 197 -49.40 -12.53 -14.27
N ASN C 198 -48.98 -11.61 -13.41
CA ASN C 198 -49.88 -10.55 -12.97
C ASN C 198 -49.95 -9.38 -13.97
N HIS C 199 -48.82 -9.01 -14.57
CA HIS C 199 -48.73 -7.83 -15.41
C HIS C 199 -48.14 -8.21 -16.77
N PRO C 200 -48.97 -8.64 -17.72
CA PRO C 200 -48.47 -9.01 -19.05
C PRO C 200 -48.29 -7.84 -20.01
N ASP C 201 -48.49 -6.61 -19.57
CA ASP C 201 -48.34 -5.44 -20.42
C ASP C 201 -46.97 -4.79 -20.32
N CYS C 202 -46.14 -5.22 -19.38
CA CYS C 202 -44.81 -4.67 -19.22
C CYS C 202 -43.78 -5.52 -19.95
N VAL C 203 -42.59 -4.94 -20.14
CA VAL C 203 -41.48 -5.61 -20.80
C VAL C 203 -40.51 -6.09 -19.74
N LEU C 204 -40.22 -7.39 -19.74
CA LEU C 204 -39.38 -8.02 -18.73
C LEU C 204 -37.99 -8.27 -19.30
N MET C 205 -36.97 -7.87 -18.53
CA MET C 205 -35.57 -8.08 -18.92
C MET C 205 -34.82 -8.68 -17.75
N VAL C 206 -34.05 -9.72 -18.02
CA VAL C 206 -33.23 -10.39 -17.02
C VAL C 206 -31.78 -10.35 -17.49
N LEU C 207 -30.89 -9.85 -16.62
CA LEU C 207 -29.49 -9.65 -16.96
C LEU C 207 -28.63 -10.45 -16.00
N LEU C 208 -27.74 -11.28 -16.55
CA LEU C 208 -26.79 -12.07 -15.78
C LEU C 208 -25.39 -11.73 -16.26
N ILE C 209 -24.48 -11.49 -15.32
CA ILE C 209 -23.19 -10.87 -15.62
C ILE C 209 -22.05 -11.89 -15.64
N ASP C 210 -21.92 -12.68 -14.57
CA ASP C 210 -20.75 -13.54 -14.41
C ASP C 210 -21.16 -14.93 -13.93
N GLU C 211 -22.21 -15.50 -14.53
CA GLU C 211 -22.76 -16.76 -14.08
C GLU C 211 -22.02 -17.95 -14.71
N ARG C 212 -22.54 -19.17 -14.44
CA ARG C 212 -22.17 -20.49 -14.92
C ARG C 212 -23.18 -20.96 -15.98
N PRO C 213 -22.72 -21.74 -16.96
CA PRO C 213 -23.60 -22.10 -18.09
C PRO C 213 -24.89 -22.81 -17.70
N GLU C 214 -24.84 -23.70 -16.70
CA GLU C 214 -26.04 -24.44 -16.31
C GLU C 214 -27.12 -23.50 -15.76
N GLU C 215 -26.72 -22.52 -14.96
CA GLU C 215 -27.67 -21.53 -14.47
C GLU C 215 -28.26 -20.73 -15.61
N VAL C 216 -27.44 -20.41 -16.62
CA VAL C 216 -27.93 -19.69 -17.79
C VAL C 216 -29.00 -20.51 -18.50
N THR C 217 -28.74 -21.81 -18.69
CA THR C 217 -29.71 -22.66 -19.36
C THR C 217 -31.01 -22.75 -18.57
N GLU C 218 -30.91 -22.91 -17.25
CA GLU C 218 -32.10 -22.99 -16.40
C GLU C 218 -32.92 -21.72 -16.48
N MET C 219 -32.25 -20.55 -16.38
CA MET C 219 -32.96 -19.29 -16.44
C MET C 219 -33.60 -19.08 -17.80
N GLN C 220 -32.91 -19.44 -18.88
CA GLN C 220 -33.49 -19.31 -20.21
C GLN C 220 -34.71 -20.19 -20.39
N ARG C 221 -34.68 -21.40 -19.81
CA ARG C 221 -35.82 -22.31 -19.93
C ARG C 221 -36.94 -22.03 -18.94
N LEU C 222 -36.73 -21.17 -17.94
CA LEU C 222 -37.76 -20.92 -16.94
C LEU C 222 -38.48 -19.59 -17.10
N VAL C 223 -37.87 -18.59 -17.73
CA VAL C 223 -38.36 -17.21 -17.68
C VAL C 223 -39.13 -16.89 -18.95
N LYS C 224 -40.27 -16.22 -18.79
CA LYS C 224 -41.09 -15.76 -19.91
C LYS C 224 -40.69 -14.32 -20.23
N GLY C 225 -39.71 -14.16 -21.10
CA GLY C 225 -39.25 -12.85 -21.49
C GLY C 225 -37.88 -12.94 -22.13
N GLU C 226 -37.11 -11.86 -21.97
CA GLU C 226 -35.77 -11.77 -22.52
C GLU C 226 -34.74 -12.08 -21.45
N VAL C 227 -33.83 -13.01 -21.74
CA VAL C 227 -32.76 -13.39 -20.84
C VAL C 227 -31.45 -13.20 -21.59
N VAL C 228 -30.58 -12.32 -21.07
CA VAL C 228 -29.29 -12.03 -21.65
C VAL C 228 -28.23 -12.29 -20.59
N ALA C 229 -27.18 -13.01 -20.96
CA ALA C 229 -26.19 -13.42 -19.98
C ALA C 229 -24.81 -13.52 -20.62
N SER C 230 -23.80 -13.46 -19.75
CA SER C 230 -22.41 -13.71 -20.12
C SER C 230 -21.77 -14.54 -19.02
N THR C 231 -20.95 -15.50 -19.41
CA THR C 231 -20.33 -16.43 -18.48
C THR C 231 -18.97 -15.89 -18.03
N PHE C 232 -18.34 -16.64 -17.12
CA PHE C 232 -17.04 -16.24 -16.58
C PHE C 232 -15.88 -16.62 -17.48
N ASP C 233 -16.14 -17.31 -18.60
CA ASP C 233 -15.10 -17.62 -19.56
C ASP C 233 -14.69 -16.40 -20.38
N GLU C 234 -15.61 -15.46 -20.56
CA GLU C 234 -15.43 -14.29 -21.43
C GLU C 234 -14.73 -13.15 -20.70
N PRO C 235 -14.09 -12.26 -21.45
CA PRO C 235 -13.43 -11.11 -20.82
C PRO C 235 -14.42 -10.08 -20.29
N ALA C 236 -13.88 -9.04 -19.66
CA ALA C 236 -14.71 -8.03 -19.00
C ALA C 236 -15.36 -7.08 -19.99
N SER C 237 -14.69 -6.79 -21.11
CA SER C 237 -15.29 -5.93 -22.13
C SER C 237 -16.62 -6.50 -22.62
N ARG C 238 -16.75 -7.82 -22.62
CA ARG C 238 -18.01 -8.44 -23.00
C ARG C 238 -19.12 -8.10 -22.00
N HIS C 239 -18.80 -8.14 -20.70
CA HIS C 239 -19.79 -7.75 -19.68
C HIS C 239 -20.19 -6.30 -19.86
N VAL C 240 -19.21 -5.42 -20.09
CA VAL C 240 -19.50 -4.00 -20.27
C VAL C 240 -20.41 -3.79 -21.46
N GLN C 241 -20.10 -4.46 -22.57
CA GLN C 241 -20.89 -4.31 -23.79
C GLN C 241 -22.33 -4.76 -23.58
N VAL C 242 -22.50 -5.91 -22.91
CA VAL C 242 -23.85 -6.42 -22.66
C VAL C 242 -24.65 -5.43 -21.80
N ALA C 243 -24.03 -4.92 -20.74
CA ALA C 243 -24.75 -3.99 -19.86
C ALA C 243 -25.15 -2.72 -20.61
N GLU C 244 -24.24 -2.14 -21.39
CA GLU C 244 -24.55 -0.91 -22.10
C GLU C 244 -25.63 -1.14 -23.15
N MET C 245 -25.57 -2.25 -23.87
CA MET C 245 -26.60 -2.55 -24.86
C MET C 245 -27.97 -2.67 -24.21
N VAL C 246 -28.05 -3.38 -23.08
CA VAL C 246 -29.33 -3.56 -22.41
C VAL C 246 -29.89 -2.23 -21.94
N ILE C 247 -29.04 -1.39 -21.34
CA ILE C 247 -29.55 -0.13 -20.79
C ILE C 247 -29.98 0.81 -21.91
N GLU C 248 -29.26 0.83 -23.04
CA GLU C 248 -29.67 1.71 -24.14
C GLU C 248 -30.97 1.22 -24.76
N LYS C 249 -31.15 -0.09 -24.92
CA LYS C 249 -32.42 -0.59 -25.44
C LYS C 249 -33.57 -0.23 -24.52
N ALA C 250 -33.37 -0.36 -23.20
CA ALA C 250 -34.42 0.01 -22.26
C ALA C 250 -34.76 1.49 -22.37
N LYS C 251 -33.75 2.34 -22.50
CA LYS C 251 -34.01 3.78 -22.62
C LYS C 251 -34.82 4.09 -23.89
N ARG C 252 -34.42 3.50 -25.02
CA ARG C 252 -35.17 3.74 -26.27
C ARG C 252 -36.60 3.26 -26.15
N LEU C 253 -36.83 2.14 -25.47
CA LEU C 253 -38.20 1.67 -25.28
C LEU C 253 -38.99 2.62 -24.39
N VAL C 254 -38.36 3.17 -23.34
CA VAL C 254 -39.07 4.09 -22.45
C VAL C 254 -39.43 5.37 -23.20
N GLU C 255 -38.63 5.75 -24.20
CA GLU C 255 -38.92 6.96 -24.97
C GLU C 255 -40.30 6.92 -25.62
N HIS C 256 -40.86 5.74 -25.82
CA HIS C 256 -42.15 5.56 -26.47
C HIS C 256 -43.31 5.36 -25.50
N LYS C 257 -43.16 5.78 -24.24
CA LYS C 257 -44.21 5.69 -23.22
C LYS C 257 -44.52 4.24 -22.85
N LYS C 258 -43.49 3.41 -22.72
CA LYS C 258 -43.64 2.03 -22.29
C LYS C 258 -43.17 1.88 -20.85
N ASP C 259 -43.44 0.69 -20.28
CA ASP C 259 -43.03 0.35 -18.93
C ASP C 259 -42.04 -0.82 -19.01
N VAL C 260 -40.82 -0.59 -18.51
CA VAL C 260 -39.74 -1.56 -18.60
C VAL C 260 -39.26 -1.94 -17.21
N ILE C 261 -38.94 -3.21 -17.02
CA ILE C 261 -38.45 -3.74 -15.75
C ILE C 261 -37.18 -4.54 -16.00
N ILE C 262 -36.16 -4.30 -15.20
CA ILE C 262 -34.86 -4.97 -15.33
C ILE C 262 -34.52 -5.63 -14.00
N LEU C 263 -34.10 -6.90 -14.06
CA LEU C 263 -33.63 -7.65 -12.91
C LEU C 263 -32.14 -7.91 -13.09
N LEU C 264 -31.32 -7.33 -12.22
CA LEU C 264 -29.86 -7.39 -12.33
C LEU C 264 -29.27 -8.20 -11.18
N ASP C 265 -28.46 -9.18 -11.53
CA ASP C 265 -27.78 -10.03 -10.56
C ASP C 265 -26.34 -9.54 -10.39
N SER C 266 -25.98 -9.19 -9.16
CA SER C 266 -24.61 -8.86 -8.78
C SER C 266 -24.08 -7.65 -9.56
N ILE C 267 -24.65 -6.49 -9.24
CA ILE C 267 -24.09 -5.19 -9.62
C ILE C 267 -22.63 -5.12 -9.18
N THR C 268 -22.27 -5.91 -8.17
CA THR C 268 -20.90 -5.94 -7.68
C THR C 268 -19.93 -6.40 -8.76
N ARG C 269 -20.29 -7.44 -9.53
CA ARG C 269 -19.38 -7.95 -10.53
C ARG C 269 -19.33 -7.02 -11.76
N LEU C 270 -20.42 -6.31 -12.02
CA LEU C 270 -20.37 -5.24 -13.02
C LEU C 270 -19.37 -4.16 -12.61
N ALA C 271 -19.41 -3.76 -11.34
CA ALA C 271 -18.44 -2.79 -10.85
C ALA C 271 -17.02 -3.33 -10.92
N ARG C 272 -16.84 -4.62 -10.64
CA ARG C 272 -15.51 -5.23 -10.73
C ARG C 272 -15.00 -5.21 -12.17
N ALA C 273 -15.86 -5.54 -13.13
CA ALA C 273 -15.46 -5.49 -14.53
C ALA C 273 -15.11 -4.07 -14.96
N TYR C 274 -15.90 -3.09 -14.52
CA TYR C 274 -15.59 -1.70 -14.84
C TYR C 274 -14.26 -1.28 -14.23
N ASN C 275 -13.98 -1.75 -13.01
CA ASN C 275 -12.68 -1.49 -12.39
C ASN C 275 -11.55 -2.09 -13.22
N THR C 276 -11.76 -3.30 -13.73
CA THR C 276 -10.74 -3.95 -14.56
C THR C 276 -10.50 -3.16 -15.85
N VAL C 277 -11.57 -2.68 -16.48
CA VAL C 277 -11.44 -2.11 -17.82
C VAL C 277 -10.95 -0.67 -17.77
N VAL C 278 -11.44 0.12 -16.82
CA VAL C 278 -11.22 1.58 -16.85
C VAL C 278 -9.73 1.88 -16.68
N PRO C 279 -9.16 2.78 -17.47
CA PRO C 279 -7.74 3.11 -17.32
C PRO C 279 -7.45 3.80 -16.00
N ALA C 280 -6.21 3.61 -15.52
CA ALA C 280 -5.79 4.23 -14.27
C ALA C 280 -5.40 5.68 -14.49
N VAL C 284 -6.62 8.05 -5.43
CA VAL C 284 -6.40 7.09 -6.51
C VAL C 284 -6.98 5.74 -6.12
N LEU C 285 -6.45 5.13 -5.07
CA LEU C 285 -6.91 3.84 -4.58
C LEU C 285 -7.47 3.98 -3.17
N THR C 286 -8.57 3.25 -2.92
CA THR C 286 -9.26 3.31 -1.64
C THR C 286 -9.38 1.92 -1.01
N GLY C 287 -8.51 0.99 -1.42
CA GLY C 287 -8.56 -0.36 -0.91
C GLY C 287 -8.64 -1.42 -1.98
N GLY C 288 -8.28 -1.05 -3.22
CA GLY C 288 -8.27 -1.96 -4.35
C GLY C 288 -9.00 -1.42 -5.56
N VAL C 289 -9.99 -0.56 -5.35
CA VAL C 289 -10.79 0.00 -6.43
C VAL C 289 -10.27 1.39 -6.77
N ASP C 290 -10.46 1.78 -8.04
CA ASP C 290 -10.17 3.15 -8.44
C ASP C 290 -11.35 4.05 -8.12
N ALA C 291 -11.04 5.30 -7.76
CA ALA C 291 -12.10 6.24 -7.42
C ALA C 291 -12.99 6.54 -8.62
N ASN C 292 -12.39 6.66 -9.81
CA ASN C 292 -13.15 6.93 -11.02
C ASN C 292 -13.78 5.69 -11.64
N ALA C 293 -13.48 4.50 -11.11
CA ALA C 293 -14.00 3.28 -11.71
C ALA C 293 -15.49 3.07 -11.40
N LEU C 294 -15.99 3.69 -10.33
CA LEU C 294 -17.36 3.50 -9.91
C LEU C 294 -18.33 4.47 -10.57
N HIS C 295 -17.85 5.33 -11.46
CA HIS C 295 -18.73 6.32 -12.08
C HIS C 295 -19.73 5.67 -13.02
N ARG C 296 -19.25 4.78 -13.90
CA ARG C 296 -20.14 4.18 -14.89
C ARG C 296 -21.23 3.30 -14.28
N PRO C 297 -20.94 2.39 -13.34
CA PRO C 297 -22.04 1.60 -12.78
C PRO C 297 -23.14 2.42 -12.13
N LYS C 298 -22.78 3.47 -11.39
CA LYS C 298 -23.79 4.29 -10.74
C LYS C 298 -24.75 4.91 -11.75
N ARG C 299 -24.22 5.40 -12.87
CA ARG C 299 -25.06 5.89 -13.95
C ARG C 299 -26.12 4.86 -14.31
N PHE C 300 -25.71 3.60 -14.48
CA PHE C 300 -26.66 2.52 -14.69
C PHE C 300 -27.75 2.55 -13.63
N PHE C 301 -27.36 2.44 -12.35
CA PHE C 301 -28.34 2.42 -11.28
C PHE C 301 -29.13 3.72 -11.24
N GLY C 302 -28.56 4.80 -11.75
CA GLY C 302 -29.25 6.07 -11.75
C GLY C 302 -30.29 6.25 -12.82
N ALA C 303 -30.47 5.26 -13.71
CA ALA C 303 -31.43 5.43 -14.80
C ALA C 303 -32.87 5.23 -14.36
N ALA C 304 -33.11 4.57 -13.23
CA ALA C 304 -34.47 4.26 -12.81
C ALA C 304 -35.21 5.52 -12.38
N ARG C 305 -36.43 5.69 -12.88
CA ARG C 305 -37.25 6.85 -12.56
C ARG C 305 -38.65 6.65 -13.08
N ASN C 306 -39.59 7.42 -12.54
CA ASN C 306 -40.94 7.52 -13.05
C ASN C 306 -41.06 8.78 -13.90
N VAL C 307 -41.58 8.62 -15.12
CA VAL C 307 -41.65 9.73 -16.06
C VAL C 307 -43.01 10.40 -15.94
N GLU C 308 -43.00 11.74 -15.87
CA GLU C 308 -44.24 12.49 -15.73
C GLU C 308 -45.05 12.45 -17.02
N GLU C 309 -44.37 12.41 -18.17
CA GLU C 309 -45.05 12.36 -19.46
C GLU C 309 -45.62 10.99 -19.77
N GLY C 310 -45.24 9.96 -19.03
CA GLY C 310 -45.70 8.60 -19.31
C GLY C 310 -44.56 7.64 -19.52
N GLY C 311 -44.65 6.46 -18.91
CA GLY C 311 -43.60 5.47 -18.97
C GLY C 311 -42.92 5.29 -17.62
N SER C 312 -42.15 4.21 -17.52
CA SER C 312 -41.48 3.87 -16.27
C SER C 312 -40.33 2.92 -16.56
N LEU C 313 -39.29 3.03 -15.72
CA LEU C 313 -38.14 2.13 -15.77
C LEU C 313 -37.84 1.67 -14.35
N THR C 314 -38.05 0.39 -14.08
CA THR C 314 -37.80 -0.20 -12.77
C THR C 314 -36.55 -1.06 -12.84
N ILE C 315 -35.70 -0.95 -11.82
CA ILE C 315 -34.47 -1.73 -11.73
C ILE C 315 -34.40 -2.38 -10.36
N ILE C 316 -34.25 -3.70 -10.34
CA ILE C 316 -34.11 -4.45 -9.09
C ILE C 316 -32.78 -5.19 -9.15
N ALA C 317 -31.86 -4.81 -8.28
CA ALA C 317 -30.47 -5.28 -8.37
C ALA C 317 -30.08 -6.04 -7.10
N THR C 318 -29.11 -6.94 -7.26
CA THR C 318 -28.58 -7.74 -6.17
C THR C 318 -27.17 -7.28 -5.79
N ALA C 319 -26.89 -7.26 -4.49
CA ALA C 319 -25.58 -6.91 -3.96
C ALA C 319 -25.09 -8.04 -3.05
N LEU C 320 -23.80 -8.34 -3.11
CA LEU C 320 -23.22 -9.43 -2.36
C LEU C 320 -22.43 -8.92 -1.16
N ILE C 321 -22.59 -9.60 -0.02
CA ILE C 321 -21.88 -9.25 1.21
C ILE C 321 -21.34 -10.53 1.86
N ASP C 322 -20.40 -10.33 2.79
CA ASP C 322 -19.82 -11.41 3.58
C ASP C 322 -19.16 -12.48 2.72
N THR C 323 -18.45 -12.06 1.67
CA THR C 323 -17.71 -12.98 0.82
C THR C 323 -16.23 -13.07 1.18
N GLY C 324 -15.81 -12.39 2.24
CA GLY C 324 -14.40 -12.38 2.61
C GLY C 324 -13.50 -11.66 1.63
N SER C 325 -13.96 -10.54 1.07
CA SER C 325 -13.17 -9.76 0.12
C SER C 325 -13.37 -8.29 0.41
N LYS C 326 -12.28 -7.52 0.41
CA LYS C 326 -12.36 -6.10 0.69
C LYS C 326 -13.06 -5.33 -0.43
N MET C 327 -12.91 -5.79 -1.67
CA MET C 327 -13.51 -5.10 -2.81
C MET C 327 -15.02 -5.07 -2.69
N ASP C 328 -15.63 -6.21 -2.32
CA ASP C 328 -17.08 -6.26 -2.18
C ASP C 328 -17.57 -5.33 -1.08
N GLU C 329 -16.84 -5.27 0.04
CA GLU C 329 -17.25 -4.38 1.13
C GLU C 329 -17.15 -2.92 0.70
N VAL C 330 -16.08 -2.55 0.00
CA VAL C 330 -15.95 -1.18 -0.47
C VAL C 330 -17.07 -0.83 -1.44
N ILE C 331 -17.37 -1.74 -2.38
CA ILE C 331 -18.43 -1.48 -3.35
C ILE C 331 -19.78 -1.33 -2.66
N TYR C 332 -20.05 -2.19 -1.68
CA TYR C 332 -21.33 -2.11 -0.96
C TYR C 332 -21.43 -0.83 -0.16
N GLU C 333 -20.32 -0.37 0.42
CA GLU C 333 -20.37 0.86 1.22
C GLU C 333 -20.55 2.08 0.32
N GLU C 334 -20.00 2.04 -0.89
CA GLU C 334 -20.16 3.16 -1.80
C GLU C 334 -21.57 3.27 -2.34
N PHE C 335 -22.22 2.13 -2.61
CA PHE C 335 -23.56 2.11 -3.19
C PHE C 335 -24.66 2.22 -2.13
N LYS C 336 -24.33 2.59 -0.90
CA LYS C 336 -25.30 2.57 0.19
C LYS C 336 -26.05 3.90 0.26
N GLY C 337 -27.38 3.81 0.31
CA GLY C 337 -28.23 4.99 0.41
C GLY C 337 -28.68 5.58 -0.90
N THR C 338 -28.45 4.90 -2.03
CA THR C 338 -28.83 5.45 -3.32
C THR C 338 -30.23 5.02 -3.75
N GLY C 339 -30.70 3.88 -3.25
CA GLY C 339 -32.01 3.37 -3.61
C GLY C 339 -33.10 3.80 -2.65
N ASN C 340 -34.33 3.41 -2.98
CA ASN C 340 -35.48 3.71 -2.13
C ASN C 340 -36.24 2.44 -1.73
N MET C 341 -35.64 1.27 -1.88
CA MET C 341 -36.22 0.02 -1.40
C MET C 341 -35.09 -0.92 -1.01
N GLU C 342 -35.24 -1.57 0.15
CA GLU C 342 -34.23 -2.48 0.66
C GLU C 342 -34.86 -3.82 1.01
N LEU C 343 -34.13 -4.91 0.77
CA LEU C 343 -34.55 -6.24 1.19
C LEU C 343 -33.33 -7.02 1.66
N HIS C 344 -33.34 -7.44 2.91
CA HIS C 344 -32.20 -8.11 3.54
C HIS C 344 -32.47 -9.60 3.69
N LEU C 345 -31.48 -10.41 3.37
CA LEU C 345 -31.53 -11.85 3.59
C LEU C 345 -30.60 -12.23 4.74
N SER C 346 -30.92 -13.34 5.40
CA SER C 346 -30.20 -13.77 6.59
C SER C 346 -29.70 -15.20 6.44
N ARG C 347 -28.46 -15.42 6.85
CA ARG C 347 -27.88 -16.77 6.81
C ARG C 347 -28.40 -17.62 7.96
N LYS C 348 -28.68 -17.01 9.11
CA LYS C 348 -29.14 -17.76 10.27
C LYS C 348 -30.46 -18.47 9.98
N ILE C 349 -31.39 -17.78 9.32
CA ILE C 349 -32.67 -18.40 8.98
C ILE C 349 -32.46 -19.52 7.96
N ALA C 350 -31.50 -19.34 7.05
CA ALA C 350 -31.24 -20.35 6.03
C ALA C 350 -30.58 -21.60 6.60
N GLU C 351 -29.82 -21.47 7.69
CA GLU C 351 -29.19 -22.65 8.29
C GLU C 351 -30.23 -23.61 8.84
N LYS C 352 -31.35 -23.10 9.35
CA LYS C 352 -32.40 -23.91 9.94
C LYS C 352 -33.41 -24.39 8.90
N ARG C 353 -33.18 -24.10 7.62
CA ARG C 353 -34.05 -24.55 6.53
C ARG C 353 -35.45 -23.96 6.64
N VAL C 354 -35.52 -22.65 6.80
CA VAL C 354 -36.77 -21.91 6.67
C VAL C 354 -36.76 -21.25 5.29
N PHE C 355 -37.88 -21.36 4.57
CA PHE C 355 -37.85 -21.17 3.12
C PHE C 355 -37.55 -19.72 2.72
N PRO C 356 -38.37 -18.73 3.08
CA PRO C 356 -38.12 -17.37 2.53
C PRO C 356 -36.83 -16.74 3.04
N ALA C 357 -36.49 -16.95 4.31
CA ALA C 357 -35.25 -16.43 4.90
C ALA C 357 -35.13 -14.91 4.76
N ILE C 358 -36.17 -14.18 5.11
CA ILE C 358 -36.20 -12.73 4.98
C ILE C 358 -36.08 -12.11 6.37
N ASP C 359 -35.26 -11.06 6.49
CA ASP C 359 -35.12 -10.30 7.73
C ASP C 359 -36.17 -9.18 7.71
N TYR C 360 -37.18 -9.32 8.57
CA TYR C 360 -38.34 -8.45 8.50
C TYR C 360 -38.04 -7.04 9.02
N ASN C 361 -37.28 -6.94 10.11
CA ASN C 361 -37.15 -5.65 10.79
C ASN C 361 -36.22 -4.70 10.04
N ARG C 362 -35.42 -5.22 9.10
CA ARG C 362 -34.51 -4.35 8.36
C ARG C 362 -35.12 -3.85 7.06
N SER C 363 -36.11 -4.56 6.52
CA SER C 363 -36.64 -4.22 5.21
C SER C 363 -37.66 -3.08 5.30
N GLY C 364 -37.95 -2.49 4.16
CA GLY C 364 -38.92 -1.41 4.07
C GLY C 364 -38.63 -0.53 2.86
N THR C 365 -39.65 0.26 2.49
CA THR C 365 -39.55 1.16 1.36
C THR C 365 -39.92 2.58 1.80
N ARG C 366 -39.30 3.55 1.14
CA ARG C 366 -39.68 4.95 1.35
C ARG C 366 -40.98 5.25 0.62
N LYS C 367 -41.73 6.23 1.15
CA LYS C 367 -42.95 6.74 0.52
C LYS C 367 -44.00 5.65 0.35
N GLU C 368 -44.25 4.89 1.42
CA GLU C 368 -45.26 3.84 1.35
C GLU C 368 -46.67 4.41 1.26
N GLU C 369 -46.85 5.67 1.67
CA GLU C 369 -48.18 6.25 1.71
C GLU C 369 -48.78 6.44 0.32
N LEU C 370 -47.97 6.40 -0.73
CA LEU C 370 -48.46 6.61 -2.09
C LEU C 370 -48.79 5.30 -2.81
N LEU C 371 -48.35 4.16 -2.31
CA LEU C 371 -48.62 2.88 -2.93
C LEU C 371 -49.68 2.07 -2.20
N THR C 372 -50.30 2.62 -1.15
CA THR C 372 -51.28 1.89 -0.36
C THR C 372 -52.45 2.81 -0.01
N THR C 373 -53.54 2.19 0.40
CA THR C 373 -54.68 2.92 0.92
C THR C 373 -54.54 3.11 2.43
N GLN C 374 -55.44 3.92 3.00
CA GLN C 374 -55.37 4.22 4.43
C GLN C 374 -55.55 2.95 5.26
N GLU C 375 -56.54 2.13 4.93
CA GLU C 375 -56.83 0.93 5.70
C GLU C 375 -55.66 -0.04 5.65
N GLU C 376 -55.10 -0.25 4.46
CA GLU C 376 -53.98 -1.16 4.31
C GLU C 376 -52.77 -0.70 5.12
N LEU C 377 -52.50 0.61 5.09
CA LEU C 377 -51.40 1.16 5.87
C LEU C 377 -51.62 0.97 7.36
N GLN C 378 -52.86 1.17 7.83
CA GLN C 378 -53.16 0.97 9.24
C GLN C 378 -52.94 -0.49 9.64
N LYS C 379 -53.43 -1.43 8.83
CA LYS C 379 -53.24 -2.85 9.15
C LYS C 379 -51.77 -3.22 9.14
N MET C 380 -51.01 -2.69 8.18
CA MET C 380 -49.59 -2.99 8.12
C MET C 380 -48.84 -2.42 9.32
N TRP C 381 -49.21 -1.22 9.77
CA TRP C 381 -48.59 -0.67 10.97
C TRP C 381 -48.92 -1.53 12.20
N ILE C 382 -50.18 -1.98 12.30
CA ILE C 382 -50.55 -2.84 13.42
C ILE C 382 -49.74 -4.13 13.41
N LEU C 383 -49.59 -4.73 12.24
CA LEU C 383 -48.78 -5.95 12.13
C LEU C 383 -47.32 -5.68 12.47
N ARG C 384 -46.77 -4.56 12.01
CA ARG C 384 -45.37 -4.24 12.28
C ARG C 384 -45.12 -4.02 13.77
N LYS C 385 -46.12 -3.50 14.49
CA LYS C 385 -45.95 -3.27 15.93
C LYS C 385 -45.70 -4.57 16.68
N ILE C 386 -46.42 -5.65 16.31
CA ILE C 386 -46.29 -6.91 17.03
C ILE C 386 -44.95 -7.59 16.80
N ILE C 387 -44.44 -7.57 15.56
CA ILE C 387 -43.24 -8.33 15.23
C ILE C 387 -41.97 -7.72 15.81
N HIS C 388 -42.00 -6.45 16.19
CA HIS C 388 -40.78 -5.74 16.62
C HIS C 388 -40.02 -6.42 17.75
N PRO C 389 -40.63 -6.83 18.86
CA PRO C 389 -39.84 -7.44 19.94
C PRO C 389 -39.31 -8.83 19.62
N MET C 390 -39.84 -9.50 18.60
CA MET C 390 -39.46 -10.88 18.32
C MET C 390 -38.07 -10.94 17.70
N GLY C 391 -37.53 -12.16 17.65
CA GLY C 391 -36.28 -12.43 16.98
C GLY C 391 -36.48 -12.76 15.50
N GLU C 392 -35.38 -13.09 14.84
CA GLU C 392 -35.40 -13.35 13.40
C GLU C 392 -36.14 -14.64 13.09
N ILE C 393 -35.62 -15.77 13.58
CA ILE C 393 -36.23 -17.06 13.33
C ILE C 393 -37.64 -17.11 13.90
N ASP C 394 -37.84 -16.52 15.09
CA ASP C 394 -39.16 -16.51 15.70
C ASP C 394 -40.16 -15.75 14.83
N ALA C 395 -39.75 -14.59 14.32
CA ALA C 395 -40.65 -13.81 13.47
C ALA C 395 -40.98 -14.53 12.19
N MET C 396 -39.97 -15.15 11.54
CA MET C 396 -40.24 -15.86 10.30
C MET C 396 -41.15 -17.06 10.53
N GLU C 397 -40.92 -17.82 11.60
CA GLU C 397 -41.79 -18.95 11.90
C GLU C 397 -43.21 -18.49 12.21
N PHE C 398 -43.36 -17.41 12.97
CA PHE C 398 -44.68 -16.85 13.24
C PHE C 398 -45.39 -16.45 11.97
N LEU C 399 -44.68 -15.74 11.08
CA LEU C 399 -45.30 -15.28 9.83
C LEU C 399 -45.72 -16.46 8.97
N ILE C 400 -44.85 -17.47 8.83
CA ILE C 400 -45.19 -18.63 8.01
C ILE C 400 -46.41 -19.35 8.59
N ASN C 401 -46.39 -19.58 9.90
CA ASN C 401 -47.49 -20.32 10.53
C ASN C 401 -48.81 -19.58 10.37
N LYS C 402 -48.81 -18.25 10.53
CA LYS C 402 -50.05 -17.50 10.39
C LYS C 402 -50.50 -17.42 8.94
N LEU C 403 -49.58 -17.20 8.01
CA LEU C 403 -49.96 -17.07 6.60
C LEU C 403 -50.35 -18.39 5.96
N ALA C 404 -50.00 -19.52 6.58
CA ALA C 404 -50.35 -20.79 5.94
C ALA C 404 -51.85 -21.12 5.99
N MET C 405 -52.68 -20.26 6.59
CA MET C 405 -54.11 -20.64 6.79
C MET C 405 -55.02 -20.08 5.70
N THR C 406 -55.08 -18.75 5.58
CA THR C 406 -55.98 -18.12 4.57
C THR C 406 -55.07 -17.48 3.51
N LYS C 407 -55.69 -16.84 2.51
CA LYS C 407 -55.04 -16.39 1.25
C LYS C 407 -55.50 -14.97 0.91
N THR C 408 -54.86 -14.34 -0.08
CA THR C 408 -55.14 -12.97 -0.61
C THR C 408 -54.70 -11.85 0.34
N ASN C 409 -54.04 -12.15 1.46
CA ASN C 409 -53.58 -11.12 2.43
C ASN C 409 -54.73 -10.17 2.78
N ASP C 410 -55.90 -10.71 3.13
CA ASP C 410 -57.10 -9.91 3.48
C ASP C 410 -57.69 -10.71 4.63
N ASP C 411 -57.87 -12.01 4.41
CA ASP C 411 -58.54 -12.91 5.39
C ASP C 411 -57.58 -13.15 6.56
N PHE C 412 -56.29 -12.88 6.34
CA PHE C 412 -55.25 -13.02 7.38
C PHE C 412 -55.29 -11.79 8.29
N PHE C 413 -55.78 -10.66 7.75
CA PHE C 413 -55.87 -9.39 8.51
C PHE C 413 -57.19 -9.39 9.30
N GLU C 414 -58.15 -10.21 8.88
CA GLU C 414 -59.47 -10.33 9.54
C GLU C 414 -59.39 -11.43 10.61
N MET C 415 -58.25 -12.13 10.68
CA MET C 415 -58.07 -13.23 11.67
C MET C 415 -57.29 -12.69 12.88
N MET C 416 -57.16 -11.36 12.98
CA MET C 416 -56.46 -10.72 14.11
C MET C 416 -57.37 -9.63 14.70
N LYS C 417 -58.66 -9.67 14.34
CA LYS C 417 -59.65 -8.68 14.84
C LYS C 417 -59.55 -8.57 16.36
N MET D 1 -33.44 36.82 -28.64
CA MET D 1 -34.00 37.85 -27.77
C MET D 1 -33.35 37.83 -26.39
N ASN D 2 -33.86 36.97 -25.51
CA ASN D 2 -33.37 36.85 -24.14
C ASN D 2 -32.96 35.42 -23.86
N LEU D 3 -31.77 35.25 -23.29
CA LEU D 3 -31.30 33.93 -22.90
C LEU D 3 -32.08 33.39 -21.72
N THR D 4 -32.34 34.24 -20.72
CA THR D 4 -33.05 33.81 -19.53
C THR D 4 -34.47 33.35 -19.86
N GLU D 5 -35.16 34.09 -20.72
CA GLU D 5 -36.52 33.69 -21.11
C GLU D 5 -36.51 32.43 -21.97
N LEU D 6 -35.36 32.12 -22.59
CA LEU D 6 -35.28 30.93 -23.41
C LEU D 6 -34.96 29.69 -22.58
N LYS D 7 -34.15 29.85 -21.53
CA LYS D 7 -33.81 28.70 -20.69
C LYS D 7 -34.95 28.28 -19.77
N ASN D 8 -35.98 29.11 -19.63
CA ASN D 8 -37.08 28.82 -18.71
C ASN D 8 -38.25 28.13 -19.37
N THR D 9 -38.40 28.26 -20.69
CA THR D 9 -39.52 27.59 -21.36
C THR D 9 -39.22 26.10 -21.54
N PRO D 10 -40.25 25.25 -21.47
CA PRO D 10 -40.03 23.82 -21.66
C PRO D 10 -39.59 23.49 -23.08
N VAL D 11 -38.98 22.31 -23.22
CA VAL D 11 -38.41 21.88 -24.49
C VAL D 11 -39.50 21.70 -25.55
N SER D 12 -40.72 21.34 -25.13
CA SER D 12 -41.80 21.14 -26.09
C SER D 12 -42.13 22.41 -26.86
N GLU D 13 -42.16 23.55 -26.17
CA GLU D 13 -42.37 24.82 -26.85
C GLU D 13 -41.13 25.26 -27.62
N LEU D 14 -39.94 24.90 -27.14
CA LEU D 14 -38.72 25.25 -27.85
C LEU D 14 -38.66 24.57 -29.22
N ILE D 15 -39.11 23.32 -29.30
CA ILE D 15 -39.11 22.61 -30.57
C ILE D 15 -40.04 23.28 -31.56
N THR D 16 -41.24 23.68 -31.11
CA THR D 16 -42.16 24.40 -31.99
C THR D 16 -41.61 25.75 -32.42
N LEU D 17 -40.96 26.46 -31.49
CA LEU D 17 -40.35 27.74 -31.83
C LEU D 17 -39.28 27.57 -32.89
N GLY D 18 -38.45 26.53 -32.75
CA GLY D 18 -37.44 26.26 -33.77
C GLY D 18 -38.03 25.86 -35.10
N GLU D 19 -39.11 25.07 -35.08
CA GLU D 19 -39.75 24.64 -36.32
C GLU D 19 -40.41 25.81 -37.04
N ASN D 20 -40.91 26.79 -36.31
CA ASN D 20 -41.48 27.99 -36.91
C ASN D 20 -40.42 28.93 -37.47
N MET D 21 -39.15 28.50 -37.51
CA MET D 21 -38.07 29.31 -38.05
C MET D 21 -37.36 28.64 -39.22
N GLY D 22 -37.85 27.49 -39.69
CA GLY D 22 -37.21 26.80 -40.79
C GLY D 22 -36.03 25.95 -40.39
N LEU D 23 -36.01 25.49 -39.15
CA LEU D 23 -34.87 24.65 -38.66
C LEU D 23 -35.13 23.19 -39.06
N GLU D 24 -34.08 22.35 -39.00
CA GLU D 24 -34.16 20.93 -39.43
C GLU D 24 -34.22 20.27 -38.04
N ASN D 25 -33.97 18.97 -37.99
CA ASN D 25 -34.40 17.99 -36.96
C ASN D 25 -33.64 18.23 -35.65
N LEU D 26 -34.31 18.84 -34.68
CA LEU D 26 -33.68 19.14 -33.35
C LEU D 26 -34.60 18.66 -32.23
N ALA D 27 -35.09 17.42 -32.32
CA ALA D 27 -35.99 16.87 -31.29
C ALA D 27 -35.29 15.75 -30.53
N ARG D 28 -34.17 15.26 -31.07
CA ARG D 28 -33.41 14.16 -30.42
C ARG D 28 -32.13 14.69 -29.77
N MET D 29 -32.03 16.01 -29.57
CA MET D 29 -30.87 16.61 -28.93
C MET D 29 -31.23 17.10 -27.54
N ARG D 30 -30.20 17.49 -26.78
CA ARG D 30 -30.39 18.05 -25.46
C ARG D 30 -30.83 19.51 -25.54
N LYS D 31 -31.25 20.04 -24.38
CA LYS D 31 -31.79 21.40 -24.30
C LYS D 31 -30.78 22.43 -24.78
N GLN D 32 -29.52 22.30 -24.36
CA GLN D 32 -28.52 23.32 -24.64
C GLN D 32 -28.22 23.41 -26.13
N ASP D 33 -28.16 22.29 -26.83
CA ASP D 33 -27.90 22.32 -28.27
C ASP D 33 -29.05 22.99 -29.02
N ILE D 34 -30.29 22.72 -28.62
CA ILE D 34 -31.43 23.39 -29.23
C ILE D 34 -31.36 24.89 -28.99
N ILE D 35 -31.02 25.28 -27.76
CA ILE D 35 -30.91 26.71 -27.45
C ILE D 35 -29.83 27.37 -28.29
N PHE D 36 -28.68 26.70 -28.43
CA PHE D 36 -27.59 27.24 -29.24
C PHE D 36 -28.00 27.38 -30.70
N ALA D 37 -28.68 26.37 -31.25
CA ALA D 37 -29.11 26.44 -32.64
C ALA D 37 -30.13 27.55 -32.86
N ILE D 38 -31.07 27.71 -31.92
CA ILE D 38 -32.06 28.78 -32.03
C ILE D 38 -31.38 30.14 -31.98
N LEU D 39 -30.41 30.30 -31.07
CA LEU D 39 -29.65 31.54 -30.99
C LEU D 39 -28.91 31.82 -32.28
N LYS D 40 -28.27 30.79 -32.85
CA LYS D 40 -27.47 30.99 -34.06
C LYS D 40 -28.34 31.32 -35.26
N GLN D 41 -29.56 30.79 -35.32
CA GLN D 41 -30.46 31.04 -36.47
C GLN D 41 -31.11 32.41 -36.37
N HIS D 42 -31.20 32.98 -35.17
CA HIS D 42 -31.85 34.30 -34.97
C HIS D 42 -30.81 35.43 -35.15
N ALA D 43 -29.54 35.07 -35.36
CA ALA D 43 -28.45 36.05 -35.53
C ALA D 43 -28.52 36.68 -36.93
N LYS D 44 -29.46 37.60 -37.14
CA LYS D 44 -29.64 38.32 -38.43
C LYS D 44 -30.27 39.68 -38.13
N SER D 45 -29.88 40.29 -37.00
CA SER D 45 -30.39 41.60 -36.60
C SER D 45 -29.41 42.08 -35.54
N GLY D 46 -28.65 43.13 -35.83
CA GLY D 46 -27.65 43.63 -34.89
C GLY D 46 -28.25 44.16 -33.61
N GLU D 47 -27.50 44.11 -32.51
CA GLU D 47 -28.02 44.56 -31.20
C GLU D 47 -29.41 44.10 -30.74
N ASP D 48 -29.61 42.79 -30.61
CA ASP D 48 -30.91 42.26 -30.18
C ASP D 48 -30.88 41.26 -29.05
N ILE D 49 -29.76 40.55 -28.86
CA ILE D 49 -29.72 39.48 -27.87
C ILE D 49 -29.22 40.00 -26.54
N PHE D 50 -29.93 39.68 -25.47
CA PHE D 50 -29.55 40.04 -24.11
C PHE D 50 -28.89 38.85 -23.42
N GLY D 51 -28.25 39.12 -22.28
CA GLY D 51 -27.68 38.03 -21.50
C GLY D 51 -27.31 38.41 -20.07
N ASP D 52 -27.23 37.41 -19.21
CA ASP D 52 -26.77 37.58 -17.84
C ASP D 52 -26.15 36.27 -17.37
N GLY D 53 -25.34 36.36 -16.32
CA GLY D 53 -24.70 35.17 -15.80
C GLY D 53 -23.82 35.46 -14.60
N VAL D 54 -23.23 34.38 -14.09
CA VAL D 54 -22.32 34.42 -12.96
C VAL D 54 -20.93 34.01 -13.45
N LEU D 55 -19.93 34.84 -13.18
CA LEU D 55 -18.60 34.64 -13.72
C LEU D 55 -17.82 33.57 -12.97
N GLU D 56 -17.07 32.76 -13.72
CA GLU D 56 -16.14 31.79 -13.15
C GLU D 56 -14.83 31.91 -13.91
N ILE D 57 -13.82 32.48 -13.26
CA ILE D 57 -12.53 32.72 -13.89
C ILE D 57 -11.71 31.43 -13.88
N LEU D 58 -11.33 30.96 -15.06
CA LEU D 58 -10.49 29.78 -15.15
C LEU D 58 -9.03 30.13 -14.90
N GLN D 59 -8.23 29.09 -14.63
CA GLN D 59 -6.82 29.30 -14.28
C GLN D 59 -5.99 29.79 -15.46
N ASP D 60 -6.50 29.66 -16.69
CA ASP D 60 -5.75 30.11 -17.85
C ASP D 60 -5.85 31.61 -18.08
N GLY D 61 -6.83 32.28 -17.45
CA GLY D 61 -6.96 33.72 -17.54
C GLY D 61 -8.29 34.22 -18.05
N PHE D 62 -9.02 33.43 -18.84
CA PHE D 62 -10.31 33.85 -19.38
C PHE D 62 -11.44 33.26 -18.55
N GLY D 63 -12.64 33.80 -18.74
CA GLY D 63 -13.77 33.38 -17.93
C GLY D 63 -15.03 33.02 -18.70
N PHE D 64 -16.02 32.50 -17.99
CA PHE D 64 -17.28 32.11 -18.61
C PHE D 64 -18.43 32.62 -17.75
N LEU D 65 -19.54 32.93 -18.40
CA LEU D 65 -20.78 33.28 -17.71
C LEU D 65 -21.69 32.06 -17.70
N ARG D 66 -22.08 31.62 -16.51
CA ARG D 66 -22.86 30.40 -16.35
C ARG D 66 -24.19 30.73 -15.68
N SER D 67 -25.14 29.81 -15.81
CA SER D 67 -26.50 30.02 -15.36
C SER D 67 -26.84 29.11 -14.19
N ALA D 68 -27.77 29.58 -13.35
CA ALA D 68 -28.23 28.84 -12.18
C ALA D 68 -29.34 27.86 -12.50
N ASP D 69 -29.94 27.92 -13.69
CA ASP D 69 -30.99 26.99 -14.05
C ASP D 69 -30.48 25.60 -14.37
N SER D 70 -29.19 25.46 -14.65
CA SER D 70 -28.55 24.17 -14.89
C SER D 70 -27.59 23.78 -13.77
N SER D 71 -27.67 24.45 -12.63
CA SER D 71 -26.74 24.24 -11.52
C SER D 71 -25.30 24.50 -11.94
N TYR D 72 -25.12 25.54 -12.76
CA TYR D 72 -23.79 26.00 -13.19
C TYR D 72 -23.02 24.91 -13.93
N LEU D 73 -23.72 24.14 -14.78
CA LEU D 73 -23.07 23.10 -15.56
C LEU D 73 -22.58 23.67 -16.88
N ALA D 74 -21.33 23.36 -17.22
CA ALA D 74 -20.72 23.89 -18.45
C ALA D 74 -21.41 23.31 -19.68
N GLY D 75 -21.70 24.17 -20.64
CA GLY D 75 -22.36 23.74 -21.86
C GLY D 75 -21.97 24.59 -23.05
N PRO D 76 -22.50 24.23 -24.23
CA PRO D 76 -22.16 24.99 -25.45
C PRO D 76 -22.75 26.38 -25.49
N ASP D 77 -23.68 26.72 -24.59
CA ASP D 77 -24.36 28.01 -24.63
C ASP D 77 -23.87 28.97 -23.55
N ASP D 78 -22.61 28.83 -23.12
CA ASP D 78 -22.02 29.77 -22.19
C ASP D 78 -21.48 31.00 -22.93
N ILE D 79 -21.16 32.04 -22.18
CA ILE D 79 -20.72 33.32 -22.73
C ILE D 79 -19.25 33.51 -22.36
N TYR D 80 -18.42 33.71 -23.37
CA TYR D 80 -16.98 33.87 -23.18
C TYR D 80 -16.65 35.28 -22.71
N VAL D 81 -15.69 35.39 -21.80
CA VAL D 81 -15.21 36.67 -21.29
C VAL D 81 -13.69 36.69 -21.39
N SER D 82 -13.15 37.69 -22.08
CA SER D 82 -11.73 37.81 -22.35
C SER D 82 -11.00 38.43 -21.16
N PRO D 83 -9.70 38.13 -21.00
CA PRO D 83 -8.95 38.72 -19.88
C PRO D 83 -8.89 40.24 -19.92
N SER D 84 -8.94 40.84 -21.11
CA SER D 84 -8.90 42.30 -21.20
C SER D 84 -10.08 42.94 -20.49
N GLN D 85 -11.28 42.36 -20.65
CA GLN D 85 -12.45 42.88 -19.95
C GLN D 85 -12.33 42.70 -18.45
N ILE D 86 -11.75 41.57 -18.02
CA ILE D 86 -11.54 41.33 -16.59
C ILE D 86 -10.62 42.39 -16.00
N ARG D 87 -9.53 42.71 -16.71
CA ARG D 87 -8.65 43.79 -16.27
C ARG D 87 -9.36 45.14 -16.29
N ARG D 88 -10.23 45.34 -17.29
CA ARG D 88 -10.92 46.64 -17.47
C ARG D 88 -12.01 46.93 -16.42
N PHE D 89 -12.70 45.90 -15.91
CA PHE D 89 -13.77 46.10 -14.96
C PHE D 89 -13.45 45.58 -13.56
N ASN D 90 -12.24 45.06 -13.35
CA ASN D 90 -11.82 44.58 -12.03
C ASN D 90 -12.76 43.50 -11.51
N LEU D 91 -12.92 42.43 -12.28
CA LEU D 91 -13.93 41.42 -11.97
C LEU D 91 -13.32 40.27 -11.18
N ARG D 92 -14.20 39.57 -10.44
CA ARG D 92 -13.82 38.41 -9.65
C ARG D 92 -14.85 37.32 -9.87
N THR D 93 -14.48 36.08 -9.52
CA THR D 93 -15.41 34.98 -9.58
C THR D 93 -16.55 35.20 -8.59
N GLY D 94 -17.76 34.83 -9.01
CA GLY D 94 -18.95 35.07 -8.21
C GLY D 94 -19.70 36.34 -8.56
N ASP D 95 -19.13 37.19 -9.41
CA ASP D 95 -19.81 38.42 -9.81
C ASP D 95 -20.94 38.10 -10.79
N THR D 96 -22.01 38.88 -10.70
CA THR D 96 -23.16 38.73 -11.58
C THR D 96 -23.11 39.84 -12.63
N ILE D 97 -23.11 39.45 -13.90
CA ILE D 97 -22.91 40.37 -15.01
C ILE D 97 -24.09 40.26 -15.96
N SER D 98 -24.64 41.41 -16.37
CA SER D 98 -25.72 41.47 -17.33
C SER D 98 -25.42 42.49 -18.41
N GLY D 99 -25.68 42.10 -19.66
CA GLY D 99 -25.44 43.00 -20.78
C GLY D 99 -25.80 42.39 -22.12
N LYS D 100 -25.00 42.73 -23.13
CA LYS D 100 -25.21 42.34 -24.52
C LYS D 100 -24.25 41.24 -24.92
N ILE D 101 -24.66 40.42 -25.89
CA ILE D 101 -23.82 39.36 -26.44
C ILE D 101 -23.87 39.41 -27.96
N ARG D 102 -22.88 38.79 -28.59
CA ARG D 102 -22.73 38.81 -30.03
C ARG D 102 -22.45 37.39 -30.54
N PRO D 103 -22.80 37.11 -31.79
CA PRO D 103 -22.61 35.75 -32.34
C PRO D 103 -21.12 35.43 -32.46
N PRO D 104 -20.78 34.14 -32.50
CA PRO D 104 -19.36 33.76 -32.59
C PRO D 104 -18.81 34.04 -33.98
N LYS D 105 -17.63 34.67 -34.00
CA LYS D 105 -16.90 35.00 -35.26
C LYS D 105 -16.29 33.71 -35.80
N GLU D 106 -16.04 33.66 -37.11
CA GLU D 106 -15.51 32.46 -37.76
C GLU D 106 -14.20 32.06 -37.10
N GLY D 107 -14.11 30.80 -36.69
CA GLY D 107 -12.96 30.28 -35.99
C GLY D 107 -13.16 30.13 -34.50
N GLU D 108 -14.18 30.77 -33.94
CA GLU D 108 -14.48 30.69 -32.51
C GLU D 108 -15.60 29.68 -32.25
N ARG D 109 -15.82 29.39 -30.97
CA ARG D 109 -16.79 28.38 -30.56
C ARG D 109 -17.98 28.94 -29.79
N TYR D 110 -17.84 30.09 -29.13
CA TYR D 110 -18.84 30.56 -28.17
C TYR D 110 -19.30 31.97 -28.51
N PHE D 111 -20.51 32.29 -28.06
CA PHE D 111 -20.96 33.66 -28.03
C PHE D 111 -20.11 34.47 -27.05
N ALA D 112 -19.90 35.74 -27.36
CA ALA D 112 -19.02 36.60 -26.58
C ALA D 112 -19.77 37.80 -26.04
N LEU D 113 -19.17 38.47 -25.08
CA LEU D 113 -19.76 39.65 -24.46
C LEU D 113 -19.53 40.87 -25.32
N LEU D 114 -20.55 41.71 -25.47
CA LEU D 114 -20.47 42.91 -26.30
C LEU D 114 -20.49 44.19 -25.47
N LYS D 115 -21.43 44.30 -24.54
CA LYS D 115 -21.52 45.53 -23.71
C LYS D 115 -22.00 45.20 -22.30
N VAL D 116 -21.27 45.66 -21.28
CA VAL D 116 -21.59 45.42 -19.88
C VAL D 116 -22.59 46.49 -19.42
N ASN D 117 -23.72 46.04 -18.90
CA ASN D 117 -24.76 46.95 -18.42
C ASN D 117 -24.86 47.00 -16.91
N GLU D 118 -24.81 45.85 -16.23
CA GLU D 118 -24.91 45.83 -14.78
C GLU D 118 -23.96 44.80 -14.20
N VAL D 119 -23.37 45.15 -13.05
CA VAL D 119 -22.52 44.27 -12.26
C VAL D 119 -23.07 44.26 -10.84
N ASN D 120 -23.49 43.08 -10.38
CA ASN D 120 -24.07 42.91 -9.04
C ASN D 120 -25.24 43.86 -8.82
N PHE D 121 -26.12 43.93 -9.83
CA PHE D 121 -27.34 44.77 -9.81
C PHE D 121 -26.98 46.23 -9.48
N ASP D 122 -25.88 46.72 -10.04
CA ASP D 122 -25.42 48.12 -9.80
C ASP D 122 -24.67 48.62 -11.04
N LYS D 123 -24.22 49.88 -11.02
CA LYS D 123 -23.47 50.47 -12.16
C LYS D 123 -22.03 49.97 -12.11
N PRO D 124 -21.37 49.69 -13.27
CA PRO D 124 -20.00 49.19 -13.29
C PRO D 124 -18.98 50.04 -12.49
N GLU D 125 -19.13 51.36 -12.49
CA GLU D 125 -18.20 52.27 -11.77
C GLU D 125 -18.51 52.28 -10.27
N ASN D 126 -19.74 51.92 -9.90
CA ASN D 126 -20.15 51.90 -8.47
C ASN D 126 -19.65 50.61 -7.82
N ALA D 127 -19.53 49.53 -8.60
CA ALA D 127 -19.08 48.21 -8.08
C ALA D 127 -17.57 48.07 -8.23
N ARG D 128 -16.88 49.17 -8.55
CA ARG D 128 -15.41 49.16 -8.68
C ARG D 128 -14.78 49.41 -7.30
N ASN D 129 -15.53 50.06 -6.40
CA ASN D 129 -14.98 50.41 -5.05
C ASN D 129 -15.85 49.81 -3.94
N LYS D 130 -15.49 48.61 -3.46
CA LYS D 130 -16.19 47.92 -2.35
C LYS D 130 -15.14 47.15 -1.55
N ILE D 131 -15.07 47.35 -0.23
CA ILE D 131 -13.99 46.66 0.54
C ILE D 131 -14.19 45.13 0.52
N LEU D 132 -13.09 44.38 0.36
CA LEU D 132 -13.10 42.90 0.29
C LEU D 132 -13.68 42.29 1.58
N PHE D 133 -14.33 41.14 1.45
CA PHE D 133 -15.02 40.41 2.55
C PHE D 133 -14.07 40.05 3.70
N GLU D 134 -12.80 39.76 3.41
CA GLU D 134 -11.83 39.36 4.47
C GLU D 134 -11.26 40.57 5.23
N ASN D 135 -11.72 41.78 4.89
CA ASN D 135 -11.23 43.02 5.57
C ASN D 135 -12.31 43.53 6.53
N LEU D 136 -13.41 42.79 6.68
CA LEU D 136 -14.52 43.20 7.59
C LEU D 136 -14.33 42.51 8.95
N THR D 137 -15.02 42.98 9.99
CA THR D 137 -14.86 42.42 11.37
C THR D 137 -16.16 41.73 11.81
N PRO D 138 -16.09 40.50 12.38
CA PRO D 138 -17.28 39.76 12.83
C PRO D 138 -17.59 39.82 14.34
N LEU D 139 -18.88 39.80 14.71
CA LEU D 139 -19.36 39.85 16.12
C LEU D 139 -20.43 38.77 16.32
N HIS D 140 -21.13 38.78 17.46
CA HIS D 140 -22.20 37.77 17.72
C HIS D 140 -23.50 38.26 17.06
N ALA D 141 -24.50 37.38 16.94
CA ALA D 141 -25.78 37.78 16.31
C ALA D 141 -26.59 38.68 17.24
N ASN D 142 -27.44 39.55 16.67
CA ASN D 142 -28.29 40.48 17.44
C ASN D 142 -29.76 40.32 17.02
N SER D 143 -30.06 40.63 15.76
CA SER D 143 -31.45 40.51 15.23
C SER D 143 -31.86 39.04 15.21
N ARG D 144 -33.09 38.73 15.64
CA ARG D 144 -33.56 37.33 15.68
C ARG D 144 -34.44 37.01 14.46
N LEU D 145 -34.37 35.77 13.98
CA LEU D 145 -35.19 35.28 12.88
C LEU D 145 -36.22 34.33 13.46
N ARG D 146 -37.44 34.85 13.68
CA ARG D 146 -38.50 34.07 14.29
C ARG D 146 -39.16 33.14 13.27
N MET D 147 -39.44 31.91 13.70
CA MET D 147 -40.05 30.91 12.83
C MET D 147 -41.56 30.82 13.00
N GLU D 148 -42.09 31.16 14.16
CA GLU D 148 -43.52 31.03 14.41
C GLU D 148 -44.31 31.99 13.52
N ARG D 149 -45.41 31.48 12.97
CA ARG D 149 -46.26 32.25 12.08
C ARG D 149 -47.57 32.70 12.72
N GLY D 150 -47.97 32.07 13.82
CA GLY D 150 -49.22 32.40 14.48
C GLY D 150 -50.45 32.05 13.67
N ASN D 151 -50.38 30.94 12.91
CA ASN D 151 -51.52 30.50 12.12
C ASN D 151 -52.48 29.66 12.96
N GLY D 152 -51.98 28.55 13.52
CA GLY D 152 -52.82 27.64 14.27
C GLY D 152 -52.91 26.28 13.62
N SER D 153 -52.08 26.04 12.61
CA SER D 153 -52.11 24.81 11.85
C SER D 153 -51.20 23.77 12.52
N THR D 154 -51.11 22.58 11.91
CA THR D 154 -50.23 21.53 12.40
C THR D 154 -48.76 21.76 12.06
N GLU D 155 -48.47 22.33 10.89
CA GLU D 155 -47.09 22.57 10.49
C GLU D 155 -46.41 23.62 11.34
N ASP D 156 -47.16 24.44 12.07
CA ASP D 156 -46.58 25.41 12.99
C ASP D 156 -46.08 24.79 14.28
N LEU D 157 -46.49 23.55 14.58
CA LEU D 157 -46.06 22.90 15.81
C LEU D 157 -44.59 22.51 15.75
N THR D 158 -43.97 22.56 14.57
CA THR D 158 -42.54 22.35 14.47
C THR D 158 -41.78 23.65 14.64
N ALA D 159 -42.27 24.73 14.02
CA ALA D 159 -41.64 26.03 14.17
C ALA D 159 -41.71 26.53 15.62
N ARG D 160 -42.81 26.28 16.31
CA ARG D 160 -42.93 26.72 17.70
C ARG D 160 -41.93 25.99 18.59
N VAL D 161 -41.78 24.67 18.42
CA VAL D 161 -40.80 23.91 19.20
C VAL D 161 -39.39 24.36 18.85
N LEU D 162 -39.14 24.67 17.57
CA LEU D 162 -37.83 25.17 17.17
C LEU D 162 -37.53 26.50 17.86
N ASP D 163 -38.52 27.39 17.93
CA ASP D 163 -38.34 28.67 18.60
C ASP D 163 -38.11 28.48 20.10
N LEU D 164 -38.75 27.47 20.68
CA LEU D 164 -38.57 27.21 22.11
C LEU D 164 -37.20 26.62 22.41
N ALA D 165 -36.70 25.74 21.54
CA ALA D 165 -35.48 25.00 21.85
C ALA D 165 -34.22 25.81 21.50
N SER D 166 -34.06 26.15 20.23
CA SER D 166 -32.83 26.79 19.74
C SER D 166 -33.17 28.01 18.88
N PRO D 167 -33.17 29.21 19.47
CA PRO D 167 -33.38 30.42 18.67
C PRO D 167 -32.26 30.62 17.64
N ILE D 168 -32.62 31.23 16.52
CA ILE D 168 -31.69 31.50 15.43
C ILE D 168 -31.63 33.00 15.18
N GLY D 169 -30.42 33.52 15.02
CA GLY D 169 -30.22 34.92 14.72
C GLY D 169 -29.55 35.10 13.36
N ARG D 170 -29.28 36.37 13.04
CA ARG D 170 -28.63 36.73 11.79
C ARG D 170 -27.12 36.57 11.96
N GLY D 171 -26.53 35.63 11.24
CA GLY D 171 -25.12 35.33 11.37
C GLY D 171 -24.79 34.06 12.13
N GLN D 172 -25.76 33.19 12.35
CA GLN D 172 -25.54 31.97 13.11
C GLN D 172 -24.68 30.97 12.32
N ARG D 173 -24.12 30.02 13.06
CA ARG D 173 -23.37 28.89 12.51
C ARG D 173 -23.90 27.66 13.22
N GLY D 174 -24.95 27.05 12.67
CA GLY D 174 -25.68 25.98 13.33
C GLY D 174 -25.39 24.63 12.73
N LEU D 175 -25.55 23.59 13.55
CA LEU D 175 -25.34 22.21 13.15
C LEU D 175 -26.53 21.37 13.60
N ILE D 176 -27.01 20.51 12.70
CA ILE D 176 -28.12 19.60 12.98
C ILE D 176 -27.57 18.17 12.93
N VAL D 177 -27.71 17.44 14.02
CA VAL D 177 -27.23 16.08 14.14
C VAL D 177 -28.43 15.16 14.00
N ALA D 178 -28.43 14.31 12.97
CA ALA D 178 -29.59 13.50 12.63
C ALA D 178 -29.19 12.05 12.39
N PRO D 179 -29.89 11.09 12.99
CA PRO D 179 -29.71 9.69 12.63
C PRO D 179 -30.55 9.32 11.43
N PRO D 180 -30.33 8.16 10.81
CA PRO D 180 -31.12 7.79 9.63
C PRO D 180 -32.60 7.64 9.95
N LYS D 181 -33.43 8.03 8.98
CA LYS D 181 -34.91 7.95 9.06
C LYS D 181 -35.71 8.75 10.10
N ALA D 182 -35.13 9.83 10.61
CA ALA D 182 -35.81 10.69 11.61
C ALA D 182 -36.55 11.95 11.16
N GLY D 183 -36.90 12.02 9.88
CA GLY D 183 -37.63 13.17 9.31
C GLY D 183 -36.76 14.42 9.24
N LYS D 184 -35.56 14.28 8.66
CA LYS D 184 -34.61 15.42 8.55
C LYS D 184 -34.93 16.27 7.31
N THR D 185 -35.60 15.68 6.32
CA THR D 185 -35.94 16.41 5.07
C THR D 185 -37.21 17.25 5.29
N MET D 186 -38.11 16.77 6.15
CA MET D 186 -39.38 17.50 6.45
C MET D 186 -39.07 18.69 7.37
N LEU D 187 -37.99 18.61 8.15
CA LEU D 187 -37.59 19.69 9.08
C LEU D 187 -36.95 20.83 8.28
N LEU D 188 -36.15 20.51 7.25
CA LEU D 188 -35.47 21.53 6.42
C LEU D 188 -36.49 22.30 5.58
N GLN D 189 -37.52 21.59 5.08
CA GLN D 189 -38.58 22.22 4.24
C GLN D 189 -39.46 23.14 5.09
N ASN D 190 -39.59 22.84 6.39
CA ASN D 190 -40.42 23.65 7.32
C ASN D 190 -39.73 24.98 7.58
N ILE D 191 -38.40 24.97 7.67
CA ILE D 191 -37.58 26.20 7.95
C ILE D 191 -37.62 27.11 6.71
N ALA D 192 -37.57 26.55 5.50
CA ALA D 192 -37.57 27.35 4.26
C ALA D 192 -38.92 28.06 4.09
N GLN D 193 -40.02 27.40 4.49
CA GLN D 193 -41.37 27.98 4.35
C GLN D 193 -41.57 29.13 5.36
N SER D 194 -40.91 29.05 6.52
CA SER D 194 -41.05 30.09 7.57
C SER D 194 -40.21 31.33 7.23
N ILE D 195 -39.08 31.14 6.53
CA ILE D 195 -38.16 32.27 6.20
C ILE D 195 -38.74 33.09 5.03
N ALA D 196 -39.30 32.43 4.02
CA ALA D 196 -39.85 33.12 2.83
C ALA D 196 -41.10 33.93 3.18
N TYR D 197 -41.84 33.49 4.21
CA TYR D 197 -43.11 34.17 4.59
C TYR D 197 -42.87 35.26 5.64
N ASN D 198 -41.94 35.03 6.58
CA ASN D 198 -41.67 36.00 7.68
C ASN D 198 -40.63 37.04 7.27
N HIS D 199 -39.55 36.63 6.61
CA HIS D 199 -38.47 37.59 6.23
C HIS D 199 -38.23 37.57 4.72
N PRO D 200 -39.07 38.25 3.91
CA PRO D 200 -38.90 38.28 2.44
C PRO D 200 -37.73 39.14 1.93
N ASP D 201 -37.10 39.93 2.81
CA ASP D 201 -35.97 40.81 2.41
C ASP D 201 -34.66 40.02 2.34
N CYS D 202 -34.60 38.83 2.92
CA CYS D 202 -33.36 38.01 2.91
C CYS D 202 -33.24 37.24 1.59
N VAL D 203 -32.02 36.83 1.24
CA VAL D 203 -31.78 36.01 0.01
C VAL D 203 -31.62 34.56 0.46
N LEU D 204 -32.53 33.68 0.03
CA LEU D 204 -32.50 32.24 0.43
C LEU D 204 -31.79 31.41 -0.64
N MET D 205 -30.93 30.47 -0.21
CA MET D 205 -30.19 29.59 -1.14
C MET D 205 -30.13 28.17 -0.55
N VAL D 206 -30.67 27.19 -1.27
CA VAL D 206 -30.64 25.77 -0.78
C VAL D 206 -29.60 25.01 -1.61
N LEU D 207 -28.82 24.13 -0.98
CA LEU D 207 -27.75 23.40 -1.71
C LEU D 207 -27.75 21.92 -1.31
N LEU D 208 -27.92 21.02 -2.29
CA LEU D 208 -27.90 19.55 -2.07
C LEU D 208 -26.62 19.01 -2.72
N ILE D 209 -25.94 18.04 -2.11
CA ILE D 209 -24.64 17.59 -2.66
C ILE D 209 -24.70 16.18 -3.28
N ASP D 210 -25.40 15.22 -2.66
CA ASP D 210 -25.44 13.86 -3.24
C ASP D 210 -26.87 13.32 -3.19
N GLU D 211 -27.84 14.13 -3.61
CA GLU D 211 -29.28 13.73 -3.53
C GLU D 211 -29.66 12.79 -4.68
N ARG D 212 -30.85 12.19 -4.57
CA ARG D 212 -31.41 11.29 -5.61
C ARG D 212 -32.16 12.16 -6.62
N PRO D 213 -32.24 11.77 -7.92
CA PRO D 213 -32.91 12.60 -8.93
C PRO D 213 -34.34 13.06 -8.63
N GLU D 214 -35.16 12.18 -8.03
CA GLU D 214 -36.59 12.51 -7.74
C GLU D 214 -36.72 13.43 -6.53
N GLU D 215 -35.70 13.52 -5.67
CA GLU D 215 -35.76 14.38 -4.46
C GLU D 215 -35.38 15.82 -4.83
N VAL D 216 -34.81 16.02 -6.03
CA VAL D 216 -34.38 17.38 -6.49
C VAL D 216 -35.57 18.10 -7.13
N THR D 217 -36.43 17.37 -7.85
CA THR D 217 -37.59 17.99 -8.54
C THR D 217 -38.69 18.32 -7.53
N GLU D 218 -38.73 17.62 -6.40
CA GLU D 218 -39.76 17.87 -5.35
C GLU D 218 -39.40 19.13 -4.56
N MET D 219 -38.13 19.33 -4.23
CA MET D 219 -37.66 20.51 -3.44
C MET D 219 -37.63 21.76 -4.33
N GLN D 220 -37.57 21.57 -5.66
CA GLN D 220 -37.52 22.70 -6.63
C GLN D 220 -38.93 23.25 -6.86
N ARG D 221 -39.96 22.49 -6.49
CA ARG D 221 -41.37 22.92 -6.68
C ARG D 221 -42.02 23.21 -5.33
N LEU D 222 -41.22 23.59 -4.32
CA LEU D 222 -41.77 23.86 -2.96
C LEU D 222 -41.09 25.09 -2.37
N VAL D 223 -39.76 25.19 -2.56
CA VAL D 223 -38.96 26.32 -2.00
C VAL D 223 -39.14 27.58 -2.86
N LYS D 224 -39.38 28.71 -2.20
CA LYS D 224 -39.54 30.03 -2.89
C LYS D 224 -38.21 30.76 -2.83
N GLY D 225 -37.20 30.26 -3.56
CA GLY D 225 -35.85 30.86 -3.58
C GLY D 225 -35.01 30.26 -4.68
N GLU D 226 -33.71 30.02 -4.42
CA GLU D 226 -32.80 29.44 -5.44
C GLU D 226 -32.32 28.07 -4.97
N VAL D 227 -32.63 27.01 -5.71
CA VAL D 227 -32.20 25.63 -5.35
C VAL D 227 -31.13 25.15 -6.34
N VAL D 228 -29.98 24.72 -5.83
CA VAL D 228 -28.84 24.20 -6.65
C VAL D 228 -28.51 22.81 -6.12
N ALA D 229 -28.20 21.85 -7.01
CA ALA D 229 -27.91 20.47 -6.54
C ALA D 229 -27.10 19.68 -7.56
N SER D 230 -26.59 18.51 -7.14
CA SER D 230 -25.84 17.56 -7.99
C SER D 230 -26.25 16.15 -7.57
N THR D 231 -26.49 15.24 -8.52
CA THR D 231 -26.95 13.86 -8.17
C THR D 231 -25.78 12.94 -7.84
N PHE D 232 -26.07 11.70 -7.45
CA PHE D 232 -25.03 10.72 -7.04
C PHE D 232 -24.35 10.07 -8.26
N ASP D 233 -24.90 10.28 -9.47
CA ASP D 233 -24.29 9.68 -10.69
C ASP D 233 -23.39 10.69 -11.40
N GLU D 234 -22.70 11.55 -10.62
CA GLU D 234 -21.77 12.57 -11.18
C GLU D 234 -20.41 12.40 -10.50
N PRO D 235 -19.30 12.88 -11.11
CA PRO D 235 -17.96 12.75 -10.51
C PRO D 235 -17.77 13.62 -9.25
N ALA D 236 -16.72 13.32 -8.46
CA ALA D 236 -16.41 14.06 -7.22
C ALA D 236 -16.01 15.50 -7.51
N SER D 237 -15.42 15.76 -8.68
CA SER D 237 -14.98 17.13 -9.09
C SER D 237 -16.21 18.01 -9.34
N ARG D 238 -17.33 17.42 -9.76
CA ARG D 238 -18.58 18.18 -10.04
C ARG D 238 -19.25 18.58 -8.71
N HIS D 239 -19.01 17.84 -7.64
CA HIS D 239 -19.59 18.16 -6.31
C HIS D 239 -18.84 19.36 -5.72
N VAL D 240 -17.52 19.39 -5.91
CA VAL D 240 -16.65 20.49 -5.39
C VAL D 240 -16.91 21.78 -6.17
N GLN D 241 -17.07 21.69 -7.49
CA GLN D 241 -17.29 22.89 -8.35
C GLN D 241 -18.60 23.59 -8.00
N VAL D 242 -19.65 22.83 -7.68
CA VAL D 242 -20.99 23.42 -7.36
C VAL D 242 -20.95 24.16 -6.02
N ALA D 243 -20.12 23.70 -5.08
CA ALA D 243 -20.02 24.32 -3.73
C ALA D 243 -19.17 25.60 -3.77
N GLU D 244 -18.10 25.61 -4.57
CA GLU D 244 -17.21 26.80 -4.65
C GLU D 244 -17.96 27.99 -5.26
N MET D 245 -18.85 27.72 -6.23
CA MET D 245 -19.61 28.79 -6.94
C MET D 245 -20.71 29.39 -6.05
N VAL D 246 -21.19 28.64 -5.06
CA VAL D 246 -22.30 29.13 -4.18
C VAL D 246 -21.74 29.98 -3.03
N ILE D 247 -20.54 29.67 -2.53
CA ILE D 247 -19.96 30.46 -1.41
C ILE D 247 -19.32 31.74 -1.93
N GLU D 248 -18.75 31.72 -3.13
CA GLU D 248 -18.10 32.92 -3.72
C GLU D 248 -19.19 33.94 -4.08
N LYS D 249 -20.34 33.45 -4.53
CA LYS D 249 -21.47 34.33 -4.95
C LYS D 249 -22.17 34.94 -3.74
N ALA D 250 -22.03 34.32 -2.56
CA ALA D 250 -22.67 34.83 -1.33
C ALA D 250 -21.84 35.96 -0.72
N LYS D 251 -20.51 35.87 -0.83
CA LYS D 251 -19.59 36.89 -0.28
C LYS D 251 -19.70 38.19 -1.08
N ARG D 252 -20.02 38.08 -2.38
CA ARG D 252 -20.16 39.24 -3.29
C ARG D 252 -21.42 40.04 -2.94
N LEU D 253 -22.44 39.39 -2.37
CA LEU D 253 -23.71 40.07 -2.00
C LEU D 253 -23.60 40.70 -0.62
N VAL D 254 -22.70 40.20 0.25
CA VAL D 254 -22.53 40.76 1.63
C VAL D 254 -21.69 42.02 1.59
N GLU D 255 -21.00 42.28 0.47
CA GLU D 255 -20.17 43.49 0.28
C GLU D 255 -21.07 44.68 -0.09
N HIS D 256 -22.31 44.40 -0.52
CA HIS D 256 -23.31 45.44 -0.85
C HIS D 256 -24.29 45.57 0.33
N LYS D 257 -23.86 45.11 1.51
CA LYS D 257 -24.64 45.17 2.79
C LYS D 257 -25.98 44.44 2.68
N LYS D 258 -25.96 43.14 2.35
CA LYS D 258 -27.21 42.34 2.23
C LYS D 258 -27.17 41.18 3.24
N ASP D 259 -28.33 40.55 3.48
CA ASP D 259 -28.43 39.40 4.42
C ASP D 259 -28.67 38.13 3.61
N VAL D 260 -27.72 37.19 3.63
CA VAL D 260 -27.84 35.92 2.85
C VAL D 260 -27.95 34.72 3.81
N ILE D 261 -28.77 33.73 3.46
CA ILE D 261 -28.95 32.50 4.28
C ILE D 261 -28.67 31.28 3.39
N ILE D 262 -27.89 30.31 3.89
CA ILE D 262 -27.57 29.09 3.11
C ILE D 262 -27.98 27.85 3.92
N LEU D 263 -28.78 26.97 3.32
CA LEU D 263 -29.20 25.71 3.98
C LEU D 263 -28.46 24.56 3.27
N LEU D 264 -27.35 24.09 3.84
CA LEU D 264 -26.55 23.00 3.22
C LEU D 264 -27.06 21.64 3.70
N ASP D 265 -27.39 20.72 2.79
CA ASP D 265 -27.98 19.40 3.17
C ASP D 265 -27.31 18.43 4.17
N SER D 266 -25.99 18.23 4.01
CA SER D 266 -25.15 17.22 4.70
C SER D 266 -23.77 17.81 4.36
N ILE D 267 -23.01 18.17 5.39
CA ILE D 267 -21.60 18.66 5.24
C ILE D 267 -20.67 17.44 5.23
N THR D 268 -21.20 16.27 5.63
CA THR D 268 -20.47 14.98 5.65
C THR D 268 -20.19 14.52 4.22
N ARG D 269 -21.12 14.80 3.30
CA ARG D 269 -20.98 14.40 1.87
C ARG D 269 -20.00 15.31 1.15
N LEU D 270 -19.94 16.60 1.54
CA LEU D 270 -19.00 17.56 0.89
C LEU D 270 -17.56 17.21 1.31
N ALA D 271 -17.38 16.74 2.55
CA ALA D 271 -16.04 16.36 3.05
C ALA D 271 -15.56 15.08 2.36
N ARG D 272 -16.49 14.22 1.95
CA ARG D 272 -16.15 12.94 1.26
C ARG D 272 -15.66 13.24 -0.16
N ALA D 273 -16.19 14.30 -0.78
CA ALA D 273 -15.82 14.68 -2.16
C ALA D 273 -14.43 15.33 -2.20
N TYR D 274 -14.06 16.04 -1.12
CA TYR D 274 -12.74 16.73 -1.03
C TYR D 274 -11.64 15.70 -0.73
N ASN D 275 -12.02 14.56 -0.17
CA ASN D 275 -11.07 13.47 0.19
C ASN D 275 -10.70 12.66 -1.06
N THR D 276 -11.52 12.77 -2.12
CA THR D 276 -11.29 12.01 -3.38
C THR D 276 -10.69 12.92 -4.46
N VAL D 277 -10.46 14.21 -4.15
CA VAL D 277 -9.95 15.15 -5.19
C VAL D 277 -8.65 15.81 -4.72
N VAL D 278 -8.28 15.63 -3.46
CA VAL D 278 -7.04 16.27 -2.91
C VAL D 278 -5.87 15.27 -2.96
N PRO D 279 -4.66 15.69 -3.39
CA PRO D 279 -3.49 14.79 -3.45
C PRO D 279 -3.18 14.13 -2.11
N ALA D 280 -2.77 12.86 -2.14
CA ALA D 280 -2.44 12.10 -0.91
C ALA D 280 -1.44 12.90 -0.06
N VAL D 284 -2.27 12.41 5.85
CA VAL D 284 -2.38 11.28 6.74
C VAL D 284 -3.81 10.78 6.80
N LEU D 285 -4.06 9.62 6.21
CA LEU D 285 -5.42 9.07 6.18
C LEU D 285 -5.87 8.55 7.54
N THR D 286 -6.45 9.44 8.35
CA THR D 286 -6.91 9.05 9.66
C THR D 286 -8.28 8.41 9.52
N GLY D 287 -8.33 7.08 9.56
CA GLY D 287 -9.60 6.40 9.36
C GLY D 287 -10.05 6.54 7.92
N GLY D 288 -9.09 6.64 7.00
CA GLY D 288 -9.41 6.80 5.60
C GLY D 288 -9.46 8.25 5.16
N VAL D 289 -9.60 9.17 6.10
CA VAL D 289 -9.71 10.58 5.75
C VAL D 289 -8.38 11.31 5.84
N ASP D 290 -7.85 11.74 4.70
CA ASP D 290 -6.60 12.48 4.69
C ASP D 290 -6.68 13.71 5.59
N ALA D 291 -5.59 14.01 6.28
CA ALA D 291 -5.59 15.14 7.24
C ALA D 291 -5.72 16.48 6.52
N ASN D 292 -5.20 16.55 5.28
CA ASN D 292 -5.24 17.81 4.49
C ASN D 292 -6.53 17.88 3.66
N ALA D 293 -7.39 16.87 3.77
CA ALA D 293 -8.65 16.83 3.00
C ALA D 293 -9.81 17.35 3.85
N LEU D 294 -9.51 18.08 4.92
CA LEU D 294 -10.58 18.63 5.82
C LEU D 294 -10.40 20.13 5.96
N HIS D 295 -9.38 20.69 5.29
CA HIS D 295 -9.08 22.15 5.37
C HIS D 295 -10.09 22.95 4.54
N ARG D 296 -10.35 22.53 3.30
CA ARG D 296 -11.30 23.25 2.40
C ARG D 296 -12.71 23.26 2.99
N PRO D 297 -13.26 22.12 3.46
CA PRO D 297 -14.61 22.10 4.05
C PRO D 297 -14.77 22.99 5.30
N LYS D 298 -13.70 23.18 6.08
CA LYS D 298 -13.75 24.03 7.30
C LYS D 298 -13.69 25.51 6.91
N ARG D 299 -13.20 25.80 5.70
CA ARG D 299 -13.11 27.20 5.19
C ARG D 299 -14.50 27.64 4.72
N PHE D 300 -15.31 26.69 4.25
CA PHE D 300 -16.69 26.97 3.78
C PHE D 300 -17.59 27.26 4.99
N PHE D 301 -17.54 26.39 6.00
CA PHE D 301 -18.36 26.50 7.23
C PHE D 301 -17.92 27.70 8.09
N GLY D 302 -16.65 28.12 7.98
CA GLY D 302 -16.14 29.22 8.81
C GLY D 302 -16.38 30.61 8.24
N ALA D 303 -17.20 30.74 7.18
CA ALA D 303 -17.47 32.05 6.57
C ALA D 303 -18.72 32.69 7.18
N ALA D 304 -19.46 31.95 8.01
CA ALA D 304 -20.68 32.50 8.65
C ALA D 304 -20.28 33.52 9.73
N ARG D 305 -20.82 34.74 9.66
CA ARG D 305 -20.47 35.80 10.65
C ARG D 305 -21.46 36.96 10.55
N ASN D 306 -21.39 37.89 11.51
CA ASN D 306 -22.24 39.11 11.54
C ASN D 306 -21.32 40.31 11.33
N VAL D 307 -21.36 40.91 10.13
CA VAL D 307 -20.48 42.06 9.78
C VAL D 307 -20.83 43.27 10.65
N GLU D 308 -19.83 44.09 11.00
CA GLU D 308 -20.04 45.29 11.85
C GLU D 308 -20.28 46.51 10.95
N GLU D 309 -19.94 46.41 9.67
CA GLU D 309 -20.13 47.54 8.70
C GLU D 309 -21.51 47.43 8.06
N GLY D 310 -22.13 46.25 8.13
CA GLY D 310 -23.46 46.02 7.52
C GLY D 310 -23.48 44.76 6.69
N GLY D 311 -24.55 43.95 6.83
CA GLY D 311 -24.67 42.68 6.08
C GLY D 311 -24.62 41.50 7.03
N SER D 312 -24.82 40.29 6.51
CA SER D 312 -24.81 39.06 7.36
C SER D 312 -24.70 37.80 6.49
N LEU D 313 -24.28 36.69 7.10
CA LEU D 313 -24.16 35.38 6.40
C LEU D 313 -24.44 34.28 7.43
N THR D 314 -25.60 33.62 7.33
CA THR D 314 -25.96 32.52 8.25
C THR D 314 -25.89 31.19 7.50
N ILE D 315 -25.35 30.15 8.13
CA ILE D 315 -25.21 28.81 7.48
C ILE D 315 -25.70 27.72 8.44
N ILE D 316 -26.65 26.90 8.00
CA ILE D 316 -27.18 25.76 8.82
C ILE D 316 -26.94 24.46 8.04
N ALA D 317 -25.95 23.67 8.44
CA ALA D 317 -25.59 22.41 7.74
C ALA D 317 -26.09 21.19 8.50
N THR D 318 -26.03 20.01 7.87
CA THR D 318 -26.49 18.74 8.49
C THR D 318 -25.30 17.77 8.61
N ALA D 319 -25.21 17.06 9.74
CA ALA D 319 -24.13 16.08 9.97
C ALA D 319 -24.76 14.69 10.16
N LEU D 320 -24.40 13.72 9.31
CA LEU D 320 -24.98 12.35 9.39
C LEU D 320 -24.23 11.54 10.45
N ILE D 321 -24.98 10.78 11.27
CA ILE D 321 -24.36 9.98 12.37
C ILE D 321 -25.02 8.61 12.43
N ASP D 322 -24.32 7.61 13.00
CA ASP D 322 -24.83 6.22 13.15
C ASP D 322 -25.27 5.66 11.80
N THR D 323 -24.33 5.51 10.86
CA THR D 323 -24.66 4.97 9.51
C THR D 323 -23.94 3.64 9.28
N GLY D 324 -22.95 3.32 10.13
CA GLY D 324 -22.19 2.07 10.00
C GLY D 324 -20.86 2.29 9.33
N SER D 325 -20.55 3.54 8.97
CA SER D 325 -19.27 3.88 8.30
C SER D 325 -18.30 4.48 9.33
N LYS D 326 -17.02 4.09 9.25
CA LYS D 326 -15.99 4.60 10.20
C LYS D 326 -15.49 5.97 9.73
N MET D 327 -15.76 6.31 8.47
CA MET D 327 -15.33 7.60 7.88
C MET D 327 -16.27 8.72 8.34
N ASP D 328 -17.56 8.43 8.49
CA ASP D 328 -18.56 9.43 8.92
C ASP D 328 -18.39 9.77 10.40
N GLU D 329 -17.85 8.83 11.19
CA GLU D 329 -17.64 9.07 12.64
C GLU D 329 -16.39 9.93 12.85
N VAL D 330 -15.43 9.83 11.93
CA VAL D 330 -14.16 10.60 12.04
C VAL D 330 -14.43 12.06 11.61
N ILE D 331 -15.33 12.25 10.65
CA ILE D 331 -15.65 13.61 10.13
C ILE D 331 -16.50 14.38 11.16
N TYR D 332 -17.40 13.69 11.85
CA TYR D 332 -18.28 14.36 12.85
C TYR D 332 -17.48 14.79 14.08
N GLU D 333 -16.41 14.07 14.40
CA GLU D 333 -15.59 14.37 15.60
C GLU D 333 -14.66 15.57 15.34
N GLU D 334 -14.43 15.90 14.07
CA GLU D 334 -13.53 17.03 13.70
C GLU D 334 -14.34 18.34 13.68
N PHE D 335 -15.64 18.27 13.37
CA PHE D 335 -16.51 19.47 13.28
C PHE D 335 -17.28 19.67 14.58
N LYS D 336 -16.78 19.10 15.69
CA LYS D 336 -17.45 19.21 17.00
C LYS D 336 -16.88 20.40 17.78
N GLY D 337 -17.73 21.37 18.13
CA GLY D 337 -17.30 22.56 18.90
C GLY D 337 -16.89 23.72 18.01
N THR D 338 -17.43 23.78 16.78
CA THR D 338 -17.09 24.88 15.83
C THR D 338 -18.31 25.78 15.58
N GLY D 339 -19.51 25.31 15.94
CA GLY D 339 -20.73 26.11 15.74
C GLY D 339 -21.17 26.79 17.03
N ASN D 340 -22.16 27.69 16.95
CA ASN D 340 -22.67 28.40 18.16
C ASN D 340 -24.14 28.03 18.38
N MET D 341 -24.64 27.06 17.62
CA MET D 341 -26.04 26.55 17.74
C MET D 341 -26.02 25.05 17.44
N GLU D 342 -26.90 24.28 18.08
CA GLU D 342 -26.91 22.81 17.82
C GLU D 342 -28.29 22.24 18.10
N LEU D 343 -28.80 21.39 17.20
CA LEU D 343 -30.13 20.74 17.34
C LEU D 343 -29.96 19.23 17.14
N HIS D 344 -30.37 18.42 18.12
CA HIS D 344 -30.22 16.94 18.03
C HIS D 344 -31.55 16.29 17.64
N LEU D 345 -31.48 15.12 17.00
CA LEU D 345 -32.70 14.36 16.59
C LEU D 345 -32.61 12.95 17.18
N SER D 346 -33.73 12.41 17.68
CA SER D 346 -33.74 11.07 18.33
C SER D 346 -34.48 10.06 17.46
N ARG D 347 -33.87 8.89 17.23
CA ARG D 347 -34.49 7.81 16.41
C ARG D 347 -35.59 7.13 17.24
N LYS D 348 -35.43 7.11 18.57
CA LYS D 348 -36.42 6.48 19.48
C LYS D 348 -37.76 7.21 19.38
N ILE D 349 -37.74 8.53 19.23
CA ILE D 349 -38.99 9.34 19.14
C ILE D 349 -39.64 9.12 17.78
N ALA D 350 -38.84 8.83 16.75
CA ALA D 350 -39.36 8.64 15.37
C ALA D 350 -39.89 7.21 15.21
N GLU D 351 -39.51 6.29 16.10
CA GLU D 351 -39.96 4.88 16.04
C GLU D 351 -41.38 4.78 16.64
N LYS D 352 -41.76 5.78 17.44
CA LYS D 352 -43.11 5.80 18.08
C LYS D 352 -44.05 6.69 17.25
N ARG D 353 -43.63 7.04 16.04
CA ARG D 353 -44.40 7.89 15.09
C ARG D 353 -44.72 9.25 15.71
N VAL D 354 -43.79 9.83 16.47
CA VAL D 354 -44.00 11.16 17.10
C VAL D 354 -43.05 12.17 16.44
N PHE D 355 -43.60 13.25 15.88
CA PHE D 355 -42.76 14.28 15.20
C PHE D 355 -43.07 15.66 15.79
N PRO D 356 -42.07 16.57 15.91
CA PRO D 356 -40.84 16.51 15.13
C PRO D 356 -39.64 15.77 15.74
N ALA D 357 -39.80 15.12 16.89
CA ALA D 357 -38.70 14.37 17.56
C ALA D 357 -37.39 15.10 17.90
N ILE D 358 -37.49 16.33 18.40
CA ILE D 358 -36.30 17.11 18.83
C ILE D 358 -35.79 16.85 20.25
N ASP D 359 -34.69 16.09 20.40
CA ASP D 359 -34.11 15.83 21.75
C ASP D 359 -34.00 17.27 22.27
N TYR D 360 -34.73 17.57 23.34
CA TYR D 360 -34.86 18.94 23.92
C TYR D 360 -33.80 19.10 25.02
N ASN D 361 -33.26 18.00 25.55
CA ASN D 361 -32.29 18.12 26.67
C ASN D 361 -30.85 18.26 26.16
N ARG D 362 -30.63 18.18 24.84
CA ARG D 362 -29.27 18.27 24.32
C ARG D 362 -29.04 19.49 23.42
N SER D 363 -30.11 20.14 22.94
CA SER D 363 -29.98 21.25 22.02
C SER D 363 -30.00 22.58 22.75
N GLY D 364 -29.37 23.58 22.14
CA GLY D 364 -29.29 24.91 22.70
C GLY D 364 -28.38 25.83 21.92
N THR D 365 -28.39 27.12 22.24
CA THR D 365 -27.56 28.09 21.55
C THR D 365 -26.70 28.87 22.54
N ARG D 366 -25.54 29.32 22.07
CA ARG D 366 -24.69 30.19 22.87
C ARG D 366 -25.21 31.62 22.84
N LYS D 367 -25.07 32.32 23.97
CA LYS D 367 -25.44 33.73 24.09
C LYS D 367 -26.92 33.94 23.76
N GLU D 368 -27.78 33.23 24.49
CA GLU D 368 -29.22 33.38 24.30
C GLU D 368 -29.72 34.74 24.77
N GLU D 369 -29.02 35.36 25.72
CA GLU D 369 -29.50 36.61 26.30
C GLU D 369 -29.48 37.77 25.31
N LEU D 370 -28.63 37.71 24.29
CA LEU D 370 -28.55 38.78 23.31
C LEU D 370 -29.66 38.72 22.27
N LEU D 371 -30.31 37.57 22.10
CA LEU D 371 -31.35 37.41 21.09
C LEU D 371 -32.76 37.53 21.61
N THR D 372 -32.97 37.53 22.94
CA THR D 372 -34.30 37.57 23.53
C THR D 372 -34.36 38.64 24.60
N THR D 373 -35.59 39.03 24.93
CA THR D 373 -35.83 39.96 26.03
C THR D 373 -35.75 39.24 27.38
N GLN D 374 -35.71 40.03 28.44
CA GLN D 374 -35.52 39.47 29.78
C GLN D 374 -36.69 38.60 30.21
N GLU D 375 -37.92 39.06 29.96
CA GLU D 375 -39.09 38.30 30.37
C GLU D 375 -39.14 36.96 29.63
N GLU D 376 -38.89 36.98 28.32
CA GLU D 376 -38.87 35.74 27.55
C GLU D 376 -37.81 34.80 28.07
N LEU D 377 -36.62 35.32 28.40
CA LEU D 377 -35.56 34.49 28.93
C LEU D 377 -35.96 33.85 30.25
N GLN D 378 -36.63 34.60 31.13
CA GLN D 378 -37.10 34.04 32.39
C GLN D 378 -38.12 32.93 32.16
N LYS D 379 -39.07 33.15 31.24
CA LYS D 379 -40.07 32.13 30.96
C LYS D 379 -39.42 30.86 30.40
N MET D 380 -38.46 31.02 29.49
CA MET D 380 -37.77 29.85 28.95
C MET D 380 -36.94 29.14 30.01
N TRP D 381 -36.34 29.89 30.95
CA TRP D 381 -35.62 29.26 32.05
C TRP D 381 -36.56 28.43 32.92
N ILE D 382 -37.75 28.96 33.19
CA ILE D 382 -38.74 28.22 33.96
C ILE D 382 -39.12 26.93 33.23
N LEU D 383 -39.36 27.03 31.93
CA LEU D 383 -39.71 25.85 31.14
C LEU D 383 -38.59 24.83 31.15
N ARG D 384 -37.34 25.28 30.99
CA ARG D 384 -36.20 24.37 31.00
C ARG D 384 -36.07 23.67 32.34
N LYS D 385 -36.28 24.39 33.44
CA LYS D 385 -36.23 23.76 34.75
C LYS D 385 -37.34 22.74 34.92
N ILE D 386 -38.53 23.03 34.37
CA ILE D 386 -39.65 22.10 34.51
C ILE D 386 -39.40 20.82 33.71
N ILE D 387 -38.86 20.95 32.49
CA ILE D 387 -38.79 19.80 31.59
C ILE D 387 -37.61 18.89 31.92
N HIS D 388 -36.64 19.39 32.68
CA HIS D 388 -35.36 18.69 32.88
C HIS D 388 -35.49 17.25 33.35
N PRO D 389 -36.28 16.91 34.37
CA PRO D 389 -36.28 15.51 34.85
C PRO D 389 -36.98 14.53 33.94
N MET D 390 -37.79 14.99 32.99
CA MET D 390 -38.56 14.08 32.14
C MET D 390 -37.65 13.36 31.15
N GLY D 391 -38.18 12.24 30.62
CA GLY D 391 -37.49 11.52 29.57
C GLY D 391 -37.72 12.15 28.21
N GLU D 392 -37.04 11.58 27.20
CA GLU D 392 -37.09 12.14 25.86
C GLU D 392 -38.49 12.06 25.28
N ILE D 393 -39.02 10.85 25.15
CA ILE D 393 -40.36 10.65 24.58
C ILE D 393 -41.40 11.32 25.47
N ASP D 394 -41.25 11.22 26.79
CA ASP D 394 -42.19 11.83 27.71
C ASP D 394 -42.20 13.35 27.54
N ALA D 395 -41.03 13.97 27.46
CA ALA D 395 -40.97 15.42 27.29
C ALA D 395 -41.56 15.85 25.95
N MET D 396 -41.26 15.10 24.89
CA MET D 396 -41.82 15.45 23.58
C MET D 396 -43.34 15.35 23.59
N GLU D 397 -43.89 14.28 24.17
CA GLU D 397 -45.34 14.15 24.25
C GLU D 397 -45.95 15.26 25.09
N PHE D 398 -45.32 15.60 26.21
CA PHE D 398 -45.84 16.66 27.07
C PHE D 398 -45.87 17.99 26.33
N LEU D 399 -44.78 18.32 25.63
CA LEU D 399 -44.71 19.58 24.89
C LEU D 399 -45.76 19.60 23.78
N ILE D 400 -45.89 18.50 23.04
CA ILE D 400 -46.85 18.45 21.94
C ILE D 400 -48.27 18.60 22.47
N ASN D 401 -48.59 17.94 23.59
CA ASN D 401 -49.92 18.04 24.17
C ASN D 401 -50.20 19.47 24.64
N LYS D 402 -49.21 20.11 25.28
CA LYS D 402 -49.46 21.42 25.87
C LYS D 402 -49.50 22.54 24.83
N LEU D 403 -48.75 22.40 23.73
CA LEU D 403 -48.63 23.50 22.78
C LEU D 403 -49.81 23.60 21.82
N ALA D 404 -50.70 22.60 21.85
CA ALA D 404 -51.86 22.55 20.93
C ALA D 404 -53.13 22.99 21.65
N MET D 405 -53.03 23.98 22.54
CA MET D 405 -54.21 24.49 23.30
C MET D 405 -54.31 26.00 23.07
N THR D 406 -53.21 26.61 22.59
CA THR D 406 -53.17 28.07 22.31
C THR D 406 -52.86 28.29 20.83
N LYS D 407 -52.61 29.54 20.43
CA LYS D 407 -52.30 29.86 19.01
C LYS D 407 -50.87 30.37 18.90
N THR D 408 -50.40 31.12 19.90
CA THR D 408 -49.02 31.67 19.90
C THR D 408 -48.28 31.17 21.14
N ASN D 409 -46.97 31.44 21.22
CA ASN D 409 -46.13 30.99 22.37
C ASN D 409 -46.41 31.89 23.57
N ASP D 410 -46.87 33.12 23.33
CA ASP D 410 -47.16 34.09 24.43
C ASP D 410 -48.40 33.63 25.20
N ASP D 411 -49.37 33.02 24.51
CA ASP D 411 -50.63 32.55 25.15
C ASP D 411 -50.35 31.23 25.89
N PHE D 412 -49.28 30.52 25.53
CA PHE D 412 -48.95 29.23 26.19
C PHE D 412 -48.13 29.50 27.47
N PHE D 413 -47.44 30.64 27.51
CA PHE D 413 -46.61 31.01 28.68
C PHE D 413 -47.51 31.56 29.79
N GLU D 414 -48.57 32.28 29.40
CA GLU D 414 -49.52 32.88 30.38
C GLU D 414 -50.47 31.78 30.91
N MET D 415 -50.62 30.70 30.14
CA MET D 415 -51.50 29.56 30.55
C MET D 415 -50.68 28.61 31.43
N MET D 416 -49.36 28.80 31.49
CA MET D 416 -48.46 27.96 32.32
C MET D 416 -48.41 28.57 33.72
N LYS D 417 -48.76 29.85 33.83
CA LYS D 417 -48.79 30.66 35.08
C LYS D 417 -47.62 30.29 36.00
N MET E 1 6.33 56.17 5.85
CA MET E 1 6.91 56.93 6.95
C MET E 1 7.17 56.05 8.16
N ASN E 2 6.12 55.38 8.64
CA ASN E 2 6.23 54.51 9.80
C ASN E 2 5.36 53.28 9.54
N LEU E 3 5.99 52.10 9.49
CA LEU E 3 5.25 50.87 9.23
C LEU E 3 4.24 50.58 10.32
N THR E 4 4.65 50.75 11.59
CA THR E 4 3.77 50.42 12.71
C THR E 4 2.53 51.32 12.72
N GLU E 5 2.70 52.61 12.40
CA GLU E 5 1.56 53.51 12.31
C GLU E 5 0.63 53.09 11.17
N LEU E 6 1.20 52.65 10.05
CA LEU E 6 0.39 52.21 8.93
C LEU E 6 -0.43 50.97 9.27
N LYS E 7 0.18 50.04 10.02
CA LYS E 7 -0.51 48.80 10.36
C LYS E 7 -1.75 49.03 11.22
N ASN E 8 -1.74 50.05 12.06
CA ASN E 8 -2.83 50.30 12.99
C ASN E 8 -3.87 51.27 12.46
N THR E 9 -4.03 51.36 11.14
CA THR E 9 -4.98 52.25 10.50
C THR E 9 -6.08 51.45 9.83
N PRO E 10 -7.35 51.89 9.96
CA PRO E 10 -8.44 51.17 9.30
C PRO E 10 -8.34 51.20 7.78
N VAL E 11 -8.99 50.23 7.12
CA VAL E 11 -8.82 50.03 5.68
C VAL E 11 -9.31 51.23 4.90
N SER E 12 -10.45 51.82 5.30
CA SER E 12 -11.00 52.95 4.56
C SER E 12 -10.04 54.14 4.57
N GLU E 13 -9.46 54.44 5.74
CA GLU E 13 -8.52 55.54 5.84
C GLU E 13 -7.29 55.28 4.98
N LEU E 14 -6.82 54.03 4.94
CA LEU E 14 -5.70 53.69 4.06
C LEU E 14 -6.08 53.90 2.60
N ILE E 15 -7.32 53.57 2.23
CA ILE E 15 -7.75 53.76 0.85
C ILE E 15 -7.78 55.25 0.49
N THR E 16 -8.28 56.09 1.40
CA THR E 16 -8.25 57.53 1.13
C THR E 16 -6.83 58.08 1.07
N LEU E 17 -5.93 57.56 1.92
CA LEU E 17 -4.53 57.99 1.88
C LEU E 17 -3.90 57.62 0.52
N GLY E 18 -4.14 56.40 0.06
CA GLY E 18 -3.61 55.99 -1.23
C GLY E 18 -4.22 56.77 -2.39
N GLU E 19 -5.50 57.14 -2.22
CA GLU E 19 -6.23 57.94 -3.24
C GLU E 19 -5.56 59.32 -3.32
N ASN E 20 -5.30 59.94 -2.17
CA ASN E 20 -4.63 61.24 -2.12
C ASN E 20 -3.23 61.15 -2.69
N MET E 21 -2.53 60.05 -2.47
CA MET E 21 -1.23 59.80 -3.09
C MET E 21 -1.33 59.60 -4.60
N GLY E 22 -2.54 59.40 -5.12
CA GLY E 22 -2.73 59.26 -6.55
C GLY E 22 -2.47 57.87 -7.09
N LEU E 23 -3.03 56.85 -6.47
CA LEU E 23 -2.79 55.46 -6.86
C LEU E 23 -4.01 54.86 -7.54
N GLU E 24 -3.75 53.76 -8.26
CA GLU E 24 -4.75 52.93 -8.98
C GLU E 24 -5.66 52.29 -7.92
N ASN E 25 -6.91 51.99 -8.28
CA ASN E 25 -7.90 51.61 -7.27
C ASN E 25 -7.45 50.39 -6.48
N LEU E 26 -7.56 50.48 -5.15
CA LEU E 26 -7.09 49.46 -4.22
C LEU E 26 -8.21 48.90 -3.34
N ALA E 27 -9.47 49.08 -3.73
CA ALA E 27 -10.56 48.72 -2.85
C ALA E 27 -10.84 47.22 -2.86
N ARG E 28 -10.32 46.49 -3.85
CA ARG E 28 -10.62 45.08 -4.02
C ARG E 28 -9.43 44.17 -3.73
N MET E 29 -8.44 44.66 -2.99
CA MET E 29 -7.29 43.87 -2.59
C MET E 29 -7.22 43.80 -1.07
N ARG E 30 -6.19 43.12 -0.57
CA ARG E 30 -6.07 42.85 0.85
C ARG E 30 -5.28 43.93 1.58
N LYS E 31 -5.26 43.81 2.91
CA LYS E 31 -4.60 44.78 3.78
C LYS E 31 -3.11 44.92 3.45
N GLN E 32 -2.41 43.79 3.40
CA GLN E 32 -0.96 43.82 3.23
C GLN E 32 -0.57 44.30 1.85
N ASP E 33 -1.35 43.95 0.84
CA ASP E 33 -1.06 44.45 -0.52
C ASP E 33 -1.20 45.96 -0.58
N ILE E 34 -2.23 46.52 0.05
CA ILE E 34 -2.40 47.97 0.08
C ILE E 34 -1.23 48.63 0.81
N ILE E 35 -0.83 48.06 1.94
CA ILE E 35 0.28 48.62 2.70
C ILE E 35 1.56 48.59 1.87
N PHE E 36 1.82 47.47 1.20
CA PHE E 36 3.02 47.34 0.39
C PHE E 36 3.02 48.32 -0.78
N ALA E 37 1.88 48.48 -1.45
CA ALA E 37 1.79 49.43 -2.55
C ALA E 37 2.01 50.86 -2.07
N ILE E 38 1.42 51.22 -0.94
CA ILE E 38 1.59 52.57 -0.39
C ILE E 38 3.05 52.82 -0.03
N LEU E 39 3.70 51.83 0.58
CA LEU E 39 5.12 51.97 0.89
C LEU E 39 5.96 52.10 -0.37
N LYS E 40 5.66 51.30 -1.38
CA LYS E 40 6.46 51.32 -2.61
C LYS E 40 6.33 52.65 -3.33
N GLN E 41 5.12 53.22 -3.39
CA GLN E 41 4.94 54.50 -4.06
C GLN E 41 5.64 55.64 -3.33
N HIS E 42 5.65 55.62 -2.01
CA HIS E 42 6.29 56.65 -1.19
C HIS E 42 7.78 56.42 -1.01
N ALA E 43 8.55 56.36 -2.09
CA ALA E 43 9.98 56.13 -1.98
C ALA E 43 10.73 57.36 -1.48
N LYS E 44 10.12 58.54 -1.53
CA LYS E 44 10.74 59.78 -1.10
C LYS E 44 10.11 60.27 0.18
N SER E 45 10.93 60.60 1.18
CA SER E 45 12.38 60.54 1.12
C SER E 45 12.91 59.16 1.50
N GLY E 46 14.23 58.98 1.38
CA GLY E 46 14.82 57.68 1.60
C GLY E 46 15.06 57.33 3.06
N GLU E 47 15.38 58.33 3.89
CA GLU E 47 15.68 58.09 5.29
C GLU E 47 14.44 58.11 6.17
N ASP E 48 13.30 58.55 5.67
CA ASP E 48 12.07 58.68 6.45
C ASP E 48 11.18 57.44 6.33
N ILE E 49 11.74 56.27 6.61
CA ILE E 49 10.98 55.02 6.66
C ILE E 49 11.53 54.21 7.83
N PHE E 50 10.68 53.94 8.82
CA PHE E 50 11.07 53.22 10.02
C PHE E 50 10.37 51.87 10.06
N GLY E 51 11.02 50.87 10.66
CA GLY E 51 10.42 49.55 10.75
C GLY E 51 10.86 48.83 12.00
N ASP E 52 10.09 47.80 12.35
CA ASP E 52 10.41 46.95 13.50
C ASP E 52 9.63 45.66 13.39
N GLY E 53 10.06 44.66 14.16
CA GLY E 53 9.36 43.39 14.18
C GLY E 53 10.12 42.34 14.95
N VAL E 54 9.50 41.16 15.04
CA VAL E 54 10.06 40.01 15.75
C VAL E 54 10.73 39.11 14.72
N LEU E 55 11.93 38.65 15.04
CA LEU E 55 12.75 37.91 14.09
C LEU E 55 12.40 36.43 14.08
N GLU E 56 12.17 35.90 12.88
CA GLU E 56 12.03 34.46 12.64
C GLU E 56 13.15 34.05 11.70
N ILE E 57 13.95 33.07 12.12
CA ILE E 57 15.06 32.59 11.31
C ILE E 57 14.65 31.27 10.66
N LEU E 58 14.73 31.22 9.33
CA LEU E 58 14.35 30.02 8.60
C LEU E 58 15.52 29.05 8.54
N GLN E 59 15.25 27.86 7.98
CA GLN E 59 16.25 26.80 7.99
C GLN E 59 17.33 27.02 6.94
N ASP E 60 17.13 27.97 6.02
CA ASP E 60 18.11 28.23 4.98
C ASP E 60 19.13 29.30 5.34
N GLY E 61 18.96 29.99 6.48
CA GLY E 61 19.93 30.94 6.95
C GLY E 61 19.49 32.39 6.93
N PHE E 62 18.47 32.76 6.16
CA PHE E 62 17.97 34.12 6.15
C PHE E 62 16.74 34.21 7.03
N GLY E 63 16.42 35.44 7.45
CA GLY E 63 15.35 35.66 8.41
C GLY E 63 14.38 36.72 7.96
N PHE E 64 13.27 36.81 8.67
CA PHE E 64 12.25 37.82 8.42
C PHE E 64 11.83 38.47 9.73
N LEU E 65 11.42 39.73 9.62
CA LEU E 65 10.77 40.44 10.73
C LEU E 65 9.27 40.43 10.51
N ARG E 66 8.54 39.88 11.47
CA ARG E 66 7.10 39.75 11.39
C ARG E 66 6.42 40.57 12.48
N SER E 67 5.14 40.84 12.29
CA SER E 67 4.38 41.73 13.15
C SER E 67 3.34 40.97 13.96
N ALA E 68 3.05 41.50 15.15
CA ALA E 68 2.12 40.84 16.06
C ALA E 68 0.67 41.14 15.74
N ASP E 69 0.39 42.28 15.10
CA ASP E 69 -0.99 42.63 14.77
C ASP E 69 -1.61 41.68 13.76
N SER E 70 -0.80 40.96 12.99
CA SER E 70 -1.28 39.91 12.09
C SER E 70 -1.06 38.52 12.65
N SER E 71 -0.67 38.42 13.93
CA SER E 71 -0.34 37.14 14.57
C SER E 71 0.78 36.42 13.83
N TYR E 72 1.78 37.19 13.40
CA TYR E 72 2.99 36.66 12.76
C TYR E 72 2.66 35.81 11.54
N LEU E 73 1.81 36.34 10.67
CA LEU E 73 1.46 35.66 9.43
C LEU E 73 2.36 36.17 8.30
N ALA E 74 2.84 35.24 7.48
CA ALA E 74 3.75 35.59 6.39
C ALA E 74 3.00 36.40 5.33
N GLY E 75 3.53 37.56 5.00
CA GLY E 75 2.89 38.44 4.05
C GLY E 75 3.87 39.16 3.15
N PRO E 76 3.34 39.85 2.13
CA PRO E 76 4.21 40.59 1.21
C PRO E 76 5.05 41.67 1.89
N ASP E 77 4.61 42.19 3.03
CA ASP E 77 5.27 43.31 3.69
C ASP E 77 6.18 42.88 4.84
N ASP E 78 6.76 41.68 4.76
CA ASP E 78 7.77 41.27 5.71
C ASP E 78 9.11 41.91 5.36
N ILE E 79 9.99 41.99 6.37
CA ILE E 79 11.28 42.66 6.21
C ILE E 79 12.37 41.59 6.19
N TYR E 80 13.16 41.60 5.12
CA TYR E 80 14.18 40.59 4.88
C TYR E 80 15.45 40.90 5.66
N VAL E 81 16.08 39.86 6.21
CA VAL E 81 17.33 39.97 6.96
C VAL E 81 18.28 38.91 6.42
N SER E 82 19.49 39.34 5.99
CA SER E 82 20.55 38.56 5.37
C SER E 82 21.37 37.82 6.43
N PRO E 83 21.98 36.70 6.05
CA PRO E 83 22.84 35.97 7.01
C PRO E 83 24.00 36.78 7.53
N SER E 84 24.51 37.73 6.73
CA SER E 84 25.62 38.56 7.21
C SER E 84 25.22 39.39 8.42
N GLN E 85 24.00 39.94 8.42
CA GLN E 85 23.52 40.67 9.58
C GLN E 85 23.43 39.77 10.81
N ILE E 86 22.91 38.54 10.63
CA ILE E 86 22.77 37.62 11.75
C ILE E 86 24.13 37.25 12.32
N ARG E 87 25.13 37.01 11.46
CA ARG E 87 26.47 36.72 11.95
C ARG E 87 27.10 37.93 12.61
N ARG E 88 26.87 39.13 12.09
CA ARG E 88 27.45 40.33 12.68
C ARG E 88 26.89 40.60 14.08
N PHE E 89 25.57 40.52 14.24
CA PHE E 89 24.92 40.89 15.48
C PHE E 89 24.61 39.71 16.38
N ASN E 90 24.89 38.47 15.95
CA ASN E 90 24.68 37.27 16.75
C ASN E 90 23.23 37.16 17.22
N LEU E 91 22.31 37.28 16.26
CA LEU E 91 20.89 37.27 16.58
C LEU E 91 20.33 35.85 16.60
N ARG E 92 19.21 35.69 17.30
CA ARG E 92 18.49 34.43 17.34
C ARG E 92 17.00 34.70 17.16
N THR E 93 16.24 33.61 17.01
CA THR E 93 14.79 33.72 16.88
C THR E 93 14.18 34.26 18.17
N GLY E 94 13.15 35.09 18.02
CA GLY E 94 12.48 35.71 19.15
C GLY E 94 12.99 37.09 19.50
N ASP E 95 13.97 37.60 18.76
CA ASP E 95 14.52 38.92 19.06
C ASP E 95 13.70 40.00 18.35
N THR E 96 13.33 41.03 19.10
CA THR E 96 12.61 42.17 18.54
C THR E 96 13.59 43.24 18.10
N ILE E 97 13.50 43.66 16.84
CA ILE E 97 14.48 44.53 16.21
C ILE E 97 13.77 45.74 15.63
N SER E 98 14.34 46.92 15.85
CA SER E 98 13.81 48.17 15.32
C SER E 98 14.92 48.95 14.64
N GLY E 99 14.61 49.50 13.47
CA GLY E 99 15.59 50.27 12.73
C GLY E 99 15.01 50.84 11.44
N LYS E 100 15.86 50.91 10.42
CA LYS E 100 15.52 51.52 9.15
C LYS E 100 15.54 50.48 8.03
N ILE E 101 14.66 50.67 7.05
CA ILE E 101 14.53 49.75 5.92
C ILE E 101 14.57 50.54 4.62
N ARG E 102 14.84 49.82 3.53
CA ARG E 102 15.05 50.42 2.22
C ARG E 102 14.21 49.72 1.16
N PRO E 103 13.87 50.42 0.09
CA PRO E 103 13.03 49.82 -0.95
C PRO E 103 13.76 48.68 -1.64
N PRO E 104 13.02 47.74 -2.22
CA PRO E 104 13.68 46.61 -2.91
C PRO E 104 14.40 47.06 -4.18
N LYS E 105 15.46 46.33 -4.52
CA LYS E 105 16.12 46.52 -5.80
C LYS E 105 15.58 45.54 -6.83
N GLU E 106 15.89 45.78 -8.09
CA GLU E 106 15.42 44.92 -9.16
C GLU E 106 15.93 43.50 -8.96
N GLY E 107 15.02 42.53 -9.09
CA GLY E 107 15.32 41.14 -8.81
C GLY E 107 14.92 40.67 -7.43
N GLU E 108 14.65 41.59 -6.51
CA GLU E 108 14.22 41.25 -5.16
C GLU E 108 12.71 41.45 -5.02
N ARG E 109 12.16 40.85 -3.96
CA ARG E 109 10.72 40.87 -3.72
C ARG E 109 10.33 41.62 -2.46
N TYR E 110 11.19 41.74 -1.47
CA TYR E 110 10.85 42.31 -0.18
C TYR E 110 11.73 43.51 0.14
N PHE E 111 11.25 44.36 1.03
CA PHE E 111 12.06 45.41 1.60
C PHE E 111 13.16 44.81 2.48
N ALA E 112 14.30 45.48 2.54
CA ALA E 112 15.45 45.00 3.29
C ALA E 112 15.80 45.95 4.42
N LEU E 113 16.46 45.41 5.43
CA LEU E 113 16.85 46.18 6.60
C LEU E 113 18.08 47.02 6.27
N LEU E 114 18.04 48.31 6.63
CA LEU E 114 19.11 49.24 6.28
C LEU E 114 20.11 49.43 7.41
N LYS E 115 19.62 49.65 8.63
CA LYS E 115 20.49 49.84 9.78
C LYS E 115 19.76 49.44 11.05
N VAL E 116 20.50 48.96 12.04
CA VAL E 116 19.91 48.46 13.27
C VAL E 116 20.01 49.53 14.34
N ASN E 117 18.85 49.89 14.92
CA ASN E 117 18.80 50.88 15.99
C ASN E 117 18.67 50.23 17.36
N GLU E 118 17.73 49.32 17.55
CA GLU E 118 17.51 48.71 18.86
C GLU E 118 17.22 47.23 18.72
N VAL E 119 17.79 46.46 19.65
CA VAL E 119 17.57 45.03 19.76
C VAL E 119 17.10 44.73 21.19
N ASN E 120 15.91 44.14 21.31
CA ASN E 120 15.30 43.86 22.62
C ASN E 120 15.25 45.11 23.49
N PHE E 121 14.84 46.22 22.89
CA PHE E 121 14.66 47.50 23.60
C PHE E 121 15.96 47.94 24.27
N ASP E 122 17.09 47.60 23.66
CA ASP E 122 18.39 47.90 24.25
C ASP E 122 19.41 48.20 23.15
N LYS E 123 20.59 48.70 23.52
CA LYS E 123 21.64 48.95 22.54
C LYS E 123 22.14 47.65 21.96
N PRO E 124 22.34 47.59 20.63
CA PRO E 124 22.78 46.36 19.97
C PRO E 124 23.98 45.66 20.60
N GLU E 125 25.13 46.32 20.67
CA GLU E 125 26.36 45.62 21.17
C GLU E 125 26.26 45.40 22.69
N ASN E 126 25.33 46.09 23.36
CA ASN E 126 25.16 45.95 24.83
C ASN E 126 24.07 44.91 25.14
N ALA E 127 23.59 44.21 24.11
CA ALA E 127 22.55 43.17 24.27
C ALA E 127 23.07 41.83 23.75
N ARG E 128 24.30 41.83 23.22
CA ARG E 128 24.92 40.59 22.68
C ARG E 128 25.85 39.98 23.73
N ASN E 129 25.75 40.46 24.98
CA ASN E 129 26.61 39.94 26.09
C ASN E 129 25.71 39.50 27.26
N LYS E 130 24.51 39.02 26.95
CA LYS E 130 23.57 38.50 27.99
C LYS E 130 23.69 36.97 28.04
N ILE E 131 23.52 36.38 29.23
CA ILE E 131 23.60 34.90 29.40
C ILE E 131 22.35 34.25 28.77
N LEU E 132 22.46 32.98 28.36
CA LEU E 132 21.34 32.24 27.72
C LEU E 132 20.35 31.73 28.78
N PHE E 133 19.15 31.32 28.33
CA PHE E 133 18.03 30.91 29.21
C PHE E 133 18.25 29.53 29.84
N GLU E 134 19.00 28.63 29.19
CA GLU E 134 19.21 27.26 29.73
C GLU E 134 20.50 27.17 30.54
N ASN E 135 20.94 28.29 31.14
CA ASN E 135 22.14 28.37 32.00
C ASN E 135 21.74 28.97 33.36
N LEU E 136 20.46 29.32 33.52
CA LEU E 136 19.94 29.90 34.77
C LEU E 136 19.48 28.77 35.71
N THR E 137 19.28 29.07 37.00
CA THR E 137 18.90 28.04 38.00
C THR E 137 17.42 28.19 38.40
N PRO E 138 16.59 27.14 38.27
CA PRO E 138 15.18 27.20 38.65
C PRO E 138 15.00 27.20 40.18
N LEU E 139 13.88 27.76 40.67
CA LEU E 139 13.61 27.82 42.13
C LEU E 139 12.10 27.74 42.37
N HIS E 140 11.68 27.78 43.64
CA HIS E 140 10.24 27.73 44.03
C HIS E 140 9.68 29.16 44.06
N ALA E 141 8.46 29.36 43.56
CA ALA E 141 7.84 30.70 43.57
C ALA E 141 7.69 31.17 45.03
N ASN E 142 8.27 32.33 45.36
CA ASN E 142 8.20 32.85 46.76
C ASN E 142 7.49 34.21 46.78
N SER E 143 7.10 34.72 45.61
CA SER E 143 6.38 36.01 45.52
C SER E 143 4.87 35.76 45.48
N ARG E 144 4.05 36.82 45.57
CA ARG E 144 2.58 36.64 45.56
C ARG E 144 1.94 37.64 44.59
N LEU E 145 0.88 37.20 43.90
CA LEU E 145 0.11 38.04 42.93
C LEU E 145 -1.33 38.20 43.42
N ARG E 146 -1.64 39.33 44.05
CA ARG E 146 -3.02 39.59 44.57
C ARG E 146 -4.01 39.42 43.41
N MET E 147 -4.89 38.43 43.52
CA MET E 147 -5.92 38.26 42.52
C MET E 147 -7.05 38.79 43.32
N GLU E 148 -6.92 40.04 43.77
CA GLU E 148 -7.94 40.64 44.62
C GLU E 148 -7.82 42.14 44.58
N ARG E 149 -8.92 42.82 44.33
CA ARG E 149 -8.89 44.27 44.37
C ARG E 149 -9.73 44.71 45.54
N GLY E 150 -10.83 43.99 45.79
CA GLY E 150 -11.69 44.30 46.91
C GLY E 150 -12.19 45.72 46.98
N ASN E 151 -12.52 46.29 45.82
CA ASN E 151 -13.05 47.65 45.78
C ASN E 151 -14.51 47.59 46.15
N GLY E 152 -15.02 46.38 46.37
CA GLY E 152 -16.43 46.21 46.70
C GLY E 152 -17.36 46.19 45.51
N SER E 153 -17.27 45.15 44.68
CA SER E 153 -18.12 45.03 43.52
C SER E 153 -18.56 43.57 43.39
N THR E 154 -19.24 43.24 42.30
CA THR E 154 -19.69 41.88 42.02
C THR E 154 -18.61 41.05 41.32
N GLU E 155 -17.85 41.65 40.42
CA GLU E 155 -16.78 40.95 39.72
C GLU E 155 -15.66 40.48 40.64
N ASP E 156 -15.57 41.04 41.85
CA ASP E 156 -14.50 40.66 42.77
C ASP E 156 -14.81 39.38 43.54
N LEU E 157 -16.04 38.87 43.46
CA LEU E 157 -16.36 37.61 44.13
C LEU E 157 -15.49 36.48 43.59
N THR E 158 -15.37 36.40 42.26
CA THR E 158 -14.51 35.39 41.64
C THR E 158 -13.06 35.56 42.04
N ALA E 159 -12.55 36.80 42.06
CA ALA E 159 -11.17 37.05 42.45
C ALA E 159 -10.91 36.64 43.90
N ARG E 160 -11.83 36.96 44.81
CA ARG E 160 -11.65 36.55 46.21
C ARG E 160 -11.71 35.04 46.37
N VAL E 161 -12.65 34.38 45.68
CA VAL E 161 -12.72 32.93 45.78
C VAL E 161 -11.44 32.30 45.23
N LEU E 162 -10.90 32.86 44.15
CA LEU E 162 -9.63 32.39 43.61
C LEU E 162 -8.50 32.59 44.63
N ASP E 163 -8.41 33.78 45.20
CA ASP E 163 -7.37 34.09 46.17
C ASP E 163 -7.45 33.22 47.42
N LEU E 164 -8.64 32.75 47.78
CA LEU E 164 -8.81 31.86 48.92
C LEU E 164 -8.55 30.40 48.58
N ALA E 165 -8.98 29.94 47.40
CA ALA E 165 -8.82 28.54 47.05
C ALA E 165 -7.37 28.20 46.70
N SER E 166 -6.73 29.05 45.90
CA SER E 166 -5.38 28.75 45.44
C SER E 166 -4.59 30.01 45.14
N PRO E 167 -3.60 30.35 45.96
CA PRO E 167 -2.75 31.52 45.66
C PRO E 167 -1.86 31.26 44.47
N ILE E 168 -1.44 32.34 43.82
CA ILE E 168 -0.60 32.30 42.64
C ILE E 168 0.62 33.18 42.87
N GLY E 169 1.80 32.64 42.56
CA GLY E 169 3.04 33.37 42.63
C GLY E 169 3.68 33.51 41.27
N ARG E 170 4.72 34.34 41.21
CA ARG E 170 5.42 34.56 39.95
C ARG E 170 6.36 33.40 39.67
N GLY E 171 6.19 32.77 38.50
CA GLY E 171 6.98 31.62 38.14
C GLY E 171 6.27 30.29 38.33
N GLN E 172 4.95 30.31 38.39
CA GLN E 172 4.17 29.11 38.67
C GLN E 172 3.80 28.37 37.38
N ARG E 173 3.36 27.12 37.55
CA ARG E 173 2.89 26.27 36.45
C ARG E 173 1.47 25.84 36.81
N GLY E 174 0.49 26.65 36.40
CA GLY E 174 -0.89 26.37 36.76
C GLY E 174 -1.59 25.49 35.74
N LEU E 175 -2.71 24.92 36.16
CA LEU E 175 -3.52 24.07 35.31
C LEU E 175 -4.97 24.20 35.72
N ILE E 176 -5.86 24.38 34.74
CA ILE E 176 -7.29 24.53 34.99
C ILE E 176 -7.98 23.38 34.28
N VAL E 177 -8.78 22.61 35.03
CA VAL E 177 -9.51 21.47 34.49
C VAL E 177 -10.97 21.87 34.40
N ALA E 178 -11.53 21.83 33.18
CA ALA E 178 -12.87 22.34 32.98
C ALA E 178 -13.67 21.43 32.05
N PRO E 179 -14.93 21.16 32.38
CA PRO E 179 -15.82 20.47 31.44
C PRO E 179 -16.54 21.46 30.55
N PRO E 180 -17.23 21.01 29.51
CA PRO E 180 -17.95 21.95 28.65
C PRO E 180 -19.04 22.71 29.40
N LYS E 181 -19.21 23.97 29.02
CA LYS E 181 -20.24 24.85 29.57
C LYS E 181 -20.11 24.97 31.09
N ALA E 182 -18.99 25.59 31.50
CA ALA E 182 -18.71 25.81 32.91
C ALA E 182 -18.19 27.20 33.23
N GLY E 183 -18.15 28.10 32.25
CA GLY E 183 -17.70 29.46 32.52
C GLY E 183 -16.19 29.63 32.57
N LYS E 184 -15.46 29.00 31.66
CA LYS E 184 -14.01 29.10 31.67
C LYS E 184 -13.51 30.35 30.95
N THR E 185 -14.09 30.67 29.78
CA THR E 185 -13.70 31.86 29.05
C THR E 185 -14.02 33.13 29.82
N MET E 186 -15.05 33.11 30.66
CA MET E 186 -15.37 34.24 31.51
C MET E 186 -14.49 34.30 32.75
N LEU E 187 -13.93 33.17 33.17
CA LEU E 187 -12.99 33.15 34.28
C LEU E 187 -11.60 33.64 33.88
N LEU E 188 -11.16 33.33 32.65
CA LEU E 188 -9.87 33.82 32.19
C LEU E 188 -9.82 35.34 32.09
N GLN E 189 -10.91 35.96 31.64
CA GLN E 189 -10.98 37.41 31.50
C GLN E 189 -10.83 38.14 32.83
N ASN E 190 -11.43 37.61 33.90
CA ASN E 190 -11.26 38.21 35.21
C ASN E 190 -9.81 38.18 35.66
N ILE E 191 -9.11 37.06 35.43
CA ILE E 191 -7.70 36.98 35.77
C ILE E 191 -6.89 37.98 34.97
N ALA E 192 -7.18 38.10 33.67
CA ALA E 192 -6.46 39.07 32.84
C ALA E 192 -6.68 40.49 33.34
N GLN E 193 -7.93 40.84 33.66
CA GLN E 193 -8.23 42.18 34.18
C GLN E 193 -7.54 42.45 35.51
N SER E 194 -7.56 41.47 36.42
CA SER E 194 -6.90 41.65 37.72
C SER E 194 -5.40 41.83 37.54
N ILE E 195 -4.79 41.05 36.66
CA ILE E 195 -3.33 41.09 36.47
C ILE E 195 -2.87 42.43 35.90
N ALA E 196 -3.46 42.84 34.79
CA ALA E 196 -3.02 44.07 34.13
C ALA E 196 -3.09 45.27 35.05
N TYR E 197 -4.09 45.30 35.92
CA TYR E 197 -4.27 46.44 36.81
C TYR E 197 -3.44 46.37 38.08
N ASN E 198 -3.52 45.26 38.81
CA ASN E 198 -2.80 45.17 40.07
C ASN E 198 -1.30 45.09 39.85
N HIS E 199 -0.88 44.65 38.66
CA HIS E 199 0.55 44.49 38.37
C HIS E 199 0.86 45.07 36.99
N PRO E 200 0.95 46.40 36.89
CA PRO E 200 1.27 47.01 35.59
C PRO E 200 2.72 46.84 35.17
N ASP E 201 3.57 46.24 36.00
CA ASP E 201 4.98 46.06 35.68
C ASP E 201 5.27 44.73 34.99
N CYS E 202 4.25 43.91 34.74
CA CYS E 202 4.45 42.60 34.13
C CYS E 202 3.92 42.61 32.70
N VAL E 203 4.57 41.84 31.84
CA VAL E 203 4.16 41.72 30.44
C VAL E 203 3.12 40.61 30.34
N LEU E 204 1.98 40.93 29.73
CA LEU E 204 0.85 40.02 29.61
C LEU E 204 0.70 39.54 28.17
N MET E 205 0.58 38.23 28.00
CA MET E 205 0.34 37.62 26.69
C MET E 205 -0.81 36.64 26.80
N VAL E 206 -1.70 36.68 25.80
CA VAL E 206 -2.84 35.77 25.74
C VAL E 206 -2.75 35.01 24.42
N LEU E 207 -2.81 33.68 24.49
CA LEU E 207 -2.64 32.82 23.33
C LEU E 207 -3.89 32.00 23.11
N LEU E 208 -4.50 32.15 21.95
CA LEU E 208 -5.66 31.36 21.53
C LEU E 208 -5.26 30.51 20.33
N ILE E 209 -5.58 29.22 20.38
CA ILE E 209 -5.03 28.25 19.44
C ILE E 209 -6.01 27.87 18.35
N ASP E 210 -7.22 27.48 18.72
CA ASP E 210 -8.20 26.92 17.78
C ASP E 210 -9.57 27.55 17.99
N GLU E 211 -9.61 28.88 18.07
CA GLU E 211 -10.77 29.62 18.51
C GLU E 211 -11.65 30.06 17.34
N ARG E 212 -12.88 30.45 17.67
CA ARG E 212 -13.79 31.03 16.69
C ARG E 212 -13.52 32.53 16.54
N PRO E 213 -13.75 33.08 15.34
CA PRO E 213 -13.35 34.48 15.09
C PRO E 213 -14.04 35.51 15.99
N GLU E 214 -15.31 35.31 16.32
CA GLU E 214 -16.01 36.26 17.18
C GLU E 214 -15.40 36.32 18.57
N GLU E 215 -15.01 35.16 19.11
CA GLU E 215 -14.32 35.13 20.40
C GLU E 215 -13.00 35.88 20.32
N VAL E 216 -12.29 35.75 19.19
CA VAL E 216 -11.04 36.48 19.01
C VAL E 216 -11.29 37.98 19.01
N THR E 217 -12.34 38.43 18.32
CA THR E 217 -12.65 39.86 18.30
C THR E 217 -12.96 40.37 19.70
N GLU E 218 -13.77 39.61 20.45
CA GLU E 218 -14.12 40.01 21.81
C GLU E 218 -12.88 40.09 22.69
N MET E 219 -12.03 39.06 22.62
CA MET E 219 -10.82 39.04 23.46
C MET E 219 -9.89 40.19 23.10
N GLN E 220 -9.72 40.48 21.81
CA GLN E 220 -8.87 41.59 21.40
C GLN E 220 -9.43 42.92 21.86
N ARG E 221 -10.74 43.09 21.86
CA ARG E 221 -11.32 44.35 22.29
C ARG E 221 -11.43 44.46 23.81
N LEU E 222 -11.25 43.37 24.55
CA LEU E 222 -11.38 43.42 26.01
C LEU E 222 -10.04 43.48 26.74
N VAL E 223 -9.01 42.80 26.26
CA VAL E 223 -7.78 42.62 27.03
C VAL E 223 -6.83 43.79 26.81
N LYS E 224 -6.25 44.28 27.91
CA LYS E 224 -5.20 45.30 27.85
C LYS E 224 -3.85 44.60 27.83
N GLY E 225 -3.37 44.35 26.61
CA GLY E 225 -2.10 43.67 26.45
C GLY E 225 -1.98 43.14 25.03
N GLU E 226 -1.10 42.15 24.89
CA GLU E 226 -0.90 41.51 23.59
C GLU E 226 -1.77 40.26 23.47
N VAL E 227 -2.54 40.18 22.40
CA VAL E 227 -3.41 39.04 22.12
C VAL E 227 -3.02 38.46 20.78
N VAL E 228 -2.65 37.19 20.76
CA VAL E 228 -2.28 36.47 19.55
C VAL E 228 -3.18 35.25 19.44
N ALA E 229 -3.81 35.08 18.27
CA ALA E 229 -4.82 34.05 18.11
C ALA E 229 -4.70 33.39 16.74
N SER E 230 -5.24 32.18 16.66
CA SER E 230 -5.37 31.44 15.41
C SER E 230 -6.70 30.70 15.42
N THR E 231 -7.35 30.65 14.26
CA THR E 231 -8.69 30.09 14.15
C THR E 231 -8.64 28.70 13.53
N PHE E 232 -9.82 28.08 13.46
CA PHE E 232 -9.93 26.70 12.99
C PHE E 232 -10.00 26.60 11.47
N ASP E 233 -9.93 27.71 10.74
CA ASP E 233 -9.89 27.68 9.29
C ASP E 233 -8.49 27.43 8.75
N GLU E 234 -7.49 27.33 9.62
CA GLU E 234 -6.08 27.23 9.25
C GLU E 234 -5.52 25.85 9.60
N PRO E 235 -4.44 25.44 8.95
CA PRO E 235 -3.85 24.13 9.26
C PRO E 235 -3.05 24.15 10.56
N ALA E 236 -2.59 22.96 10.95
CA ALA E 236 -1.93 22.79 12.24
C ALA E 236 -0.54 23.41 12.28
N SER E 237 0.16 23.42 11.15
CA SER E 237 1.48 24.05 11.09
C SER E 237 1.40 25.52 11.52
N ARG E 238 0.31 26.19 11.16
CA ARG E 238 0.11 27.56 11.63
C ARG E 238 0.03 27.62 13.15
N HIS E 239 -0.68 26.66 13.75
CA HIS E 239 -0.80 26.62 15.21
C HIS E 239 0.56 26.46 15.87
N VAL E 240 1.35 25.49 15.38
CA VAL E 240 2.64 25.22 16.00
C VAL E 240 3.61 26.38 15.78
N GLN E 241 3.53 27.04 14.61
CA GLN E 241 4.37 28.19 14.35
C GLN E 241 4.05 29.33 15.31
N VAL E 242 2.76 29.58 15.53
CA VAL E 242 2.36 30.65 16.45
C VAL E 242 2.86 30.35 17.85
N ALA E 243 2.67 29.11 18.32
CA ALA E 243 3.09 28.76 19.67
C ALA E 243 4.60 28.89 19.84
N GLU E 244 5.36 28.41 18.85
CA GLU E 244 6.82 28.49 18.94
C GLU E 244 7.29 29.93 18.95
N MET E 245 6.71 30.79 18.12
CA MET E 245 7.08 32.20 18.11
C MET E 245 6.83 32.83 19.47
N VAL E 246 5.65 32.55 20.05
CA VAL E 246 5.31 33.15 21.34
C VAL E 246 6.29 32.70 22.42
N ILE E 247 6.61 31.41 22.45
CA ILE E 247 7.48 30.90 23.52
C ILE E 247 8.90 31.44 23.36
N GLU E 248 9.40 31.54 22.12
CA GLU E 248 10.75 32.08 21.93
C GLU E 248 10.83 33.55 22.32
N LYS E 249 9.81 34.34 21.95
CA LYS E 249 9.83 35.74 22.36
C LYS E 249 9.75 35.89 23.87
N ALA E 250 8.94 35.06 24.53
CA ALA E 250 8.86 35.09 25.98
C ALA E 250 10.21 34.76 26.62
N LYS E 251 10.89 33.74 26.11
CA LYS E 251 12.20 33.39 26.65
C LYS E 251 13.20 34.54 26.47
N ARG E 252 13.21 35.16 25.29
CA ARG E 252 14.13 36.28 25.06
C ARG E 252 13.81 37.46 25.98
N LEU E 253 12.53 37.72 26.24
CA LEU E 253 12.17 38.79 27.18
C LEU E 253 12.63 38.45 28.59
N VAL E 254 12.47 37.19 29.01
CA VAL E 254 12.92 36.79 30.35
C VAL E 254 14.42 36.95 30.47
N GLU E 255 15.15 36.71 29.38
CA GLU E 255 16.61 36.79 29.42
C GLU E 255 17.10 38.17 29.82
N HIS E 256 16.27 39.20 29.68
CA HIS E 256 16.62 40.56 30.09
C HIS E 256 16.04 40.94 31.46
N LYS E 257 15.77 39.94 32.31
CA LYS E 257 15.39 40.16 33.70
C LYS E 257 14.03 40.86 33.84
N LYS E 258 13.05 40.38 33.09
CA LYS E 258 11.68 40.88 33.18
C LYS E 258 10.73 39.74 33.52
N ASP E 259 9.47 40.11 33.77
CA ASP E 259 8.46 39.16 34.23
C ASP E 259 7.42 38.96 33.12
N VAL E 260 7.15 37.69 32.79
CA VAL E 260 6.26 37.33 31.70
C VAL E 260 5.17 36.39 32.21
N ILE E 261 3.93 36.66 31.79
CA ILE E 261 2.76 35.87 32.15
C ILE E 261 2.09 35.41 30.86
N ILE E 262 1.80 34.12 30.76
CA ILE E 262 1.13 33.54 29.60
C ILE E 262 -0.12 32.80 30.06
N LEU E 263 -1.23 33.05 29.38
CA LEU E 263 -2.48 32.34 29.60
C LEU E 263 -2.79 31.53 28.34
N LEU E 264 -2.74 30.21 28.44
CA LEU E 264 -2.92 29.32 27.30
C LEU E 264 -4.26 28.62 27.38
N ASP E 265 -5.05 28.75 26.33
CA ASP E 265 -6.34 28.08 26.21
C ASP E 265 -6.19 26.82 25.36
N SER E 266 -6.65 25.69 25.91
CA SER E 266 -6.68 24.41 25.19
C SER E 266 -5.28 23.97 24.75
N ILE E 267 -4.46 23.66 25.76
CA ILE E 267 -3.19 22.97 25.49
C ILE E 267 -3.46 21.63 24.82
N THR E 268 -4.65 21.07 25.01
CA THR E 268 -5.03 19.84 24.33
C THR E 268 -5.09 20.04 22.82
N ARG E 269 -5.56 21.21 22.38
CA ARG E 269 -5.55 21.50 20.94
C ARG E 269 -4.13 21.62 20.40
N LEU E 270 -3.22 22.18 21.19
CA LEU E 270 -1.81 22.22 20.80
C LEU E 270 -1.25 20.80 20.67
N ALA E 271 -1.60 19.92 21.60
CA ALA E 271 -1.17 18.53 21.51
C ALA E 271 -1.75 17.86 20.27
N ARG E 272 -3.01 18.17 19.94
CA ARG E 272 -3.62 17.63 18.73
C ARG E 272 -2.87 18.09 17.48
N ALA E 273 -2.54 19.37 17.42
CA ALA E 273 -1.80 19.90 16.27
C ALA E 273 -0.43 19.24 16.15
N TYR E 274 0.26 19.08 17.28
CA TYR E 274 1.61 18.48 17.29
C TYR E 274 1.53 17.00 16.91
N ASN E 275 0.36 16.38 17.08
CA ASN E 275 0.16 14.94 16.76
C ASN E 275 -0.23 14.79 15.29
N THR E 276 -0.49 15.90 14.60
CA THR E 276 -0.89 15.85 13.16
C THR E 276 0.27 16.32 12.28
N VAL E 277 1.34 16.85 12.88
CA VAL E 277 2.52 17.35 12.10
C VAL E 277 3.69 16.38 12.27
N VAL E 278 3.96 15.97 13.52
CA VAL E 278 5.10 15.04 13.81
C VAL E 278 4.99 13.82 12.89
N PRO E 279 6.01 13.53 12.04
CA PRO E 279 5.97 12.37 11.15
C PRO E 279 5.93 11.05 11.93
N ALA E 280 5.23 10.05 11.38
CA ALA E 280 5.12 8.72 12.03
C ALA E 280 6.52 8.09 12.15
N SER E 281 6.79 7.41 13.27
CA SER E 281 8.10 6.75 13.49
C SER E 281 7.96 5.66 14.56
N GLY E 282 7.71 4.42 14.13
CA GLY E 282 7.56 3.29 15.06
C GLY E 282 6.58 3.62 16.18
N LYS E 283 5.40 4.12 15.83
CA LYS E 283 4.36 4.49 16.83
C LYS E 283 3.62 3.23 17.29
N VAL E 284 3.01 3.28 18.48
CA VAL E 284 2.24 2.13 19.02
C VAL E 284 0.75 2.46 19.00
N LEU E 285 0.42 3.72 18.67
CA LEU E 285 -1.00 4.19 18.61
C LEU E 285 -1.74 3.78 19.89
N THR E 286 -1.29 4.28 21.03
CA THR E 286 -1.91 3.96 22.35
C THR E 286 -3.13 4.87 22.57
N GLY E 287 -4.20 4.65 21.80
CA GLY E 287 -5.43 5.46 21.92
C GLY E 287 -5.69 6.27 20.66
N GLY E 288 -4.71 6.31 19.75
CA GLY E 288 -4.83 7.05 18.49
C GLY E 288 -3.83 8.19 18.40
N VAL E 289 -2.94 8.30 19.38
CA VAL E 289 -1.91 9.38 19.41
C VAL E 289 -0.52 8.73 19.52
N ASP E 290 0.50 9.39 18.95
CA ASP E 290 1.90 8.87 18.99
C ASP E 290 2.49 9.15 20.37
N ALA E 291 3.53 8.41 20.75
CA ALA E 291 4.19 8.59 22.06
C ALA E 291 5.37 9.56 21.92
N ASN E 292 5.70 9.95 20.69
CA ASN E 292 6.82 10.89 20.43
C ASN E 292 6.25 12.25 20.01
N ALA E 293 4.93 12.41 20.13
CA ALA E 293 4.26 13.68 19.75
C ALA E 293 3.97 14.50 21.01
N LEU E 294 4.21 13.93 22.19
CA LEU E 294 3.97 14.63 23.47
C LEU E 294 5.29 15.17 24.02
N HIS E 295 6.27 15.39 23.14
CA HIS E 295 7.60 15.92 23.56
C HIS E 295 7.60 17.45 23.49
N ARG E 296 7.18 18.01 22.36
CA ARG E 296 7.12 19.45 22.17
C ARG E 296 6.12 20.14 23.11
N PRO E 297 4.90 19.62 23.28
CA PRO E 297 4.02 20.21 24.32
C PRO E 297 4.61 20.15 25.72
N LYS E 298 5.28 19.05 26.08
CA LYS E 298 5.91 19.00 27.40
C LYS E 298 7.03 20.02 27.50
N ARG E 299 7.79 20.21 26.42
CA ARG E 299 8.82 21.25 26.40
C ARG E 299 8.21 22.63 26.62
N PHE E 300 7.09 22.90 25.96
CA PHE E 300 6.42 24.19 26.12
C PHE E 300 5.97 24.38 27.57
N PHE E 301 5.34 23.36 28.15
CA PHE E 301 4.81 23.51 29.50
C PHE E 301 5.91 23.60 30.54
N GLY E 302 7.05 22.95 30.31
CA GLY E 302 8.10 22.90 31.30
C GLY E 302 8.98 24.13 31.41
N ALA E 303 8.73 25.16 30.59
CA ALA E 303 9.58 26.34 30.59
C ALA E 303 9.31 27.27 31.76
N ALA E 304 8.21 27.08 32.48
CA ALA E 304 7.88 27.97 33.59
C ALA E 304 8.77 27.69 34.79
N ARG E 305 9.33 28.75 35.37
CA ARG E 305 10.24 28.63 36.50
C ARG E 305 10.44 30.01 37.12
N ASN E 306 10.97 30.01 38.34
CA ASN E 306 11.38 31.23 39.01
C ASN E 306 12.88 31.43 38.81
N VAL E 307 13.28 32.63 38.41
CA VAL E 307 14.61 32.89 37.86
C VAL E 307 15.57 33.28 38.98
N GLU E 308 16.83 32.86 38.83
CA GLU E 308 17.88 33.19 39.79
C GLU E 308 18.07 34.70 39.96
N GLU E 309 18.53 35.40 38.92
CA GLU E 309 18.95 36.78 39.09
C GLU E 309 17.78 37.75 39.17
N GLY E 310 16.58 37.33 38.77
CA GLY E 310 15.46 38.23 38.70
C GLY E 310 14.63 38.00 37.45
N GLY E 311 13.34 38.25 37.54
CA GLY E 311 12.42 37.91 36.48
C GLY E 311 11.78 36.56 36.71
N SER E 312 10.76 36.27 35.90
CA SER E 312 10.04 35.01 36.02
C SER E 312 9.20 34.81 34.76
N LEU E 313 8.83 33.55 34.53
CA LEU E 313 7.94 33.18 33.43
C LEU E 313 6.88 32.26 34.01
N THR E 314 5.64 32.74 34.09
CA THR E 314 4.54 31.96 34.63
C THR E 314 3.54 31.64 33.53
N ILE E 315 3.04 30.40 33.52
CA ILE E 315 2.13 29.92 32.50
C ILE E 315 0.92 29.28 33.19
N ILE E 316 -0.27 29.69 32.79
CA ILE E 316 -1.51 29.09 33.27
C ILE E 316 -2.25 28.56 32.04
N ALA E 317 -2.46 27.24 32.00
CA ALA E 317 -3.00 26.59 30.81
C ALA E 317 -4.29 25.86 31.15
N THR E 318 -5.11 25.65 30.13
CA THR E 318 -6.41 25.01 30.27
C THR E 318 -6.39 23.63 29.60
N ALA E 319 -6.95 22.63 30.28
CA ALA E 319 -7.09 21.28 29.76
C ALA E 319 -8.57 20.92 29.71
N LEU E 320 -9.02 20.39 28.58
CA LEU E 320 -10.43 20.08 28.41
C LEU E 320 -10.75 18.67 28.89
N ILE E 321 -11.96 18.49 29.41
CA ILE E 321 -12.38 17.24 30.03
C ILE E 321 -13.83 16.96 29.64
N ASP E 322 -14.13 15.68 29.42
CA ASP E 322 -15.49 15.20 29.17
C ASP E 322 -16.04 15.70 27.83
N THR E 323 -15.20 15.68 26.80
CA THR E 323 -15.60 16.11 25.47
C THR E 323 -16.16 14.98 24.62
N GLY E 324 -16.18 13.74 25.13
CA GLY E 324 -16.65 12.62 24.34
C GLY E 324 -15.62 12.03 23.42
N SER E 325 -14.33 12.31 23.63
CA SER E 325 -13.25 11.79 22.81
C SER E 325 -12.24 11.08 23.69
N LYS E 326 -11.64 10.01 23.14
CA LYS E 326 -10.68 9.23 23.92
C LYS E 326 -9.31 9.89 23.91
N MET E 327 -8.97 10.57 22.82
CA MET E 327 -7.66 11.20 22.70
C MET E 327 -7.47 12.32 23.70
N ASP E 328 -8.52 13.10 23.97
CA ASP E 328 -8.45 14.13 24.99
C ASP E 328 -8.18 13.52 26.36
N GLU E 329 -8.85 12.40 26.65
CA GLU E 329 -8.63 11.72 27.92
C GLU E 329 -7.20 11.21 28.02
N VAL E 330 -6.66 10.67 26.92
CA VAL E 330 -5.28 10.18 26.93
C VAL E 330 -4.31 11.34 27.20
N ILE E 331 -4.55 12.48 26.55
CA ILE E 331 -3.67 13.63 26.75
C ILE E 331 -3.73 14.11 28.20
N TYR E 332 -4.94 14.20 28.76
CA TYR E 332 -5.08 14.64 30.14
C TYR E 332 -4.42 13.67 31.11
N GLU E 333 -4.53 12.37 30.83
CA GLU E 333 -3.82 11.38 31.64
C GLU E 333 -2.32 11.59 31.56
N GLU E 334 -1.80 11.87 30.36
CA GLU E 334 -0.36 12.04 30.20
C GLU E 334 0.16 13.30 30.87
N PHE E 335 -0.68 14.35 30.97
CA PHE E 335 -0.23 15.60 31.55
C PHE E 335 -0.45 15.71 33.05
N LYS E 336 -0.91 14.65 33.70
CA LYS E 336 -1.19 14.71 35.14
C LYS E 336 0.11 14.77 35.95
N GLY E 337 0.07 15.54 37.04
CA GLY E 337 1.15 15.57 38.00
C GLY E 337 2.33 16.45 37.68
N THR E 338 2.27 17.23 36.60
CA THR E 338 3.40 18.05 36.20
C THR E 338 3.33 19.49 36.70
N GLY E 339 2.18 19.93 37.21
CA GLY E 339 2.03 21.30 37.63
C GLY E 339 2.18 21.50 39.13
N ASN E 340 2.18 22.78 39.53
CA ASN E 340 2.24 23.17 40.93
C ASN E 340 0.92 23.73 41.45
N MET E 341 -0.08 23.84 40.60
CA MET E 341 -1.37 24.41 40.98
C MET E 341 -2.47 23.78 40.16
N GLU E 342 -3.60 23.48 40.80
CA GLU E 342 -4.74 22.90 40.11
C GLU E 342 -6.00 23.68 40.48
N LEU E 343 -6.84 23.93 39.47
CA LEU E 343 -8.15 24.54 39.66
C LEU E 343 -9.18 23.67 38.96
N HIS E 344 -10.22 23.29 39.69
CA HIS E 344 -11.21 22.35 39.20
C HIS E 344 -12.56 23.05 39.07
N LEU E 345 -13.21 22.86 37.93
CA LEU E 345 -14.55 23.39 37.67
C LEU E 345 -15.55 22.24 37.58
N SER E 346 -16.75 22.47 38.13
CA SER E 346 -17.77 21.45 38.21
C SER E 346 -18.98 21.85 37.37
N ARG E 347 -19.47 20.91 36.57
CA ARG E 347 -20.65 21.15 35.75
C ARG E 347 -21.92 21.26 36.59
N LYS E 348 -22.03 20.45 37.63
CA LYS E 348 -23.24 20.45 38.46
C LYS E 348 -23.45 21.79 39.15
N ILE E 349 -22.37 22.47 39.53
CA ILE E 349 -22.50 23.79 40.15
C ILE E 349 -23.05 24.79 39.13
N ALA E 350 -22.55 24.74 37.90
CA ALA E 350 -23.03 25.66 36.87
C ALA E 350 -24.44 25.34 36.44
N GLU E 351 -24.88 24.09 36.60
CA GLU E 351 -26.24 23.72 36.21
C GLU E 351 -27.28 24.39 37.10
N LYS E 352 -26.93 24.67 38.35
CA LYS E 352 -27.83 25.39 39.26
C LYS E 352 -27.64 26.91 39.12
N ARG E 353 -26.70 27.33 38.27
CA ARG E 353 -26.41 28.73 37.94
C ARG E 353 -25.82 29.39 39.17
N VAL E 354 -24.81 28.83 39.79
CA VAL E 354 -23.81 29.48 40.62
C VAL E 354 -22.62 29.89 39.76
N PHE E 355 -22.43 31.20 39.60
CA PHE E 355 -21.56 31.69 38.55
C PHE E 355 -20.09 31.30 38.70
N PRO E 356 -19.44 31.46 39.86
CA PRO E 356 -18.01 31.08 39.94
C PRO E 356 -17.74 29.63 39.61
N ALA E 357 -18.59 28.70 40.05
CA ALA E 357 -18.55 27.28 39.72
C ALA E 357 -17.22 26.61 40.11
N ILE E 358 -16.52 27.14 41.10
CA ILE E 358 -15.27 26.52 41.53
C ILE E 358 -15.56 25.34 42.44
N ASP E 359 -14.78 24.27 42.27
CA ASP E 359 -14.90 23.07 43.12
C ASP E 359 -13.83 23.17 44.21
N TYR E 360 -14.26 23.58 45.41
CA TYR E 360 -13.32 23.99 46.45
C TYR E 360 -12.46 22.83 46.95
N ASN E 361 -13.07 21.65 47.14
CA ASN E 361 -12.40 20.57 47.85
C ASN E 361 -11.17 20.03 47.11
N ARG E 362 -11.17 20.03 45.79
CA ARG E 362 -10.08 19.44 45.01
C ARG E 362 -9.08 20.45 44.48
N SER E 363 -9.10 21.69 44.96
CA SER E 363 -8.21 22.73 44.48
C SER E 363 -7.18 23.08 45.54
N GLY E 364 -5.98 23.43 45.07
CA GLY E 364 -4.91 23.81 45.96
C GLY E 364 -3.60 23.95 45.20
N THR E 365 -2.57 24.37 45.93
CA THR E 365 -1.26 24.58 45.36
C THR E 365 -0.22 23.79 46.14
N ARG E 366 0.92 23.51 45.51
CA ARG E 366 2.04 22.80 46.19
C ARG E 366 2.94 23.83 46.90
N LYS E 367 3.36 23.53 48.12
CA LYS E 367 4.28 24.42 48.91
C LYS E 367 3.73 25.85 48.94
N GLU E 368 2.59 26.06 49.63
CA GLU E 368 1.98 27.41 49.72
C GLU E 368 2.38 28.07 51.05
N GLU E 369 3.48 27.62 51.66
CA GLU E 369 3.96 28.18 52.96
C GLU E 369 4.86 29.40 52.70
N LEU E 370 5.59 29.40 51.59
CA LEU E 370 6.50 30.53 51.25
C LEU E 370 5.81 31.46 50.25
N LEU E 371 4.48 31.53 50.28
CA LEU E 371 3.71 32.40 49.35
C LEU E 371 2.66 33.18 50.14
N THR E 372 2.78 33.19 51.48
CA THR E 372 1.81 33.92 52.34
C THR E 372 2.42 34.14 53.73
N THR E 373 1.75 34.93 54.57
CA THR E 373 2.24 35.22 55.95
C THR E 373 1.85 34.05 56.89
N GLN E 374 2.43 34.03 58.10
CA GLN E 374 2.17 32.95 59.08
C GLN E 374 0.80 33.14 59.74
N GLU E 375 0.26 34.36 59.70
CA GLU E 375 -1.07 34.65 60.32
C GLU E 375 -2.18 34.30 59.32
N GLU E 376 -1.95 34.57 58.03
CA GLU E 376 -2.97 34.32 56.97
C GLU E 376 -3.20 32.81 56.79
N LEU E 377 -2.14 32.01 56.93
CA LEU E 377 -2.25 30.54 56.75
C LEU E 377 -3.33 29.95 57.66
N GLN E 378 -3.17 30.07 58.98
CA GLN E 378 -4.10 29.53 59.97
C GLN E 378 -5.53 29.88 59.63
N LYS E 379 -5.76 31.11 59.13
CA LYS E 379 -7.11 31.48 58.69
C LYS E 379 -7.61 30.53 57.61
N MET E 380 -6.78 30.27 56.59
CA MET E 380 -7.18 29.38 55.51
C MET E 380 -7.40 27.96 55.99
N TRP E 381 -6.57 27.46 56.91
CA TRP E 381 -6.77 26.11 57.42
C TRP E 381 -8.05 26.01 58.23
N ILE E 382 -8.38 27.04 59.02
CA ILE E 382 -9.65 27.05 59.74
C ILE E 382 -10.82 27.02 58.76
N LEU E 383 -10.73 27.83 57.70
CA LEU E 383 -11.79 27.84 56.69
C LEU E 383 -11.92 26.47 56.01
N ARG E 384 -10.78 25.83 55.71
CA ARG E 384 -10.82 24.51 55.09
C ARG E 384 -11.47 23.48 56.01
N LYS E 385 -11.13 23.52 57.31
CA LYS E 385 -11.74 22.60 58.26
C LYS E 385 -13.24 22.82 58.34
N ILE E 386 -13.68 24.08 58.34
CA ILE E 386 -15.11 24.35 58.37
C ILE E 386 -15.80 23.84 57.10
N ILE E 387 -15.16 24.06 55.94
CA ILE E 387 -15.81 23.77 54.66
C ILE E 387 -15.82 22.28 54.31
N HIS E 388 -14.84 21.51 54.78
CA HIS E 388 -14.67 20.13 54.32
C HIS E 388 -15.93 19.27 54.42
N PRO E 389 -16.70 19.27 55.52
CA PRO E 389 -17.90 18.39 55.56
C PRO E 389 -18.93 18.67 54.48
N MET E 390 -19.07 19.91 54.02
CA MET E 390 -20.14 20.27 53.12
C MET E 390 -19.93 19.65 51.73
N GLY E 391 -20.99 19.71 50.92
CA GLY E 391 -20.91 19.31 49.53
C GLY E 391 -20.44 20.44 48.64
N GLU E 392 -20.40 20.16 47.33
CA GLU E 392 -19.92 21.14 46.37
C GLU E 392 -20.83 22.36 46.31
N ILE E 393 -22.09 22.14 45.93
CA ILE E 393 -23.04 23.23 45.78
C ILE E 393 -23.27 23.93 47.11
N ASP E 394 -23.37 23.14 48.19
CA ASP E 394 -23.59 23.72 49.52
C ASP E 394 -22.43 24.62 49.92
N ALA E 395 -21.20 24.16 49.70
CA ALA E 395 -20.04 24.95 50.07
C ALA E 395 -19.95 26.23 49.24
N MET E 396 -20.20 26.13 47.93
CA MET E 396 -20.14 27.34 47.10
C MET E 396 -21.24 28.33 47.46
N GLU E 397 -22.45 27.85 47.74
CA GLU E 397 -23.51 28.76 48.17
C GLU E 397 -23.17 29.41 49.51
N PHE E 398 -22.60 28.64 50.43
CA PHE E 398 -22.20 29.19 51.72
C PHE E 398 -21.14 30.28 51.54
N LEU E 399 -20.13 30.01 50.72
CA LEU E 399 -19.07 30.98 50.49
C LEU E 399 -19.61 32.24 49.82
N ILE E 400 -20.48 32.07 48.82
CA ILE E 400 -21.04 33.22 48.13
C ILE E 400 -21.90 34.06 49.07
N ASN E 401 -22.69 33.40 49.91
CA ASN E 401 -23.55 34.12 50.86
C ASN E 401 -22.71 34.89 51.87
N LYS E 402 -21.70 34.23 52.45
CA LYS E 402 -20.87 34.87 53.51
C LYS E 402 -19.69 35.63 52.91
N LEU E 403 -19.83 36.16 51.69
CA LEU E 403 -18.72 36.92 51.06
C LEU E 403 -19.23 38.29 50.58
N ALA E 404 -20.54 38.42 50.41
CA ALA E 404 -21.15 39.69 49.96
C ALA E 404 -21.62 40.50 51.18
N MET E 405 -21.26 40.07 52.38
CA MET E 405 -21.58 40.84 53.58
C MET E 405 -20.30 41.59 53.88
N THR E 406 -19.22 41.24 53.19
CA THR E 406 -17.92 41.88 53.44
C THR E 406 -17.35 42.50 52.18
N LYS E 407 -16.18 43.13 52.30
CA LYS E 407 -15.55 43.78 51.15
C LYS E 407 -14.17 43.22 50.87
N THR E 408 -13.33 43.14 51.90
CA THR E 408 -11.99 42.58 51.73
C THR E 408 -12.00 41.18 52.32
N ASN E 409 -10.86 40.49 52.27
CA ASN E 409 -10.85 39.07 52.74
C ASN E 409 -10.38 39.30 54.18
N ASP E 410 -9.49 40.27 54.40
CA ASP E 410 -8.94 40.57 55.76
C ASP E 410 -10.07 40.67 56.79
N ASP E 411 -10.99 41.62 56.61
CA ASP E 411 -12.12 41.80 57.57
C ASP E 411 -13.33 40.89 57.36
N PHE E 412 -13.07 39.58 57.16
CA PHE E 412 -14.13 38.56 56.97
C PHE E 412 -13.82 37.31 57.80
N PHE E 413 -12.56 37.17 58.20
CA PHE E 413 -12.11 36.02 59.03
C PHE E 413 -12.77 36.13 60.41
N GLU E 414 -13.34 37.29 60.73
CA GLU E 414 -13.70 37.68 62.12
C GLU E 414 -15.01 36.94 62.38
N MET E 415 -15.60 36.33 61.33
CA MET E 415 -16.87 35.58 61.49
C MET E 415 -16.70 34.55 62.62
N MET E 416 -15.44 34.25 62.95
CA MET E 416 -15.09 33.31 64.05
C MET E 416 -14.59 34.13 65.25
N LYS E 417 -14.30 35.41 65.02
CA LYS E 417 -13.80 36.33 66.08
C LYS E 417 -12.60 35.70 66.77
N MET F 1 41.82 24.62 32.68
CA MET F 1 42.77 23.60 33.22
C MET F 1 42.12 22.21 33.10
N ASN F 2 42.26 21.32 34.15
CA ASN F 2 41.55 20.09 34.46
C ASN F 2 40.06 20.15 34.18
N LEU F 3 39.58 19.14 33.43
CA LEU F 3 38.17 19.10 33.08
C LEU F 3 37.19 19.31 34.23
N THR F 4 37.46 18.66 35.38
CA THR F 4 36.52 18.71 36.50
C THR F 4 36.40 20.10 37.09
N GLU F 5 37.51 20.83 37.25
CA GLU F 5 37.43 22.18 37.80
C GLU F 5 36.66 23.10 36.87
N LEU F 6 36.87 22.96 35.55
CA LEU F 6 36.10 23.75 34.60
C LEU F 6 34.61 23.40 34.66
N LYS F 7 34.30 22.11 34.78
CA LYS F 7 32.90 21.68 34.84
C LYS F 7 32.24 22.07 36.17
N ASN F 8 33.03 22.34 37.20
CA ASN F 8 32.49 22.75 38.50
C ASN F 8 32.55 24.26 38.71
N THR F 9 32.79 25.03 37.64
CA THR F 9 32.95 26.47 37.70
C THR F 9 31.67 27.17 37.22
N PRO F 10 31.19 28.16 37.97
CA PRO F 10 30.01 28.91 37.53
C PRO F 10 30.26 29.60 36.20
N VAL F 11 29.18 29.72 35.42
CA VAL F 11 29.29 30.25 34.05
C VAL F 11 29.75 31.70 34.06
N SER F 12 29.33 32.48 35.06
CA SER F 12 29.68 33.90 35.09
C SER F 12 31.19 34.09 35.20
N GLU F 13 31.85 33.36 36.10
CA GLU F 13 33.30 33.47 36.21
C GLU F 13 34.00 32.74 35.06
N LEU F 14 33.35 31.71 34.52
CA LEU F 14 33.92 30.98 33.40
C LEU F 14 34.04 31.87 32.17
N ILE F 15 33.05 32.75 31.94
CA ILE F 15 33.11 33.65 30.79
C ILE F 15 34.24 34.66 30.96
N THR F 16 34.46 35.12 32.20
CA THR F 16 35.58 36.03 32.46
C THR F 16 36.91 35.32 32.23
N LEU F 17 37.02 34.07 32.66
CA LEU F 17 38.23 33.30 32.42
C LEU F 17 38.47 33.11 30.92
N GLY F 18 37.41 32.81 30.17
CA GLY F 18 37.55 32.58 28.74
C GLY F 18 37.79 33.81 27.90
N GLU F 19 37.30 34.98 28.35
CA GLU F 19 37.52 36.22 27.61
C GLU F 19 38.92 36.77 27.76
N ASN F 20 39.61 36.46 28.86
CA ASN F 20 40.96 36.94 29.06
C ASN F 20 41.93 36.34 28.05
N MET F 21 41.52 35.28 27.36
CA MET F 21 42.38 34.52 26.46
C MET F 21 42.14 34.83 24.99
N GLY F 22 41.47 35.96 24.70
CA GLY F 22 41.33 36.46 23.35
C GLY F 22 40.10 35.98 22.61
N LEU F 23 39.34 35.04 23.17
CA LEU F 23 38.16 34.51 22.49
C LEU F 23 37.05 35.54 22.47
N GLU F 24 36.33 35.60 21.34
CA GLU F 24 35.16 36.48 21.24
C GLU F 24 34.06 36.01 22.17
N ASN F 25 33.00 36.82 22.26
CA ASN F 25 31.95 36.59 23.25
C ASN F 25 31.30 35.21 23.08
N LEU F 26 31.18 34.48 24.19
CA LEU F 26 30.62 33.15 24.21
C LEU F 26 29.34 33.12 25.04
N ALA F 27 28.71 34.28 25.22
CA ALA F 27 27.62 34.40 26.17
C ALA F 27 26.32 33.75 25.70
N ARG F 28 26.15 33.53 24.40
CA ARG F 28 24.86 33.12 23.86
C ARG F 28 24.87 31.68 23.34
N MET F 29 25.60 30.79 24.00
CA MET F 29 25.58 29.37 23.68
C MET F 29 25.65 28.56 24.97
N ARG F 30 25.52 27.24 24.83
CA ARG F 30 25.48 26.36 25.98
C ARG F 30 26.85 26.23 26.64
N LYS F 31 26.84 25.69 27.86
CA LYS F 31 28.07 25.58 28.64
C LYS F 31 29.03 24.55 28.05
N GLN F 32 28.48 23.48 27.45
CA GLN F 32 29.34 22.47 26.84
C GLN F 32 30.15 23.06 25.69
N ASP F 33 29.53 23.90 24.86
CA ASP F 33 30.25 24.55 23.78
C ASP F 33 31.32 25.50 24.31
N ILE F 34 31.04 26.17 25.43
CA ILE F 34 32.04 27.04 26.04
C ILE F 34 33.24 26.22 26.50
N ILE F 35 32.99 25.08 27.15
CA ILE F 35 34.07 24.22 27.61
C ILE F 35 34.88 23.71 26.42
N PHE F 36 34.19 23.30 25.36
CA PHE F 36 34.88 22.78 24.18
C PHE F 36 35.73 23.86 23.51
N ALA F 37 35.22 25.08 23.43
CA ALA F 37 35.99 26.18 22.86
C ALA F 37 37.22 26.49 23.71
N ILE F 38 37.07 26.51 25.03
CA ILE F 38 38.21 26.75 25.91
C ILE F 38 39.26 25.66 25.72
N LEU F 39 38.80 24.41 25.68
CA LEU F 39 39.71 23.24 25.50
C LEU F 39 40.54 23.40 24.22
N LYS F 40 40.04 24.19 23.27
CA LYS F 40 40.76 24.41 21.99
C LYS F 40 41.74 25.58 21.82
N GLN F 41 41.47 26.71 22.50
CA GLN F 41 42.34 27.92 22.43
C GLN F 41 43.50 27.74 23.40
N HIS F 42 43.36 26.81 24.36
CA HIS F 42 44.42 26.55 25.37
C HIS F 42 45.19 25.27 24.98
N ALA F 43 45.09 24.87 23.71
CA ALA F 43 45.78 23.65 23.22
C ALA F 43 47.05 24.05 22.48
N LYS F 44 47.62 25.21 22.83
CA LYS F 44 48.86 25.71 22.17
C LYS F 44 50.02 25.66 23.18
N SER F 45 49.73 25.39 24.45
CA SER F 45 50.79 25.33 25.50
C SER F 45 50.66 23.86 25.94
N GLY F 46 51.46 23.47 26.94
CA GLY F 46 51.95 22.10 27.23
C GLY F 46 51.35 21.56 28.52
N GLU F 47 51.58 20.27 28.79
CA GLU F 47 51.10 19.54 29.99
C GLU F 47 49.58 19.63 30.17
N ASP F 48 49.12 19.73 31.42
CA ASP F 48 47.67 19.84 31.73
C ASP F 48 46.85 18.73 31.03
N ILE F 49 45.69 19.11 30.49
CA ILE F 49 44.75 18.20 29.77
C ILE F 49 44.36 16.86 30.43
N PHE F 50 44.14 16.91 31.75
CA PHE F 50 43.71 15.77 32.60
C PHE F 50 42.21 15.49 32.53
N GLY F 51 41.82 14.33 32.01
CA GLY F 51 40.41 14.02 31.85
C GLY F 51 39.97 12.75 32.55
N ASP F 52 38.70 12.71 32.97
CA ASP F 52 38.13 11.54 33.61
C ASP F 52 36.62 11.55 33.42
N GLY F 53 36.00 10.41 33.67
CA GLY F 53 34.56 10.25 33.53
C GLY F 53 34.19 8.79 33.50
N VAL F 54 32.89 8.52 33.68
CA VAL F 54 32.41 7.15 33.69
C VAL F 54 32.30 6.65 32.25
N LEU F 55 32.78 5.42 32.02
CA LEU F 55 32.84 4.85 30.67
C LEU F 55 31.50 4.24 30.31
N GLU F 56 30.99 4.59 29.13
CA GLU F 56 29.77 4.01 28.58
C GLU F 56 30.10 3.45 27.20
N ILE F 57 29.73 2.19 26.97
CA ILE F 57 30.01 1.50 25.71
C ILE F 57 28.69 1.29 24.97
N LEU F 58 28.65 1.70 23.71
CA LEU F 58 27.48 1.52 22.86
C LEU F 58 27.73 0.41 21.85
N GLN F 59 26.72 0.17 21.00
CA GLN F 59 26.75 -0.96 20.08
C GLN F 59 27.87 -0.83 19.05
N ASP F 60 28.22 0.40 18.69
CA ASP F 60 29.09 0.62 17.53
C ASP F 60 30.49 0.05 17.76
N GLY F 61 30.94 0.00 19.01
CA GLY F 61 32.22 -0.62 19.31
C GLY F 61 33.12 0.19 20.23
N PHE F 62 33.06 1.53 20.15
CA PHE F 62 33.88 2.38 20.99
C PHE F 62 33.08 2.84 22.20
N GLY F 63 33.75 3.54 23.11
CA GLY F 63 33.14 4.03 24.32
C GLY F 63 33.34 5.53 24.47
N PHE F 64 32.63 6.09 25.45
CA PHE F 64 32.70 7.51 25.74
C PHE F 64 32.79 7.72 27.24
N LEU F 65 33.58 8.72 27.65
CA LEU F 65 33.68 9.10 29.05
C LEU F 65 32.67 10.23 29.30
N ARG F 66 31.66 9.95 30.11
CA ARG F 66 30.60 10.90 30.39
C ARG F 66 30.71 11.39 31.83
N SER F 67 30.26 12.62 32.06
CA SER F 67 30.37 13.24 33.37
C SER F 67 29.04 13.17 34.13
N ALA F 68 29.14 13.02 35.45
CA ALA F 68 27.95 12.90 36.28
C ALA F 68 27.33 14.26 36.62
N ASP F 69 28.04 15.36 36.37
CA ASP F 69 27.48 16.67 36.67
C ASP F 69 26.26 16.98 35.80
N SER F 70 26.28 16.52 34.54
CA SER F 70 25.14 16.68 33.64
C SER F 70 24.26 15.44 33.59
N SER F 71 24.37 14.56 34.58
CA SER F 71 23.64 13.29 34.60
C SER F 71 23.92 12.47 33.34
N TYR F 72 25.20 12.42 32.96
CA TYR F 72 25.67 11.63 31.82
C TYR F 72 24.93 12.01 30.54
N LEU F 73 24.84 13.31 30.27
CA LEU F 73 24.20 13.79 29.05
C LEU F 73 25.23 13.90 27.93
N ALA F 74 24.91 13.30 26.79
CA ALA F 74 25.82 13.28 25.66
C ALA F 74 26.03 14.69 25.10
N GLY F 75 27.24 14.95 24.63
CA GLY F 75 27.59 16.24 24.08
C GLY F 75 28.98 16.28 23.52
N PRO F 76 29.40 17.45 23.02
CA PRO F 76 30.75 17.57 22.45
C PRO F 76 31.87 17.33 23.46
N ASP F 77 31.58 17.45 24.75
CA ASP F 77 32.61 17.28 25.78
C ASP F 77 33.00 15.82 26.00
N ASP F 78 32.33 14.88 25.35
CA ASP F 78 32.62 13.47 25.56
C ASP F 78 34.03 13.12 25.06
N ILE F 79 34.63 12.12 25.70
CA ILE F 79 36.01 11.73 25.45
C ILE F 79 36.01 10.40 24.69
N TYR F 80 36.74 10.36 23.58
CA TYR F 80 36.76 9.20 22.71
C TYR F 80 37.64 8.09 23.31
N VAL F 81 37.12 6.87 23.31
CA VAL F 81 37.85 5.70 23.76
C VAL F 81 37.82 4.66 22.65
N SER F 82 38.99 4.10 22.33
CA SER F 82 39.14 3.17 21.24
C SER F 82 38.84 1.75 21.68
N PRO F 83 38.36 0.89 20.76
CA PRO F 83 38.12 -0.51 21.13
C PRO F 83 39.36 -1.25 21.60
N SER F 84 40.54 -0.81 21.16
CA SER F 84 41.78 -1.44 21.60
C SER F 84 41.95 -1.33 23.11
N GLN F 85 41.58 -0.19 23.70
CA GLN F 85 41.63 -0.05 25.14
C GLN F 85 40.75 -1.08 25.84
N ILE F 86 39.54 -1.26 25.33
CA ILE F 86 38.61 -2.23 25.94
C ILE F 86 39.15 -3.65 25.81
N ARG F 87 39.72 -3.99 24.64
CA ARG F 87 40.27 -5.32 24.48
C ARG F 87 41.46 -5.56 25.41
N ARG F 88 42.35 -4.58 25.53
CA ARG F 88 43.54 -4.76 26.36
C ARG F 88 43.19 -4.84 27.84
N PHE F 89 42.39 -3.90 28.34
CA PHE F 89 42.14 -3.79 29.77
C PHE F 89 40.87 -4.52 30.20
N ASN F 90 40.18 -5.19 29.28
CA ASN F 90 38.95 -5.92 29.58
C ASN F 90 37.91 -5.02 30.26
N LEU F 91 37.81 -3.79 29.75
CA LEU F 91 36.89 -2.81 30.31
C LEU F 91 35.44 -3.17 29.97
N ARG F 92 34.53 -2.70 30.81
CA ARG F 92 33.11 -2.90 30.59
C ARG F 92 32.36 -1.63 30.96
N THR F 93 31.07 -1.61 30.66
CA THR F 93 30.26 -0.42 30.90
C THR F 93 30.16 -0.15 32.40
N GLY F 94 30.44 1.10 32.78
CA GLY F 94 30.36 1.51 34.17
C GLY F 94 31.68 1.67 34.89
N ASP F 95 32.80 1.56 34.18
CA ASP F 95 34.12 1.65 34.80
C ASP F 95 34.57 3.10 34.84
N THR F 96 34.96 3.56 36.04
CA THR F 96 35.52 4.91 36.17
C THR F 96 36.97 4.92 35.70
N ILE F 97 37.30 5.84 34.80
CA ILE F 97 38.61 5.88 34.16
C ILE F 97 39.17 7.29 34.31
N SER F 98 40.41 7.39 34.79
CA SER F 98 41.16 8.63 34.77
C SER F 98 42.28 8.54 33.75
N GLY F 99 42.96 9.65 33.53
CA GLY F 99 44.07 9.67 32.61
C GLY F 99 44.37 11.08 32.12
N LYS F 100 45.06 11.15 30.99
CA LYS F 100 45.42 12.40 30.33
C LYS F 100 44.91 12.32 28.89
N ILE F 101 44.11 13.31 28.51
CA ILE F 101 43.57 13.34 27.14
C ILE F 101 44.42 14.26 26.26
N ARG F 102 44.25 14.08 24.95
CA ARG F 102 45.01 14.82 23.96
C ARG F 102 44.06 15.45 22.94
N PRO F 103 44.45 16.58 22.35
CA PRO F 103 43.60 17.23 21.35
C PRO F 103 43.40 16.34 20.13
N PRO F 104 42.27 16.47 19.45
CA PRO F 104 42.01 15.64 18.27
C PRO F 104 42.93 16.00 17.11
N LYS F 105 43.11 15.05 16.21
CA LYS F 105 43.93 15.25 15.03
C LYS F 105 43.19 16.09 14.00
N GLU F 106 43.81 16.26 12.84
CA GLU F 106 43.18 16.97 11.73
C GLU F 106 42.11 16.08 11.11
N GLY F 107 40.84 16.44 11.32
CA GLY F 107 39.71 15.66 10.87
C GLY F 107 38.92 14.99 11.97
N GLU F 108 39.47 14.90 13.17
CA GLU F 108 38.78 14.32 14.31
C GLU F 108 37.99 15.40 15.06
N ARG F 109 36.92 14.96 15.73
CA ARG F 109 36.01 15.88 16.41
C ARG F 109 35.97 15.73 17.92
N TYR F 110 36.31 14.57 18.47
CA TYR F 110 36.28 14.33 19.90
C TYR F 110 37.68 14.13 20.45
N PHE F 111 37.88 14.59 21.68
CA PHE F 111 39.15 14.41 22.36
C PHE F 111 39.32 12.94 22.74
N ALA F 112 40.49 12.38 22.43
CA ALA F 112 40.76 10.97 22.71
C ALA F 112 41.53 10.83 24.02
N LEU F 113 41.63 9.60 24.50
CA LEU F 113 42.33 9.27 25.73
C LEU F 113 43.71 8.74 25.37
N LEU F 114 44.75 9.33 25.95
CA LEU F 114 46.12 8.96 25.57
C LEU F 114 46.67 7.87 26.48
N LYS F 115 46.58 8.05 27.80
CA LYS F 115 47.11 7.10 28.76
C LYS F 115 46.09 6.87 29.86
N VAL F 116 46.09 5.66 30.42
CA VAL F 116 45.18 5.28 31.49
C VAL F 116 45.97 5.26 32.78
N ASN F 117 45.58 6.10 33.74
CA ASN F 117 46.29 6.21 35.00
C ASN F 117 45.66 5.37 36.10
N GLU F 118 44.36 5.55 36.34
CA GLU F 118 43.65 4.83 37.39
C GLU F 118 42.36 4.24 36.83
N VAL F 119 41.96 3.11 37.41
CA VAL F 119 40.70 2.45 37.06
C VAL F 119 39.96 2.15 38.36
N ASN F 120 38.79 2.78 38.54
CA ASN F 120 37.96 2.57 39.73
C ASN F 120 38.74 2.77 41.01
N PHE F 121 39.47 3.89 41.08
CA PHE F 121 40.35 4.22 42.21
C PHE F 121 41.35 3.11 42.51
N ASP F 122 41.91 2.49 41.47
CA ASP F 122 42.87 1.42 41.62
C ASP F 122 43.82 1.42 40.42
N LYS F 123 44.94 0.73 40.59
CA LYS F 123 45.92 0.67 39.51
C LYS F 123 45.36 -0.10 38.32
N PRO F 124 45.73 0.26 37.09
CA PRO F 124 45.16 -0.40 35.92
C PRO F 124 45.59 -1.85 35.76
N GLU F 125 46.52 -2.34 36.57
CA GLU F 125 47.05 -3.69 36.39
C GLU F 125 45.96 -4.75 36.56
N ASN F 126 45.07 -4.56 37.54
CA ASN F 126 44.03 -5.53 37.83
C ASN F 126 43.11 -5.72 36.64
N ALA F 127 42.84 -6.98 36.29
CA ALA F 127 41.96 -7.31 35.18
C ALA F 127 40.50 -7.35 35.62
N ARG F 128 39.64 -7.90 34.76
CA ARG F 128 38.21 -8.03 35.07
C ARG F 128 37.92 -8.92 36.27
N ASN F 129 38.81 -9.86 36.60
CA ASN F 129 38.61 -10.78 37.71
C ASN F 129 37.29 -11.53 37.57
N LYS F 130 36.50 -11.59 38.64
CA LYS F 130 35.26 -12.33 38.67
C LYS F 130 34.09 -11.37 38.40
N ILE F 131 33.11 -11.85 37.65
CA ILE F 131 31.92 -11.05 37.38
C ILE F 131 30.90 -11.24 38.51
N LEU F 132 30.04 -10.23 38.68
CA LEU F 132 29.02 -10.26 39.73
C LEU F 132 28.10 -11.48 39.59
N PHE F 133 27.95 -12.00 38.37
CA PHE F 133 27.02 -13.11 38.15
C PHE F 133 27.42 -14.35 38.93
N GLU F 134 28.68 -14.77 38.80
CA GLU F 134 29.18 -15.96 39.48
C GLU F 134 29.77 -15.55 40.83
N ASN F 135 28.89 -15.38 41.81
CA ASN F 135 29.30 -15.05 43.17
C ASN F 135 28.31 -15.67 44.15
N LEU F 136 28.83 -16.26 45.22
CA LEU F 136 27.97 -16.87 46.22
C LEU F 136 27.17 -15.80 46.97
N THR F 137 25.89 -16.09 47.20
CA THR F 137 24.97 -15.14 47.83
C THR F 137 24.49 -15.65 49.17
N PRO F 138 24.98 -15.11 50.28
CA PRO F 138 24.41 -15.45 51.59
C PRO F 138 23.03 -14.84 51.79
N LEU F 139 22.47 -14.98 53.00
CA LEU F 139 21.12 -14.50 53.26
C LEU F 139 21.00 -12.98 53.20
N HIS F 140 22.11 -12.25 53.25
CA HIS F 140 22.12 -10.79 53.07
C HIS F 140 21.25 -10.09 54.11
N ALA F 141 21.36 -10.55 55.36
CA ALA F 141 20.53 -10.02 56.44
C ALA F 141 21.35 -9.87 57.71
N ASN F 142 22.53 -9.27 57.61
CA ASN F 142 23.39 -9.03 58.76
C ASN F 142 23.95 -7.62 58.68
N SER F 143 24.40 -7.13 59.84
CA SER F 143 24.99 -5.80 59.98
C SER F 143 24.00 -4.71 59.53
N ARG F 144 22.92 -4.62 60.31
CA ARG F 144 21.82 -3.71 59.99
C ARG F 144 22.30 -2.26 59.99
N LEU F 145 21.54 -1.42 59.28
CA LEU F 145 21.84 0.00 59.14
C LEU F 145 21.01 0.77 60.17
N ARG F 146 21.65 1.17 61.26
CA ARG F 146 20.98 1.95 62.28
C ARG F 146 20.82 3.40 61.84
N MET F 147 19.62 3.94 61.98
CA MET F 147 19.31 5.33 61.62
C MET F 147 18.75 6.02 62.86
N GLU F 148 19.65 6.57 63.67
CA GLU F 148 19.28 7.20 64.94
C GLU F 148 20.22 8.38 65.18
N ARG F 149 19.66 9.41 65.83
CA ARG F 149 20.42 10.62 66.12
C ARG F 149 20.24 10.98 67.58
N GLY F 150 21.30 11.53 68.17
CA GLY F 150 21.30 11.92 69.56
C GLY F 150 20.91 13.37 69.83
N ASN F 151 20.48 14.10 68.81
CA ASN F 151 20.09 15.49 69.00
C ASN F 151 18.65 15.58 69.50
N GLY F 152 18.42 16.58 70.35
CA GLY F 152 17.11 16.85 70.91
C GLY F 152 16.10 17.42 69.95
N SER F 153 16.49 17.72 68.72
CA SER F 153 15.56 18.26 67.74
C SER F 153 14.51 17.24 67.37
N THR F 154 13.46 17.69 66.67
CA THR F 154 12.39 16.79 66.27
C THR F 154 12.71 16.05 64.97
N GLU F 155 13.78 16.44 64.28
CA GLU F 155 14.04 15.92 62.93
C GLU F 155 14.22 14.41 62.95
N ASP F 156 14.91 13.87 63.95
CA ASP F 156 15.14 12.44 64.04
C ASP F 156 13.93 11.68 64.57
N LEU F 157 12.92 12.37 65.11
CA LEU F 157 11.75 11.68 65.65
C LEU F 157 11.13 10.74 64.62
N THR F 158 10.90 11.25 63.40
CA THR F 158 10.40 10.40 62.33
C THR F 158 11.29 9.18 62.15
N ALA F 159 12.62 9.40 62.06
CA ALA F 159 13.54 8.29 61.94
C ALA F 159 13.36 7.30 63.09
N ARG F 160 13.21 7.81 64.31
CA ARG F 160 12.95 6.95 65.45
C ARG F 160 11.77 6.03 65.19
N VAL F 161 10.65 6.60 64.71
CA VAL F 161 9.48 5.79 64.41
C VAL F 161 9.84 4.72 63.39
N LEU F 162 10.60 5.09 62.37
CA LEU F 162 11.02 4.10 61.37
C LEU F 162 11.81 2.98 62.01
N ASP F 163 12.69 3.32 62.96
CA ASP F 163 13.48 2.28 63.61
C ASP F 163 12.60 1.34 64.42
N LEU F 164 11.44 1.82 64.87
CA LEU F 164 10.50 0.97 65.59
C LEU F 164 9.46 0.34 64.67
N ALA F 165 9.51 0.61 63.37
CA ALA F 165 8.50 0.11 62.45
C ALA F 165 9.05 -0.88 61.43
N SER F 166 10.27 -0.65 60.93
CA SER F 166 10.84 -1.50 59.89
C SER F 166 12.35 -1.37 59.90
N PRO F 167 13.04 -2.22 60.67
CA PRO F 167 14.51 -2.23 60.62
C PRO F 167 15.01 -2.63 59.25
N ILE F 168 16.16 -2.07 58.87
CA ILE F 168 16.75 -2.28 57.56
C ILE F 168 18.20 -2.70 57.73
N GLY F 169 18.73 -3.42 56.74
CA GLY F 169 20.10 -3.90 56.78
C GLY F 169 20.74 -3.90 55.39
N ARG F 170 22.05 -4.13 55.39
CA ARG F 170 22.81 -4.17 54.15
C ARG F 170 22.38 -5.37 53.30
N GLY F 171 22.23 -5.14 52.00
CA GLY F 171 21.83 -6.20 51.09
C GLY F 171 20.36 -6.55 51.14
N GLN F 172 19.53 -5.73 51.78
CA GLN F 172 18.14 -6.05 52.02
C GLN F 172 17.26 -5.23 51.08
N ARG F 173 16.36 -5.92 50.38
CA ARG F 173 15.44 -5.29 49.44
C ARG F 173 14.34 -4.56 50.21
N GLY F 174 13.90 -3.43 49.68
CA GLY F 174 12.89 -2.62 50.34
C GLY F 174 11.90 -2.01 49.36
N LEU F 175 10.71 -1.70 49.86
CA LEU F 175 9.66 -1.09 49.07
C LEU F 175 8.84 -0.14 49.95
N ILE F 176 8.40 0.97 49.37
CA ILE F 176 7.61 1.97 50.07
C ILE F 176 6.35 2.25 49.25
N VAL F 177 5.20 2.18 49.89
CA VAL F 177 3.92 2.46 49.26
C VAL F 177 3.36 3.76 49.85
N ALA F 178 3.12 4.75 48.97
CA ALA F 178 2.69 6.06 49.43
C ALA F 178 1.59 6.62 48.54
N PRO F 179 0.53 7.17 49.13
CA PRO F 179 -0.50 7.86 48.34
C PRO F 179 -0.07 9.28 48.04
N PRO F 180 -0.74 9.96 47.12
CA PRO F 180 -0.41 11.37 46.85
C PRO F 180 -0.60 12.24 48.08
N LYS F 181 0.26 13.24 48.20
CA LYS F 181 0.21 14.22 49.30
C LYS F 181 0.28 13.52 50.67
N ALA F 182 1.42 12.87 50.91
CA ALA F 182 1.63 12.14 52.16
C ALA F 182 3.04 12.31 52.73
N GLY F 183 3.73 13.39 52.39
CA GLY F 183 5.06 13.62 52.93
C GLY F 183 6.12 12.64 52.47
N LYS F 184 6.06 12.20 51.21
CA LYS F 184 7.03 11.25 50.69
C LYS F 184 8.42 11.87 50.57
N THR F 185 8.49 13.07 50.00
CA THR F 185 9.79 13.69 49.74
C THR F 185 10.54 13.97 51.03
N MET F 186 9.84 14.45 52.06
CA MET F 186 10.49 14.70 53.34
C MET F 186 11.03 13.41 53.95
N LEU F 187 10.29 12.31 53.84
CA LEU F 187 10.79 11.03 54.32
C LEU F 187 12.06 10.62 53.57
N LEU F 188 12.09 10.81 52.25
CA LEU F 188 13.28 10.47 51.49
C LEU F 188 14.47 11.32 51.91
N GLN F 189 14.26 12.62 52.11
CA GLN F 189 15.35 13.50 52.55
C GLN F 189 15.85 13.09 53.93
N ASN F 190 14.94 12.77 54.85
CA ASN F 190 15.36 12.35 56.18
C ASN F 190 16.17 11.06 56.12
N ILE F 191 15.72 10.10 55.31
CA ILE F 191 16.47 8.85 55.17
C ILE F 191 17.86 9.11 54.61
N ALA F 192 17.96 9.95 53.58
CA ALA F 192 19.25 10.24 52.99
C ALA F 192 20.18 10.92 53.98
N GLN F 193 19.66 11.89 54.75
CA GLN F 193 20.49 12.59 55.71
C GLN F 193 20.96 11.66 56.82
N SER F 194 20.07 10.79 57.32
CA SER F 194 20.46 9.84 58.35
C SER F 194 21.52 8.87 57.85
N ILE F 195 21.35 8.37 56.63
CA ILE F 195 22.34 7.45 56.06
C ILE F 195 23.68 8.15 55.88
N ALA F 196 23.67 9.40 55.43
CA ALA F 196 24.91 10.13 55.25
C ALA F 196 25.59 10.41 56.58
N TYR F 197 24.82 10.65 57.63
CA TYR F 197 25.41 11.00 58.92
C TYR F 197 25.97 9.77 59.64
N ASN F 198 25.15 8.72 59.79
CA ASN F 198 25.53 7.62 60.66
C ASN F 198 26.52 6.66 60.02
N HIS F 199 26.60 6.64 58.69
CA HIS F 199 27.47 5.71 57.96
C HIS F 199 28.20 6.46 56.85
N PRO F 200 29.33 7.10 57.17
CA PRO F 200 30.09 7.81 56.12
C PRO F 200 30.85 6.88 55.20
N ASP F 201 31.06 5.62 55.58
CA ASP F 201 31.83 4.70 54.74
C ASP F 201 31.04 4.20 53.55
N CYS F 202 29.71 4.30 53.58
CA CYS F 202 28.88 3.82 52.48
C CYS F 202 28.83 4.86 51.37
N VAL F 203 28.60 4.40 50.15
CA VAL F 203 28.45 5.28 48.99
C VAL F 203 26.96 5.43 48.72
N LEU F 204 26.47 6.66 48.72
CA LEU F 204 25.05 6.96 48.59
C LEU F 204 24.76 7.51 47.20
N MET F 205 23.81 6.89 46.50
CA MET F 205 23.39 7.32 45.17
C MET F 205 21.88 7.48 45.17
N VAL F 206 21.41 8.63 44.68
CA VAL F 206 19.99 8.95 44.62
C VAL F 206 19.62 9.13 43.16
N LEU F 207 18.60 8.39 42.70
CA LEU F 207 18.15 8.43 41.32
C LEU F 207 16.72 8.94 41.27
N LEU F 208 16.47 9.94 40.45
CA LEU F 208 15.14 10.52 40.26
C LEU F 208 14.73 10.37 38.81
N ILE F 209 13.51 9.90 38.59
CA ILE F 209 12.98 9.66 37.25
C ILE F 209 11.71 10.48 37.08
N ASP F 210 11.61 11.22 35.98
CA ASP F 210 10.39 11.93 35.59
C ASP F 210 10.00 12.97 36.64
N GLU F 211 10.92 13.90 36.91
CA GLU F 211 10.80 14.83 38.02
C GLU F 211 10.67 16.26 37.52
N ARG F 212 10.06 17.11 38.35
CA ARG F 212 9.96 18.53 38.09
C ARG F 212 11.31 19.22 38.33
N PRO F 213 11.67 20.20 37.49
CA PRO F 213 13.02 20.78 37.60
C PRO F 213 13.33 21.43 38.94
N GLU F 214 12.35 22.12 39.53
CA GLU F 214 12.61 22.79 40.81
C GLU F 214 12.87 21.79 41.93
N GLU F 215 12.22 20.63 41.88
CA GLU F 215 12.48 19.60 42.88
C GLU F 215 13.89 19.03 42.73
N VAL F 216 14.35 18.86 41.50
CA VAL F 216 15.73 18.41 41.28
C VAL F 216 16.71 19.45 41.83
N THR F 217 16.45 20.72 41.55
CA THR F 217 17.32 21.78 42.04
C THR F 217 17.36 21.82 43.57
N GLU F 218 16.20 21.63 44.22
CA GLU F 218 16.17 21.58 45.68
C GLU F 218 16.90 20.35 46.20
N MET F 219 16.76 19.21 45.52
CA MET F 219 17.38 17.97 45.98
C MET F 219 18.90 18.03 45.86
N GLN F 220 19.41 18.80 44.90
CA GLN F 220 20.85 18.76 44.63
C GLN F 220 21.68 19.31 45.79
N ARG F 221 21.13 20.20 46.61
CA ARG F 221 21.88 20.80 47.70
C ARG F 221 21.53 20.26 49.08
N LEU F 222 20.79 19.16 49.16
CA LEU F 222 20.52 18.49 50.43
C LEU F 222 21.24 17.16 50.55
N VAL F 223 21.15 16.31 49.53
CA VAL F 223 21.84 15.03 49.56
C VAL F 223 23.34 15.25 49.42
N LYS F 224 24.11 14.64 50.31
CA LYS F 224 25.57 14.73 50.27
C LYS F 224 26.09 13.49 49.53
N GLY F 225 26.18 13.61 48.21
CA GLY F 225 26.61 12.49 47.39
C GLY F 225 26.20 12.73 45.95
N GLU F 226 26.27 11.64 45.17
CA GLU F 226 25.90 11.70 43.76
C GLU F 226 24.39 11.76 43.62
N VAL F 227 23.91 12.71 42.82
CA VAL F 227 22.49 12.88 42.53
C VAL F 227 22.34 12.87 41.01
N VAL F 228 21.59 11.89 40.50
CA VAL F 228 21.28 11.78 39.08
C VAL F 228 19.77 11.88 38.92
N ALA F 229 19.33 12.79 38.05
CA ALA F 229 17.91 13.04 37.88
C ALA F 229 17.61 13.33 36.41
N SER F 230 16.37 13.05 36.03
CA SER F 230 15.87 13.35 34.70
C SER F 230 14.50 13.99 34.82
N THR F 231 14.22 14.97 33.98
CA THR F 231 12.97 15.71 34.04
C THR F 231 11.96 15.14 33.04
N PHE F 232 10.70 15.56 33.20
CA PHE F 232 9.64 15.10 32.31
C PHE F 232 9.73 15.69 30.92
N ASP F 233 10.62 16.67 30.70
CA ASP F 233 10.85 17.18 29.36
C ASP F 233 11.45 16.11 28.45
N GLU F 234 12.36 15.29 29.00
CA GLU F 234 13.12 14.35 28.19
C GLU F 234 12.25 13.17 27.75
N PRO F 235 12.67 12.46 26.70
CA PRO F 235 12.00 11.21 26.33
C PRO F 235 12.34 10.09 27.31
N ALA F 236 11.78 8.91 27.03
CA ALA F 236 11.99 7.75 27.89
C ALA F 236 13.39 7.16 27.73
N SER F 237 14.01 7.38 26.57
CA SER F 237 15.36 6.88 26.34
C SER F 237 16.33 7.45 27.37
N ARG F 238 16.15 8.71 27.74
CA ARG F 238 16.97 9.31 28.79
C ARG F 238 16.76 8.58 30.12
N HIS F 239 15.51 8.24 30.44
CA HIS F 239 15.21 7.53 31.68
C HIS F 239 15.93 6.19 31.73
N VAL F 240 15.78 5.38 30.68
CA VAL F 240 16.39 4.06 30.70
C VAL F 240 17.91 4.18 30.69
N GLN F 241 18.45 5.17 29.98
CA GLN F 241 19.89 5.37 29.94
C GLN F 241 20.44 5.66 31.33
N VAL F 242 19.82 6.60 32.05
CA VAL F 242 20.34 6.95 33.36
C VAL F 242 20.19 5.79 34.33
N ALA F 243 19.06 5.06 34.24
CA ALA F 243 18.87 3.90 35.12
C ALA F 243 19.95 2.85 34.89
N GLU F 244 20.21 2.51 33.62
CA GLU F 244 21.21 1.50 33.33
C GLU F 244 22.60 1.95 33.74
N MET F 245 22.93 3.22 33.51
CA MET F 245 24.25 3.71 33.90
C MET F 245 24.43 3.64 35.42
N VAL F 246 23.40 4.05 36.17
CA VAL F 246 23.50 3.99 37.62
C VAL F 246 23.68 2.56 38.11
N ILE F 247 22.88 1.62 37.57
CA ILE F 247 22.98 0.25 38.04
C ILE F 247 24.32 -0.37 37.67
N GLU F 248 24.86 -0.04 36.49
CA GLU F 248 26.15 -0.58 36.10
C GLU F 248 27.28 -0.01 36.96
N LYS F 249 27.22 1.28 37.27
CA LYS F 249 28.20 1.85 38.19
C LYS F 249 28.12 1.18 39.57
N ALA F 250 26.91 0.92 40.04
CA ALA F 250 26.74 0.24 41.33
C ALA F 250 27.35 -1.15 41.29
N LYS F 251 27.13 -1.89 40.21
CA LYS F 251 27.71 -3.23 40.10
C LYS F 251 29.23 -3.17 40.07
N ARG F 252 29.79 -2.25 39.30
CA ARG F 252 31.26 -2.13 39.22
C ARG F 252 31.84 -1.75 40.57
N LEU F 253 31.16 -0.89 41.32
CA LEU F 253 31.66 -0.52 42.64
C LEU F 253 31.54 -1.66 43.63
N VAL F 254 30.46 -2.45 43.56
CA VAL F 254 30.27 -3.52 44.54
C VAL F 254 31.19 -4.69 44.22
N GLU F 255 31.66 -4.79 42.97
CA GLU F 255 32.67 -5.81 42.67
C GLU F 255 33.97 -5.56 43.42
N HIS F 256 34.37 -4.31 43.56
CA HIS F 256 35.65 -3.98 44.23
C HIS F 256 35.42 -3.73 45.72
N LYS F 257 34.75 -4.70 46.34
CA LYS F 257 34.57 -4.76 47.80
C LYS F 257 34.13 -3.42 48.38
N LYS F 258 32.96 -2.96 47.94
CA LYS F 258 32.43 -1.68 48.41
C LYS F 258 30.93 -1.80 48.63
N ASP F 259 30.43 -0.98 49.55
CA ASP F 259 29.01 -0.93 49.87
C ASP F 259 28.35 0.20 49.09
N VAL F 260 27.25 -0.11 48.41
CA VAL F 260 26.54 0.84 47.56
C VAL F 260 25.10 0.93 48.02
N ILE F 261 24.61 2.15 48.22
CA ILE F 261 23.22 2.41 48.61
C ILE F 261 22.57 3.17 47.47
N ILE F 262 21.44 2.67 46.98
CA ILE F 262 20.69 3.29 45.89
C ILE F 262 19.30 3.61 46.40
N LEU F 263 18.90 4.88 46.27
CA LEU F 263 17.58 5.35 46.64
C LEU F 263 16.82 5.69 45.36
N LEU F 264 15.95 4.79 44.93
CA LEU F 264 15.19 4.95 43.70
C LEU F 264 13.82 5.53 44.02
N ASP F 265 13.37 6.47 43.19
CA ASP F 265 12.07 7.12 43.37
C ASP F 265 11.17 6.74 42.20
N SER F 266 9.96 6.27 42.52
CA SER F 266 8.92 5.99 41.54
C SER F 266 9.40 4.96 40.50
N ILE F 267 9.62 3.74 41.00
CA ILE F 267 9.94 2.62 40.11
C ILE F 267 8.83 2.41 39.09
N THR F 268 7.60 2.81 39.44
CA THR F 268 6.48 2.68 38.50
C THR F 268 6.71 3.54 37.26
N ARG F 269 7.27 4.74 37.43
CA ARG F 269 7.58 5.58 36.28
C ARG F 269 8.64 4.92 35.39
N LEU F 270 9.65 4.30 36.00
CA LEU F 270 10.66 3.59 35.21
C LEU F 270 10.05 2.42 34.46
N ALA F 271 9.14 1.68 35.09
CA ALA F 271 8.45 0.60 34.40
C ALA F 271 7.61 1.12 33.23
N ARG F 272 6.92 2.24 33.43
CA ARG F 272 6.15 2.85 32.34
C ARG F 272 7.06 3.24 31.19
N ALA F 273 8.21 3.85 31.50
CA ALA F 273 9.16 4.22 30.46
C ALA F 273 9.67 3.00 29.71
N TYR F 274 9.96 1.92 30.45
CA TYR F 274 10.38 0.67 29.81
C TYR F 274 9.30 0.14 28.89
N ASN F 275 8.04 0.23 29.31
CA ASN F 275 6.94 -0.21 28.45
C ASN F 275 6.88 0.61 27.18
N THR F 276 7.06 1.94 27.29
CA THR F 276 6.99 2.80 26.11
C THR F 276 8.15 2.52 25.14
N VAL F 277 9.37 2.41 25.67
CA VAL F 277 10.53 2.30 24.78
C VAL F 277 10.56 0.94 24.09
N VAL F 278 10.27 -0.13 24.83
CA VAL F 278 10.41 -1.48 24.27
C VAL F 278 9.27 -1.75 23.28
N PRO F 279 9.58 -2.20 22.06
CA PRO F 279 8.49 -2.49 21.12
C PRO F 279 7.67 -3.69 21.56
N ALA F 280 6.41 -3.70 21.15
CA ALA F 280 5.50 -4.80 21.48
C ALA F 280 5.56 -5.91 20.44
N VAL F 284 -1.42 -9.05 20.54
CA VAL F 284 -1.71 -9.65 21.82
C VAL F 284 -1.25 -8.75 22.97
N LEU F 285 -2.21 -8.29 23.76
CA LEU F 285 -1.94 -7.44 24.91
C LEU F 285 -2.68 -8.01 26.13
N THR F 286 -2.07 -7.88 27.30
CA THR F 286 -2.61 -8.46 28.52
C THR F 286 -3.29 -7.43 29.42
N GLY F 287 -3.91 -6.41 28.84
CA GLY F 287 -4.64 -5.44 29.63
C GLY F 287 -4.20 -4.01 29.41
N GLY F 288 -3.28 -3.81 28.47
CA GLY F 288 -2.77 -2.48 28.19
C GLY F 288 -1.27 -2.40 28.36
N VAL F 289 -0.74 -3.14 29.33
CA VAL F 289 0.69 -3.21 29.58
C VAL F 289 1.25 -4.48 28.95
N ASP F 290 2.44 -4.37 28.37
CA ASP F 290 3.09 -5.52 27.77
C ASP F 290 3.63 -6.44 28.87
N ALA F 291 3.30 -7.73 28.74
CA ALA F 291 3.73 -8.70 29.75
C ALA F 291 5.25 -8.84 29.77
N ASN F 292 5.88 -8.74 28.60
CA ASN F 292 7.33 -8.89 28.53
C ASN F 292 8.07 -7.75 29.22
N ALA F 293 7.65 -6.51 28.96
CA ALA F 293 8.43 -5.35 29.39
C ALA F 293 8.60 -5.29 30.91
N LEU F 294 7.91 -6.18 31.63
CA LEU F 294 8.00 -6.17 33.08
C LEU F 294 9.21 -6.94 33.63
N HIS F 295 9.90 -7.75 32.82
CA HIS F 295 11.08 -8.43 33.36
C HIS F 295 12.21 -7.44 33.65
N ARG F 296 12.41 -6.46 32.77
CA ARG F 296 13.54 -5.56 32.90
C ARG F 296 13.54 -4.77 34.21
N PRO F 297 12.41 -4.20 34.65
CA PRO F 297 12.40 -3.60 36.00
C PRO F 297 12.76 -4.60 37.09
N LYS F 298 12.25 -5.84 36.98
CA LYS F 298 12.49 -6.83 38.03
C LYS F 298 13.98 -7.08 38.24
N ARG F 299 14.71 -7.22 37.14
CA ARG F 299 16.16 -7.39 37.23
C ARG F 299 16.79 -6.22 37.99
N PHE F 300 16.32 -4.99 37.70
CA PHE F 300 16.79 -3.84 38.45
C PHE F 300 16.48 -3.99 39.93
N PHE F 301 15.28 -4.48 40.25
CA PHE F 301 14.94 -4.75 41.64
C PHE F 301 15.57 -6.05 42.13
N GLY F 302 16.01 -6.91 41.22
CA GLY F 302 16.62 -8.17 41.58
C GLY F 302 18.10 -8.12 41.88
N ALA F 303 18.77 -7.01 41.56
CA ALA F 303 20.21 -6.93 41.76
C ALA F 303 20.60 -6.81 43.22
N ALA F 304 19.63 -6.59 44.12
CA ALA F 304 19.94 -6.44 45.54
C ALA F 304 20.45 -7.76 46.11
N ARG F 305 21.68 -7.75 46.61
CA ARG F 305 22.30 -8.93 47.18
C ARG F 305 23.52 -8.51 47.98
N ASN F 306 23.97 -9.42 48.84
CA ASN F 306 25.19 -9.22 49.62
C ASN F 306 26.14 -10.38 49.31
N VAL F 307 27.42 -10.06 49.16
CA VAL F 307 28.44 -11.06 48.87
C VAL F 307 29.27 -11.30 50.13
N GLU F 308 29.82 -12.52 50.25
CA GLU F 308 30.52 -12.91 51.46
C GLU F 308 31.90 -12.27 51.58
N GLU F 309 32.53 -11.90 50.48
CA GLU F 309 33.88 -11.34 50.53
C GLU F 309 33.89 -9.84 50.81
N GLY F 310 32.75 -9.24 51.08
CA GLY F 310 32.68 -7.83 51.39
C GLY F 310 32.01 -7.04 50.27
N GLY F 311 31.13 -6.12 50.67
CA GLY F 311 30.38 -5.33 49.72
C GLY F 311 28.93 -5.77 49.61
N SER F 312 28.01 -4.83 49.83
CA SER F 312 26.59 -5.10 49.77
C SER F 312 25.90 -4.05 48.91
N LEU F 313 24.80 -4.46 48.27
CA LEU F 313 24.01 -3.58 47.42
C LEU F 313 22.56 -3.65 47.87
N THR F 314 22.07 -2.58 48.48
CA THR F 314 20.69 -2.50 48.93
C THR F 314 19.95 -1.44 48.11
N ILE F 315 18.69 -1.73 47.78
CA ILE F 315 17.87 -0.88 46.93
C ILE F 315 16.55 -0.59 47.65
N ILE F 316 16.18 0.68 47.69
CA ILE F 316 14.90 1.10 48.25
C ILE F 316 14.15 1.88 47.19
N ALA F 317 12.93 1.45 46.87
CA ALA F 317 12.12 2.04 45.81
C ALA F 317 10.75 2.41 46.35
N THR F 318 10.09 3.33 45.66
CA THR F 318 8.77 3.81 46.05
C THR F 318 7.72 3.41 45.01
N ALA F 319 6.60 2.90 45.49
CA ALA F 319 5.48 2.48 44.64
C ALA F 319 4.34 3.48 44.76
N LEU F 320 3.79 3.90 43.62
CA LEU F 320 2.71 4.88 43.62
C LEU F 320 1.36 4.18 43.49
N ILE F 321 0.42 4.58 44.34
CA ILE F 321 -0.93 4.03 44.34
C ILE F 321 -1.93 5.18 44.35
N ASP F 322 -3.19 4.84 44.01
CA ASP F 322 -4.31 5.79 44.05
C ASP F 322 -4.04 6.98 43.11
N THR F 323 -3.66 6.67 41.88
CA THR F 323 -3.41 7.69 40.87
C THR F 323 -4.52 7.79 39.84
N GLY F 324 -5.50 6.90 39.86
CA GLY F 324 -6.56 6.90 38.87
C GLY F 324 -6.19 6.27 37.55
N SER F 325 -5.02 5.65 37.45
CA SER F 325 -4.56 5.02 36.22
C SER F 325 -4.51 3.51 36.40
N LYS F 326 -4.99 2.79 35.38
CA LYS F 326 -5.01 1.33 35.44
C LYS F 326 -3.59 0.76 35.42
N MET F 327 -2.71 1.39 34.64
CA MET F 327 -1.34 0.90 34.51
C MET F 327 -0.61 0.91 35.85
N ASP F 328 -0.78 1.98 36.63
CA ASP F 328 -0.13 2.06 37.94
C ASP F 328 -0.60 0.93 38.85
N GLU F 329 -1.91 0.66 38.86
CA GLU F 329 -2.41 -0.37 39.78
C GLU F 329 -2.02 -1.77 39.33
N VAL F 330 -2.00 -2.04 38.02
CA VAL F 330 -1.59 -3.38 37.59
C VAL F 330 -0.10 -3.58 37.85
N ILE F 331 0.71 -2.53 37.66
CA ILE F 331 2.13 -2.63 37.96
C ILE F 331 2.34 -2.87 39.46
N TYR F 332 1.59 -2.16 40.31
CA TYR F 332 1.70 -2.37 41.74
C TYR F 332 1.30 -3.78 42.14
N GLU F 333 0.19 -4.29 41.58
CA GLU F 333 -0.24 -5.64 41.90
C GLU F 333 0.78 -6.67 41.42
N GLU F 334 1.46 -6.38 40.32
CA GLU F 334 2.50 -7.27 39.84
C GLU F 334 3.74 -7.23 40.73
N PHE F 335 4.10 -6.07 41.27
CA PHE F 335 5.31 -5.93 42.08
C PHE F 335 5.09 -6.15 43.56
N LYS F 336 3.87 -6.32 44.02
CA LYS F 336 3.61 -6.42 45.45
C LYS F 336 4.16 -7.73 46.02
N GLY F 337 4.65 -7.66 47.26
CA GLY F 337 5.14 -8.83 47.96
C GLY F 337 6.52 -9.29 47.55
N THR F 338 7.12 -8.69 46.53
CA THR F 338 8.44 -9.12 46.07
C THR F 338 9.55 -8.68 47.01
N GLY F 339 9.49 -7.47 47.55
CA GLY F 339 10.51 -7.01 48.47
C GLY F 339 10.34 -7.61 49.85
N ASN F 340 11.46 -7.69 50.57
CA ASN F 340 11.47 -8.21 51.93
C ASN F 340 11.16 -7.15 52.96
N MET F 341 10.59 -6.03 52.54
CA MET F 341 10.27 -4.92 53.44
C MET F 341 9.28 -4.00 52.76
N GLU F 342 8.16 -3.74 53.42
CA GLU F 342 7.15 -2.82 52.90
C GLU F 342 6.77 -1.82 53.98
N LEU F 343 6.77 -0.55 53.61
CA LEU F 343 6.34 0.54 54.49
C LEU F 343 5.15 1.23 53.86
N HIS F 344 4.09 1.43 54.65
CA HIS F 344 2.82 1.94 54.14
C HIS F 344 2.57 3.34 54.70
N LEU F 345 2.25 4.28 53.81
CA LEU F 345 1.88 5.63 54.21
C LEU F 345 0.38 5.81 54.08
N SER F 346 -0.20 6.58 54.99
CA SER F 346 -1.64 6.80 55.04
C SER F 346 -1.95 8.28 54.84
N ARG F 347 -2.87 8.57 53.92
CA ARG F 347 -3.28 9.95 53.68
C ARG F 347 -4.11 10.49 54.84
N LYS F 348 -4.86 9.62 55.51
CA LYS F 348 -5.73 10.06 56.61
C LYS F 348 -4.92 10.65 57.76
N ILE F 349 -3.78 10.03 58.08
CA ILE F 349 -2.93 10.56 59.14
C ILE F 349 -2.34 11.90 58.73
N ALA F 350 -2.01 12.06 57.45
CA ALA F 350 -1.46 13.33 56.98
C ALA F 350 -2.52 14.42 56.93
N GLU F 351 -3.79 14.05 56.84
CA GLU F 351 -4.86 15.05 56.76
C GLU F 351 -4.93 15.89 58.03
N LYS F 352 -4.74 15.28 59.20
CA LYS F 352 -4.85 15.96 60.47
C LYS F 352 -3.55 16.60 60.93
N ARG F 353 -2.68 16.98 60.00
CA ARG F 353 -1.39 17.62 60.24
C ARG F 353 -0.42 16.76 61.04
N VAL F 354 -0.58 15.44 61.04
CA VAL F 354 0.40 14.58 61.71
C VAL F 354 1.52 14.27 60.74
N PHE F 355 2.73 14.73 61.07
CA PHE F 355 3.86 14.64 60.14
C PHE F 355 4.21 13.19 59.78
N PRO F 356 4.39 12.27 60.74
CA PRO F 356 4.71 10.88 60.37
C PRO F 356 3.47 10.10 59.95
N ALA F 357 3.10 10.18 58.67
CA ALA F 357 1.90 9.53 58.14
C ALA F 357 2.06 8.02 57.97
N ILE F 358 3.11 7.40 58.53
CA ILE F 358 3.28 5.96 58.39
C ILE F 358 2.13 5.21 59.07
N ASP F 359 1.78 4.06 58.52
CA ASP F 359 0.75 3.19 59.08
C ASP F 359 1.46 2.02 59.74
N TYR F 360 1.40 1.97 61.07
CA TYR F 360 2.28 1.10 61.84
C TYR F 360 1.85 -0.35 61.77
N ASN F 361 0.54 -0.61 61.72
CA ASN F 361 0.04 -1.98 61.73
C ASN F 361 0.32 -2.74 60.43
N ARG F 362 0.61 -2.03 59.34
CA ARG F 362 0.88 -2.68 58.05
C ARG F 362 2.36 -2.80 57.74
N SER F 363 3.21 -2.00 58.38
CA SER F 363 4.64 -2.09 58.16
C SER F 363 5.21 -3.33 58.82
N GLY F 364 6.32 -3.82 58.27
CA GLY F 364 6.96 -5.00 58.81
C GLY F 364 8.08 -5.54 57.93
N THR F 365 9.12 -6.08 58.56
CA THR F 365 10.26 -6.64 57.85
C THR F 365 10.42 -8.11 58.20
N ARG F 366 10.94 -8.89 57.25
CA ARG F 366 11.10 -10.32 57.45
C ARG F 366 12.40 -10.64 58.19
N LYS F 367 12.38 -11.76 58.92
CA LYS F 367 13.55 -12.28 59.62
C LYS F 367 14.11 -11.25 60.60
N GLU F 368 13.29 -10.89 61.58
CA GLU F 368 13.69 -9.89 62.56
C GLU F 368 14.63 -10.47 63.61
N GLU F 369 14.45 -11.75 63.96
CA GLU F 369 15.20 -12.34 65.06
C GLU F 369 16.70 -12.41 64.77
N LEU F 370 17.07 -12.49 63.50
CA LEU F 370 18.47 -12.58 63.12
C LEU F 370 19.11 -11.20 62.89
N LEU F 371 18.34 -10.12 62.99
CA LEU F 371 18.86 -8.78 62.76
C LEU F 371 18.91 -7.92 64.00
N THR F 372 18.21 -8.31 65.07
CA THR F 372 18.17 -7.53 66.29
C THR F 372 18.34 -8.45 67.49
N THR F 373 18.59 -7.85 68.65
CA THR F 373 18.79 -8.60 69.88
C THR F 373 17.45 -9.15 70.38
N GLN F 374 17.55 -10.24 71.15
CA GLN F 374 16.35 -10.89 71.66
C GLN F 374 15.57 -9.97 72.60
N GLU F 375 16.27 -9.23 73.45
CA GLU F 375 15.59 -8.32 74.38
C GLU F 375 14.82 -7.25 73.63
N GLU F 376 15.48 -6.60 72.66
CA GLU F 376 14.79 -5.62 71.83
C GLU F 376 13.68 -6.27 71.02
N LEU F 377 13.89 -7.50 70.55
CA LEU F 377 12.83 -8.23 69.84
C LEU F 377 11.58 -8.34 70.70
N GLN F 378 11.73 -8.85 71.93
CA GLN F 378 10.58 -9.02 72.81
C GLN F 378 9.96 -7.69 73.19
N LYS F 379 10.77 -6.65 73.38
CA LYS F 379 10.24 -5.32 73.64
C LYS F 379 9.36 -4.85 72.49
N MET F 380 9.81 -5.06 71.26
CA MET F 380 9.01 -4.69 70.10
C MET F 380 7.76 -5.55 69.99
N TRP F 381 7.84 -6.82 70.39
CA TRP F 381 6.63 -7.65 70.42
C TRP F 381 5.60 -7.08 71.40
N ILE F 382 6.05 -6.67 72.59
CA ILE F 382 5.14 -6.07 73.55
C ILE F 382 4.53 -4.80 72.97
N LEU F 383 5.37 -3.97 72.32
CA LEU F 383 4.86 -2.74 71.73
C LEU F 383 3.82 -3.02 70.64
N ARG F 384 4.08 -4.02 69.79
CA ARG F 384 3.13 -4.38 68.74
C ARG F 384 1.81 -4.87 69.33
N LYS F 385 1.86 -5.74 70.34
CA LYS F 385 0.62 -6.24 70.93
C LYS F 385 -0.12 -5.13 71.66
N ILE F 386 0.62 -4.14 72.18
CA ILE F 386 -0.01 -2.99 72.81
C ILE F 386 -0.72 -2.12 71.78
N ILE F 387 -0.07 -1.90 70.63
CA ILE F 387 -0.61 -0.98 69.63
C ILE F 387 -1.74 -1.61 68.84
N HIS F 388 -1.73 -2.94 68.69
CA HIS F 388 -2.58 -3.63 67.71
C HIS F 388 -4.05 -3.23 67.74
N PRO F 389 -4.72 -3.14 68.90
CA PRO F 389 -6.16 -2.84 68.88
C PRO F 389 -6.50 -1.36 68.77
N MET F 390 -5.51 -0.48 68.65
CA MET F 390 -5.79 0.94 68.53
C MET F 390 -5.92 1.35 67.06
N GLY F 391 -6.44 2.56 66.85
CA GLY F 391 -6.58 3.08 65.50
C GLY F 391 -5.33 3.77 65.00
N GLU F 392 -5.25 3.93 63.68
CA GLU F 392 -4.06 4.48 63.04
C GLU F 392 -3.72 5.87 63.60
N ILE F 393 -4.70 6.77 63.60
CA ILE F 393 -4.46 8.12 64.10
C ILE F 393 -4.09 8.08 65.58
N ASP F 394 -4.86 7.34 66.37
CA ASP F 394 -4.59 7.25 67.80
C ASP F 394 -3.25 6.60 68.07
N ALA F 395 -2.92 5.53 67.33
CA ALA F 395 -1.62 4.88 67.52
C ALA F 395 -0.47 5.82 67.21
N MET F 396 -0.57 6.57 66.12
CA MET F 396 0.50 7.50 65.77
C MET F 396 0.62 8.62 66.78
N GLU F 397 -0.52 9.17 67.21
CA GLU F 397 -0.55 10.27 68.19
C GLU F 397 -0.11 9.75 69.56
N PHE F 398 0.05 8.42 69.67
CA PHE F 398 0.48 7.79 70.96
C PHE F 398 2.00 7.66 70.97
N LEU F 399 2.56 7.00 69.93
CA LEU F 399 4.02 6.81 69.82
C LEU F 399 4.72 8.17 69.92
N ILE F 400 4.39 9.09 69.00
CA ILE F 400 5.00 10.45 68.95
C ILE F 400 4.95 11.08 70.34
N ASN F 401 3.77 11.08 70.98
CA ASN F 401 3.58 11.69 72.32
C ASN F 401 4.46 10.98 73.36
N LYS F 402 4.61 9.67 73.24
CA LYS F 402 5.43 8.88 74.21
C LYS F 402 6.92 8.95 73.82
N LEU F 403 7.21 9.26 72.56
CA LEU F 403 8.62 9.34 72.09
C LEU F 403 9.11 10.79 72.15
N ALA F 404 8.32 11.68 72.78
CA ALA F 404 8.70 13.11 72.88
C ALA F 404 9.45 13.37 74.20
N MET F 405 9.77 12.31 74.94
CA MET F 405 10.49 12.44 76.24
C MET F 405 11.94 12.50 76.73
N THR F 406 12.74 11.49 76.38
CA THR F 406 14.22 11.47 76.19
C THR F 406 14.48 10.55 75.00
N LYS F 407 15.67 9.95 74.92
CA LYS F 407 16.03 9.05 73.80
C LYS F 407 15.58 7.59 73.94
N THR F 408 15.71 6.79 72.87
CA THR F 408 15.07 5.45 72.74
C THR F 408 15.57 4.53 73.85
N ASN F 409 16.80 4.77 74.34
CA ASN F 409 17.38 3.95 75.43
C ASN F 409 16.43 3.96 76.63
N ASP F 410 16.22 5.14 77.22
CA ASP F 410 15.31 5.29 78.39
C ASP F 410 13.87 5.50 77.90
N ASP F 411 13.29 4.47 77.28
CA ASP F 411 11.89 4.53 76.77
C ASP F 411 11.12 3.32 77.30
N PHE F 412 11.49 2.82 78.47
CA PHE F 412 10.82 1.65 79.09
C PHE F 412 10.13 2.08 80.38
N PHE F 413 9.44 3.23 80.35
CA PHE F 413 8.73 3.76 81.54
C PHE F 413 7.66 4.77 81.09
N THR G 4 -47.44 10.98 -49.84
CA THR G 4 -46.88 10.34 -51.05
C THR G 4 -45.36 10.28 -50.95
N TYR G 5 -44.66 10.47 -52.08
CA TYR G 5 -43.17 10.45 -52.15
C TYR G 5 -42.53 9.14 -51.71
N GLN G 6 -42.83 8.04 -52.43
CA GLN G 6 -42.25 6.71 -52.10
C GLN G 6 -40.73 6.79 -51.96
N PRO G 7 -40.15 6.46 -50.78
CA PRO G 7 -38.70 6.53 -50.59
C PRO G 7 -37.95 5.54 -51.48
N ILE G 8 -36.73 5.90 -51.90
CA ILE G 8 -35.90 5.03 -52.78
C ILE G 8 -35.11 4.03 -51.93
N ASN G 9 -34.40 3.10 -52.58
CA ASN G 9 -33.59 2.07 -51.87
C ASN G 9 -32.35 2.74 -51.25
N CYS G 10 -31.83 2.15 -50.17
CA CYS G 10 -30.62 2.68 -49.48
C CYS G 10 -29.42 2.63 -50.43
N ASP G 11 -29.32 1.58 -51.25
CA ASP G 11 -28.19 1.42 -52.20
C ASP G 11 -28.26 2.50 -53.27
N ASP G 12 -29.48 2.89 -53.67
CA ASP G 12 -29.69 3.93 -54.71
C ASP G 12 -29.44 5.32 -54.10
N TYR G 13 -29.58 5.43 -52.78
CA TYR G 13 -29.36 6.73 -52.08
C TYR G 13 -27.91 6.83 -51.61
N ASP G 14 -27.20 5.70 -51.63
CA ASP G 14 -25.78 5.66 -51.19
C ASP G 14 -24.88 6.20 -52.30
N ASN G 15 -24.91 5.57 -53.48
CA ASN G 15 -24.07 6.01 -54.63
C ASN G 15 -24.45 7.44 -55.02
N LEU G 16 -25.76 7.75 -55.02
CA LEU G 16 -26.24 9.11 -55.37
C LEU G 16 -25.60 10.14 -54.42
N GLU G 17 -25.57 9.83 -53.12
CA GLU G 17 -24.97 10.74 -52.10
C GLU G 17 -23.45 10.79 -52.32
N LEU G 18 -22.85 9.68 -52.77
CA LEU G 18 -21.39 9.60 -53.02
C LEU G 18 -21.08 10.33 -54.34
N ALA G 19 -22.07 10.41 -55.23
CA ALA G 19 -21.91 11.10 -56.54
C ALA G 19 -21.96 12.62 -56.33
N CYS G 20 -22.57 13.06 -55.22
CA CYS G 20 -22.69 14.52 -54.90
C CYS G 20 -21.29 15.06 -54.54
N GLN G 21 -20.45 14.21 -53.93
CA GLN G 21 -19.07 14.62 -53.55
C GLN G 21 -18.21 14.76 -54.81
N HIS G 22 -17.23 15.67 -54.76
CA HIS G 22 -16.27 15.99 -55.86
C HIS G 22 -16.97 16.62 -57.07
N HIS G 23 -18.12 17.28 -56.84
CA HIS G 23 -18.93 17.97 -57.88
C HIS G 23 -18.99 17.16 -59.18
N LEU G 24 -19.55 15.95 -59.13
CA LEU G 24 -19.66 15.08 -60.34
C LEU G 24 -20.89 15.51 -61.15
N MET G 25 -20.97 15.09 -62.42
CA MET G 25 -22.11 15.43 -63.30
C MET G 25 -23.07 14.24 -63.37
N LEU G 26 -24.27 14.45 -63.91
CA LEU G 26 -25.29 13.37 -64.04
C LEU G 26 -25.74 13.26 -65.49
N THR G 27 -26.81 12.51 -65.75
CA THR G 27 -27.34 12.32 -67.12
C THR G 27 -28.88 12.25 -67.09
N LEU G 28 -29.53 13.41 -66.95
CA LEU G 28 -31.02 13.48 -66.92
C LEU G 28 -31.46 14.92 -67.15
N GLU G 29 -32.15 15.18 -68.27
CA GLU G 29 -32.63 16.56 -68.59
C GLU G 29 -34.14 16.54 -68.84
N LEU G 30 -34.57 15.99 -69.97
CA LEU G 30 -36.01 15.92 -70.34
C LEU G 30 -36.61 14.62 -69.78
N LYS G 31 -37.94 14.58 -69.64
CA LYS G 31 -38.64 13.38 -69.12
C LYS G 31 -39.12 12.52 -70.30
N ASP G 32 -38.85 12.97 -71.53
CA ASP G 32 -39.26 12.22 -72.75
C ASP G 32 -38.04 11.55 -73.37
N GLN G 37 -25.00 15.98 -70.35
CA GLN G 37 -24.29 16.56 -69.18
C GLN G 37 -25.05 17.53 -68.26
N ALA G 38 -25.06 17.24 -66.96
CA ALA G 38 -25.77 18.09 -65.97
C ALA G 38 -25.01 18.06 -64.64
N LYS G 39 -24.57 19.21 -64.15
CA LYS G 39 -23.82 19.31 -62.87
C LYS G 39 -24.76 18.98 -61.70
N ALA G 40 -24.21 18.41 -60.63
CA ALA G 40 -25.01 18.04 -59.43
C ALA G 40 -24.45 19.03 -58.41
N SER G 41 -25.25 19.37 -57.40
CA SER G 41 -24.83 20.31 -56.33
C SER G 41 -24.89 19.63 -54.96
N ASP G 42 -26.10 19.30 -54.51
CA ASP G 42 -26.30 18.63 -53.19
C ASP G 42 -27.70 18.04 -53.12
N LEU G 43 -28.06 17.44 -51.97
CA LEU G 43 -29.40 16.83 -51.76
C LEU G 43 -29.85 17.08 -50.32
N VAL G 44 -30.96 17.80 -50.14
CA VAL G 44 -31.49 18.13 -48.78
C VAL G 44 -32.91 17.55 -48.67
N SER G 45 -33.54 17.75 -47.50
CA SER G 45 -34.92 17.26 -47.26
C SER G 45 -35.76 18.33 -46.57
N ARG G 46 -37.04 18.43 -46.94
CA ARG G 46 -37.96 19.45 -46.34
C ARG G 46 -39.37 18.85 -46.24
N LYS G 47 -40.02 19.04 -45.09
CA LYS G 47 -41.39 18.51 -44.85
C LYS G 47 -41.43 17.01 -45.19
N ASN G 48 -40.48 16.25 -44.67
CA ASN G 48 -40.40 14.77 -44.90
C ASN G 48 -40.34 14.47 -46.40
N VAL G 49 -39.56 15.24 -47.16
CA VAL G 49 -39.41 15.05 -48.63
C VAL G 49 -37.98 15.43 -49.04
N GLU G 50 -37.21 14.46 -49.52
CA GLU G 50 -35.80 14.71 -49.94
C GLU G 50 -35.78 15.25 -51.38
N TYR G 51 -34.89 16.20 -51.66
CA TYR G 51 -34.78 16.79 -53.02
C TYR G 51 -33.32 16.71 -53.49
N LEU G 52 -33.10 16.83 -54.80
CA LEU G 52 -31.73 16.78 -55.38
C LEU G 52 -31.44 18.12 -56.08
N VAL G 53 -30.79 19.05 -55.37
CA VAL G 53 -30.46 20.39 -55.93
C VAL G 53 -29.33 20.23 -56.95
N VAL G 54 -29.55 20.71 -58.17
CA VAL G 54 -28.52 20.62 -59.26
C VAL G 54 -28.27 22.02 -59.82
N GLU G 55 -27.02 22.35 -60.15
CA GLU G 55 -26.66 23.67 -60.71
C GLU G 55 -26.62 23.58 -62.24
N ALA G 56 -27.78 23.62 -62.88
CA ALA G 56 -27.87 23.54 -64.36
C ALA G 56 -27.49 24.91 -64.97
N ALA G 57 -26.20 25.15 -65.17
CA ALA G 57 -25.70 26.42 -65.75
C ALA G 57 -26.31 27.61 -65.00
N GLY G 58 -26.22 27.59 -63.66
CA GLY G 58 -26.76 28.69 -62.82
C GLY G 58 -28.16 28.40 -62.32
N GLU G 59 -28.94 27.61 -63.08
CA GLU G 59 -30.33 27.27 -62.68
C GLU G 59 -30.30 26.18 -61.60
N THR G 60 -30.85 26.48 -60.42
CA THR G 60 -30.89 25.51 -59.29
C THR G 60 -32.22 24.76 -59.33
N ARG G 61 -32.29 23.68 -60.12
CA ARG G 61 -33.53 22.87 -60.25
C ARG G 61 -33.64 21.90 -59.07
N GLU G 62 -34.85 21.73 -58.53
CA GLU G 62 -35.10 20.80 -57.40
C GLU G 62 -35.73 19.51 -57.93
N LEU G 63 -34.89 18.56 -58.36
CA LEU G 63 -35.39 17.27 -58.90
C LEU G 63 -35.79 16.35 -57.75
N ARG G 64 -37.05 15.90 -57.74
CA ARG G 64 -37.56 15.00 -56.67
C ARG G 64 -37.05 13.58 -56.94
N LEU G 65 -36.65 12.86 -55.89
CA LEU G 65 -36.13 11.48 -56.03
C LEU G 65 -37.29 10.52 -56.36
N ASP G 66 -38.51 10.86 -55.90
CA ASP G 66 -39.70 10.02 -56.15
C ASP G 66 -40.03 10.03 -57.65
N LYS G 67 -39.82 11.18 -58.30
CA LYS G 67 -40.11 11.31 -59.76
C LYS G 67 -38.81 11.30 -60.55
N ILE G 68 -38.05 10.20 -60.48
CA ILE G 68 -36.76 10.07 -61.22
C ILE G 68 -36.92 8.97 -62.28
N THR G 69 -36.60 9.29 -63.54
CA THR G 69 -36.71 8.32 -64.65
C THR G 69 -35.57 7.30 -64.56
N SER G 70 -34.32 7.80 -64.58
CA SER G 70 -33.12 6.93 -64.50
C SER G 70 -31.91 7.75 -64.08
N PHE G 71 -30.72 7.13 -64.05
CA PHE G 71 -29.47 7.82 -63.67
C PHE G 71 -28.26 6.97 -64.09
N SER G 72 -27.53 7.43 -65.12
CA SER G 72 -26.35 6.70 -65.62
C SER G 72 -25.12 7.60 -65.60
N HIS G 73 -23.96 7.05 -65.98
CA HIS G 73 -22.68 7.82 -66.00
C HIS G 73 -21.64 7.07 -66.84
N PRO G 74 -20.44 7.62 -67.07
CA PRO G 74 -19.40 6.94 -67.86
C PRO G 74 -18.68 5.87 -67.02
N GLU G 75 -18.80 5.99 -65.69
CA GLU G 75 -18.16 5.03 -64.75
C GLU G 75 -19.24 4.28 -63.96
N ILE G 76 -20.30 4.99 -63.56
CA ILE G 76 -21.43 4.36 -62.81
C ILE G 76 -22.62 4.22 -63.76
N GLY G 77 -23.58 3.35 -63.43
CA GLY G 77 -24.78 3.13 -64.26
C GLY G 77 -25.59 2.49 -63.15
N THR G 78 -26.90 2.78 -63.10
CA THR G 78 -27.78 2.22 -62.03
C THR G 78 -29.18 2.69 -62.45
N VAL G 79 -30.20 1.87 -62.15
CA VAL G 79 -31.61 2.19 -62.49
C VAL G 79 -32.45 2.13 -61.20
N VAL G 80 -32.69 3.28 -60.57
CA VAL G 80 -33.48 3.35 -59.30
C VAL G 80 -34.81 2.60 -59.50
N VAL G 81 -35.13 1.68 -58.59
CA VAL G 81 -36.40 0.88 -58.67
C VAL G 81 -37.39 1.46 -57.66
N TYR H 5 33.50 55.39 18.17
CA TYR H 5 33.39 54.67 16.88
C TYR H 5 31.91 54.57 16.47
N GLN H 6 31.63 54.72 15.18
CA GLN H 6 30.24 54.64 14.66
C GLN H 6 30.14 53.52 13.61
N PRO H 7 29.07 52.71 13.61
CA PRO H 7 28.93 51.63 12.64
C PRO H 7 28.51 52.18 11.26
N ILE H 8 28.71 51.40 10.20
CA ILE H 8 28.37 51.83 8.82
C ILE H 8 27.07 51.13 8.38
N ASN H 9 26.59 51.47 7.18
CA ASN H 9 25.31 50.90 6.64
C ASN H 9 25.39 49.37 6.49
N CYS H 10 24.23 48.71 6.56
CA CYS H 10 24.16 47.23 6.44
C CYS H 10 24.18 46.82 4.96
N ASP H 11 24.33 47.78 4.04
CA ASP H 11 24.34 47.43 2.62
C ASP H 11 25.75 47.31 2.08
N ASP H 12 26.56 48.35 2.31
CA ASP H 12 27.96 48.30 1.90
C ASP H 12 28.74 47.26 2.70
N TYR H 13 28.37 47.03 3.96
CA TYR H 13 29.00 45.97 4.74
C TYR H 13 28.78 44.61 4.09
N ASP H 14 27.54 44.33 3.68
CA ASP H 14 27.24 43.05 3.05
C ASP H 14 27.94 42.94 1.69
N ASN H 15 27.99 44.05 0.95
CA ASN H 15 28.70 44.04 -0.33
C ASN H 15 30.18 43.74 -0.14
N LEU H 16 30.80 44.39 0.85
CA LEU H 16 32.22 44.16 1.12
C LEU H 16 32.46 42.74 1.60
N GLU H 17 31.59 42.21 2.46
CA GLU H 17 31.74 40.84 2.94
C GLU H 17 31.63 39.84 1.80
N LEU H 18 30.69 40.07 0.89
CA LEU H 18 30.61 39.23 -0.30
C LEU H 18 31.87 39.37 -1.15
N ALA H 19 32.44 40.57 -1.20
CA ALA H 19 33.66 40.82 -1.96
C ALA H 19 34.92 40.25 -1.29
N CYS H 20 34.91 39.76 -0.06
CA CYS H 20 36.11 39.20 0.53
C CYS H 20 36.49 37.85 -0.07
N GLN H 21 35.58 37.21 -0.78
CA GLN H 21 35.90 35.96 -1.46
C GLN H 21 36.87 36.21 -2.61
N HIS H 22 37.68 35.19 -2.91
CA HIS H 22 38.67 35.21 -3.98
C HIS H 22 39.75 36.27 -3.78
N HIS H 23 39.85 36.84 -2.58
CA HIS H 23 40.88 37.83 -2.25
C HIS H 23 40.86 39.00 -3.23
N LEU H 24 39.74 39.72 -3.24
CA LEU H 24 39.53 40.77 -4.21
C LEU H 24 40.33 42.02 -3.86
N MET H 25 40.24 43.03 -4.73
CA MET H 25 41.07 44.21 -4.66
C MET H 25 40.25 45.46 -4.32
N LEU H 26 40.93 46.42 -3.71
CA LEU H 26 40.34 47.69 -3.27
C LEU H 26 41.14 48.84 -3.86
N THR H 27 40.53 50.02 -3.87
CA THR H 27 41.13 51.23 -4.43
C THR H 27 41.34 52.24 -3.30
N LEU H 28 42.51 52.18 -2.66
CA LEU H 28 42.88 53.15 -1.65
C LEU H 28 44.36 52.99 -1.31
N GLU H 29 45.07 54.10 -1.19
CA GLU H 29 46.42 54.12 -0.66
C GLU H 29 46.56 55.01 0.56
N LEU H 30 46.13 56.27 0.46
CA LEU H 30 46.33 57.26 1.51
C LEU H 30 45.04 58.02 1.78
N LYS H 31 44.92 58.52 3.01
CA LYS H 31 43.70 59.19 3.44
C LYS H 31 43.50 60.51 2.69
N ASP H 32 44.57 61.25 2.44
CA ASP H 32 44.47 62.60 1.89
C ASP H 32 44.21 62.53 0.38
N GLY H 33 43.06 61.97 0.02
CA GLY H 33 42.59 61.98 -1.35
C GLY H 33 43.52 61.32 -2.37
N GLU H 34 43.76 60.03 -2.23
CA GLU H 34 44.59 59.29 -3.18
C GLU H 34 44.29 57.81 -3.03
N LYS H 35 44.01 57.14 -4.15
CA LYS H 35 43.64 55.73 -4.14
C LYS H 35 44.38 54.99 -5.25
N LEU H 36 44.76 53.75 -4.99
CA LEU H 36 45.28 52.85 -6.01
C LEU H 36 45.03 51.41 -5.59
N GLN H 37 45.36 50.49 -6.50
CA GLN H 37 45.07 49.07 -6.30
C GLN H 37 45.80 48.52 -5.08
N ALA H 38 45.05 47.81 -4.24
CA ALA H 38 45.61 47.16 -3.06
C ALA H 38 44.84 45.88 -2.79
N LYS H 39 45.49 44.93 -2.11
CA LYS H 39 44.82 43.67 -1.81
C LYS H 39 43.88 43.82 -0.61
N ALA H 40 43.04 42.81 -0.41
CA ALA H 40 42.09 42.80 0.70
C ALA H 40 41.98 41.37 1.20
N SER H 41 42.46 41.12 2.41
CA SER H 41 42.51 39.77 2.95
C SER H 41 41.16 39.33 3.47
N ASP H 42 40.62 40.02 4.48
CA ASP H 42 39.39 39.60 5.13
C ASP H 42 38.86 40.75 5.96
N LEU H 43 37.86 40.48 6.79
CA LEU H 43 37.37 41.44 7.77
C LEU H 43 37.09 40.71 9.07
N VAL H 44 37.47 41.33 10.19
CA VAL H 44 37.34 40.75 11.52
C VAL H 44 36.75 41.78 12.47
N SER H 45 36.52 41.36 13.70
CA SER H 45 36.00 42.23 14.75
C SER H 45 36.86 42.10 16.00
N ARG H 46 36.95 43.20 16.75
CA ARG H 46 37.74 43.23 17.97
C ARG H 46 37.24 44.37 18.84
N LYS H 47 36.88 44.05 20.09
CA LYS H 47 36.39 45.04 21.05
C LYS H 47 35.22 45.83 20.48
N ASN H 48 34.31 45.13 19.78
CA ASN H 48 33.14 45.73 19.14
C ASN H 48 33.54 46.79 18.12
N VAL H 49 34.66 46.59 17.43
CA VAL H 49 35.10 47.46 16.36
C VAL H 49 35.49 46.58 15.18
N GLU H 50 34.96 46.88 14.00
CA GLU H 50 35.29 46.11 12.82
C GLU H 50 36.59 46.60 12.19
N TYR H 51 37.43 45.66 11.78
CA TYR H 51 38.71 45.96 11.14
C TYR H 51 38.80 45.18 9.84
N LEU H 52 38.97 45.90 8.74
CA LEU H 52 39.21 45.28 7.43
C LEU H 52 40.70 44.99 7.30
N VAL H 53 41.05 43.71 7.25
CA VAL H 53 42.45 43.29 7.15
C VAL H 53 42.80 43.22 5.67
N VAL H 54 43.78 44.01 5.26
CA VAL H 54 44.22 44.08 3.88
C VAL H 54 45.72 43.78 3.81
N GLU H 55 46.13 43.06 2.77
CA GLU H 55 47.53 42.67 2.60
C GLU H 55 48.22 43.73 1.75
N ALA H 56 48.93 44.63 2.41
CA ALA H 56 49.66 45.71 1.74
C ALA H 56 51.09 45.24 1.47
N ALA H 57 51.24 44.46 0.40
CA ALA H 57 52.52 43.87 0.02
C ALA H 57 53.13 43.07 1.16
N GLY H 58 52.35 42.10 1.66
CA GLY H 58 52.75 41.27 2.77
C GLY H 58 52.50 41.88 4.13
N GLU H 59 51.91 43.06 4.21
CA GLU H 59 51.61 43.73 5.47
C GLU H 59 50.11 43.70 5.71
N THR H 60 49.69 43.12 6.82
CA THR H 60 48.27 42.99 7.15
C THR H 60 47.85 44.21 7.97
N ARG H 61 47.29 45.20 7.27
CA ARG H 61 46.80 46.41 7.93
C ARG H 61 45.33 46.23 8.29
N GLU H 62 44.98 46.62 9.52
CA GLU H 62 43.60 46.57 10.00
C GLU H 62 43.02 47.97 9.87
N LEU H 63 42.49 48.28 8.68
CA LEU H 63 41.86 49.56 8.46
C LEU H 63 40.51 49.62 9.16
N ARG H 64 40.21 50.75 9.78
CA ARG H 64 38.91 50.97 10.41
C ARG H 64 37.93 51.53 9.37
N LEU H 65 36.74 50.95 9.32
CA LEU H 65 35.77 51.29 8.29
C LEU H 65 35.02 52.59 8.56
N ASP H 66 35.22 53.21 9.73
CA ASP H 66 34.62 54.50 10.01
C ASP H 66 35.30 55.64 9.24
N LYS H 67 36.47 55.38 8.65
CA LYS H 67 37.17 56.38 7.86
C LYS H 67 37.45 55.91 6.44
N ILE H 68 36.65 54.98 5.91
CA ILE H 68 36.84 54.52 4.55
C ILE H 68 36.43 55.61 3.57
N THR H 69 37.18 55.73 2.47
CA THR H 69 36.89 56.74 1.46
C THR H 69 35.94 56.23 0.39
N SER H 70 36.31 55.15 -0.29
CA SER H 70 35.47 54.57 -1.34
C SER H 70 35.99 53.18 -1.63
N PHE H 71 35.38 52.53 -2.62
CA PHE H 71 35.72 51.16 -3.00
C PHE H 71 35.15 50.89 -4.38
N SER H 72 36.01 50.46 -5.30
CA SER H 72 35.60 50.24 -6.68
C SER H 72 36.10 48.89 -7.14
N HIS H 73 35.39 48.33 -8.13
CA HIS H 73 35.72 47.03 -8.70
C HIS H 73 35.11 46.97 -10.10
N PRO H 74 35.65 46.13 -10.98
CA PRO H 74 35.02 45.97 -12.32
C PRO H 74 33.69 45.24 -12.28
N GLU H 75 33.17 44.91 -11.10
CA GLU H 75 31.87 44.24 -10.98
C GLU H 75 30.85 45.06 -10.21
N ILE H 76 31.27 46.13 -9.53
CA ILE H 76 30.39 47.02 -8.80
C ILE H 76 30.76 48.46 -9.12
N GLY H 77 30.08 49.40 -8.46
CA GLY H 77 30.37 50.80 -8.62
C GLY H 77 31.43 51.29 -7.66
N THR H 78 31.42 52.60 -7.40
CA THR H 78 32.35 53.24 -6.49
C THR H 78 31.81 53.39 -5.07
N VAL H 79 30.69 52.72 -4.77
CA VAL H 79 29.89 52.84 -3.54
C VAL H 79 29.42 54.20 -3.03
N THR I 4 -18.73 -48.88 -54.97
CA THR I 4 -18.51 -48.55 -53.54
C THR I 4 -17.42 -47.48 -53.42
N TYR I 5 -16.69 -47.24 -54.52
CA TYR I 5 -15.59 -46.25 -54.61
C TYR I 5 -14.36 -46.45 -53.70
N GLN I 6 -13.64 -47.56 -53.88
CA GLN I 6 -12.54 -47.93 -52.97
C GLN I 6 -11.61 -46.73 -52.81
N PRO I 7 -11.24 -46.32 -51.57
CA PRO I 7 -10.35 -45.18 -51.34
C PRO I 7 -8.97 -45.35 -52.01
N ILE I 8 -8.32 -44.25 -52.37
CA ILE I 8 -6.97 -44.32 -52.94
C ILE I 8 -5.94 -43.95 -51.87
N ASN I 9 -4.66 -43.98 -52.23
CA ASN I 9 -3.61 -43.65 -51.26
C ASN I 9 -3.32 -42.16 -51.07
N CYS I 10 -2.45 -41.84 -50.13
CA CYS I 10 -2.06 -40.45 -49.93
C CYS I 10 -0.95 -40.13 -50.88
N ASP I 11 -0.01 -41.06 -50.99
CA ASP I 11 1.14 -40.84 -51.85
C ASP I 11 0.73 -40.63 -53.30
N ASP I 12 -0.51 -40.98 -53.68
CA ASP I 12 -0.88 -40.69 -55.08
C ASP I 12 -1.92 -39.57 -55.13
N TYR I 13 -2.41 -39.14 -53.95
CA TYR I 13 -3.43 -38.05 -53.89
C TYR I 13 -2.72 -36.70 -53.75
N ASP I 14 -1.43 -36.72 -53.47
CA ASP I 14 -0.64 -35.47 -53.30
C ASP I 14 -0.28 -34.91 -54.69
N ASN I 15 0.37 -35.72 -55.53
CA ASN I 15 0.76 -35.28 -56.90
C ASN I 15 -0.49 -34.97 -57.71
N LEU I 16 -1.55 -35.77 -57.55
CA LEU I 16 -2.82 -35.56 -58.28
C LEU I 16 -3.30 -34.12 -58.03
N GLU I 17 -3.33 -33.69 -56.76
CA GLU I 17 -3.75 -32.31 -56.40
C GLU I 17 -2.69 -31.32 -56.90
N LEU I 18 -1.43 -31.73 -56.88
CA LEU I 18 -0.31 -30.86 -57.36
C LEU I 18 -0.47 -30.65 -58.87
N ALA I 19 -0.91 -31.70 -59.58
CA ALA I 19 -1.11 -31.63 -61.04
C ALA I 19 -2.21 -30.61 -61.35
N CYS I 20 -3.27 -30.59 -60.52
CA CYS I 20 -4.39 -29.63 -60.69
C CYS I 20 -3.87 -28.21 -60.43
N GLN I 21 -2.96 -28.08 -59.46
CA GLN I 21 -2.37 -26.75 -59.12
C GLN I 21 -1.55 -26.25 -60.31
N HIS I 22 -1.63 -24.94 -60.58
CA HIS I 22 -0.91 -24.25 -61.71
C HIS I 22 -1.40 -24.78 -63.07
N HIS I 23 -2.68 -25.15 -63.16
CA HIS I 23 -3.39 -25.68 -64.36
C HIS I 23 -2.63 -26.56 -65.37
N LEU I 24 -1.97 -27.62 -64.90
CA LEU I 24 -1.20 -28.53 -65.78
C LEU I 24 -2.12 -29.57 -66.44
N MET I 25 -1.56 -30.37 -67.35
CA MET I 25 -2.34 -31.43 -68.07
C MET I 25 -1.92 -32.81 -67.56
N LEU I 26 -2.38 -33.87 -68.23
CA LEU I 26 -2.05 -35.27 -67.84
C LEU I 26 -1.85 -36.12 -69.09
N THR I 27 -1.58 -37.42 -68.91
CA THR I 27 -1.35 -38.35 -70.06
C THR I 27 -1.76 -39.77 -69.68
N LEU I 28 -3.00 -39.96 -69.22
CA LEU I 28 -3.50 -41.31 -68.84
C LEU I 28 -5.03 -41.29 -68.78
N GLU I 29 -5.66 -42.45 -68.60
CA GLU I 29 -7.14 -42.53 -68.54
C GLU I 29 -7.36 -43.95 -67.99
N LEU I 30 -8.59 -44.46 -68.13
CA LEU I 30 -9.13 -45.63 -67.38
C LEU I 30 -8.20 -46.84 -67.53
N LYS I 31 -8.39 -47.85 -66.68
CA LYS I 31 -7.56 -49.09 -66.71
C LYS I 31 -8.23 -50.13 -67.61
N ASP I 32 -9.39 -49.80 -68.17
CA ASP I 32 -10.14 -50.73 -69.06
C ASP I 32 -9.82 -50.44 -70.52
N GLY I 33 -8.53 -50.24 -70.84
CA GLY I 33 -8.08 -49.96 -72.22
C GLY I 33 -8.14 -48.63 -72.93
N GLU I 34 -8.19 -47.53 -72.17
CA GLU I 34 -8.25 -46.17 -72.77
C GLU I 34 -7.06 -45.22 -72.55
N LYS I 35 -6.88 -44.27 -73.47
CA LYS I 35 -5.76 -43.28 -73.38
C LYS I 35 -6.20 -41.98 -74.04
N LEU I 36 -6.11 -40.85 -73.31
CA LEU I 36 -6.50 -39.53 -73.86
C LEU I 36 -5.78 -38.43 -73.07
N GLN I 37 -5.34 -37.37 -73.77
CA GLN I 37 -4.63 -36.24 -73.13
C GLN I 37 -5.57 -35.03 -73.07
N ALA I 38 -5.79 -34.48 -71.86
CA ALA I 38 -6.68 -33.32 -71.69
C ALA I 38 -6.17 -32.43 -70.55
N LYS I 39 -6.87 -31.33 -70.28
CA LYS I 39 -6.49 -30.38 -69.19
C LYS I 39 -7.50 -30.53 -68.04
N ALA I 40 -7.04 -31.04 -66.90
CA ALA I 40 -7.92 -31.22 -65.72
C ALA I 40 -8.12 -29.88 -65.01
N SER I 41 -9.29 -29.69 -64.39
CA SER I 41 -9.59 -28.43 -63.67
C SER I 41 -9.29 -28.61 -62.17
N ASP I 42 -10.07 -29.46 -61.49
CA ASP I 42 -9.87 -29.72 -60.04
C ASP I 42 -10.62 -31.00 -59.65
N LEU I 43 -10.67 -31.29 -58.35
CA LEU I 43 -11.37 -32.50 -57.84
C LEU I 43 -12.36 -32.10 -56.74
N VAL I 44 -13.45 -32.84 -56.59
CA VAL I 44 -14.48 -32.53 -55.56
C VAL I 44 -15.09 -33.85 -55.06
N SER I 45 -15.76 -33.81 -53.89
CA SER I 45 -16.40 -35.01 -53.32
C SER I 45 -17.93 -34.85 -53.32
N ARG I 46 -18.65 -35.94 -53.57
CA ARG I 46 -20.14 -35.91 -53.60
C ARG I 46 -20.68 -37.22 -53.03
N LYS I 47 -21.41 -37.14 -51.91
CA LYS I 47 -21.99 -38.35 -51.25
C LYS I 47 -20.89 -39.40 -51.05
N ASN I 48 -19.80 -39.01 -50.37
CA ASN I 48 -18.66 -39.92 -50.09
C ASN I 48 -18.10 -40.52 -51.38
N VAL I 49 -17.95 -39.69 -52.42
CA VAL I 49 -17.41 -40.15 -53.74
C VAL I 49 -16.59 -39.02 -54.36
N GLU I 50 -15.33 -39.29 -54.71
CA GLU I 50 -14.44 -38.26 -55.31
C GLU I 50 -14.59 -38.29 -56.83
N TYR I 51 -14.26 -37.17 -57.49
CA TYR I 51 -14.37 -37.07 -58.97
C TYR I 51 -13.26 -36.14 -59.49
N LEU I 52 -12.73 -36.44 -60.68
CA LEU I 52 -11.65 -35.62 -61.30
C LEU I 52 -12.25 -34.77 -62.42
N VAL I 53 -12.67 -33.54 -62.09
CA VAL I 53 -13.29 -32.61 -63.09
C VAL I 53 -12.22 -32.25 -64.14
N THR I 60 -16.57 -30.73 -69.91
CA THR I 60 -16.34 -31.03 -68.47
C THR I 60 -16.57 -32.51 -68.20
N ARG I 61 -15.52 -33.32 -68.33
CA ARG I 61 -15.62 -34.80 -68.10
C ARG I 61 -15.56 -35.09 -66.59
N GLU I 62 -16.27 -36.12 -66.14
CA GLU I 62 -16.30 -36.52 -64.71
C GLU I 62 -15.59 -37.87 -64.56
N LEU I 63 -14.27 -37.86 -64.41
CA LEU I 63 -13.47 -39.10 -64.27
C LEU I 63 -13.40 -39.50 -62.80
N ARG I 64 -13.76 -40.76 -62.49
CA ARG I 64 -13.71 -41.27 -61.10
C ARG I 64 -12.26 -41.61 -60.73
N LEU I 65 -11.87 -41.40 -59.48
CA LEU I 65 -10.48 -41.68 -59.03
C LEU I 65 -10.33 -43.16 -58.70
N ASP I 66 -11.45 -43.89 -58.55
CA ASP I 66 -11.41 -45.34 -58.23
C ASP I 66 -11.44 -46.15 -59.53
N LYS I 67 -11.51 -45.46 -60.67
CA LYS I 67 -11.54 -46.15 -62.00
C LYS I 67 -10.51 -45.48 -62.92
N ILE I 68 -9.22 -45.66 -62.63
CA ILE I 68 -8.13 -45.06 -63.46
C ILE I 68 -7.26 -46.23 -63.93
N THR I 69 -6.18 -45.93 -64.66
CA THR I 69 -5.25 -46.98 -65.17
C THR I 69 -4.12 -46.37 -64.33
N SER I 70 -3.39 -45.42 -64.92
CA SER I 70 -2.11 -44.91 -64.37
C SER I 70 -1.88 -43.56 -65.06
N PHE I 71 -0.72 -42.93 -64.86
CA PHE I 71 -0.45 -41.62 -65.52
C PHE I 71 0.99 -41.58 -66.08
N SER I 72 1.20 -40.77 -67.11
CA SER I 72 2.54 -40.63 -67.75
C SER I 72 2.87 -39.15 -67.93
N HIS I 73 4.05 -38.73 -67.45
CA HIS I 73 4.50 -37.32 -67.55
C HIS I 73 6.03 -37.28 -67.47
N PRO I 74 6.70 -36.17 -67.86
CA PRO I 74 8.15 -36.09 -67.80
C PRO I 74 8.66 -35.79 -66.38
N GLU I 75 7.85 -35.10 -65.58
CA GLU I 75 8.22 -34.75 -64.18
C GLU I 75 7.69 -35.82 -63.23
N ILE I 76 6.73 -36.62 -63.68
CA ILE I 76 6.13 -37.70 -62.83
C ILE I 76 6.14 -39.22 -63.02
N GLY I 77 5.41 -39.71 -64.04
CA GLY I 77 5.34 -41.15 -64.32
C GLY I 77 5.12 -42.29 -63.33
N THR I 78 4.17 -42.11 -62.40
CA THR I 78 3.86 -43.11 -61.36
C THR I 78 2.77 -44.08 -61.87
N VAL I 79 2.35 -45.03 -61.04
CA VAL I 79 1.28 -46.01 -61.43
C VAL I 79 0.34 -46.18 -60.23
N VAL I 80 -0.93 -45.81 -60.39
CA VAL I 80 -1.94 -45.92 -59.29
C VAL I 80 -1.89 -47.34 -58.72
N VAL I 81 -1.79 -47.45 -57.40
CA VAL I 81 -1.73 -48.78 -56.71
C VAL I 81 -3.16 -49.31 -56.53
N ASP J 3 50.14 -57.54 -31.95
CA ASP J 3 49.51 -56.37 -32.53
C ASP J 3 48.16 -56.74 -33.13
N THR J 4 47.88 -58.04 -33.19
CA THR J 4 46.60 -58.51 -33.71
C THR J 4 45.47 -58.10 -32.79
N TYR J 5 44.37 -57.64 -33.39
CA TYR J 5 43.19 -57.14 -32.67
C TYR J 5 43.60 -56.04 -31.70
N GLN J 6 44.30 -55.04 -32.24
CA GLN J 6 44.78 -53.90 -31.48
C GLN J 6 44.64 -52.64 -32.31
N PRO J 7 44.43 -51.49 -31.66
CA PRO J 7 44.40 -50.23 -32.41
C PRO J 7 45.78 -49.79 -32.87
N ILE J 8 45.86 -48.68 -33.60
CA ILE J 8 47.10 -48.20 -34.18
C ILE J 8 47.34 -46.76 -33.73
N ASN J 9 48.48 -46.22 -34.14
CA ASN J 9 48.87 -44.87 -33.75
C ASN J 9 47.95 -43.84 -34.38
N CYS J 10 47.70 -42.75 -33.66
CA CYS J 10 46.80 -41.70 -34.12
C CYS J 10 47.38 -40.89 -35.27
N ASP J 11 48.68 -40.55 -35.20
CA ASP J 11 49.30 -39.67 -36.17
C ASP J 11 49.21 -40.20 -37.59
N ASP J 12 49.17 -41.52 -37.76
CA ASP J 12 49.10 -42.10 -39.10
C ASP J 12 47.69 -42.26 -39.63
N TYR J 13 46.73 -42.75 -38.83
CA TYR J 13 45.39 -42.90 -39.38
C TYR J 13 44.66 -41.57 -39.46
N ASP J 14 45.12 -40.55 -38.73
CA ASP J 14 44.60 -39.20 -38.97
C ASP J 14 44.91 -38.76 -40.40
N ASN J 15 46.15 -38.96 -40.84
CA ASN J 15 46.51 -38.67 -42.23
C ASN J 15 45.79 -39.61 -43.19
N LEU J 16 45.58 -40.86 -42.79
CA LEU J 16 44.81 -41.78 -43.63
C LEU J 16 43.39 -41.27 -43.87
N GLU J 17 42.75 -40.77 -42.82
CA GLU J 17 41.42 -40.19 -42.97
C GLU J 17 41.46 -38.92 -43.80
N LEU J 18 42.49 -38.09 -43.60
CA LEU J 18 42.60 -36.84 -44.33
C LEU J 18 42.77 -37.09 -45.83
N ALA J 19 43.54 -38.10 -46.20
CA ALA J 19 43.89 -38.36 -47.59
C ALA J 19 42.79 -39.09 -48.36
N CYS J 20 41.56 -39.11 -47.86
CA CYS J 20 40.46 -39.77 -48.55
C CYS J 20 39.84 -38.89 -49.65
N GLN J 21 40.18 -37.61 -49.71
CA GLN J 21 39.60 -36.72 -50.71
C GLN J 21 40.15 -37.05 -52.10
N HIS J 22 39.34 -36.78 -53.11
CA HIS J 22 39.60 -37.05 -54.52
C HIS J 22 39.71 -38.54 -54.84
N HIS J 23 39.39 -39.42 -53.89
CA HIS J 23 39.50 -40.87 -54.07
C HIS J 23 40.91 -41.25 -54.50
N LEU J 24 41.86 -40.90 -53.63
CA LEU J 24 43.28 -41.09 -53.92
C LEU J 24 43.61 -42.57 -54.02
N MET J 25 44.60 -42.87 -54.88
CA MET J 25 44.97 -44.25 -55.15
C MET J 25 46.10 -44.72 -54.24
N LEU J 26 45.98 -45.95 -53.76
CA LEU J 26 46.99 -46.58 -52.92
C LEU J 26 47.36 -47.94 -53.50
N THR J 27 48.47 -48.50 -52.99
CA THR J 27 48.96 -49.81 -53.42
C THR J 27 49.05 -50.70 -52.18
N LEU J 28 47.95 -51.37 -51.87
CA LEU J 28 47.87 -52.27 -50.73
C LEU J 28 47.48 -53.66 -51.21
N GLU J 29 48.15 -54.67 -50.67
CA GLU J 29 47.90 -56.06 -51.07
C GLU J 29 48.51 -56.98 -50.02
N LEU J 30 48.59 -58.27 -50.35
CA LEU J 30 49.05 -59.28 -49.41
C LEU J 30 50.49 -59.03 -48.98
N LYS J 31 50.81 -59.39 -47.74
CA LYS J 31 52.06 -58.96 -47.11
C LYS J 31 53.26 -59.71 -47.67
N ASP J 32 53.25 -61.04 -47.56
CA ASP J 32 54.46 -61.81 -47.78
C ASP J 32 54.87 -61.88 -49.24
N GLY J 33 55.57 -60.85 -49.72
CA GLY J 33 56.14 -60.85 -51.05
C GLY J 33 55.13 -60.87 -52.18
N GLU J 34 54.26 -59.87 -52.23
CA GLU J 34 53.26 -59.77 -53.30
C GLU J 34 52.79 -58.33 -53.38
N LYS J 35 52.87 -57.76 -54.58
CA LYS J 35 52.49 -56.37 -54.82
C LYS J 35 51.70 -56.29 -56.12
N LEU J 36 50.50 -55.71 -56.05
CA LEU J 36 49.70 -55.44 -57.23
C LEU J 36 48.82 -54.23 -56.95
N GLN J 37 48.37 -53.58 -58.03
CA GLN J 37 47.59 -52.36 -57.94
C GLN J 37 46.13 -52.67 -57.70
N ALA J 38 45.55 -52.05 -56.68
CA ALA J 38 44.15 -52.23 -56.33
C ALA J 38 43.57 -50.92 -55.83
N LYS J 39 42.32 -50.65 -56.18
CA LYS J 39 41.66 -49.43 -55.77
C LYS J 39 41.25 -49.51 -54.31
N ALA J 40 40.96 -48.34 -53.72
CA ALA J 40 40.54 -48.27 -52.32
C ALA J 40 39.50 -47.17 -52.21
N SER J 41 38.22 -47.56 -52.11
CA SER J 41 37.14 -46.59 -52.12
C SER J 41 37.12 -45.76 -50.83
N ASP J 42 36.92 -46.41 -49.69
CA ASP J 42 36.75 -45.71 -48.43
C ASP J 42 37.13 -46.66 -47.29
N LEU J 43 36.74 -46.28 -46.06
CA LEU J 43 36.98 -47.10 -44.88
C LEU J 43 35.80 -46.96 -43.94
N VAL J 44 35.63 -47.99 -43.09
CA VAL J 44 34.52 -48.02 -42.14
C VAL J 44 34.99 -48.79 -40.91
N SER J 45 34.49 -48.42 -39.75
CA SER J 45 34.89 -49.01 -38.48
C SER J 45 33.82 -49.97 -37.98
N ARG J 46 34.22 -51.21 -37.71
CA ARG J 46 33.35 -52.21 -37.12
C ARG J 46 34.03 -52.74 -35.87
N LYS J 47 33.26 -52.94 -34.80
CA LYS J 47 33.76 -53.47 -33.53
C LYS J 47 35.00 -52.69 -33.07
N ASN J 48 34.91 -51.37 -33.20
CA ASN J 48 35.92 -50.39 -32.79
C ASN J 48 37.23 -50.50 -33.56
N VAL J 49 37.30 -51.32 -34.61
CA VAL J 49 38.50 -51.41 -35.44
C VAL J 49 38.12 -51.09 -36.87
N GLU J 50 38.95 -50.30 -37.55
CA GLU J 50 38.67 -49.90 -38.92
C GLU J 50 39.05 -51.01 -39.88
N TYR J 51 38.39 -51.01 -41.04
CA TYR J 51 38.68 -51.94 -42.13
C TYR J 51 38.75 -51.13 -43.41
N LEU J 52 39.94 -51.02 -44.00
CA LEU J 52 40.11 -50.30 -45.24
C LEU J 52 39.40 -51.07 -46.34
N VAL J 53 38.46 -50.41 -47.02
CA VAL J 53 37.69 -51.06 -48.08
C VAL J 53 38.41 -50.82 -49.40
N VAL J 54 38.88 -51.91 -50.01
CA VAL J 54 39.62 -51.85 -51.27
C VAL J 54 38.77 -52.47 -52.37
N GLU J 55 38.66 -51.78 -53.49
CA GLU J 55 37.87 -52.24 -54.64
C GLU J 55 38.85 -52.74 -55.70
N ALA J 56 39.29 -53.98 -55.57
CA ALA J 56 40.22 -54.59 -56.51
C ALA J 56 39.44 -55.15 -57.68
N ALA J 57 39.29 -54.33 -58.71
CA ALA J 57 38.63 -54.71 -59.96
C ALA J 57 37.23 -55.29 -59.71
N GLY J 58 36.46 -54.58 -58.89
CA GLY J 58 35.13 -55.00 -58.52
C GLY J 58 35.07 -55.93 -57.31
N GLU J 59 36.22 -56.25 -56.72
CA GLU J 59 36.28 -57.08 -55.52
C GLU J 59 36.34 -56.15 -54.33
N THR J 60 35.24 -56.04 -53.59
CA THR J 60 35.15 -55.15 -52.45
C THR J 60 35.62 -55.91 -51.20
N ARG J 61 36.91 -55.84 -50.95
CA ARG J 61 37.52 -56.52 -49.81
C ARG J 61 37.74 -55.55 -48.66
N GLU J 62 37.87 -56.11 -47.46
CA GLU J 62 38.05 -55.35 -46.23
C GLU J 62 39.39 -55.77 -45.61
N LEU J 63 40.41 -54.95 -45.80
CA LEU J 63 41.73 -55.25 -45.24
C LEU J 63 41.88 -54.54 -43.89
N ARG J 64 42.27 -55.30 -42.87
CA ARG J 64 42.54 -54.71 -41.57
C ARG J 64 43.88 -53.98 -41.60
N LEU J 65 44.00 -52.97 -40.73
CA LEU J 65 45.23 -52.20 -40.64
C LEU J 65 46.37 -52.98 -39.99
N ASP J 66 46.09 -54.15 -39.42
CA ASP J 66 47.15 -54.98 -38.86
C ASP J 66 48.06 -55.54 -39.94
N LYS J 67 47.59 -55.59 -41.18
CA LYS J 67 48.36 -56.11 -42.31
C LYS J 67 48.81 -54.98 -43.23
N ILE J 68 48.90 -53.75 -42.70
CA ILE J 68 49.40 -52.64 -43.49
C ILE J 68 50.88 -52.82 -43.75
N THR J 69 51.33 -52.41 -44.94
CA THR J 69 52.75 -52.52 -45.26
C THR J 69 53.52 -51.32 -44.71
N SER J 70 53.24 -50.13 -45.23
CA SER J 70 53.88 -48.90 -44.77
C SER J 70 53.21 -47.67 -45.38
N PHE J 71 52.95 -46.66 -44.57
CA PHE J 71 52.45 -45.38 -45.07
C PHE J 71 53.09 -44.23 -44.30
N SER J 72 54.19 -44.50 -43.62
CA SER J 72 54.84 -43.49 -42.79
C SER J 72 56.32 -43.80 -42.66
N ASP K 3 62.11 1.96 33.14
CA ASP K 3 62.77 0.98 32.27
C ASP K 3 62.18 -0.41 32.45
N THR K 4 62.59 -1.09 33.51
CA THR K 4 62.08 -2.41 33.80
C THR K 4 60.61 -2.34 34.21
N TYR K 5 59.78 -3.14 33.55
CA TYR K 5 58.34 -3.20 33.82
C TYR K 5 57.69 -1.82 33.65
N GLN K 6 57.74 -1.35 32.42
CA GLN K 6 57.23 -0.03 32.05
C GLN K 6 56.16 -0.15 30.98
N PRO K 7 55.07 0.63 31.10
CA PRO K 7 54.01 0.56 30.07
C PRO K 7 54.42 1.23 28.77
N ILE K 8 53.54 1.14 27.77
CA ILE K 8 53.80 1.69 26.44
C ILE K 8 52.62 2.54 26.02
N ASN K 9 52.86 3.46 25.09
CA ASN K 9 51.79 4.28 24.53
C ASN K 9 50.82 3.39 23.76
N CYS K 10 49.53 3.55 24.04
CA CYS K 10 48.53 2.67 23.43
C CYS K 10 48.13 3.13 22.04
N ASP K 11 48.24 4.42 21.74
CA ASP K 11 47.86 4.91 20.42
C ASP K 11 48.74 4.31 19.33
N ASP K 12 50.05 4.20 19.59
CA ASP K 12 50.94 3.58 18.61
C ASP K 12 50.73 2.08 18.53
N TYR K 13 50.44 1.43 19.66
CA TYR K 13 50.17 -0.01 19.62
C TYR K 13 48.88 -0.31 18.86
N ASP K 14 47.91 0.60 18.91
CA ASP K 14 46.70 0.42 18.12
C ASP K 14 47.01 0.41 16.64
N ASN K 15 47.86 1.34 16.18
CA ASN K 15 48.30 1.34 14.80
C ASN K 15 49.08 0.08 14.47
N LEU K 16 49.95 -0.37 15.37
CA LEU K 16 50.71 -1.59 15.13
C LEU K 16 49.78 -2.79 14.98
N GLU K 17 48.76 -2.90 15.83
CA GLU K 17 47.81 -4.00 15.77
C GLU K 17 46.98 -3.94 14.50
N LEU K 18 46.54 -2.74 14.08
CA LEU K 18 45.74 -2.64 12.87
C LEU K 18 46.59 -2.87 11.61
N ALA K 19 47.90 -2.64 11.71
CA ALA K 19 48.81 -2.93 10.60
C ALA K 19 49.37 -4.35 10.66
N CYS K 20 49.11 -5.08 11.75
CA CYS K 20 49.54 -6.48 11.85
C CYS K 20 48.99 -7.34 10.73
N GLN K 21 47.86 -6.95 10.14
CA GLN K 21 47.35 -7.66 8.97
C GLN K 21 48.33 -7.55 7.81
N HIS K 22 48.32 -8.57 6.94
CA HIS K 22 49.12 -8.68 5.73
C HIS K 22 50.60 -8.91 5.99
N HIS K 23 51.04 -8.92 7.25
CA HIS K 23 52.40 -9.30 7.63
C HIS K 23 53.44 -8.43 6.91
N LEU K 24 53.41 -7.14 7.23
CA LEU K 24 54.26 -6.17 6.55
C LEU K 24 55.55 -5.91 7.33
N MET K 25 56.38 -5.05 6.77
CA MET K 25 57.70 -4.75 7.29
C MET K 25 57.64 -3.70 8.39
N LEU K 26 58.47 -3.90 9.41
CA LEU K 26 58.72 -2.89 10.45
C LEU K 26 60.21 -2.57 10.47
N THR K 27 60.53 -1.32 10.80
CA THR K 27 61.91 -0.84 10.75
C THR K 27 62.40 -0.61 12.17
N LEU K 28 62.87 -1.68 12.81
CA LEU K 28 63.44 -1.62 14.16
C LEU K 28 64.39 -2.79 14.32
N GLU K 29 65.70 -2.51 14.36
CA GLU K 29 66.70 -3.55 14.55
C GLU K 29 67.52 -3.34 15.81
N LEU K 30 68.07 -2.15 16.01
CA LEU K 30 68.90 -1.85 17.17
C LEU K 30 68.67 -0.43 17.63
N LYS K 31 68.99 -0.17 18.90
CA LYS K 31 68.75 1.14 19.48
C LYS K 31 69.79 2.15 19.01
N ASP K 32 71.04 1.71 18.84
CA ASP K 32 72.15 2.61 18.56
C ASP K 32 72.23 2.90 17.07
N GLY K 33 71.20 3.57 16.56
CA GLY K 33 71.18 4.02 15.18
C GLY K 33 71.13 3.04 14.04
N GLU K 34 70.28 2.02 14.15
CA GLU K 34 70.16 1.01 13.11
C GLU K 34 68.70 0.75 12.73
N LYS K 35 68.37 1.02 11.47
CA LYS K 35 67.00 0.87 10.97
C LYS K 35 67.03 0.10 9.66
N LEU K 36 66.49 -1.12 9.69
CA LEU K 36 66.30 -1.93 8.49
C LEU K 36 64.98 -2.69 8.61
N GLN K 37 64.44 -3.07 7.46
CA GLN K 37 63.15 -3.74 7.43
C GLN K 37 63.26 -5.15 8.00
N ALA K 38 62.17 -5.59 8.64
CA ALA K 38 62.11 -6.93 9.21
C ALA K 38 60.64 -7.33 9.35
N LYS K 39 60.36 -8.62 9.20
CA LYS K 39 58.99 -9.09 9.29
C LYS K 39 58.51 -9.13 10.74
N ALA K 40 57.22 -8.90 10.92
CA ALA K 40 56.58 -8.95 12.23
C ALA K 40 55.35 -9.85 12.11
N SER K 41 55.42 -11.03 12.72
CA SER K 41 54.36 -12.02 12.54
C SER K 41 53.09 -11.62 13.29
N ASP K 42 53.18 -11.51 14.61
CA ASP K 42 52.00 -11.24 15.43
C ASP K 42 52.45 -10.71 16.78
N LEU K 43 51.50 -10.55 17.69
CA LEU K 43 51.79 -10.08 19.05
C LEU K 43 51.02 -10.93 20.04
N VAL K 44 51.55 -11.02 21.26
CA VAL K 44 50.95 -11.86 22.29
C VAL K 44 51.14 -11.14 23.62
N SER K 45 50.25 -11.42 24.58
CA SER K 45 50.35 -10.90 25.93
C SER K 45 50.63 -12.06 26.88
N ARG K 46 51.75 -12.00 27.58
CA ARG K 46 52.17 -13.04 28.50
C ARG K 46 52.74 -12.42 29.76
N LYS K 47 52.23 -12.83 30.92
CA LYS K 47 52.73 -12.39 32.23
C LYS K 47 52.73 -10.86 32.32
N ASN K 48 51.64 -10.26 31.84
CA ASN K 48 51.39 -8.82 31.98
C ASN K 48 52.43 -7.97 31.22
N VAL K 49 53.10 -8.59 30.25
CA VAL K 49 54.00 -7.86 29.37
C VAL K 49 53.81 -8.39 27.95
N GLU K 50 53.70 -7.47 26.99
CA GLU K 50 53.48 -7.84 25.61
C GLU K 50 54.79 -8.23 24.92
N TYR K 51 54.73 -9.28 24.13
CA TYR K 51 55.87 -9.73 23.33
C TYR K 51 55.43 -9.79 21.87
N LEU K 52 56.22 -9.17 21.00
CA LEU K 52 55.93 -9.20 19.57
C LEU K 52 56.69 -10.34 18.90
N VAL K 53 55.94 -11.35 18.45
CA VAL K 53 56.53 -12.50 17.80
C VAL K 53 56.84 -12.11 16.35
N VAL K 54 58.12 -12.14 15.99
CA VAL K 54 58.57 -11.75 14.65
C VAL K 54 59.19 -12.95 13.98
N GLU K 55 58.72 -13.26 12.78
CA GLU K 55 59.21 -14.39 11.98
C GLU K 55 60.12 -13.82 10.90
N ALA K 56 61.41 -13.70 11.22
CA ALA K 56 62.42 -13.22 10.27
C ALA K 56 62.96 -14.44 9.52
N ALA K 57 62.52 -14.57 8.27
CA ALA K 57 62.96 -15.65 7.38
C ALA K 57 62.78 -17.02 8.03
N GLY K 58 61.64 -17.20 8.71
CA GLY K 58 61.35 -18.44 9.38
C GLY K 58 61.95 -18.60 10.76
N GLU K 59 62.55 -17.55 11.31
CA GLU K 59 63.15 -17.58 12.65
C GLU K 59 62.27 -16.76 13.59
N THR K 60 61.83 -17.38 14.69
CA THR K 60 60.99 -16.68 15.66
C THR K 60 61.89 -15.96 16.66
N ARG K 61 61.91 -14.63 16.60
CA ARG K 61 62.74 -13.82 17.48
C ARG K 61 61.88 -13.19 18.57
N GLU K 62 62.46 -13.08 19.76
CA GLU K 62 61.79 -12.53 20.94
C GLU K 62 62.22 -11.08 21.09
N LEU K 63 61.56 -10.19 20.36
CA LEU K 63 61.84 -8.75 20.41
C LEU K 63 60.92 -8.11 21.45
N ARG K 64 61.51 -7.54 22.49
CA ARG K 64 60.75 -6.85 23.51
C ARG K 64 60.50 -5.41 23.10
N LEU K 65 59.27 -4.93 23.30
CA LEU K 65 58.91 -3.56 22.96
C LEU K 65 59.44 -2.53 23.94
N ASP K 66 60.25 -2.94 24.91
CA ASP K 66 60.82 -2.01 25.88
C ASP K 66 62.06 -1.30 25.35
N LYS K 67 62.54 -1.67 24.16
CA LYS K 67 63.74 -1.08 23.58
C LYS K 67 63.48 -0.61 22.15
N ILE K 68 62.25 -0.22 21.85
CA ILE K 68 61.92 0.27 20.52
C ILE K 68 62.50 1.66 20.33
N THR K 69 63.13 1.88 19.18
CA THR K 69 63.76 3.18 18.91
C THR K 69 62.73 4.23 18.53
N SER K 70 62.02 4.01 17.42
CA SER K 70 61.03 4.98 16.94
C SER K 70 60.07 4.25 16.01
N PHE K 71 58.92 4.88 15.77
CA PHE K 71 57.92 4.35 14.85
C PHE K 71 57.04 5.51 14.40
N SER K 72 57.17 5.89 13.13
CA SER K 72 56.44 7.04 12.62
C SER K 72 56.31 6.92 11.11
N ASP L 3 -20.88 66.38 -21.22
CA ASP L 3 -19.64 65.57 -21.32
C ASP L 3 -19.54 64.65 -20.10
N THR L 4 -19.88 63.37 -20.27
CA THR L 4 -19.82 62.38 -19.16
C THR L 4 -19.01 61.16 -19.60
N TYR L 5 -18.52 61.19 -20.86
CA TYR L 5 -17.69 60.13 -21.49
C TYR L 5 -18.28 58.73 -21.71
N GLN L 6 -19.37 58.64 -22.48
CA GLN L 6 -20.00 57.33 -22.79
C GLN L 6 -19.02 56.25 -23.23
N PRO L 7 -18.83 55.16 -22.45
CA PRO L 7 -17.89 54.09 -22.79
C PRO L 7 -18.11 53.39 -24.14
N ILE L 8 -17.03 52.84 -24.71
CA ILE L 8 -17.08 52.14 -26.03
C ILE L 8 -17.27 50.63 -25.81
N ASN L 9 -17.47 49.88 -26.90
CA ASN L 9 -17.83 48.44 -26.86
C ASN L 9 -16.64 47.60 -26.40
N CYS L 10 -16.91 46.31 -26.10
CA CYS L 10 -15.86 45.36 -25.65
C CYS L 10 -15.18 44.74 -26.88
N ASP L 11 -15.76 44.95 -28.06
CA ASP L 11 -15.20 44.38 -29.32
C ASP L 11 -14.06 45.27 -29.83
N ASP L 12 -14.30 46.57 -29.95
CA ASP L 12 -13.27 47.53 -30.42
C ASP L 12 -12.10 47.57 -29.44
N TYR L 13 -12.39 47.65 -28.15
CA TYR L 13 -11.36 47.72 -27.08
C TYR L 13 -10.32 46.62 -27.30
N ASP L 14 -10.77 45.36 -27.34
CA ASP L 14 -9.87 44.18 -27.50
C ASP L 14 -8.96 44.37 -28.72
N ASN L 15 -9.52 44.79 -29.87
CA ASN L 15 -8.72 44.95 -31.10
C ASN L 15 -7.86 46.22 -30.99
N LEU L 16 -8.29 47.19 -30.17
CA LEU L 16 -7.52 48.45 -29.97
C LEU L 16 -6.42 48.17 -28.94
N GLU L 17 -6.58 47.11 -28.14
CA GLU L 17 -5.59 46.69 -27.11
C GLU L 17 -4.50 45.90 -27.82
N LEU L 18 -4.81 45.35 -29.00
CA LEU L 18 -3.84 44.57 -29.80
C LEU L 18 -3.07 45.56 -30.69
N ALA L 19 -3.67 46.71 -30.98
CA ALA L 19 -3.03 47.76 -31.80
C ALA L 19 -1.95 48.44 -30.97
N CYS L 20 -2.15 48.49 -29.64
CA CYS L 20 -1.14 49.08 -28.72
C CYS L 20 0.09 48.19 -28.75
N GLN L 21 -0.11 46.86 -28.80
CA GLN L 21 1.00 45.89 -28.87
C GLN L 21 1.65 46.00 -30.26
N HIS L 22 2.98 45.83 -30.32
CA HIS L 22 3.84 45.87 -31.54
C HIS L 22 3.97 47.29 -32.12
N HIS L 23 3.60 48.34 -31.37
CA HIS L 23 3.68 49.76 -31.78
C HIS L 23 3.22 50.05 -33.21
N LEU L 24 1.97 49.69 -33.55
CA LEU L 24 1.44 49.91 -34.92
C LEU L 24 1.18 51.38 -35.27
N MET L 25 0.90 51.67 -36.54
CA MET L 25 0.62 53.04 -37.02
C MET L 25 -0.79 53.09 -37.60
N LEU L 26 -1.68 53.90 -37.01
CA LEU L 26 -3.09 53.98 -37.47
C LEU L 26 -3.37 55.43 -37.87
N THR L 27 -4.67 55.79 -37.95
CA THR L 27 -5.11 57.16 -38.37
C THR L 27 -6.36 57.59 -37.59
N LEU L 28 -6.28 57.54 -36.25
CA LEU L 28 -7.35 57.95 -35.30
C LEU L 28 -7.75 59.44 -35.19
N GLU L 29 -6.77 60.29 -34.88
CA GLU L 29 -6.85 61.79 -34.89
C GLU L 29 -8.15 62.15 -34.14
N LEU L 30 -8.96 63.03 -34.71
CA LEU L 30 -10.25 63.44 -34.08
C LEU L 30 -11.50 62.92 -34.82
N LYS L 31 -12.68 63.20 -34.26
CA LYS L 31 -13.96 62.68 -34.81
C LYS L 31 -14.70 64.02 -34.88
N ASP L 32 -14.12 65.01 -35.56
CA ASP L 32 -14.69 66.16 -36.32
C ASP L 32 -14.22 66.01 -37.76
N GLY L 33 -13.15 66.71 -38.13
CA GLY L 33 -12.60 66.65 -39.50
C GLY L 33 -11.12 66.26 -39.48
N GLU L 34 -10.42 66.59 -38.40
CA GLU L 34 -8.96 66.36 -38.30
C GLU L 34 -8.65 64.86 -38.42
N LYS L 35 -7.77 64.49 -39.35
CA LYS L 35 -7.39 63.07 -39.57
C LYS L 35 -6.08 63.00 -40.36
N LEU L 36 -5.08 62.30 -39.82
CA LEU L 36 -3.77 62.15 -40.50
C LEU L 36 -3.18 61.10 -39.54
N GLN L 37 -1.87 60.82 -39.67
CA GLN L 37 -1.20 59.80 -38.81
C GLN L 37 -0.89 59.98 -37.32
N ALA L 38 -0.47 58.89 -36.67
CA ALA L 38 -0.12 58.87 -35.24
C ALA L 38 0.62 57.56 -34.92
N LYS L 39 0.71 57.20 -33.64
CA LYS L 39 1.40 55.94 -33.24
C LYS L 39 0.97 55.54 -31.82
N ALA L 40 -0.18 54.87 -31.71
CA ALA L 40 -0.70 54.40 -30.40
C ALA L 40 0.37 53.57 -29.67
N SER L 41 0.58 53.83 -28.38
CA SER L 41 1.61 53.09 -27.59
C SER L 41 0.95 52.36 -26.42
N ASP L 42 -0.01 53.00 -25.74
CA ASP L 42 -0.69 52.37 -24.57
C ASP L 42 -2.00 53.10 -24.26
N LEU L 43 -2.79 52.56 -23.33
CA LEU L 43 -4.09 53.17 -22.91
C LEU L 43 -4.21 53.07 -21.38
N VAL L 44 -4.66 54.14 -20.73
CA VAL L 44 -4.80 54.15 -19.24
C VAL L 44 -6.13 54.82 -18.86
N SER L 45 -6.50 54.72 -17.58
CA SER L 45 -7.75 55.33 -17.06
C SER L 45 -7.42 56.40 -16.02
N ARG L 46 -8.38 57.28 -15.72
CA ARG L 46 -8.19 58.37 -14.73
C ARG L 46 -9.56 58.99 -14.39
N LYS L 47 -9.97 58.89 -13.13
CA LYS L 47 -11.28 59.44 -12.68
C LYS L 47 -12.40 58.96 -13.60
N ASN L 48 -12.53 57.64 -13.77
CA ASN L 48 -13.59 57.03 -14.61
C ASN L 48 -13.56 57.59 -16.04
N VAL L 49 -12.36 57.76 -16.61
CA VAL L 49 -12.20 58.26 -18.01
C VAL L 49 -11.01 57.52 -18.64
N GLU L 50 -11.20 56.96 -19.83
CA GLU L 50 -10.10 56.21 -20.52
C GLU L 50 -9.39 57.13 -21.50
N TYR L 51 -8.11 56.83 -21.80
CA TYR L 51 -7.29 57.62 -22.74
C TYR L 51 -6.39 56.69 -23.55
N LEU L 52 -5.77 57.22 -24.61
CA LEU L 52 -4.86 56.43 -25.47
C LEU L 52 -3.54 57.21 -25.62
N VAL L 53 -2.47 56.74 -24.96
CA VAL L 53 -1.14 57.42 -25.01
C VAL L 53 -0.40 56.97 -26.28
N VAL L 54 -0.01 57.93 -27.12
CA VAL L 54 0.68 57.62 -28.40
C VAL L 54 2.11 58.21 -28.37
N GLU L 55 2.81 58.16 -29.51
CA GLU L 55 4.19 58.70 -29.63
C GLU L 55 4.34 59.36 -31.01
N ALA L 56 3.39 60.22 -31.38
CA ALA L 56 3.40 60.90 -32.70
C ALA L 56 4.57 61.89 -32.79
N ALA L 57 5.60 61.52 -33.56
CA ALA L 57 6.80 62.38 -33.77
C ALA L 57 7.36 62.86 -32.42
N GLY L 58 7.54 61.93 -31.47
CA GLY L 58 8.10 62.27 -30.14
C GLY L 58 7.04 62.77 -29.17
N GLU L 59 6.37 63.87 -29.50
CA GLU L 59 5.32 64.47 -28.63
C GLU L 59 4.26 63.42 -28.29
N THR L 60 3.85 63.36 -27.02
CA THR L 60 2.83 62.38 -26.57
C THR L 60 1.60 63.13 -26.06
N ARG L 61 0.44 62.92 -26.71
CA ARG L 61 -0.82 63.59 -26.31
C ARG L 61 -1.77 62.54 -25.71
N GLU L 62 -2.86 62.98 -25.09
CA GLU L 62 -3.86 62.06 -24.48
C GLU L 62 -5.14 62.10 -25.31
N LEU L 63 -5.42 61.03 -26.06
CA LEU L 63 -6.64 60.96 -26.91
C LEU L 63 -7.71 60.12 -26.19
N ARG L 64 -8.91 60.69 -26.03
CA ARG L 64 -10.03 59.98 -25.37
C ARG L 64 -10.55 58.89 -26.32
N LEU L 65 -11.16 57.84 -25.77
CA LEU L 65 -11.71 56.72 -26.59
C LEU L 65 -13.13 57.06 -27.04
N ASP L 66 -13.70 58.14 -26.47
CA ASP L 66 -15.08 58.59 -26.78
C ASP L 66 -15.04 59.68 -27.87
N LYS L 67 -13.91 59.78 -28.59
CA LYS L 67 -13.75 60.80 -29.67
C LYS L 67 -13.23 60.12 -30.95
N ILE L 68 -12.42 59.06 -30.81
CA ILE L 68 -11.86 58.33 -31.98
C ILE L 68 -13.01 57.85 -32.88
N THR L 69 -12.87 58.00 -34.20
CA THR L 69 -13.94 57.60 -35.15
C THR L 69 -13.51 56.39 -35.99
N SER L 70 -12.20 56.19 -36.16
CA SER L 70 -11.69 55.03 -36.95
C SER L 70 -10.20 54.80 -36.66
N PHE L 71 -9.68 53.63 -37.01
CA PHE L 71 -8.28 53.33 -36.73
C PHE L 71 -7.58 52.74 -37.93
N SER L 72 -7.92 53.22 -39.13
CA SER L 72 -7.35 52.66 -40.37
C SER L 72 -5.90 52.26 -40.14
N HIS L 73 -5.61 50.97 -40.32
CA HIS L 73 -4.25 50.46 -40.18
C HIS L 73 -4.35 49.24 -41.07
N PRO L 74 -3.25 48.81 -41.78
CA PRO L 74 -3.47 47.63 -42.65
C PRO L 74 -4.30 46.44 -42.14
N GLU L 75 -4.23 46.09 -40.85
CA GLU L 75 -4.92 44.91 -40.36
C GLU L 75 -6.25 45.45 -39.85
N ILE L 76 -6.21 46.15 -38.73
CA ILE L 76 -7.44 46.70 -38.15
C ILE L 76 -7.73 48.03 -38.79
N GLY L 77 -8.72 48.08 -39.67
CA GLY L 77 -8.99 49.31 -40.38
C GLY L 77 -10.36 49.74 -39.87
N THR L 78 -11.42 49.35 -40.57
CA THR L 78 -12.76 49.80 -40.19
C THR L 78 -13.49 49.87 -38.87
N VAL L 79 -13.95 51.05 -38.48
CA VAL L 79 -14.78 51.18 -37.28
C VAL L 79 -15.53 52.50 -37.37
N VAL L 80 -16.62 52.64 -36.62
CA VAL L 80 -17.36 53.89 -36.60
C VAL L 80 -17.17 54.52 -35.23
N VAL L 81 -16.76 53.71 -34.27
CA VAL L 81 -16.55 54.20 -32.92
C VAL L 81 -15.15 53.87 -32.42
#